data_1EQ1
#
_entry.id   1EQ1
#
_entity_poly.entity_id   1
_entity_poly.type   'polypeptide(L)'
_entity_poly.pdbx_seq_one_letter_code
;DAPAGGNAFEEMEKHAKEFQKTFSEQFNSLVNSKNTQDFNKALKDGSDSVLQQLSAFSSSLQGAISDANGKAKEALEQAR
QNVEKTAEELRKAHPDVEKEANAFKDKLQAAVQTTVQESQKLAKEVASNMEETNKKLAPKIKQAYDDFVKHAEEVQKKLH
EAATKQ
;
_entity_poly.pdbx_strand_id   A
#
# COMPACT_ATOMS: atom_id res chain seq x y z
N ASP A 1 -26.72 19.41 -6.60
CA ASP A 1 -26.64 18.02 -6.08
C ASP A 1 -25.37 17.87 -5.23
N ALA A 2 -25.29 16.83 -4.45
CA ALA A 2 -24.08 16.64 -3.60
C ALA A 2 -24.37 15.59 -2.52
N PRO A 3 -25.43 15.82 -1.78
CA PRO A 3 -25.85 14.92 -0.69
C PRO A 3 -26.57 13.69 -1.25
N ALA A 4 -26.03 13.09 -2.28
CA ALA A 4 -26.69 11.89 -2.88
C ALA A 4 -25.65 11.05 -3.63
N GLY A 5 -24.79 11.68 -4.36
CA GLY A 5 -23.75 10.93 -5.11
C GLY A 5 -23.00 11.88 -6.05
N GLY A 6 -21.91 11.43 -6.62
CA GLY A 6 -21.14 12.31 -7.55
C GLY A 6 -19.79 12.65 -6.92
N ASN A 7 -19.66 12.49 -5.63
CA ASN A 7 -18.37 12.80 -4.97
C ASN A 7 -17.25 11.97 -5.61
N ALA A 8 -17.56 10.79 -6.06
CA ALA A 8 -16.53 9.93 -6.70
C ALA A 8 -15.45 9.59 -5.66
N PHE A 9 -14.93 8.39 -5.71
CA PHE A 9 -13.89 7.99 -4.73
C PHE A 9 -12.50 8.15 -5.38
N GLU A 10 -12.38 9.02 -6.33
CA GLU A 10 -11.06 9.21 -6.99
C GLU A 10 -10.09 9.88 -6.03
N GLU A 11 -10.60 10.66 -5.11
CA GLU A 11 -9.71 11.33 -4.13
C GLU A 11 -8.94 10.29 -3.32
N MET A 12 -9.39 9.06 -3.34
CA MET A 12 -8.68 8.00 -2.58
C MET A 12 -7.28 7.81 -3.16
N GLU A 13 -7.13 7.91 -4.45
CA GLU A 13 -5.79 7.73 -5.07
C GLU A 13 -4.98 9.01 -4.88
N LYS A 14 -5.63 10.12 -4.64
CA LYS A 14 -4.90 11.40 -4.44
C LYS A 14 -4.30 11.43 -3.04
N HIS A 15 -5.10 11.18 -2.03
CA HIS A 15 -4.56 11.21 -0.64
C HIS A 15 -3.62 10.02 -0.43
N ALA A 16 -3.89 8.92 -1.09
CA ALA A 16 -3.02 7.72 -0.93
C ALA A 16 -1.69 7.97 -1.64
N LYS A 17 -1.75 8.43 -2.86
CA LYS A 17 -0.49 8.69 -3.61
C LYS A 17 0.33 9.74 -2.87
N GLU A 18 -0.26 10.84 -2.52
CA GLU A 18 0.49 11.89 -1.80
C GLU A 18 1.17 11.28 -0.57
N PHE A 19 0.56 10.28 0.03
CA PHE A 19 1.16 9.64 1.22
C PHE A 19 2.28 8.69 0.78
N GLN A 20 2.39 8.41 -0.49
CA GLN A 20 3.46 7.50 -0.97
C GLN A 20 4.80 8.24 -1.01
N LYS A 21 4.75 9.53 -1.21
CA LYS A 21 6.02 10.32 -1.28
C LYS A 21 6.56 10.55 0.13
N THR A 22 5.78 10.27 1.13
CA THR A 22 6.27 10.48 2.53
C THR A 22 7.22 9.35 2.93
N PHE A 23 6.93 8.14 2.54
CA PHE A 23 7.82 7.00 2.91
C PHE A 23 9.05 7.01 2.00
N SER A 24 8.88 7.40 0.76
CA SER A 24 10.04 7.42 -0.18
C SER A 24 11.07 8.43 0.31
N GLU A 25 10.65 9.40 1.08
CA GLU A 25 11.62 10.42 1.60
C GLU A 25 12.28 9.90 2.88
N GLN A 26 11.60 9.08 3.62
CA GLN A 26 12.20 8.55 4.88
C GLN A 26 13.20 7.44 4.54
N PHE A 27 12.84 6.57 3.62
CA PHE A 27 13.77 5.47 3.25
C PHE A 27 15.18 6.02 3.07
N ASN A 28 15.30 7.25 2.65
CA ASN A 28 16.64 7.86 2.46
C ASN A 28 17.36 7.95 3.81
N SER A 29 16.62 7.92 4.88
CA SER A 29 17.25 8.01 6.22
C SER A 29 17.87 6.65 6.59
N LEU A 30 17.33 5.59 6.06
CA LEU A 30 17.88 4.24 6.37
C LEU A 30 19.37 4.20 6.01
N VAL A 31 19.73 4.72 4.86
CA VAL A 31 21.15 4.71 4.45
C VAL A 31 22.03 5.11 5.64
N ASN A 32 21.49 5.88 6.55
CA ASN A 32 22.29 6.31 7.73
C ASN A 32 22.29 5.19 8.78
N SER A 33 22.73 4.01 8.42
CA SER A 33 22.74 2.89 9.40
C SER A 33 24.19 2.44 9.63
N LYS A 34 24.37 1.32 10.28
CA LYS A 34 25.76 0.84 10.54
C LYS A 34 26.28 0.09 9.32
N ASN A 35 27.29 -0.72 9.49
CA ASN A 35 27.84 -1.48 8.33
C ASN A 35 28.65 -2.68 8.85
N THR A 36 27.97 -3.69 9.33
CA THR A 36 28.70 -4.89 9.84
C THR A 36 27.92 -6.16 9.49
N GLN A 37 27.27 -6.16 8.35
CA GLN A 37 26.49 -7.37 7.95
C GLN A 37 25.37 -7.60 8.97
N ASP A 38 25.02 -6.60 9.73
CA ASP A 38 23.94 -6.77 10.74
C ASP A 38 23.15 -5.47 10.88
N PHE A 39 23.10 -4.69 9.83
CA PHE A 39 22.35 -3.40 9.90
C PHE A 39 21.17 -3.44 8.93
N ASN A 40 21.16 -4.39 8.03
CA ASN A 40 20.04 -4.47 7.05
C ASN A 40 18.93 -5.34 7.64
N LYS A 41 19.28 -6.42 8.29
CA LYS A 41 18.24 -7.30 8.88
C LYS A 41 17.19 -6.46 9.59
N ALA A 42 17.60 -5.53 10.41
CA ALA A 42 16.62 -4.67 11.12
C ALA A 42 15.81 -3.88 10.10
N LEU A 43 16.40 -3.58 8.97
CA LEU A 43 15.67 -2.82 7.92
C LEU A 43 14.56 -3.70 7.33
N LYS A 44 14.76 -5.00 7.34
CA LYS A 44 13.72 -5.90 6.78
C LYS A 44 12.58 -6.05 7.78
N ASP A 45 12.86 -5.90 9.04
CA ASP A 45 11.79 -6.03 10.06
C ASP A 45 10.80 -4.87 9.92
N GLY A 46 11.30 -3.69 9.68
CA GLY A 46 10.40 -2.51 9.53
C GLY A 46 9.74 -2.55 8.15
N SER A 47 10.48 -2.99 7.15
CA SER A 47 9.90 -3.05 5.78
C SER A 47 8.90 -4.21 5.69
N ASP A 48 9.32 -5.40 6.06
CA ASP A 48 8.40 -6.56 5.99
C ASP A 48 7.17 -6.28 6.85
N SER A 49 7.26 -5.34 7.76
CA SER A 49 6.09 -5.03 8.62
C SER A 49 5.06 -4.22 7.82
N VAL A 50 5.51 -3.20 7.13
CA VAL A 50 4.57 -2.38 6.33
C VAL A 50 3.86 -3.27 5.29
N LEU A 51 4.47 -4.37 4.95
CA LEU A 51 3.83 -5.27 3.95
C LEU A 51 2.55 -5.86 4.53
N GLN A 52 2.63 -6.48 5.68
CA GLN A 52 1.42 -7.06 6.30
C GLN A 52 0.53 -5.91 6.82
N GLN A 53 1.12 -4.77 7.07
CA GLN A 53 0.31 -3.63 7.58
C GLN A 53 -0.46 -3.00 6.41
N LEU A 54 0.23 -2.62 5.37
CA LEU A 54 -0.47 -2.00 4.21
C LEU A 54 -1.27 -3.08 3.47
N SER A 55 -0.80 -4.30 3.51
CA SER A 55 -1.54 -5.40 2.81
C SER A 55 -2.86 -5.67 3.55
N ALA A 56 -3.06 -5.04 4.67
CA ALA A 56 -4.31 -5.28 5.45
C ALA A 56 -5.50 -4.63 4.75
N PHE A 57 -5.36 -3.42 4.28
CA PHE A 57 -6.50 -2.74 3.60
C PHE A 57 -6.97 -3.60 2.41
N SER A 58 -6.05 -4.27 1.77
CA SER A 58 -6.44 -5.12 0.61
C SER A 58 -7.62 -6.01 1.02
N SER A 59 -7.64 -6.45 2.24
CA SER A 59 -8.75 -7.32 2.71
C SER A 59 -9.99 -6.47 2.99
N SER A 60 -9.87 -5.17 2.88
CA SER A 60 -11.04 -4.29 3.14
C SER A 60 -11.98 -4.33 1.94
N LEU A 61 -11.46 -4.56 0.77
CA LEU A 61 -12.32 -4.61 -0.44
C LEU A 61 -13.07 -5.95 -0.49
N GLN A 62 -12.49 -6.98 0.07
CA GLN A 62 -13.17 -8.31 0.06
C GLN A 62 -14.62 -8.14 0.51
N GLY A 63 -14.87 -7.24 1.43
CA GLY A 63 -16.26 -7.03 1.91
C GLY A 63 -17.17 -6.75 0.72
N ALA A 64 -16.67 -6.06 -0.26
CA ALA A 64 -17.51 -5.75 -1.46
C ALA A 64 -17.62 -7.00 -2.34
N ILE A 65 -16.55 -7.72 -2.48
CA ILE A 65 -16.58 -8.96 -3.32
C ILE A 65 -17.26 -10.08 -2.54
N SER A 66 -17.18 -10.04 -1.24
CA SER A 66 -17.81 -11.11 -0.42
C SER A 66 -19.32 -11.16 -0.72
N ASP A 67 -19.84 -10.13 -1.32
CA ASP A 67 -21.30 -10.11 -1.64
C ASP A 67 -21.59 -8.97 -2.62
N ALA A 68 -20.76 -8.79 -3.60
CA ALA A 68 -20.99 -7.70 -4.59
C ALA A 68 -22.25 -8.00 -5.40
N ASN A 69 -22.75 -7.04 -6.12
CA ASN A 69 -23.98 -7.29 -6.94
C ASN A 69 -23.73 -6.81 -8.37
N GLY A 70 -22.81 -7.42 -9.05
CA GLY A 70 -22.54 -7.01 -10.46
C GLY A 70 -21.17 -7.54 -10.88
N LYS A 71 -20.59 -6.99 -11.91
CA LYS A 71 -19.25 -7.47 -12.37
C LYS A 71 -18.15 -6.68 -11.67
N ALA A 72 -18.37 -6.31 -10.43
CA ALA A 72 -17.33 -5.54 -9.68
C ALA A 72 -16.61 -6.47 -8.70
N LYS A 73 -17.31 -7.42 -8.15
CA LYS A 73 -16.65 -8.36 -7.19
C LYS A 73 -15.33 -8.84 -7.77
N GLU A 74 -15.25 -9.00 -9.07
CA GLU A 74 -13.98 -9.46 -9.68
C GLU A 74 -12.96 -8.31 -9.73
N ALA A 75 -13.34 -7.21 -10.30
CA ALA A 75 -12.40 -6.05 -10.37
C ALA A 75 -11.91 -5.71 -8.97
N LEU A 76 -12.75 -5.87 -7.98
CA LEU A 76 -12.34 -5.55 -6.59
C LEU A 76 -11.46 -6.68 -6.04
N GLU A 77 -11.53 -7.84 -6.64
CA GLU A 77 -10.70 -8.97 -6.16
C GLU A 77 -9.24 -8.77 -6.59
N GLN A 78 -9.04 -8.17 -7.73
CA GLN A 78 -7.64 -7.94 -8.21
C GLN A 78 -6.99 -6.84 -7.36
N ALA A 79 -7.61 -5.70 -7.28
CA ALA A 79 -7.03 -4.59 -6.47
C ALA A 79 -6.71 -5.09 -5.06
N ARG A 80 -7.37 -6.13 -4.62
CA ARG A 80 -7.10 -6.66 -3.26
C ARG A 80 -5.81 -7.48 -3.28
N GLN A 81 -5.76 -8.52 -4.07
CA GLN A 81 -4.54 -9.36 -4.13
C GLN A 81 -3.45 -8.61 -4.92
N ASN A 82 -3.83 -7.86 -5.91
CA ASN A 82 -2.82 -7.12 -6.71
C ASN A 82 -2.06 -6.16 -5.80
N VAL A 83 -2.76 -5.45 -4.96
CA VAL A 83 -2.07 -4.48 -4.05
C VAL A 83 -1.49 -5.24 -2.85
N GLU A 84 -2.00 -6.41 -2.57
CA GLU A 84 -1.47 -7.20 -1.42
C GLU A 84 -0.14 -7.85 -1.81
N LYS A 85 -0.01 -8.24 -3.05
CA LYS A 85 1.25 -8.90 -3.49
C LYS A 85 2.33 -7.84 -3.71
N THR A 86 1.99 -6.71 -4.26
CA THR A 86 2.99 -5.65 -4.50
C THR A 86 3.72 -5.32 -3.19
N ALA A 87 2.99 -5.25 -2.11
CA ALA A 87 3.64 -4.92 -0.80
C ALA A 87 4.30 -6.17 -0.23
N GLU A 88 3.54 -7.23 -0.06
CA GLU A 88 4.13 -8.48 0.50
C GLU A 88 5.11 -9.08 -0.51
N GLU A 89 5.17 -8.54 -1.70
CA GLU A 89 6.10 -9.08 -2.73
C GLU A 89 7.46 -9.39 -2.09
N LEU A 90 8.06 -8.42 -1.45
CA LEU A 90 9.39 -8.66 -0.83
C LEU A 90 9.20 -9.36 0.53
N ARG A 91 7.98 -9.46 0.99
CA ARG A 91 7.75 -10.13 2.30
C ARG A 91 8.08 -11.62 2.19
N LYS A 92 8.26 -12.11 0.99
CA LYS A 92 8.60 -13.55 0.82
C LYS A 92 10.07 -13.77 1.16
N ALA A 93 10.85 -12.73 1.19
CA ALA A 93 12.30 -12.87 1.52
C ALA A 93 12.56 -12.37 2.94
N HIS A 94 13.79 -12.18 3.30
CA HIS A 94 14.12 -11.69 4.67
C HIS A 94 15.60 -11.91 4.96
N PRO A 95 16.05 -13.13 4.78
CA PRO A 95 17.46 -13.49 5.02
C PRO A 95 18.34 -13.03 3.86
N ASP A 96 17.74 -12.62 2.78
CA ASP A 96 18.55 -12.16 1.62
C ASP A 96 19.01 -10.72 1.85
N VAL A 97 18.11 -9.85 2.24
CA VAL A 97 18.51 -8.44 2.48
C VAL A 97 19.57 -8.39 3.57
N GLU A 98 19.48 -9.26 4.55
CA GLU A 98 20.49 -9.26 5.64
C GLU A 98 21.76 -9.98 5.16
N LYS A 99 21.62 -10.83 4.18
CA LYS A 99 22.81 -11.57 3.67
C LYS A 99 23.59 -10.67 2.70
N GLU A 100 22.96 -10.23 1.64
CA GLU A 100 23.66 -9.36 0.66
C GLU A 100 23.54 -7.90 1.13
N ALA A 101 22.45 -7.55 1.73
CA ALA A 101 22.28 -6.14 2.21
C ALA A 101 22.75 -5.17 1.12
N ASN A 102 22.54 -5.52 -0.12
CA ASN A 102 22.98 -4.62 -1.23
C ASN A 102 21.89 -3.58 -1.49
N ALA A 103 20.82 -3.97 -2.12
CA ALA A 103 19.72 -3.00 -2.41
C ALA A 103 18.38 -3.67 -2.17
N PHE A 104 18.24 -4.41 -1.10
CA PHE A 104 16.95 -5.09 -0.82
C PHE A 104 15.93 -4.07 -0.31
N LYS A 105 16.40 -2.97 0.23
CA LYS A 105 15.46 -1.94 0.74
C LYS A 105 14.67 -1.34 -0.41
N ASP A 106 15.32 -1.09 -1.52
CA ASP A 106 14.60 -0.51 -2.69
C ASP A 106 13.45 -1.43 -3.10
N LYS A 107 13.52 -2.68 -2.72
CA LYS A 107 12.43 -3.63 -3.09
C LYS A 107 11.11 -3.16 -2.47
N LEU A 108 11.16 -2.70 -1.24
CA LEU A 108 9.91 -2.23 -0.57
C LEU A 108 9.55 -0.84 -1.10
N GLN A 109 10.50 0.06 -1.13
CA GLN A 109 10.20 1.44 -1.63
C GLN A 109 9.58 1.34 -3.02
N ALA A 110 10.07 0.45 -3.84
CA ALA A 110 9.51 0.31 -5.22
C ALA A 110 8.19 -0.47 -5.15
N ALA A 111 8.01 -1.26 -4.12
CA ALA A 111 6.75 -2.05 -3.99
C ALA A 111 5.62 -1.13 -3.50
N VAL A 112 5.94 -0.16 -2.70
CA VAL A 112 4.88 0.76 -2.19
C VAL A 112 4.47 1.74 -3.31
N GLN A 113 5.42 2.30 -3.99
CA GLN A 113 5.08 3.26 -5.08
C GLN A 113 4.07 2.62 -6.04
N THR A 114 4.05 1.32 -6.13
CA THR A 114 3.09 0.66 -7.05
C THR A 114 1.70 0.64 -6.40
N THR A 115 1.64 0.33 -5.13
CA THR A 115 0.32 0.30 -4.44
C THR A 115 -0.50 1.53 -4.85
N VAL A 116 0.16 2.60 -5.22
CA VAL A 116 -0.57 3.83 -5.62
C VAL A 116 -1.12 3.64 -7.04
N GLN A 117 -0.37 3.02 -7.91
CA GLN A 117 -0.86 2.81 -9.30
C GLN A 117 -2.12 1.95 -9.27
N GLU A 118 -2.25 1.10 -8.29
CA GLU A 118 -3.47 0.23 -8.21
C GLU A 118 -4.69 1.09 -7.86
N SER A 119 -4.52 2.05 -7.00
CA SER A 119 -5.67 2.93 -6.62
C SER A 119 -6.21 3.63 -7.87
N GLN A 120 -5.43 3.65 -8.92
CA GLN A 120 -5.90 4.33 -10.17
C GLN A 120 -6.89 3.41 -10.90
N LYS A 121 -6.62 2.14 -10.93
CA LYS A 121 -7.55 1.20 -11.62
C LYS A 121 -8.85 1.10 -10.84
N LEU A 122 -8.77 0.97 -9.55
CA LEU A 122 -10.01 0.88 -8.72
C LEU A 122 -10.68 2.24 -8.65
N ALA A 123 -9.92 3.30 -8.77
CA ALA A 123 -10.52 4.66 -8.71
C ALA A 123 -11.36 4.91 -9.95
N LYS A 124 -10.85 4.59 -11.11
CA LYS A 124 -11.62 4.79 -12.36
C LYS A 124 -12.72 3.74 -12.48
N GLU A 125 -12.48 2.57 -11.93
CA GLU A 125 -13.52 1.50 -12.01
C GLU A 125 -14.78 1.95 -11.27
N VAL A 126 -14.65 2.33 -10.04
CA VAL A 126 -15.84 2.78 -9.27
C VAL A 126 -16.23 4.19 -9.72
N ALA A 127 -15.36 4.86 -10.42
CA ALA A 127 -15.68 6.23 -10.90
C ALA A 127 -16.86 6.18 -11.87
N SER A 128 -16.90 5.18 -12.70
CA SER A 128 -18.01 5.06 -13.68
C SER A 128 -19.34 5.35 -12.99
N ASN A 129 -19.62 4.66 -11.92
CA ASN A 129 -20.90 4.89 -11.20
C ASN A 129 -22.07 4.42 -12.06
N MET A 130 -21.82 3.52 -12.98
CA MET A 130 -22.91 3.03 -13.86
C MET A 130 -23.51 1.75 -13.26
N GLU A 131 -23.13 1.41 -12.06
CA GLU A 131 -23.67 0.17 -11.43
C GLU A 131 -25.14 0.42 -11.03
N GLU A 132 -25.40 1.48 -10.31
CA GLU A 132 -26.80 1.77 -9.89
C GLU A 132 -27.30 0.64 -9.00
N THR A 133 -26.45 0.11 -8.16
CA THR A 133 -26.88 -1.00 -7.25
C THR A 133 -25.70 -1.46 -6.41
N ASN A 134 -24.50 -1.35 -6.93
CA ASN A 134 -23.31 -1.80 -6.14
C ASN A 134 -22.96 -0.74 -5.07
N LYS A 135 -23.91 -0.32 -4.30
CA LYS A 135 -23.63 0.69 -3.25
C LYS A 135 -22.83 0.05 -2.11
N LYS A 136 -22.68 -1.25 -2.16
CA LYS A 136 -21.91 -1.94 -1.08
C LYS A 136 -20.42 -1.63 -1.22
N LEU A 137 -19.99 -1.29 -2.41
CA LEU A 137 -18.55 -0.97 -2.62
C LEU A 137 -18.26 0.46 -2.14
N ALA A 138 -19.28 1.19 -1.76
CA ALA A 138 -19.06 2.59 -1.30
C ALA A 138 -18.19 2.59 -0.03
N PRO A 139 -18.65 1.88 0.97
CA PRO A 139 -17.93 1.78 2.26
C PRO A 139 -16.72 0.85 2.13
N LYS A 140 -16.47 0.34 0.95
CA LYS A 140 -15.31 -0.57 0.77
C LYS A 140 -14.12 0.21 0.22
N ILE A 141 -14.38 1.25 -0.52
CA ILE A 141 -13.27 2.07 -1.08
C ILE A 141 -12.75 3.03 0.00
N LYS A 142 -13.62 3.54 0.83
CA LYS A 142 -13.17 4.47 1.91
C LYS A 142 -12.40 3.69 2.97
N GLN A 143 -12.45 2.39 2.93
CA GLN A 143 -11.72 1.57 3.94
C GLN A 143 -10.22 1.73 3.73
N ALA A 144 -9.74 1.46 2.54
CA ALA A 144 -8.28 1.60 2.27
C ALA A 144 -7.88 3.07 2.40
N TYR A 145 -8.78 3.96 2.07
CA TYR A 145 -8.45 5.41 2.16
C TYR A 145 -7.72 5.68 3.48
N ASP A 146 -8.30 5.32 4.58
CA ASP A 146 -7.64 5.56 5.90
C ASP A 146 -6.47 4.58 6.07
N ASP A 147 -6.54 3.44 5.43
CA ASP A 147 -5.44 2.43 5.57
C ASP A 147 -4.24 2.85 4.71
N PHE A 148 -4.44 3.70 3.75
CA PHE A 148 -3.31 4.13 2.87
C PHE A 148 -2.44 5.15 3.59
N VAL A 149 -3.02 6.17 4.16
CA VAL A 149 -2.21 7.20 4.86
C VAL A 149 -1.56 6.60 6.11
N LYS A 150 -2.22 5.67 6.74
CA LYS A 150 -1.63 5.05 7.97
C LYS A 150 -0.55 4.04 7.59
N HIS A 151 -0.79 3.25 6.57
CA HIS A 151 0.22 2.24 6.16
C HIS A 151 1.34 2.90 5.36
N ALA A 152 1.00 3.83 4.50
CA ALA A 152 2.04 4.50 3.68
C ALA A 152 3.22 4.94 4.57
N GLU A 153 2.95 5.70 5.59
CA GLU A 153 4.05 6.18 6.48
C GLU A 153 4.47 5.05 7.42
N GLU A 154 3.81 3.94 7.38
CA GLU A 154 4.18 2.81 8.28
C GLU A 154 5.68 2.55 8.20
N VAL A 155 6.25 2.62 7.02
CA VAL A 155 7.71 2.37 6.89
C VAL A 155 8.50 3.60 7.33
N GLN A 156 8.02 4.77 7.02
CA GLN A 156 8.75 6.01 7.43
C GLN A 156 8.88 6.05 8.95
N LYS A 157 7.95 5.44 9.65
CA LYS A 157 8.02 5.44 11.14
C LYS A 157 9.20 4.58 11.60
N LYS A 158 9.26 3.37 11.14
CA LYS A 158 10.39 2.48 11.55
C LYS A 158 11.66 2.87 10.79
N LEU A 159 11.58 2.99 9.49
CA LEU A 159 12.78 3.37 8.71
C LEU A 159 13.52 4.51 9.42
N HIS A 160 12.81 5.51 9.87
CA HIS A 160 13.48 6.65 10.57
C HIS A 160 14.24 6.11 11.79
N GLU A 161 13.58 5.38 12.64
CA GLU A 161 14.28 4.83 13.84
C GLU A 161 15.21 3.69 13.43
N ALA A 162 15.09 3.24 12.21
CA ALA A 162 15.97 2.12 11.74
C ALA A 162 17.37 2.66 11.45
N ALA A 163 17.45 3.85 10.93
CA ALA A 163 18.79 4.44 10.62
C ALA A 163 19.50 4.82 11.92
N THR A 164 18.78 4.84 13.01
CA THR A 164 19.42 5.21 14.31
C THR A 164 19.06 4.17 15.37
N LYS A 165 18.54 3.04 14.95
CA LYS A 165 18.16 1.97 15.92
C LYS A 165 17.54 2.60 17.17
N GLN A 166 17.72 1.97 18.30
CA GLN A 166 17.14 2.53 19.56
C GLN A 166 15.66 2.85 19.34
N ASP A 1 -29.17 11.23 -3.40
CA ASP A 1 -29.12 12.45 -2.54
C ASP A 1 -28.13 12.22 -1.40
N ALA A 2 -27.07 12.97 -1.37
CA ALA A 2 -26.06 12.81 -0.28
C ALA A 2 -24.92 13.81 -0.46
N PRO A 3 -25.08 14.96 0.13
CA PRO A 3 -24.08 16.05 0.05
C PRO A 3 -22.92 15.78 1.01
N ALA A 4 -22.41 14.57 1.03
CA ALA A 4 -21.29 14.25 1.94
C ALA A 4 -20.58 12.99 1.46
N GLY A 5 -21.14 11.84 1.73
CA GLY A 5 -20.51 10.57 1.29
C GLY A 5 -21.35 9.94 0.17
N GLY A 6 -20.86 8.87 -0.42
CA GLY A 6 -21.64 8.22 -1.50
C GLY A 6 -20.87 8.33 -2.82
N ASN A 7 -19.92 9.23 -2.89
CA ASN A 7 -19.14 9.40 -4.14
C ASN A 7 -17.90 8.51 -4.10
N ALA A 8 -16.83 8.99 -3.52
CA ALA A 8 -15.59 8.17 -3.45
C ALA A 8 -15.02 7.97 -4.85
N PHE A 9 -13.86 8.49 -5.12
CA PHE A 9 -13.26 8.33 -6.47
C PHE A 9 -11.77 8.71 -6.41
N GLU A 10 -11.20 9.10 -7.53
CA GLU A 10 -9.76 9.48 -7.55
C GLU A 10 -9.46 10.35 -6.32
N GLU A 11 -10.43 11.04 -5.81
CA GLU A 11 -10.18 11.91 -4.62
C GLU A 11 -9.44 11.10 -3.55
N MET A 12 -9.74 9.85 -3.43
CA MET A 12 -9.04 9.00 -2.41
C MET A 12 -7.61 8.74 -2.86
N GLU A 13 -7.43 8.21 -4.04
CA GLU A 13 -6.06 7.93 -4.54
C GLU A 13 -5.32 9.25 -4.74
N LYS A 14 -6.05 10.32 -4.94
CA LYS A 14 -5.38 11.64 -5.15
C LYS A 14 -4.76 12.10 -3.83
N HIS A 15 -5.51 12.10 -2.76
CA HIS A 15 -4.95 12.55 -1.46
C HIS A 15 -4.08 11.44 -0.87
N ALA A 16 -4.36 10.21 -1.20
CA ALA A 16 -3.55 9.08 -0.66
C ALA A 16 -2.22 8.98 -1.40
N LYS A 17 -2.26 9.04 -2.71
CA LYS A 17 -1.01 8.94 -3.51
C LYS A 17 0.02 9.92 -2.94
N GLU A 18 -0.42 11.04 -2.43
CA GLU A 18 0.55 12.03 -1.86
C GLU A 18 1.20 11.45 -0.61
N PHE A 19 0.52 10.57 0.07
CA PHE A 19 1.10 9.97 1.30
C PHE A 19 2.14 8.92 0.92
N GLN A 20 2.09 8.42 -0.29
CA GLN A 20 3.07 7.40 -0.71
C GLN A 20 4.40 8.08 -1.04
N LYS A 21 4.36 9.32 -1.41
CA LYS A 21 5.63 10.03 -1.75
C LYS A 21 6.35 10.45 -0.46
N THR A 22 5.67 10.37 0.66
CA THR A 22 6.33 10.76 1.93
C THR A 22 7.25 9.64 2.42
N PHE A 23 6.90 8.39 2.17
CA PHE A 23 7.77 7.28 2.61
C PHE A 23 8.95 7.13 1.64
N SER A 24 8.72 7.45 0.39
CA SER A 24 9.82 7.33 -0.61
C SER A 24 11.00 8.21 -0.17
N GLU A 25 10.72 9.30 0.48
CA GLU A 25 11.82 10.20 0.93
C GLU A 25 12.34 9.71 2.29
N GLN A 26 11.46 9.26 3.14
CA GLN A 26 11.89 8.77 4.48
C GLN A 26 12.87 7.61 4.29
N PHE A 27 12.70 6.83 3.26
CA PHE A 27 13.64 5.69 3.03
C PHE A 27 15.07 6.17 3.25
N ASN A 28 15.35 7.40 2.94
CA ASN A 28 16.73 7.92 3.14
C ASN A 28 17.16 7.69 4.59
N SER A 29 16.23 7.74 5.50
CA SER A 29 16.59 7.52 6.94
C SER A 29 16.98 6.05 7.14
N LEU A 30 16.47 5.18 6.32
CA LEU A 30 16.81 3.73 6.46
C LEU A 30 18.28 3.52 6.09
N VAL A 31 18.94 4.54 5.60
CA VAL A 31 20.37 4.39 5.23
C VAL A 31 21.20 4.15 6.50
N ASN A 32 21.03 3.01 7.11
CA ASN A 32 21.82 2.71 8.34
C ASN A 32 23.30 2.90 8.07
N SER A 33 24.06 3.25 9.07
CA SER A 33 25.52 3.45 8.86
C SER A 33 26.28 2.23 9.40
N LYS A 34 25.62 1.12 9.56
CA LYS A 34 26.29 -0.10 10.07
C LYS A 34 26.91 -0.87 8.91
N ASN A 35 27.82 -1.77 9.18
CA ASN A 35 28.44 -2.55 8.09
C ASN A 35 29.07 -3.83 8.67
N THR A 36 28.26 -4.72 9.16
CA THR A 36 28.82 -5.98 9.74
C THR A 36 28.04 -7.18 9.20
N GLN A 37 27.52 -7.07 8.01
CA GLN A 37 26.74 -8.20 7.43
C GLN A 37 25.59 -8.55 8.36
N ASP A 38 25.23 -7.67 9.26
CA ASP A 38 24.12 -7.96 10.19
C ASP A 38 23.28 -6.70 10.40
N PHE A 39 23.27 -5.82 9.44
CA PHE A 39 22.47 -4.57 9.57
C PHE A 39 21.28 -4.61 8.61
N ASN A 40 21.34 -5.46 7.61
CA ASN A 40 20.21 -5.55 6.65
C ASN A 40 19.03 -6.26 7.32
N LYS A 41 19.30 -7.23 8.16
CA LYS A 41 18.20 -7.96 8.84
C LYS A 41 17.15 -6.95 9.32
N ALA A 42 17.56 -5.74 9.59
CA ALA A 42 16.59 -4.72 10.07
C ALA A 42 15.73 -4.24 8.89
N LEU A 43 16.30 -4.20 7.72
CA LEU A 43 15.52 -3.76 6.53
C LEU A 43 14.20 -4.52 6.47
N LYS A 44 14.25 -5.82 6.47
CA LYS A 44 13.00 -6.63 6.41
C LYS A 44 12.16 -6.35 7.67
N ASP A 45 12.76 -5.84 8.70
CA ASP A 45 11.98 -5.55 9.93
C ASP A 45 11.18 -4.26 9.73
N GLY A 46 11.84 -3.20 9.35
CA GLY A 46 11.12 -1.91 9.14
C GLY A 46 10.39 -1.91 7.79
N SER A 47 11.04 -2.37 6.75
CA SER A 47 10.40 -2.38 5.42
C SER A 47 9.35 -3.49 5.33
N ASP A 48 9.73 -4.71 5.59
CA ASP A 48 8.74 -5.83 5.49
C ASP A 48 7.65 -5.62 6.55
N SER A 49 7.85 -4.71 7.46
CA SER A 49 6.82 -4.46 8.51
C SER A 49 5.65 -3.69 7.89
N VAL A 50 5.88 -2.99 6.81
CA VAL A 50 4.79 -2.22 6.17
C VAL A 50 3.99 -3.14 5.23
N LEU A 51 4.57 -4.24 4.85
CA LEU A 51 3.85 -5.17 3.93
C LEU A 51 2.69 -5.82 4.68
N GLN A 52 2.97 -6.44 5.79
CA GLN A 52 1.87 -7.08 6.58
C GLN A 52 0.96 -5.98 7.13
N GLN A 53 1.46 -4.78 7.20
CA GLN A 53 0.64 -3.65 7.71
C GLN A 53 -0.32 -3.18 6.61
N LEU A 54 0.19 -2.95 5.44
CA LEU A 54 -0.69 -2.50 4.32
C LEU A 54 -1.49 -3.68 3.78
N SER A 55 -0.95 -4.86 3.88
CA SER A 55 -1.67 -6.06 3.37
C SER A 55 -3.14 -5.99 3.83
N ALA A 56 -3.39 -5.32 4.92
CA ALA A 56 -4.79 -5.21 5.42
C ALA A 56 -5.64 -4.46 4.41
N PHE A 57 -5.10 -3.43 3.80
CA PHE A 57 -5.89 -2.65 2.80
C PHE A 57 -6.65 -3.62 1.90
N SER A 58 -5.97 -4.60 1.37
CA SER A 58 -6.65 -5.57 0.47
C SER A 58 -7.78 -6.27 1.24
N SER A 59 -7.53 -6.63 2.47
CA SER A 59 -8.59 -7.31 3.27
C SER A 59 -9.75 -6.35 3.53
N SER A 60 -9.58 -5.10 3.20
CA SER A 60 -10.67 -4.11 3.43
C SER A 60 -11.72 -4.26 2.34
N LEU A 61 -11.32 -4.33 1.10
CA LEU A 61 -12.31 -4.48 0.00
C LEU A 61 -12.80 -5.92 -0.05
N GLN A 62 -12.01 -6.85 0.39
CA GLN A 62 -12.44 -8.27 0.37
C GLN A 62 -13.86 -8.39 0.96
N GLY A 63 -14.21 -7.51 1.85
CA GLY A 63 -15.57 -7.57 2.45
C GLY A 63 -16.61 -7.11 1.42
N ALA A 64 -16.24 -6.22 0.54
CA ALA A 64 -17.21 -5.76 -0.49
C ALA A 64 -17.34 -6.81 -1.59
N ILE A 65 -16.24 -7.26 -2.12
CA ILE A 65 -16.29 -8.29 -3.20
C ILE A 65 -16.86 -9.60 -2.63
N SER A 66 -16.98 -9.68 -1.33
CA SER A 66 -17.52 -10.92 -0.71
C SER A 66 -18.73 -11.41 -1.53
N ASP A 67 -19.45 -10.51 -2.14
CA ASP A 67 -20.63 -10.93 -2.94
C ASP A 67 -20.86 -9.94 -4.07
N ALA A 68 -20.82 -8.67 -3.78
CA ALA A 68 -21.02 -7.64 -4.83
C ALA A 68 -22.42 -7.83 -5.44
N ASN A 69 -22.61 -7.36 -6.66
CA ASN A 69 -23.93 -7.51 -7.31
C ASN A 69 -23.76 -7.55 -8.82
N GLY A 70 -22.91 -6.71 -9.35
CA GLY A 70 -22.69 -6.71 -10.83
C GLY A 70 -21.42 -7.50 -11.17
N LYS A 71 -20.44 -6.85 -11.72
CA LYS A 71 -19.18 -7.56 -12.06
C LYS A 71 -18.00 -6.89 -11.35
N ALA A 72 -18.27 -5.96 -10.47
CA ALA A 72 -17.17 -5.28 -9.74
C ALA A 72 -16.53 -6.26 -8.77
N LYS A 73 -17.15 -7.38 -8.52
CA LYS A 73 -16.58 -8.38 -7.58
C LYS A 73 -15.23 -8.86 -8.12
N GLU A 74 -15.13 -9.08 -9.39
CA GLU A 74 -13.83 -9.55 -9.97
C GLU A 74 -12.87 -8.38 -10.08
N ALA A 75 -13.38 -7.18 -10.25
CA ALA A 75 -12.48 -6.01 -10.36
C ALA A 75 -11.94 -5.63 -8.98
N LEU A 76 -12.72 -5.84 -7.96
CA LEU A 76 -12.25 -5.51 -6.58
C LEU A 76 -11.30 -6.58 -6.08
N GLU A 77 -11.43 -7.78 -6.58
CA GLU A 77 -10.53 -8.88 -6.13
C GLU A 77 -9.16 -8.71 -6.78
N GLN A 78 -9.10 -8.04 -7.90
CA GLN A 78 -7.78 -7.83 -8.57
C GLN A 78 -6.99 -6.76 -7.83
N ALA A 79 -7.61 -5.65 -7.55
CA ALA A 79 -6.89 -4.56 -6.81
C ALA A 79 -6.61 -5.00 -5.38
N ARG A 80 -7.23 -6.06 -4.95
CA ARG A 80 -7.01 -6.55 -3.56
C ARG A 80 -5.68 -7.31 -3.50
N GLN A 81 -5.52 -8.29 -4.32
CA GLN A 81 -4.24 -9.07 -4.31
C GLN A 81 -3.12 -8.22 -4.90
N ASN A 82 -3.34 -7.61 -6.03
CA ASN A 82 -2.28 -6.77 -6.64
C ASN A 82 -1.61 -5.92 -5.56
N VAL A 83 -2.37 -5.38 -4.66
CA VAL A 83 -1.78 -4.53 -3.59
C VAL A 83 -1.21 -5.42 -2.48
N GLU A 84 -1.80 -6.58 -2.27
CA GLU A 84 -1.28 -7.49 -1.21
C GLU A 84 -0.03 -8.20 -1.71
N LYS A 85 0.05 -8.48 -2.98
CA LYS A 85 1.25 -9.17 -3.53
C LYS A 85 2.40 -8.17 -3.68
N THR A 86 2.12 -7.01 -4.19
CA THR A 86 3.20 -5.99 -4.35
C THR A 86 3.80 -5.64 -3.00
N ALA A 87 3.02 -5.67 -1.96
CA ALA A 87 3.55 -5.33 -0.61
C ALA A 87 4.27 -6.55 -0.03
N GLU A 88 3.61 -7.66 0.03
CA GLU A 88 4.26 -8.88 0.58
C GLU A 88 5.21 -9.47 -0.46
N GLU A 89 5.24 -8.91 -1.64
CA GLU A 89 6.13 -9.43 -2.71
C GLU A 89 7.50 -9.78 -2.13
N LEU A 90 8.14 -8.85 -1.47
CA LEU A 90 9.48 -9.15 -0.89
C LEU A 90 9.31 -9.85 0.46
N ARG A 91 8.11 -9.92 0.95
CA ARG A 91 7.88 -10.59 2.26
C ARG A 91 7.90 -12.12 2.05
N LYS A 92 7.79 -12.56 0.83
CA LYS A 92 7.81 -14.02 0.57
C LYS A 92 9.20 -14.59 0.89
N ALA A 93 10.19 -13.74 0.95
CA ALA A 93 11.56 -14.23 1.26
C ALA A 93 12.55 -13.07 1.15
N HIS A 94 13.43 -12.93 2.10
CA HIS A 94 14.42 -11.81 2.05
C HIS A 94 15.79 -12.30 2.53
N PRO A 95 16.31 -13.28 1.82
CA PRO A 95 17.63 -13.87 2.13
C PRO A 95 18.76 -12.98 1.61
N ASP A 96 18.84 -12.81 0.32
CA ASP A 96 19.92 -11.96 -0.27
C ASP A 96 20.04 -10.65 0.52
N VAL A 97 18.96 -9.96 0.71
CA VAL A 97 19.03 -8.67 1.47
C VAL A 97 19.91 -8.85 2.71
N GLU A 98 19.67 -9.87 3.47
CA GLU A 98 20.49 -10.08 4.70
C GLU A 98 21.82 -10.75 4.31
N LYS A 99 21.83 -11.48 3.24
CA LYS A 99 23.09 -12.16 2.81
C LYS A 99 23.99 -11.17 2.07
N GLU A 100 23.51 -10.64 0.98
CA GLU A 100 24.33 -9.66 0.21
C GLU A 100 24.16 -8.26 0.78
N ALA A 101 22.98 -7.94 1.25
CA ALA A 101 22.75 -6.59 1.82
C ALA A 101 23.29 -5.53 0.85
N ASN A 102 23.38 -5.86 -0.40
CA ASN A 102 23.90 -4.88 -1.40
C ASN A 102 22.87 -3.76 -1.59
N ALA A 103 21.61 -4.10 -1.62
CA ALA A 103 20.56 -3.06 -1.80
C ALA A 103 19.24 -3.72 -2.18
N PHE A 104 18.86 -4.77 -1.48
CA PHE A 104 17.58 -5.44 -1.80
C PHE A 104 16.41 -4.60 -1.28
N LYS A 105 16.69 -3.56 -0.55
CA LYS A 105 15.60 -2.70 -0.02
C LYS A 105 14.72 -2.22 -1.17
N ASP A 106 15.31 -1.94 -2.31
CA ASP A 106 14.50 -1.46 -3.46
C ASP A 106 13.24 -2.32 -3.59
N LYS A 107 13.29 -3.54 -3.13
CA LYS A 107 12.09 -4.41 -3.21
C LYS A 107 10.94 -3.78 -2.44
N LEU A 108 11.21 -3.28 -1.26
CA LEU A 108 10.13 -2.65 -0.45
C LEU A 108 9.83 -1.26 -1.00
N GLN A 109 10.83 -0.42 -1.11
CA GLN A 109 10.61 0.96 -1.63
C GLN A 109 9.81 0.88 -2.94
N ALA A 110 10.23 0.03 -3.85
CA ALA A 110 9.49 -0.09 -5.14
C ALA A 110 8.22 -0.91 -4.94
N ALA A 111 8.11 -1.58 -3.82
CA ALA A 111 6.89 -2.41 -3.57
C ALA A 111 5.73 -1.50 -3.15
N VAL A 112 5.99 -0.55 -2.30
CA VAL A 112 4.89 0.36 -1.84
C VAL A 112 4.57 1.37 -2.96
N GLN A 113 5.57 1.87 -3.62
CA GLN A 113 5.31 2.85 -4.71
C GLN A 113 4.24 2.30 -5.65
N THR A 114 4.06 1.01 -5.69
CA THR A 114 3.03 0.42 -6.57
C THR A 114 1.64 0.60 -5.95
N THR A 115 1.53 0.40 -4.67
CA THR A 115 0.21 0.56 -4.00
C THR A 115 -0.48 1.83 -4.52
N VAL A 116 0.26 2.90 -4.65
CA VAL A 116 -0.35 4.16 -5.15
C VAL A 116 -0.74 4.00 -6.62
N GLN A 117 -0.07 3.13 -7.33
CA GLN A 117 -0.39 2.92 -8.77
C GLN A 117 -1.68 2.11 -8.89
N GLU A 118 -1.92 1.21 -7.97
CA GLU A 118 -3.15 0.38 -8.04
C GLU A 118 -4.35 1.23 -7.61
N SER A 119 -4.16 2.09 -6.64
CA SER A 119 -5.30 2.94 -6.18
C SER A 119 -5.82 3.76 -7.35
N GLN A 120 -5.06 3.86 -8.40
CA GLN A 120 -5.51 4.65 -9.59
C GLN A 120 -6.54 3.83 -10.37
N LYS A 121 -6.20 2.63 -10.74
CA LYS A 121 -7.15 1.79 -11.52
C LYS A 121 -8.44 1.59 -10.70
N LEU A 122 -8.32 1.10 -9.50
CA LEU A 122 -9.53 0.88 -8.66
C LEU A 122 -10.26 2.21 -8.47
N ALA A 123 -9.59 3.31 -8.74
CA ALA A 123 -10.26 4.64 -8.56
C ALA A 123 -11.19 4.90 -9.75
N LYS A 124 -10.78 4.52 -10.93
CA LYS A 124 -11.65 4.75 -12.12
C LYS A 124 -12.77 3.70 -12.14
N GLU A 125 -12.56 2.58 -11.53
CA GLU A 125 -13.61 1.53 -11.51
C GLU A 125 -14.82 2.03 -10.72
N VAL A 126 -14.61 2.51 -9.53
CA VAL A 126 -15.75 3.02 -8.72
C VAL A 126 -16.16 4.40 -9.22
N ALA A 127 -15.30 5.05 -9.98
CA ALA A 127 -15.65 6.40 -10.49
C ALA A 127 -16.88 6.31 -11.39
N SER A 128 -17.17 5.15 -11.91
CA SER A 128 -18.36 4.99 -12.80
C SER A 128 -19.61 5.36 -12.02
N ASN A 129 -19.60 5.19 -10.72
CA ASN A 129 -20.80 5.55 -9.91
C ASN A 129 -21.95 4.62 -10.28
N MET A 130 -22.50 4.77 -11.45
CA MET A 130 -23.63 3.89 -11.87
C MET A 130 -24.88 4.23 -11.04
N GLU A 131 -24.78 4.10 -9.74
CA GLU A 131 -25.96 4.40 -8.87
C GLU A 131 -26.98 3.27 -8.98
N GLU A 132 -26.55 2.11 -9.39
CA GLU A 132 -27.50 0.97 -9.52
C GLU A 132 -26.76 -0.35 -9.24
N THR A 133 -25.60 -0.27 -8.64
CA THR A 133 -24.83 -1.51 -8.34
C THR A 133 -23.52 -1.14 -7.64
N ASN A 134 -23.53 -0.12 -6.84
CA ASN A 134 -22.29 0.29 -6.14
C ASN A 134 -22.61 0.60 -4.67
N LYS A 135 -23.44 -0.19 -4.06
CA LYS A 135 -23.80 0.06 -2.63
C LYS A 135 -22.86 -0.75 -1.72
N LYS A 136 -22.58 -1.97 -2.07
CA LYS A 136 -21.68 -2.79 -1.23
C LYS A 136 -20.26 -2.21 -1.27
N LEU A 137 -19.90 -1.59 -2.36
CA LEU A 137 -18.54 -1.00 -2.46
C LEU A 137 -18.49 0.32 -1.69
N ALA A 138 -19.61 0.77 -1.18
CA ALA A 138 -19.62 2.05 -0.41
C ALA A 138 -18.97 1.85 0.96
N PRO A 139 -19.47 0.89 1.70
CA PRO A 139 -18.95 0.57 3.04
C PRO A 139 -17.65 -0.22 2.95
N LYS A 140 -16.72 0.21 2.13
CA LYS A 140 -15.44 -0.51 2.01
C LYS A 140 -14.39 0.39 1.33
N ILE A 141 -14.80 1.20 0.41
CA ILE A 141 -13.83 2.12 -0.28
C ILE A 141 -13.26 3.10 0.74
N LYS A 142 -14.08 3.62 1.62
CA LYS A 142 -13.57 4.59 2.63
C LYS A 142 -12.39 3.97 3.38
N GLN A 143 -12.56 2.78 3.89
CA GLN A 143 -11.44 2.13 4.63
C GLN A 143 -10.32 1.75 3.66
N ALA A 144 -10.58 1.86 2.38
CA ALA A 144 -9.54 1.50 1.38
C ALA A 144 -8.52 2.64 1.28
N TYR A 145 -8.97 3.85 1.05
CA TYR A 145 -8.02 4.99 0.94
C TYR A 145 -7.41 5.27 2.32
N ASP A 146 -8.19 5.20 3.35
CA ASP A 146 -7.66 5.47 4.72
C ASP A 146 -6.54 4.47 5.02
N ASP A 147 -6.47 3.39 4.29
CA ASP A 147 -5.40 2.39 4.54
C ASP A 147 -4.07 2.88 3.94
N PHE A 148 -4.11 3.48 2.80
CA PHE A 148 -2.85 3.98 2.16
C PHE A 148 -2.16 4.98 3.08
N VAL A 149 -2.86 6.03 3.47
CA VAL A 149 -2.24 7.05 4.36
C VAL A 149 -1.91 6.42 5.72
N LYS A 150 -2.56 5.34 6.05
CA LYS A 150 -2.28 4.69 7.37
C LYS A 150 -0.98 3.89 7.28
N HIS A 151 -0.90 2.99 6.32
CA HIS A 151 0.34 2.17 6.18
C HIS A 151 1.44 3.00 5.52
N ALA A 152 1.10 3.82 4.57
CA ALA A 152 2.13 4.64 3.89
C ALA A 152 3.01 5.32 4.94
N GLU A 153 2.43 6.04 5.85
CA GLU A 153 3.23 6.72 6.90
C GLU A 153 3.66 5.70 7.96
N GLU A 154 3.21 4.48 7.85
CA GLU A 154 3.59 3.45 8.86
C GLU A 154 5.03 3.00 8.61
N VAL A 155 5.46 3.00 7.38
CA VAL A 155 6.85 2.57 7.08
C VAL A 155 7.84 3.62 7.59
N GLN A 156 7.52 4.87 7.42
CA GLN A 156 8.43 5.95 7.89
C GLN A 156 8.52 5.90 9.42
N LYS A 157 7.49 5.44 10.08
CA LYS A 157 7.53 5.37 11.56
C LYS A 157 8.67 4.44 12.00
N LYS A 158 8.69 3.25 11.49
CA LYS A 158 9.78 2.29 11.88
C LYS A 158 11.07 2.69 11.17
N LEU A 159 10.96 3.26 10.00
CA LEU A 159 12.18 3.66 9.25
C LEU A 159 12.98 4.67 10.09
N HIS A 160 12.31 5.61 10.69
CA HIS A 160 13.03 6.62 11.52
C HIS A 160 13.88 5.90 12.57
N GLU A 161 13.42 4.78 13.07
CA GLU A 161 14.20 4.04 14.09
C GLU A 161 15.35 3.31 13.41
N ALA A 162 15.24 3.04 12.14
CA ALA A 162 16.34 2.32 11.43
C ALA A 162 17.54 3.26 11.28
N ALA A 163 17.29 4.53 11.09
CA ALA A 163 18.43 5.49 10.93
C ALA A 163 19.51 5.19 11.98
N THR A 164 19.10 4.71 13.13
CA THR A 164 20.10 4.40 14.19
C THR A 164 19.64 3.18 14.98
N LYS A 165 18.70 2.44 14.46
CA LYS A 165 18.21 1.23 15.18
C LYS A 165 18.00 1.58 16.66
N GLN A 166 16.82 1.99 17.02
CA GLN A 166 16.55 2.35 18.44
C GLN A 166 15.86 1.17 19.13
N ASP A 1 -30.00 12.93 -17.70
CA ASP A 1 -30.95 12.84 -16.57
C ASP A 1 -30.30 12.10 -15.40
N ALA A 2 -30.82 12.26 -14.21
CA ALA A 2 -30.23 11.56 -13.04
C ALA A 2 -28.82 12.12 -12.76
N PRO A 3 -28.78 13.15 -11.95
CA PRO A 3 -27.52 13.81 -11.58
C PRO A 3 -26.78 13.00 -10.53
N ALA A 4 -25.62 13.44 -10.10
CA ALA A 4 -24.85 12.69 -9.08
C ALA A 4 -23.69 13.55 -8.58
N GLY A 5 -23.05 14.26 -9.47
CA GLY A 5 -21.90 15.13 -9.04
C GLY A 5 -20.73 14.94 -10.01
N GLY A 6 -20.51 13.74 -10.47
CA GLY A 6 -19.39 13.50 -11.42
C GLY A 6 -18.06 13.79 -10.72
N ASN A 7 -18.05 13.79 -9.42
CA ASN A 7 -16.78 14.06 -8.68
C ASN A 7 -15.90 12.82 -8.69
N ALA A 8 -16.51 11.65 -8.65
CA ALA A 8 -15.71 10.40 -8.67
C ALA A 8 -14.83 10.34 -7.41
N PHE A 9 -14.44 9.17 -7.00
CA PHE A 9 -13.58 9.04 -5.79
C PHE A 9 -12.11 9.03 -6.20
N GLU A 10 -11.82 9.45 -7.40
CA GLU A 10 -10.40 9.45 -7.87
C GLU A 10 -9.56 10.29 -6.90
N GLU A 11 -10.18 11.17 -6.17
CA GLU A 11 -9.42 12.02 -5.21
C GLU A 11 -8.84 11.15 -4.10
N MET A 12 -9.51 10.09 -3.76
CA MET A 12 -9.00 9.19 -2.68
C MET A 12 -7.66 8.58 -3.12
N GLU A 13 -7.55 8.25 -4.38
CA GLU A 13 -6.26 7.66 -4.87
C GLU A 13 -5.23 8.77 -5.05
N LYS A 14 -5.65 9.94 -5.43
CA LYS A 14 -4.68 11.05 -5.63
C LYS A 14 -4.13 11.51 -4.28
N HIS A 15 -4.99 11.67 -3.30
CA HIS A 15 -4.50 12.12 -1.96
C HIS A 15 -3.85 10.94 -1.24
N ALA A 16 -4.08 9.73 -1.70
CA ALA A 16 -3.48 8.54 -1.05
C ALA A 16 -2.00 8.41 -1.44
N LYS A 17 -1.74 8.35 -2.73
CA LYS A 17 -0.33 8.22 -3.18
C LYS A 17 0.52 9.37 -2.64
N GLU A 18 0.01 10.57 -2.70
CA GLU A 18 0.80 11.73 -2.19
C GLU A 18 1.35 11.39 -0.80
N PHE A 19 0.62 10.64 -0.03
CA PHE A 19 1.12 10.29 1.33
C PHE A 19 2.28 9.30 1.20
N GLN A 20 2.21 8.43 0.23
CA GLN A 20 3.31 7.46 0.03
C GLN A 20 4.58 8.21 -0.37
N LYS A 21 4.44 9.41 -0.85
CA LYS A 21 5.63 10.21 -1.24
C LYS A 21 6.44 10.58 0.00
N THR A 22 5.77 11.00 1.05
CA THR A 22 6.51 11.38 2.29
C THR A 22 7.40 10.21 2.70
N PHE A 23 6.96 9.00 2.44
CA PHE A 23 7.78 7.81 2.82
C PHE A 23 8.91 7.64 1.80
N SER A 24 8.58 7.61 0.54
CA SER A 24 9.63 7.45 -0.51
C SER A 24 10.80 8.38 -0.20
N GLU A 25 10.53 9.53 0.37
CA GLU A 25 11.64 10.47 0.70
C GLU A 25 12.22 10.11 2.06
N GLN A 26 11.48 9.39 2.87
CA GLN A 26 12.00 9.02 4.22
C GLN A 26 12.99 7.86 4.09
N PHE A 27 12.60 6.78 3.50
CA PHE A 27 13.53 5.62 3.37
C PHE A 27 14.84 6.12 2.77
N ASN A 28 14.82 7.23 2.08
CA ASN A 28 16.07 7.76 1.49
C ASN A 28 16.97 8.28 2.60
N SER A 29 16.39 8.73 3.68
CA SER A 29 17.21 9.25 4.81
C SER A 29 17.80 8.07 5.59
N LEU A 30 17.29 6.90 5.38
CA LEU A 30 17.81 5.71 6.12
C LEU A 30 19.13 5.26 5.48
N VAL A 31 19.15 5.14 4.18
CA VAL A 31 20.42 4.70 3.50
C VAL A 31 21.45 5.82 3.60
N ASN A 32 21.85 6.18 4.79
CA ASN A 32 22.86 7.27 4.94
C ASN A 32 23.37 7.29 6.38
N SER A 33 23.33 6.16 7.04
CA SER A 33 23.83 6.11 8.45
C SER A 33 24.53 4.77 8.69
N LYS A 34 23.82 3.68 8.57
CA LYS A 34 24.46 2.35 8.80
C LYS A 34 24.84 1.75 7.45
N ASN A 35 23.97 0.98 6.86
CA ASN A 35 24.27 0.34 5.54
C ASN A 35 25.74 -0.12 5.52
N THR A 36 26.01 -1.28 6.06
CA THR A 36 27.42 -1.78 6.07
C THR A 36 27.40 -3.31 6.12
N GLN A 37 26.49 -3.93 5.42
CA GLN A 37 26.43 -5.42 5.42
C GLN A 37 26.17 -5.92 6.85
N ASP A 38 25.78 -5.04 7.72
CA ASP A 38 25.52 -5.46 9.13
C ASP A 38 24.27 -4.74 9.65
N PHE A 39 23.51 -4.15 8.78
CA PHE A 39 22.28 -3.44 9.23
C PHE A 39 21.17 -3.63 8.20
N ASN A 40 21.35 -4.56 7.28
CA ASN A 40 20.30 -4.80 6.26
C ASN A 40 19.18 -5.65 6.85
N LYS A 41 19.48 -6.40 7.89
CA LYS A 41 18.43 -7.25 8.52
C LYS A 41 17.38 -6.36 9.19
N ALA A 42 17.69 -5.11 9.38
CA ALA A 42 16.72 -4.19 10.03
C ALA A 42 15.62 -3.81 9.02
N LEU A 43 15.96 -3.76 7.76
CA LEU A 43 14.95 -3.39 6.73
C LEU A 43 13.79 -4.41 6.78
N LYS A 44 14.10 -5.67 6.78
CA LYS A 44 13.02 -6.70 6.83
C LYS A 44 12.13 -6.46 8.05
N ASP A 45 12.65 -5.79 9.03
CA ASP A 45 11.83 -5.52 10.25
C ASP A 45 10.85 -4.38 9.96
N GLY A 46 11.35 -3.26 9.51
CA GLY A 46 10.46 -2.10 9.22
C GLY A 46 9.75 -2.31 7.87
N SER A 47 10.47 -2.72 6.86
CA SER A 47 9.84 -2.92 5.52
C SER A 47 8.90 -4.14 5.55
N ASP A 48 9.40 -5.28 5.92
CA ASP A 48 8.53 -6.49 5.95
C ASP A 48 7.41 -6.29 6.98
N SER A 49 7.54 -5.32 7.84
CA SER A 49 6.49 -5.09 8.86
C SER A 49 5.29 -4.37 8.21
N VAL A 50 5.57 -3.44 7.33
CA VAL A 50 4.45 -2.70 6.68
C VAL A 50 3.75 -3.62 5.67
N LEU A 51 4.38 -4.68 5.28
CA LEU A 51 3.75 -5.62 4.31
C LEU A 51 2.54 -6.29 4.96
N GLN A 52 2.73 -6.91 6.10
CA GLN A 52 1.59 -7.57 6.78
C GLN A 52 0.67 -6.48 7.36
N GLN A 53 1.17 -5.28 7.49
CA GLN A 53 0.35 -4.18 8.04
C GLN A 53 -0.61 -3.68 6.95
N LEU A 54 -0.09 -3.32 5.82
CA LEU A 54 -0.97 -2.82 4.71
C LEU A 54 -1.71 -4.00 4.08
N SER A 55 -1.05 -5.11 3.91
CA SER A 55 -1.72 -6.30 3.30
C SER A 55 -3.12 -6.45 3.89
N ALA A 56 -3.33 -5.98 5.10
CA ALA A 56 -4.67 -6.10 5.72
C ALA A 56 -5.68 -5.20 4.99
N PHE A 57 -5.34 -3.96 4.74
CA PHE A 57 -6.30 -3.07 4.04
C PHE A 57 -6.84 -3.78 2.80
N SER A 58 -6.00 -4.53 2.12
CA SER A 58 -6.47 -5.24 0.90
C SER A 58 -7.72 -6.05 1.24
N SER A 59 -7.81 -6.54 2.45
CA SER A 59 -9.01 -7.34 2.84
C SER A 59 -10.19 -6.40 3.12
N SER A 60 -9.97 -5.12 3.07
CA SER A 60 -11.07 -4.15 3.32
C SER A 60 -12.16 -4.33 2.26
N LEU A 61 -11.81 -4.24 1.02
CA LEU A 61 -12.83 -4.39 -0.06
C LEU A 61 -13.15 -5.87 -0.25
N GLN A 62 -12.42 -6.75 0.39
CA GLN A 62 -12.71 -8.21 0.23
C GLN A 62 -14.22 -8.46 0.39
N GLY A 63 -14.87 -7.65 1.18
CA GLY A 63 -16.34 -7.83 1.37
C GLY A 63 -17.09 -7.26 0.17
N ALA A 64 -16.56 -6.23 -0.44
CA ALA A 64 -17.23 -5.62 -1.62
C ALA A 64 -17.27 -6.63 -2.77
N ILE A 65 -16.20 -7.34 -2.98
CA ILE A 65 -16.16 -8.34 -4.08
C ILE A 65 -16.96 -9.58 -3.67
N SER A 66 -17.37 -9.64 -2.43
CA SER A 66 -18.16 -10.82 -1.97
C SER A 66 -19.65 -10.54 -2.15
N ASP A 67 -20.09 -9.37 -1.80
CA ASP A 67 -21.54 -9.04 -1.95
C ASP A 67 -21.75 -8.27 -3.26
N ALA A 68 -20.82 -8.34 -4.15
CA ALA A 68 -20.96 -7.61 -5.44
C ALA A 68 -22.15 -8.18 -6.23
N ASN A 69 -22.31 -7.79 -7.46
CA ASN A 69 -23.46 -8.31 -8.26
C ASN A 69 -23.23 -7.97 -9.74
N GLY A 70 -22.01 -8.07 -10.20
CA GLY A 70 -21.73 -7.76 -11.63
C GLY A 70 -20.27 -8.07 -11.94
N LYS A 71 -19.70 -7.42 -12.92
CA LYS A 71 -18.28 -7.68 -13.27
C LYS A 71 -17.37 -6.85 -12.36
N ALA A 72 -17.93 -6.25 -11.33
CA ALA A 72 -17.09 -5.44 -10.41
C ALA A 72 -16.55 -6.32 -9.28
N LYS A 73 -17.11 -7.50 -9.12
CA LYS A 73 -16.63 -8.41 -8.04
C LYS A 73 -15.21 -8.90 -8.37
N GLU A 74 -14.96 -9.18 -9.62
CA GLU A 74 -13.60 -9.66 -10.00
C GLU A 74 -12.64 -8.48 -10.05
N ALA A 75 -13.04 -7.39 -10.65
CA ALA A 75 -12.14 -6.21 -10.73
C ALA A 75 -11.83 -5.71 -9.31
N LEU A 76 -12.80 -5.74 -8.44
CA LEU A 76 -12.57 -5.26 -7.05
C LEU A 76 -11.73 -6.30 -6.30
N GLU A 77 -11.75 -7.52 -6.74
CA GLU A 77 -10.96 -8.58 -6.04
C GLU A 77 -9.49 -8.45 -6.42
N GLN A 78 -9.20 -8.23 -7.68
CA GLN A 78 -7.79 -8.10 -8.12
C GLN A 78 -7.26 -6.72 -7.73
N ALA A 79 -8.14 -5.82 -7.33
CA ALA A 79 -7.68 -4.47 -6.93
C ALA A 79 -6.97 -4.53 -5.58
N ARG A 80 -7.58 -5.14 -4.61
CA ARG A 80 -6.93 -5.24 -3.27
C ARG A 80 -5.86 -6.33 -3.30
N GLN A 81 -6.13 -7.41 -3.96
CA GLN A 81 -5.12 -8.52 -4.03
C GLN A 81 -3.88 -8.04 -4.78
N ASN A 82 -4.07 -7.29 -5.84
CA ASN A 82 -2.90 -6.78 -6.62
C ASN A 82 -2.01 -5.95 -5.71
N VAL A 83 -2.59 -5.14 -4.86
CA VAL A 83 -1.78 -4.30 -3.95
C VAL A 83 -1.31 -5.14 -2.76
N GLU A 84 -1.94 -6.26 -2.53
CA GLU A 84 -1.54 -7.12 -1.38
C GLU A 84 -0.28 -7.89 -1.75
N LYS A 85 -0.20 -8.39 -2.95
CA LYS A 85 1.00 -9.15 -3.38
C LYS A 85 2.14 -8.19 -3.69
N THR A 86 1.83 -7.04 -4.24
CA THR A 86 2.91 -6.06 -4.57
C THR A 86 3.60 -5.61 -3.29
N ALA A 87 2.88 -5.52 -2.20
CA ALA A 87 3.51 -5.09 -0.93
C ALA A 87 4.23 -6.26 -0.29
N GLU A 88 3.54 -7.36 -0.08
CA GLU A 88 4.20 -8.55 0.53
C GLU A 88 5.14 -9.20 -0.48
N GLU A 89 5.14 -8.71 -1.69
CA GLU A 89 6.03 -9.30 -2.74
C GLU A 89 7.41 -9.58 -2.14
N LEU A 90 8.03 -8.59 -1.55
CA LEU A 90 9.38 -8.80 -0.95
C LEU A 90 9.24 -9.63 0.34
N ARG A 91 8.10 -9.59 0.96
CA ARG A 91 7.92 -10.37 2.21
C ARG A 91 8.27 -11.84 1.96
N LYS A 92 8.27 -12.25 0.72
CA LYS A 92 8.60 -13.67 0.41
C LYS A 92 10.09 -13.92 0.66
N ALA A 93 10.88 -12.88 0.70
CA ALA A 93 12.33 -13.05 0.94
C ALA A 93 12.65 -12.67 2.39
N HIS A 94 13.91 -12.50 2.70
CA HIS A 94 14.28 -12.13 4.10
C HIS A 94 15.78 -12.36 4.31
N PRO A 95 16.23 -13.56 4.00
CA PRO A 95 17.64 -13.93 4.17
C PRO A 95 18.48 -13.38 3.01
N ASP A 96 18.02 -13.53 1.80
CA ASP A 96 18.79 -13.01 0.64
C ASP A 96 18.89 -11.49 0.72
N VAL A 97 17.79 -10.83 0.98
CA VAL A 97 17.82 -9.34 1.07
C VAL A 97 18.95 -8.89 2.00
N GLU A 98 18.94 -9.34 3.22
CA GLU A 98 20.03 -8.93 4.16
C GLU A 98 21.35 -9.59 3.74
N LYS A 99 21.29 -10.54 2.85
CA LYS A 99 22.53 -11.22 2.39
C LYS A 99 23.24 -10.33 1.36
N GLU A 100 22.58 -10.05 0.27
CA GLU A 100 23.20 -9.20 -0.78
C GLU A 100 23.06 -7.72 -0.39
N ALA A 101 22.00 -7.39 0.30
CA ALA A 101 21.80 -5.97 0.71
C ALA A 101 22.15 -5.04 -0.45
N ASN A 102 21.74 -5.39 -1.64
CA ASN A 102 22.04 -4.53 -2.81
C ASN A 102 20.87 -3.58 -3.08
N ALA A 103 19.74 -4.12 -3.48
CA ALA A 103 18.57 -3.25 -3.75
C ALA A 103 17.41 -3.63 -2.81
N PHE A 104 17.58 -4.68 -2.04
CA PHE A 104 16.51 -5.10 -1.11
C PHE A 104 15.88 -3.88 -0.44
N LYS A 105 16.65 -2.83 -0.27
CA LYS A 105 16.10 -1.61 0.38
C LYS A 105 15.01 -1.01 -0.51
N ASP A 106 15.25 -0.94 -1.79
CA ASP A 106 14.22 -0.37 -2.71
C ASP A 106 13.13 -1.41 -2.96
N LYS A 107 13.33 -2.62 -2.51
CA LYS A 107 12.29 -3.67 -2.72
C LYS A 107 10.99 -3.25 -2.05
N LEU A 108 11.05 -2.89 -0.80
CA LEU A 108 9.81 -2.47 -0.09
C LEU A 108 9.44 -1.04 -0.50
N GLN A 109 10.36 -0.11 -0.35
CA GLN A 109 10.06 1.29 -0.73
C GLN A 109 9.48 1.32 -2.14
N ALA A 110 10.06 0.60 -3.06
CA ALA A 110 9.54 0.58 -4.45
C ALA A 110 8.24 -0.21 -4.49
N ALA A 111 8.04 -1.10 -3.55
CA ALA A 111 6.79 -1.92 -3.54
C ALA A 111 5.63 -1.08 -3.00
N VAL A 112 5.93 -0.06 -2.22
CA VAL A 112 4.85 0.78 -1.66
C VAL A 112 4.31 1.70 -2.76
N GLN A 113 5.16 2.45 -3.41
CA GLN A 113 4.69 3.36 -4.49
C GLN A 113 3.74 2.61 -5.42
N THR A 114 3.97 1.35 -5.65
CA THR A 114 3.08 0.57 -6.54
C THR A 114 1.79 0.21 -5.80
N THR A 115 1.77 0.38 -4.50
CA THR A 115 0.55 0.04 -3.72
C THR A 115 -0.60 0.96 -4.17
N VAL A 116 -0.39 2.24 -4.10
CA VAL A 116 -1.49 3.19 -4.50
C VAL A 116 -1.55 3.25 -6.03
N GLN A 117 -0.48 2.93 -6.70
CA GLN A 117 -0.47 2.98 -8.18
C GLN A 117 -1.70 2.23 -8.72
N GLU A 118 -2.12 1.20 -8.05
CA GLU A 118 -3.32 0.44 -8.51
C GLU A 118 -4.58 1.21 -8.14
N SER A 119 -4.52 2.01 -7.11
CA SER A 119 -5.72 2.79 -6.70
C SER A 119 -6.21 3.63 -7.89
N GLN A 120 -5.38 3.82 -8.87
CA GLN A 120 -5.80 4.62 -10.05
C GLN A 120 -6.74 3.80 -10.92
N LYS A 121 -6.42 2.55 -11.14
CA LYS A 121 -7.29 1.68 -11.98
C LYS A 121 -8.66 1.54 -11.31
N LEU A 122 -8.67 1.15 -10.06
CA LEU A 122 -9.98 0.99 -9.35
C LEU A 122 -10.64 2.35 -9.18
N ALA A 123 -9.86 3.38 -9.01
CA ALA A 123 -10.46 4.75 -8.84
C ALA A 123 -11.41 5.02 -10.00
N LYS A 124 -10.98 4.76 -11.21
CA LYS A 124 -11.86 5.02 -12.38
C LYS A 124 -12.91 3.91 -12.49
N GLU A 125 -12.52 2.68 -12.23
CA GLU A 125 -13.50 1.56 -12.32
C GLU A 125 -14.72 1.87 -11.45
N VAL A 126 -14.51 2.16 -10.20
CA VAL A 126 -15.66 2.47 -9.30
C VAL A 126 -16.21 3.86 -9.65
N ALA A 127 -15.48 4.63 -10.41
CA ALA A 127 -15.96 5.98 -10.77
C ALA A 127 -17.15 5.87 -11.73
N SER A 128 -17.20 4.81 -12.49
CA SER A 128 -18.33 4.63 -13.45
C SER A 128 -19.66 4.83 -12.71
N ASN A 129 -19.70 4.48 -11.45
CA ASN A 129 -20.97 4.66 -10.67
C ASN A 129 -22.01 3.66 -11.17
N MET A 130 -22.52 3.86 -12.36
CA MET A 130 -23.55 2.93 -12.90
C MET A 130 -24.82 3.03 -12.07
N GLU A 131 -24.77 2.66 -10.83
CA GLU A 131 -25.98 2.74 -9.96
C GLU A 131 -26.88 1.53 -10.23
N GLU A 132 -26.46 0.63 -11.07
CA GLU A 132 -27.29 -0.56 -11.38
C GLU A 132 -26.51 -1.83 -11.06
N THR A 133 -25.23 -1.71 -10.82
CA THR A 133 -24.41 -2.91 -10.50
C THR A 133 -23.08 -2.47 -9.89
N ASN A 134 -23.11 -1.51 -9.02
CA ASN A 134 -21.84 -1.04 -8.39
C ASN A 134 -22.15 0.14 -7.46
N LYS A 135 -22.24 -0.09 -6.18
CA LYS A 135 -22.53 1.02 -5.24
C LYS A 135 -22.60 0.47 -3.81
N LYS A 136 -23.03 -0.76 -3.65
CA LYS A 136 -23.11 -1.34 -2.28
C LYS A 136 -21.72 -1.31 -1.63
N LEU A 137 -20.68 -1.49 -2.40
CA LEU A 137 -19.31 -1.48 -1.82
C LEU A 137 -18.84 -0.04 -1.59
N ALA A 138 -19.67 0.93 -1.90
CA ALA A 138 -19.26 2.35 -1.70
C ALA A 138 -18.56 2.51 -0.35
N PRO A 139 -19.23 2.09 0.69
CA PRO A 139 -18.70 2.18 2.06
C PRO A 139 -17.66 1.08 2.33
N LYS A 140 -16.75 0.87 1.43
CA LYS A 140 -15.72 -0.19 1.65
C LYS A 140 -14.36 0.32 1.16
N ILE A 141 -14.34 1.05 0.09
CA ILE A 141 -13.04 1.58 -0.43
C ILE A 141 -12.50 2.63 0.54
N LYS A 142 -13.35 3.50 1.02
CA LYS A 142 -12.88 4.56 1.97
C LYS A 142 -12.12 3.90 3.12
N GLN A 143 -12.38 2.65 3.38
CA GLN A 143 -11.66 1.96 4.50
C GLN A 143 -10.24 1.60 4.05
N ALA A 144 -10.10 1.07 2.86
CA ALA A 144 -8.74 0.70 2.37
C ALA A 144 -7.97 1.98 2.01
N TYR A 145 -8.66 3.01 1.63
CA TYR A 145 -7.97 4.28 1.27
C TYR A 145 -7.21 4.81 2.49
N ASP A 146 -7.86 4.88 3.62
CA ASP A 146 -7.18 5.39 4.84
C ASP A 146 -6.01 4.47 5.20
N ASP A 147 -6.02 3.27 4.68
CA ASP A 147 -4.91 2.33 4.98
C ASP A 147 -3.67 2.69 4.17
N PHE A 148 -3.83 3.54 3.19
CA PHE A 148 -2.66 3.93 2.36
C PHE A 148 -1.79 4.93 3.12
N VAL A 149 -2.37 6.01 3.57
CA VAL A 149 -1.58 7.02 4.33
C VAL A 149 -1.18 6.46 5.69
N LYS A 150 -1.91 5.50 6.18
CA LYS A 150 -1.58 4.91 7.51
C LYS A 150 -0.40 3.94 7.35
N HIS A 151 -0.51 3.01 6.45
CA HIS A 151 0.61 2.03 6.25
C HIS A 151 1.74 2.70 5.46
N ALA A 152 1.43 3.70 4.70
CA ALA A 152 2.49 4.39 3.90
C ALA A 152 3.48 5.07 4.85
N GLU A 153 2.98 5.79 5.81
CA GLU A 153 3.89 6.49 6.77
C GLU A 153 4.44 5.48 7.79
N GLU A 154 3.98 4.26 7.73
CA GLU A 154 4.48 3.23 8.69
C GLU A 154 5.98 3.02 8.47
N VAL A 155 6.39 2.83 7.25
CA VAL A 155 7.84 2.61 6.97
C VAL A 155 8.63 3.84 7.40
N GLN A 156 8.12 5.01 7.14
CA GLN A 156 8.85 6.25 7.54
C GLN A 156 9.00 6.27 9.06
N LYS A 157 8.07 5.68 9.76
CA LYS A 157 8.17 5.66 11.25
C LYS A 157 9.26 4.69 11.66
N LYS A 158 9.36 3.57 10.99
CA LYS A 158 10.41 2.57 11.34
C LYS A 158 11.75 3.04 10.77
N LEU A 159 11.74 3.66 9.62
CA LEU A 159 13.01 4.13 9.02
C LEU A 159 13.75 5.01 10.01
N HIS A 160 13.07 5.96 10.60
CA HIS A 160 13.74 6.85 11.59
C HIS A 160 14.56 6.01 12.57
N GLU A 161 13.99 4.97 13.09
CA GLU A 161 14.75 4.10 14.05
C GLU A 161 15.72 3.22 13.27
N ALA A 162 15.28 2.65 12.18
CA ALA A 162 16.18 1.77 11.38
C ALA A 162 17.53 2.47 11.18
N ALA A 163 17.52 3.66 10.67
CA ALA A 163 18.80 4.40 10.44
C ALA A 163 19.70 4.23 11.67
N THR A 164 19.11 4.01 12.81
CA THR A 164 19.94 3.83 14.05
C THR A 164 19.32 2.74 14.92
N LYS A 165 18.93 1.65 14.34
CA LYS A 165 18.33 0.55 15.14
C LYS A 165 19.27 0.17 16.29
N GLN A 166 18.79 0.26 17.50
CA GLN A 166 19.65 -0.09 18.66
C GLN A 166 20.87 0.83 18.69
N ASP A 1 -20.81 20.89 -12.67
CA ASP A 1 -20.87 20.20 -11.34
C ASP A 1 -21.13 21.24 -10.24
N ALA A 2 -21.70 20.82 -9.14
CA ALA A 2 -21.98 21.78 -8.04
C ALA A 2 -21.20 21.36 -6.79
N PRO A 3 -20.95 22.31 -5.92
CA PRO A 3 -20.22 22.08 -4.67
C PRO A 3 -21.13 21.44 -3.62
N ALA A 4 -21.88 20.44 -3.99
CA ALA A 4 -22.79 19.77 -3.02
C ALA A 4 -22.38 18.31 -2.86
N GLY A 5 -21.79 17.73 -3.87
CA GLY A 5 -21.38 16.31 -3.78
C GLY A 5 -19.95 16.15 -4.33
N GLY A 6 -19.25 15.14 -3.90
CA GLY A 6 -17.87 14.94 -4.41
C GLY A 6 -17.92 14.29 -5.79
N ASN A 7 -19.06 13.82 -6.20
CA ASN A 7 -19.18 13.18 -7.54
C ASN A 7 -18.02 12.20 -7.75
N ALA A 8 -18.23 10.95 -7.46
CA ALA A 8 -17.14 9.95 -7.64
C ALA A 8 -16.10 10.12 -6.53
N PHE A 9 -15.30 9.12 -6.30
CA PHE A 9 -14.27 9.23 -5.22
C PHE A 9 -12.88 9.06 -5.83
N GLU A 10 -12.65 9.64 -6.98
CA GLU A 10 -11.32 9.51 -7.63
C GLU A 10 -10.30 10.38 -6.88
N GLU A 11 -10.77 11.27 -6.05
CA GLU A 11 -9.83 12.15 -5.28
C GLU A 11 -9.23 11.35 -4.13
N MET A 12 -9.91 10.33 -3.67
CA MET A 12 -9.38 9.52 -2.54
C MET A 12 -8.05 8.89 -2.95
N GLU A 13 -7.91 8.55 -4.21
CA GLU A 13 -6.63 7.94 -4.67
C GLU A 13 -5.57 9.03 -4.82
N LYS A 14 -5.99 10.25 -5.04
CA LYS A 14 -5.00 11.36 -5.19
C LYS A 14 -4.39 11.68 -3.83
N HIS A 15 -5.20 11.79 -2.80
CA HIS A 15 -4.65 12.10 -1.45
C HIS A 15 -4.03 10.83 -0.85
N ALA A 16 -4.34 9.69 -1.41
CA ALA A 16 -3.76 8.42 -0.87
C ALA A 16 -2.32 8.26 -1.39
N LYS A 17 -2.14 8.33 -2.68
CA LYS A 17 -0.78 8.18 -3.25
C LYS A 17 0.16 9.23 -2.66
N GLU A 18 -0.27 10.46 -2.59
CA GLU A 18 0.61 11.53 -2.03
C GLU A 18 1.27 11.01 -0.74
N PHE A 19 0.57 10.23 0.03
CA PHE A 19 1.16 9.69 1.28
C PHE A 19 2.27 8.70 0.91
N GLN A 20 2.00 7.80 0.01
CA GLN A 20 3.04 6.82 -0.38
C GLN A 20 4.34 7.56 -0.70
N LYS A 21 4.23 8.82 -1.05
CA LYS A 21 5.46 9.60 -1.37
C LYS A 21 6.16 9.99 -0.06
N THR A 22 5.47 9.90 1.05
CA THR A 22 6.09 10.27 2.35
C THR A 22 7.15 9.22 2.72
N PHE A 23 6.85 7.97 2.49
CA PHE A 23 7.83 6.91 2.83
C PHE A 23 8.93 6.86 1.76
N SER A 24 8.60 7.19 0.55
CA SER A 24 9.62 7.16 -0.54
C SER A 24 10.76 8.12 -0.18
N GLU A 25 10.45 9.23 0.43
CA GLU A 25 11.53 10.19 0.80
C GLU A 25 12.12 9.79 2.16
N GLN A 26 11.34 9.20 3.01
CA GLN A 26 11.85 8.80 4.34
C GLN A 26 12.92 7.72 4.17
N PHE A 27 12.73 6.83 3.22
CA PHE A 27 13.74 5.76 3.00
C PHE A 27 15.13 6.35 3.06
N ASN A 28 15.27 7.61 2.70
CA ASN A 28 16.61 8.25 2.73
C ASN A 28 17.16 8.20 4.16
N SER A 29 16.30 8.10 5.13
CA SER A 29 16.77 8.05 6.54
C SER A 29 17.30 6.65 6.85
N LEU A 30 16.75 5.65 6.23
CA LEU A 30 17.23 4.25 6.48
C LEU A 30 18.62 4.08 5.89
N VAL A 31 18.82 4.52 4.67
CA VAL A 31 20.16 4.36 4.04
C VAL A 31 21.22 5.03 4.92
N ASN A 32 20.80 5.88 5.81
CA ASN A 32 21.79 6.57 6.70
C ASN A 32 22.02 5.72 7.96
N SER A 33 22.68 4.61 7.82
CA SER A 33 22.93 3.74 9.00
C SER A 33 24.30 3.07 8.86
N LYS A 34 24.49 1.95 9.49
CA LYS A 34 25.81 1.26 9.39
C LYS A 34 25.98 0.67 7.99
N ASN A 35 26.84 -0.29 7.83
CA ASN A 35 27.05 -0.90 6.49
C ASN A 35 27.92 -2.14 6.61
N THR A 36 27.46 -3.12 7.36
CA THR A 36 28.27 -4.37 7.52
C THR A 36 27.35 -5.50 7.99
N GLN A 37 26.47 -5.95 7.14
CA GLN A 37 25.55 -7.06 7.54
C GLN A 37 24.69 -6.60 8.72
N ASP A 38 24.64 -5.32 8.98
CA ASP A 38 23.82 -4.81 10.11
C ASP A 38 22.93 -3.66 9.63
N PHE A 39 22.92 -3.40 8.36
CA PHE A 39 22.08 -2.29 7.84
C PHE A 39 20.97 -2.86 6.95
N ASN A 40 20.95 -4.15 6.76
CA ASN A 40 19.90 -4.76 5.90
C ASN A 40 19.01 -5.66 6.76
N LYS A 41 19.57 -6.29 7.76
CA LYS A 41 18.76 -7.19 8.63
C LYS A 41 17.62 -6.37 9.27
N ALA A 42 17.85 -5.11 9.51
CA ALA A 42 16.80 -4.26 10.13
C ALA A 42 15.76 -3.87 9.07
N LEU A 43 16.06 -4.12 7.82
CA LEU A 43 15.10 -3.78 6.74
C LEU A 43 13.92 -4.74 6.78
N LYS A 44 14.18 -6.02 6.91
CA LYS A 44 13.08 -7.01 6.94
C LYS A 44 12.16 -6.71 8.13
N ASP A 45 12.68 -6.14 9.17
CA ASP A 45 11.82 -5.82 10.34
C ASP A 45 11.00 -4.57 10.06
N GLY A 46 11.64 -3.50 9.69
CA GLY A 46 10.90 -2.24 9.40
C GLY A 46 10.23 -2.29 8.03
N SER A 47 10.98 -2.60 7.00
CA SER A 47 10.39 -2.64 5.64
C SER A 47 9.38 -3.78 5.51
N ASP A 48 9.78 -4.99 5.80
CA ASP A 48 8.82 -6.13 5.68
C ASP A 48 7.63 -5.90 6.62
N SER A 49 7.79 -5.03 7.58
CA SER A 49 6.67 -4.77 8.53
C SER A 49 5.63 -3.85 7.89
N VAL A 50 6.04 -2.99 7.00
CA VAL A 50 5.06 -2.06 6.36
C VAL A 50 4.26 -2.81 5.29
N LEU A 51 4.86 -3.73 4.59
CA LEU A 51 4.11 -4.47 3.54
C LEU A 51 2.97 -5.26 4.17
N GLN A 52 3.13 -5.69 5.39
CA GLN A 52 2.04 -6.45 6.07
C GLN A 52 0.98 -5.47 6.54
N GLN A 53 1.34 -4.22 6.69
CA GLN A 53 0.37 -3.20 7.15
C GLN A 53 -0.55 -2.80 5.99
N LEU A 54 0.02 -2.38 4.89
CA LEU A 54 -0.82 -1.98 3.73
C LEU A 54 -1.60 -3.19 3.22
N SER A 55 -1.12 -4.37 3.50
CA SER A 55 -1.84 -5.59 3.03
C SER A 55 -3.29 -5.54 3.50
N ALA A 56 -3.56 -4.77 4.52
CA ALA A 56 -4.95 -4.67 5.04
C ALA A 56 -5.83 -3.99 3.99
N PHE A 57 -5.30 -3.03 3.28
CA PHE A 57 -6.11 -2.33 2.25
C PHE A 57 -6.82 -3.37 1.37
N SER A 58 -6.25 -4.54 1.25
CA SER A 58 -6.89 -5.58 0.41
C SER A 58 -8.05 -6.21 1.18
N SER A 59 -8.03 -6.13 2.49
CA SER A 59 -9.14 -6.73 3.28
C SER A 59 -10.37 -5.83 3.21
N SER A 60 -10.20 -4.60 2.81
CA SER A 60 -11.37 -3.68 2.73
C SER A 60 -12.18 -3.99 1.46
N LEU A 61 -11.52 -4.21 0.36
CA LEU A 61 -12.25 -4.52 -0.89
C LEU A 61 -12.79 -5.95 -0.83
N GLN A 62 -11.94 -6.89 -0.50
CA GLN A 62 -12.40 -8.31 -0.42
C GLN A 62 -13.51 -8.42 0.62
N GLY A 63 -13.68 -7.43 1.44
CA GLY A 63 -14.75 -7.49 2.48
C GLY A 63 -16.10 -7.12 1.85
N ALA A 64 -16.17 -5.99 1.20
CA ALA A 64 -17.46 -5.58 0.58
C ALA A 64 -17.70 -6.43 -0.68
N ILE A 65 -16.75 -6.52 -1.55
CA ILE A 65 -16.94 -7.32 -2.79
C ILE A 65 -17.39 -8.74 -2.39
N SER A 66 -17.15 -9.14 -1.18
CA SER A 66 -17.57 -10.50 -0.75
C SER A 66 -19.08 -10.62 -0.80
N ASP A 67 -19.77 -9.50 -0.86
CA ASP A 67 -21.26 -9.54 -0.91
C ASP A 67 -21.75 -8.69 -2.08
N ALA A 68 -20.99 -8.61 -3.14
CA ALA A 68 -21.41 -7.79 -4.31
C ALA A 68 -22.41 -8.58 -5.15
N ASN A 69 -22.73 -8.10 -6.32
CA ASN A 69 -23.70 -8.82 -7.19
C ASN A 69 -23.47 -8.43 -8.65
N GLY A 70 -22.31 -7.94 -8.97
CA GLY A 70 -22.03 -7.53 -10.37
C GLY A 70 -20.54 -7.65 -10.65
N LYS A 71 -20.14 -7.60 -11.90
CA LYS A 71 -18.71 -7.73 -12.24
C LYS A 71 -17.89 -6.84 -11.29
N ALA A 72 -18.48 -5.81 -10.76
CA ALA A 72 -17.73 -4.92 -9.84
C ALA A 72 -17.01 -5.75 -8.78
N LYS A 73 -17.50 -6.94 -8.51
CA LYS A 73 -16.83 -7.80 -7.50
C LYS A 73 -15.59 -8.44 -8.11
N GLU A 74 -15.59 -8.65 -9.40
CA GLU A 74 -14.40 -9.28 -10.04
C GLU A 74 -13.29 -8.24 -10.20
N ALA A 75 -13.58 -7.12 -10.83
CA ALA A 75 -12.55 -6.08 -11.01
C ALA A 75 -12.05 -5.60 -9.65
N LEU A 76 -12.90 -5.63 -8.65
CA LEU A 76 -12.48 -5.17 -7.30
C LEU A 76 -11.62 -6.26 -6.64
N GLU A 77 -11.76 -7.48 -7.07
CA GLU A 77 -10.95 -8.58 -6.46
C GLU A 77 -9.52 -8.54 -7.00
N GLN A 78 -9.35 -8.07 -8.21
CA GLN A 78 -7.98 -8.00 -8.80
C GLN A 78 -7.19 -6.87 -8.13
N ALA A 79 -7.75 -5.70 -8.07
CA ALA A 79 -7.03 -4.56 -7.43
C ALA A 79 -6.89 -4.81 -5.93
N ARG A 80 -7.62 -5.76 -5.41
CA ARG A 80 -7.53 -6.05 -3.95
C ARG A 80 -6.25 -6.84 -3.66
N GLN A 81 -6.05 -7.95 -4.32
CA GLN A 81 -4.83 -8.75 -4.08
C GLN A 81 -3.63 -8.10 -4.80
N ASN A 82 -3.84 -7.61 -5.99
CA ASN A 82 -2.72 -6.97 -6.73
C ASN A 82 -1.93 -6.06 -5.78
N VAL A 83 -2.60 -5.38 -4.90
CA VAL A 83 -1.89 -4.48 -3.96
C VAL A 83 -1.29 -5.29 -2.81
N GLU A 84 -1.91 -6.38 -2.45
CA GLU A 84 -1.38 -7.21 -1.34
C GLU A 84 -0.20 -8.04 -1.83
N LYS A 85 -0.20 -8.40 -3.09
CA LYS A 85 0.93 -9.22 -3.63
C LYS A 85 2.15 -8.33 -3.88
N THR A 86 1.94 -7.17 -4.44
CA THR A 86 3.10 -6.26 -4.71
C THR A 86 3.71 -5.78 -3.38
N ALA A 87 2.91 -5.63 -2.37
CA ALA A 87 3.45 -5.17 -1.06
C ALA A 87 4.10 -6.35 -0.33
N GLU A 88 3.36 -7.40 -0.12
CA GLU A 88 3.92 -8.58 0.60
C GLU A 88 4.91 -9.31 -0.31
N GLU A 89 5.04 -8.87 -1.53
CA GLU A 89 5.99 -9.54 -2.47
C GLU A 89 7.30 -9.88 -1.74
N LEU A 90 7.92 -8.90 -1.13
CA LEU A 90 9.19 -9.17 -0.41
C LEU A 90 8.89 -9.73 0.98
N ARG A 91 7.66 -9.65 1.41
CA ARG A 91 7.31 -10.19 2.76
C ARG A 91 7.90 -11.59 2.92
N LYS A 92 7.93 -12.35 1.86
CA LYS A 92 8.49 -13.73 1.94
C LYS A 92 10.02 -13.66 1.95
N ALA A 93 10.58 -12.71 1.26
CA ALA A 93 12.07 -12.58 1.23
C ALA A 93 12.57 -12.19 2.62
N HIS A 94 12.51 -13.09 3.57
CA HIS A 94 12.99 -12.76 4.93
C HIS A 94 14.52 -12.91 5.02
N PRO A 95 15.04 -14.00 4.49
CA PRO A 95 16.50 -14.26 4.51
C PRO A 95 17.20 -13.48 3.40
N ASP A 96 16.68 -13.55 2.20
CA ASP A 96 17.31 -12.82 1.06
C ASP A 96 17.79 -11.44 1.51
N VAL A 97 16.93 -10.67 2.13
CA VAL A 97 17.34 -9.31 2.59
C VAL A 97 18.64 -9.39 3.39
N GLU A 98 18.66 -10.18 4.43
CA GLU A 98 19.89 -10.29 5.25
C GLU A 98 20.89 -11.23 4.59
N LYS A 99 20.46 -11.95 3.59
CA LYS A 99 21.39 -12.90 2.90
C LYS A 99 22.25 -12.14 1.90
N GLU A 100 21.65 -11.49 0.95
CA GLU A 100 22.44 -10.73 -0.06
C GLU A 100 22.81 -9.36 0.50
N ALA A 101 21.94 -8.76 1.27
CA ALA A 101 22.24 -7.42 1.85
C ALA A 101 22.90 -6.54 0.79
N ASN A 102 22.61 -6.79 -0.46
CA ASN A 102 23.22 -5.97 -1.54
C ASN A 102 22.38 -4.72 -1.78
N ALA A 103 21.09 -4.88 -1.87
CA ALA A 103 20.21 -3.69 -2.10
C ALA A 103 18.74 -4.13 -2.05
N PHE A 104 18.39 -4.96 -1.11
CA PHE A 104 16.97 -5.41 -1.02
C PHE A 104 16.11 -4.26 -0.52
N LYS A 105 16.73 -3.21 -0.06
CA LYS A 105 15.94 -2.05 0.44
C LYS A 105 15.05 -1.50 -0.68
N ASP A 106 15.59 -1.40 -1.86
CA ASP A 106 14.78 -0.88 -3.00
C ASP A 106 13.67 -1.88 -3.34
N LYS A 107 13.83 -3.12 -2.95
CA LYS A 107 12.79 -4.13 -3.25
C LYS A 107 11.45 -3.67 -2.65
N LEU A 108 11.44 -3.38 -1.38
CA LEU A 108 10.18 -2.92 -0.73
C LEU A 108 9.85 -1.50 -1.20
N GLN A 109 10.78 -0.60 -1.08
CA GLN A 109 10.52 0.80 -1.52
C GLN A 109 9.84 0.79 -2.88
N ALA A 110 10.22 -0.12 -3.74
CA ALA A 110 9.58 -0.19 -5.08
C ALA A 110 8.20 -0.82 -4.96
N ALA A 111 7.99 -1.63 -3.96
CA ALA A 111 6.66 -2.29 -3.78
C ALA A 111 5.67 -1.28 -3.21
N VAL A 112 6.00 -0.68 -2.08
CA VAL A 112 5.07 0.31 -1.47
C VAL A 112 4.64 1.33 -2.52
N GLN A 113 5.56 1.73 -3.37
CA GLN A 113 5.20 2.73 -4.41
C GLN A 113 4.24 2.11 -5.42
N THR A 114 4.26 0.81 -5.56
CA THR A 114 3.33 0.15 -6.53
C THR A 114 1.90 0.17 -5.96
N THR A 115 1.75 0.60 -4.74
CA THR A 115 0.38 0.65 -4.14
C THR A 115 -0.33 1.89 -4.67
N VAL A 116 0.42 2.85 -5.14
CA VAL A 116 -0.18 4.10 -5.67
C VAL A 116 -0.76 3.83 -7.05
N GLN A 117 -0.14 2.97 -7.82
CA GLN A 117 -0.66 2.67 -9.19
C GLN A 117 -1.95 1.86 -9.08
N GLU A 118 -2.10 1.11 -8.02
CA GLU A 118 -3.33 0.29 -7.85
C GLU A 118 -4.53 1.22 -7.61
N SER A 119 -4.41 2.12 -6.67
CA SER A 119 -5.55 3.05 -6.39
C SER A 119 -6.00 3.70 -7.70
N GLN A 120 -5.16 3.73 -8.69
CA GLN A 120 -5.56 4.34 -9.98
C GLN A 120 -6.56 3.42 -10.70
N LYS A 121 -6.24 2.16 -10.81
CA LYS A 121 -7.17 1.22 -11.49
C LYS A 121 -8.45 1.08 -10.67
N LEU A 122 -8.34 1.06 -9.37
CA LEU A 122 -9.54 0.93 -8.51
C LEU A 122 -10.25 2.28 -8.44
N ALA A 123 -9.56 3.35 -8.72
CA ALA A 123 -10.20 4.69 -8.66
C ALA A 123 -11.22 4.82 -9.79
N LYS A 124 -10.84 4.49 -10.99
CA LYS A 124 -11.80 4.59 -12.13
C LYS A 124 -12.78 3.42 -12.08
N GLU A 125 -12.36 2.32 -11.51
CA GLU A 125 -13.26 1.14 -11.42
C GLU A 125 -14.52 1.51 -10.64
N VAL A 126 -14.36 2.19 -9.53
CA VAL A 126 -15.54 2.59 -8.72
C VAL A 126 -16.25 3.77 -9.38
N ALA A 127 -15.53 4.55 -10.15
CA ALA A 127 -16.15 5.72 -10.82
C ALA A 127 -17.01 5.24 -12.00
N SER A 128 -16.64 4.14 -12.60
CA SER A 128 -17.42 3.62 -13.75
C SER A 128 -18.83 3.22 -13.28
N ASN A 129 -18.91 2.39 -12.28
CA ASN A 129 -20.24 1.97 -11.77
C ASN A 129 -20.64 2.84 -10.58
N MET A 130 -20.31 4.10 -10.64
CA MET A 130 -20.67 5.01 -9.51
C MET A 130 -22.19 5.13 -9.42
N GLU A 131 -22.88 4.87 -10.49
CA GLU A 131 -24.37 4.97 -10.47
C GLU A 131 -24.98 3.70 -11.07
N GLU A 132 -24.30 2.59 -10.98
CA GLU A 132 -24.84 1.33 -11.55
C GLU A 132 -25.13 0.34 -10.42
N THR A 133 -24.39 0.42 -9.34
CA THR A 133 -24.61 -0.51 -8.20
C THR A 133 -23.43 -0.43 -7.24
N ASN A 134 -22.93 0.74 -6.99
CA ASN A 134 -21.77 0.87 -6.06
C ASN A 134 -22.27 1.34 -4.70
N LYS A 135 -23.42 0.90 -4.28
CA LYS A 135 -23.96 1.32 -2.96
C LYS A 135 -23.20 0.59 -1.85
N LYS A 136 -22.96 -0.68 -2.02
CA LYS A 136 -22.22 -1.45 -0.98
C LYS A 136 -20.73 -1.14 -1.08
N LEU A 137 -20.30 -0.59 -2.18
CA LEU A 137 -18.85 -0.26 -2.32
C LEU A 137 -18.55 1.04 -1.56
N ALA A 138 -19.55 1.78 -1.21
CA ALA A 138 -19.31 3.06 -0.48
C ALA A 138 -18.59 2.77 0.85
N PRO A 139 -19.18 1.90 1.64
CA PRO A 139 -18.61 1.51 2.94
C PRO A 139 -17.45 0.53 2.75
N LYS A 140 -16.56 0.81 1.85
CA LYS A 140 -15.41 -0.12 1.62
C LYS A 140 -14.21 0.67 1.11
N ILE A 141 -14.43 1.54 0.16
CA ILE A 141 -13.30 2.34 -0.39
C ILE A 141 -12.74 3.25 0.72
N LYS A 142 -13.60 3.83 1.51
CA LYS A 142 -13.12 4.72 2.61
C LYS A 142 -12.26 3.91 3.57
N GLN A 143 -12.60 2.68 3.80
CA GLN A 143 -11.79 1.84 4.74
C GLN A 143 -10.43 1.56 4.10
N ALA A 144 -10.42 1.19 2.85
CA ALA A 144 -9.12 0.89 2.18
C ALA A 144 -8.21 2.12 2.26
N TYR A 145 -8.72 3.26 1.91
CA TYR A 145 -7.88 4.50 1.97
C TYR A 145 -7.26 4.64 3.36
N ASP A 146 -8.07 4.53 4.39
CA ASP A 146 -7.52 4.65 5.78
C ASP A 146 -6.21 3.87 5.88
N ASP A 147 -6.05 2.87 5.07
CA ASP A 147 -4.78 2.06 5.11
C ASP A 147 -3.66 2.81 4.40
N PHE A 148 -3.94 3.46 3.31
CA PHE A 148 -2.86 4.19 2.58
C PHE A 148 -2.11 5.13 3.55
N VAL A 149 -2.84 5.89 4.32
CA VAL A 149 -2.16 6.81 5.28
C VAL A 149 -1.74 6.04 6.52
N LYS A 150 -2.37 4.92 6.78
CA LYS A 150 -2.01 4.12 7.98
C LYS A 150 -0.72 3.32 7.70
N HIS A 151 -0.67 2.61 6.60
CA HIS A 151 0.55 1.81 6.30
C HIS A 151 1.66 2.72 5.75
N ALA A 152 1.33 3.60 4.85
CA ALA A 152 2.37 4.50 4.26
C ALA A 152 3.19 5.14 5.39
N GLU A 153 2.54 5.75 6.33
CA GLU A 153 3.29 6.40 7.45
C GLU A 153 3.81 5.33 8.42
N GLU A 154 3.47 4.09 8.19
CA GLU A 154 3.95 3.02 9.11
C GLU A 154 5.43 2.75 8.86
N VAL A 155 5.87 2.79 7.63
CA VAL A 155 7.30 2.53 7.34
C VAL A 155 8.13 3.76 7.72
N GLN A 156 7.71 4.93 7.31
CA GLN A 156 8.47 6.16 7.66
C GLN A 156 8.63 6.26 9.17
N LYS A 157 7.74 5.66 9.92
CA LYS A 157 7.84 5.72 11.39
C LYS A 157 9.04 4.89 11.85
N LYS A 158 9.23 3.73 11.29
CA LYS A 158 10.39 2.88 11.69
C LYS A 158 11.67 3.42 11.04
N LEU A 159 11.59 3.85 9.81
CA LEU A 159 12.79 4.38 9.12
C LEU A 159 13.49 5.39 10.03
N HIS A 160 12.75 6.26 10.65
CA HIS A 160 13.39 7.27 11.55
C HIS A 160 14.38 6.56 12.49
N GLU A 161 13.96 5.51 13.12
CA GLU A 161 14.87 4.78 14.05
C GLU A 161 15.86 3.94 13.23
N ALA A 162 15.44 3.42 12.12
CA ALA A 162 16.35 2.59 11.28
C ALA A 162 17.65 3.38 11.02
N ALA A 163 17.53 4.64 10.75
CA ALA A 163 18.75 5.46 10.48
C ALA A 163 19.83 5.11 11.51
N THR A 164 19.44 4.72 12.69
CA THR A 164 20.44 4.36 13.73
C THR A 164 19.72 3.83 14.98
N LYS A 165 18.97 2.77 14.82
CA LYS A 165 18.25 2.20 15.99
C LYS A 165 19.26 1.80 17.07
N GLN A 166 20.43 1.39 16.68
CA GLN A 166 21.45 0.99 17.68
C GLN A 166 20.86 -0.09 18.61
N ASP A 1 -23.51 24.64 -8.09
CA ASP A 1 -24.50 24.30 -9.16
C ASP A 1 -25.00 22.87 -8.95
N ALA A 2 -24.23 21.89 -9.37
CA ALA A 2 -24.67 20.47 -9.19
C ALA A 2 -23.46 19.61 -8.84
N PRO A 3 -23.73 18.40 -8.41
CA PRO A 3 -22.68 17.44 -8.03
C PRO A 3 -22.05 16.80 -9.27
N ALA A 4 -21.73 17.59 -10.25
CA ALA A 4 -21.12 17.02 -11.49
C ALA A 4 -19.61 16.87 -11.29
N GLY A 5 -19.05 15.78 -11.73
CA GLY A 5 -17.58 15.58 -11.57
C GLY A 5 -17.19 14.21 -12.12
N GLY A 6 -15.97 14.08 -12.58
CA GLY A 6 -15.53 12.76 -13.14
C GLY A 6 -14.57 12.10 -12.16
N ASN A 7 -14.48 12.60 -10.96
CA ASN A 7 -13.55 11.99 -9.95
C ASN A 7 -14.32 10.98 -9.11
N ALA A 8 -15.39 11.38 -8.49
CA ALA A 8 -16.18 10.44 -7.65
C ALA A 8 -15.27 9.84 -6.57
N PHE A 9 -14.64 8.74 -6.87
CA PHE A 9 -13.74 8.10 -5.87
C PHE A 9 -12.29 8.23 -6.33
N GLU A 10 -12.05 8.96 -7.37
CA GLU A 10 -10.65 9.13 -7.87
C GLU A 10 -9.87 10.03 -6.91
N GLU A 11 -10.55 10.91 -6.24
CA GLU A 11 -9.85 11.82 -5.29
C GLU A 11 -9.48 11.06 -4.01
N MET A 12 -10.00 9.88 -3.85
CA MET A 12 -9.69 9.08 -2.64
C MET A 12 -8.26 8.56 -2.72
N GLU A 13 -7.93 7.87 -3.78
CA GLU A 13 -6.55 7.34 -3.92
C GLU A 13 -5.60 8.46 -4.36
N LYS A 14 -6.14 9.48 -4.98
CA LYS A 14 -5.27 10.61 -5.44
C LYS A 14 -4.62 11.29 -4.23
N HIS A 15 -5.39 11.54 -3.20
CA HIS A 15 -4.80 12.21 -2.00
C HIS A 15 -4.03 11.18 -1.17
N ALA A 16 -4.31 9.92 -1.36
CA ALA A 16 -3.60 8.86 -0.58
C ALA A 16 -2.20 8.65 -1.18
N LYS A 17 -2.13 8.42 -2.45
CA LYS A 17 -0.81 8.18 -3.10
C LYS A 17 0.14 9.35 -2.79
N GLU A 18 -0.33 10.56 -2.89
CA GLU A 18 0.55 11.72 -2.59
C GLU A 18 1.17 11.55 -1.20
N PHE A 19 0.48 10.85 -0.33
CA PHE A 19 1.03 10.65 1.04
C PHE A 19 2.10 9.56 1.00
N GLN A 20 2.03 8.68 0.05
CA GLN A 20 3.05 7.59 -0.05
C GLN A 20 4.37 8.20 -0.53
N LYS A 21 4.35 9.41 -1.00
CA LYS A 21 5.60 10.05 -1.49
C LYS A 21 6.44 10.52 -0.30
N THR A 22 5.80 11.02 0.72
CA THR A 22 6.57 11.48 1.91
C THR A 22 7.25 10.29 2.58
N PHE A 23 6.58 9.17 2.62
CA PHE A 23 7.18 7.96 3.26
C PHE A 23 8.19 7.32 2.30
N SER A 24 7.96 7.44 1.02
CA SER A 24 8.90 6.84 0.03
C SER A 24 10.27 7.50 0.17
N GLU A 25 10.31 8.76 0.52
CA GLU A 25 11.61 9.45 0.68
C GLU A 25 12.16 9.19 2.08
N GLN A 26 11.31 9.09 3.06
CA GLN A 26 11.78 8.82 4.44
C GLN A 26 12.78 7.65 4.42
N PHE A 27 12.50 6.64 3.65
CA PHE A 27 13.42 5.47 3.58
C PHE A 27 14.86 5.97 3.48
N ASN A 28 15.07 7.09 2.83
CA ASN A 28 16.46 7.63 2.70
C ASN A 28 17.11 7.69 4.08
N SER A 29 16.32 7.73 5.12
CA SER A 29 16.89 7.80 6.49
C SER A 29 17.53 6.46 6.84
N LEU A 30 17.13 5.40 6.18
CA LEU A 30 17.71 4.07 6.47
C LEU A 30 19.19 4.06 6.05
N VAL A 31 19.51 4.71 4.97
CA VAL A 31 20.93 4.73 4.51
C VAL A 31 21.85 4.97 5.71
N ASN A 32 21.37 5.64 6.72
CA ASN A 32 22.22 5.90 7.90
C ASN A 32 22.14 4.71 8.87
N SER A 33 22.67 3.59 8.49
CA SER A 33 22.61 2.40 9.38
C SER A 33 24.04 1.91 9.66
N LYS A 34 24.17 0.86 10.42
CA LYS A 34 25.54 0.33 10.73
C LYS A 34 26.06 -0.47 9.54
N ASN A 35 27.10 -1.24 9.74
CA ASN A 35 27.65 -2.05 8.61
C ASN A 35 28.49 -3.19 9.18
N THR A 36 27.95 -4.39 9.19
CA THR A 36 28.73 -5.54 9.73
C THR A 36 27.95 -6.83 9.46
N GLN A 37 27.23 -6.89 8.38
CA GLN A 37 26.45 -8.13 8.07
C GLN A 37 25.38 -8.34 9.14
N ASP A 38 25.15 -7.36 9.97
CA ASP A 38 24.13 -7.50 11.04
C ASP A 38 23.27 -6.24 11.10
N PHE A 39 23.24 -5.49 10.03
CA PHE A 39 22.42 -4.24 10.01
C PHE A 39 21.23 -4.42 9.08
N ASN A 40 21.37 -5.25 8.07
CA ASN A 40 20.24 -5.46 7.12
C ASN A 40 19.08 -6.15 7.85
N LYS A 41 19.38 -7.00 8.79
CA LYS A 41 18.30 -7.69 9.53
C LYS A 41 17.21 -6.68 9.92
N ALA A 42 17.59 -5.45 10.12
CA ALA A 42 16.58 -4.41 10.50
C ALA A 42 15.77 -4.03 9.27
N LEU A 43 16.35 -4.12 8.10
CA LEU A 43 15.60 -3.76 6.87
C LEU A 43 14.35 -4.63 6.76
N LYS A 44 14.51 -5.92 6.79
CA LYS A 44 13.33 -6.82 6.68
C LYS A 44 12.40 -6.58 7.87
N ASP A 45 12.87 -5.94 8.90
CA ASP A 45 12.01 -5.68 10.07
C ASP A 45 11.08 -4.50 9.78
N GLY A 46 11.63 -3.38 9.37
CA GLY A 46 10.78 -2.20 9.06
C GLY A 46 10.12 -2.38 7.69
N SER A 47 10.89 -2.71 6.69
CA SER A 47 10.31 -2.88 5.33
C SER A 47 9.27 -4.01 5.33
N ASP A 48 9.67 -5.18 5.76
CA ASP A 48 8.70 -6.32 5.78
C ASP A 48 7.60 -6.05 6.81
N SER A 49 7.80 -5.06 7.65
CA SER A 49 6.77 -4.75 8.67
C SER A 49 5.61 -3.98 8.03
N VAL A 50 5.89 -3.18 7.04
CA VAL A 50 4.80 -2.41 6.37
C VAL A 50 4.06 -3.30 5.38
N LEU A 51 4.62 -4.43 5.05
CA LEU A 51 3.94 -5.33 4.08
C LEU A 51 2.71 -5.96 4.74
N GLN A 52 2.89 -6.58 5.86
CA GLN A 52 1.71 -7.19 6.56
C GLN A 52 0.85 -6.07 7.12
N GLN A 53 1.41 -4.91 7.30
CA GLN A 53 0.62 -3.76 7.84
C GLN A 53 -0.26 -3.18 6.73
N LEU A 54 0.33 -2.89 5.60
CA LEU A 54 -0.48 -2.32 4.47
C LEU A 54 -1.32 -3.42 3.85
N SER A 55 -0.84 -4.63 3.84
CA SER A 55 -1.62 -5.75 3.24
C SER A 55 -3.06 -5.67 3.73
N ALA A 56 -3.27 -5.08 4.88
CA ALA A 56 -4.66 -4.97 5.43
C ALA A 56 -5.57 -4.31 4.39
N PHE A 57 -5.08 -3.28 3.73
CA PHE A 57 -5.92 -2.59 2.71
C PHE A 57 -6.64 -3.63 1.85
N SER A 58 -5.93 -4.64 1.41
CA SER A 58 -6.58 -5.69 0.58
C SER A 58 -7.83 -6.21 1.29
N SER A 59 -7.83 -6.19 2.59
CA SER A 59 -9.01 -6.68 3.36
C SER A 59 -10.17 -5.70 3.18
N SER A 60 -9.88 -4.46 2.87
CA SER A 60 -10.95 -3.47 2.68
C SER A 60 -11.67 -3.73 1.36
N LEU A 61 -10.96 -4.19 0.36
CA LEU A 61 -11.60 -4.48 -0.94
C LEU A 61 -12.48 -5.72 -0.82
N GLN A 62 -12.02 -6.72 -0.13
CA GLN A 62 -12.82 -7.96 0.03
C GLN A 62 -14.22 -7.60 0.53
N GLY A 63 -14.35 -6.48 1.19
CA GLY A 63 -15.70 -6.07 1.71
C GLY A 63 -16.62 -5.76 0.53
N ALA A 64 -16.08 -5.28 -0.56
CA ALA A 64 -16.93 -4.97 -1.73
C ALA A 64 -17.32 -6.26 -2.44
N ILE A 65 -16.38 -7.10 -2.75
CA ILE A 65 -16.70 -8.38 -3.44
C ILE A 65 -17.58 -9.24 -2.52
N SER A 66 -17.35 -9.20 -1.25
CA SER A 66 -18.17 -10.01 -0.31
C SER A 66 -19.61 -9.49 -0.31
N ASP A 67 -19.81 -8.27 -0.74
CA ASP A 67 -21.20 -7.72 -0.77
C ASP A 67 -21.57 -7.38 -2.22
N ALA A 68 -20.89 -7.96 -3.17
CA ALA A 68 -21.22 -7.66 -4.60
C ALA A 68 -22.18 -8.72 -5.13
N ASN A 69 -22.50 -8.66 -6.39
CA ASN A 69 -23.44 -9.65 -6.98
C ASN A 69 -23.46 -9.52 -8.50
N GLY A 70 -22.33 -9.22 -9.09
CA GLY A 70 -22.28 -9.07 -10.58
C GLY A 70 -20.83 -9.20 -11.05
N LYS A 71 -20.45 -8.44 -12.03
CA LYS A 71 -19.05 -8.51 -12.54
C LYS A 71 -18.15 -7.60 -11.71
N ALA A 72 -18.73 -6.61 -11.06
CA ALA A 72 -17.91 -5.69 -10.23
C ALA A 72 -17.26 -6.48 -9.09
N LYS A 73 -17.72 -7.67 -8.84
CA LYS A 73 -17.13 -8.48 -7.74
C LYS A 73 -15.79 -9.06 -8.20
N GLU A 74 -15.64 -9.28 -9.48
CA GLU A 74 -14.35 -9.85 -9.99
C GLU A 74 -13.29 -8.76 -9.98
N ALA A 75 -13.55 -7.65 -10.62
CA ALA A 75 -12.54 -6.55 -10.66
C ALA A 75 -12.32 -6.01 -9.25
N LEU A 76 -13.15 -6.40 -8.31
CA LEU A 76 -12.99 -5.91 -6.92
C LEU A 76 -11.85 -6.65 -6.24
N GLU A 77 -11.89 -7.95 -6.23
CA GLU A 77 -10.81 -8.74 -5.59
C GLU A 77 -9.52 -8.59 -6.39
N GLN A 78 -9.62 -8.26 -7.65
CA GLN A 78 -8.40 -8.10 -8.48
C GLN A 78 -7.48 -7.07 -7.83
N ALA A 79 -8.00 -5.94 -7.46
CA ALA A 79 -7.15 -4.90 -6.83
C ALA A 79 -6.88 -5.27 -5.37
N ARG A 80 -7.55 -6.27 -4.87
CA ARG A 80 -7.34 -6.68 -3.45
C ARG A 80 -5.98 -7.40 -3.32
N GLN A 81 -5.75 -8.39 -4.13
CA GLN A 81 -4.46 -9.13 -4.05
C GLN A 81 -3.37 -8.31 -4.74
N ASN A 82 -3.66 -7.75 -5.88
CA ASN A 82 -2.64 -6.93 -6.60
C ASN A 82 -1.91 -6.03 -5.61
N VAL A 83 -2.63 -5.40 -4.72
CA VAL A 83 -1.98 -4.50 -3.74
C VAL A 83 -1.39 -5.33 -2.59
N GLU A 84 -1.90 -6.51 -2.39
CA GLU A 84 -1.38 -7.36 -1.28
C GLU A 84 -0.05 -7.99 -1.70
N LYS A 85 0.03 -8.49 -2.90
CA LYS A 85 1.29 -9.12 -3.37
C LYS A 85 2.34 -8.03 -3.62
N THR A 86 1.93 -6.87 -4.04
CA THR A 86 2.90 -5.78 -4.30
C THR A 86 3.65 -5.43 -3.01
N ALA A 87 2.96 -5.44 -1.90
CA ALA A 87 3.64 -5.10 -0.62
C ALA A 87 4.40 -6.32 -0.10
N GLU A 88 3.73 -7.44 0.05
CA GLU A 88 4.43 -8.66 0.54
C GLU A 88 5.35 -9.20 -0.55
N GLU A 89 5.33 -8.61 -1.71
CA GLU A 89 6.20 -9.08 -2.81
C GLU A 89 7.60 -9.39 -2.27
N LEU A 90 8.22 -8.44 -1.62
CA LEU A 90 9.58 -8.66 -1.08
C LEU A 90 9.48 -9.43 0.25
N ARG A 91 8.32 -9.46 0.85
CA ARG A 91 8.17 -10.18 2.14
C ARG A 91 8.56 -11.65 1.95
N LYS A 92 8.49 -12.13 0.73
CA LYS A 92 8.86 -13.55 0.48
C LYS A 92 10.37 -13.70 0.46
N ALA A 93 11.08 -12.61 0.45
CA ALA A 93 12.58 -12.69 0.43
C ALA A 93 13.15 -12.07 1.70
N HIS A 94 13.05 -12.77 2.80
CA HIS A 94 13.58 -12.22 4.08
C HIS A 94 15.11 -12.43 4.16
N PRO A 95 15.55 -13.62 3.84
CA PRO A 95 17.00 -13.96 3.88
C PRO A 95 17.69 -13.44 2.62
N ASP A 96 16.99 -12.70 1.79
CA ASP A 96 17.61 -12.17 0.56
C ASP A 96 18.43 -10.91 0.88
N VAL A 97 17.81 -9.93 1.48
CA VAL A 97 18.55 -8.68 1.83
C VAL A 97 19.48 -8.94 3.02
N GLU A 98 19.09 -9.83 3.91
CA GLU A 98 19.95 -10.12 5.09
C GLU A 98 21.24 -10.81 4.63
N LYS A 99 21.19 -11.51 3.53
CA LYS A 99 22.41 -12.21 3.03
C LYS A 99 23.31 -11.21 2.29
N GLU A 100 22.81 -10.62 1.24
CA GLU A 100 23.64 -9.65 0.47
C GLU A 100 23.51 -8.26 1.10
N ALA A 101 22.36 -7.92 1.59
CA ALA A 101 22.17 -6.58 2.21
C ALA A 101 22.85 -5.51 1.35
N ASN A 102 22.99 -5.75 0.08
CA ASN A 102 23.64 -4.76 -0.82
C ASN A 102 22.74 -3.53 -0.96
N ALA A 103 21.54 -3.72 -1.43
CA ALA A 103 20.62 -2.56 -1.61
C ALA A 103 19.23 -3.06 -2.00
N PHE A 104 18.77 -4.11 -1.36
CA PHE A 104 17.42 -4.65 -1.69
C PHE A 104 16.34 -3.76 -1.06
N LYS A 105 16.74 -2.82 -0.24
CA LYS A 105 15.74 -1.92 0.41
C LYS A 105 14.82 -1.32 -0.68
N ASP A 106 15.35 -1.10 -1.85
CA ASP A 106 14.51 -0.52 -2.93
C ASP A 106 13.31 -1.43 -3.19
N LYS A 107 13.40 -2.67 -2.80
CA LYS A 107 12.27 -3.62 -3.02
C LYS A 107 11.03 -3.08 -2.29
N LEU A 108 11.17 -2.73 -1.05
CA LEU A 108 9.99 -2.20 -0.29
C LEU A 108 9.74 -0.75 -0.70
N GLN A 109 10.74 0.09 -0.59
CA GLN A 109 10.55 1.52 -0.96
C GLN A 109 9.76 1.60 -2.27
N ALA A 110 10.11 0.80 -3.24
CA ALA A 110 9.39 0.84 -4.53
C ALA A 110 8.05 0.10 -4.39
N ALA A 111 7.95 -0.78 -3.44
CA ALA A 111 6.67 -1.53 -3.26
C ALA A 111 5.63 -0.61 -2.59
N VAL A 112 6.07 0.49 -2.04
CA VAL A 112 5.11 1.42 -1.37
C VAL A 112 4.32 2.19 -2.44
N GLN A 113 5.00 2.77 -3.39
CA GLN A 113 4.29 3.54 -4.45
C GLN A 113 3.46 2.57 -5.31
N THR A 114 3.84 1.33 -5.34
CA THR A 114 3.07 0.35 -6.16
C THR A 114 1.79 -0.04 -5.43
N THR A 115 1.67 0.32 -4.18
CA THR A 115 0.44 -0.03 -3.41
C THR A 115 -0.73 0.83 -3.90
N VAL A 116 -0.57 2.13 -3.88
CA VAL A 116 -1.67 3.01 -4.34
C VAL A 116 -1.72 3.02 -5.87
N GLN A 117 -0.68 2.54 -6.51
CA GLN A 117 -0.67 2.52 -7.99
C GLN A 117 -1.89 1.75 -8.52
N GLU A 118 -2.28 0.71 -7.83
CA GLU A 118 -3.47 -0.07 -8.28
C GLU A 118 -4.75 0.70 -7.93
N SER A 119 -4.71 1.54 -6.93
CA SER A 119 -5.92 2.30 -6.55
C SER A 119 -6.25 3.31 -7.65
N GLN A 120 -5.38 3.46 -8.62
CA GLN A 120 -5.65 4.43 -9.71
C GLN A 120 -6.67 3.83 -10.69
N LYS A 121 -6.44 2.62 -11.12
CA LYS A 121 -7.40 1.99 -12.06
C LYS A 121 -8.70 1.64 -11.33
N LEU A 122 -8.60 1.11 -10.15
CA LEU A 122 -9.83 0.75 -9.38
C LEU A 122 -10.62 2.03 -9.08
N ALA A 123 -9.95 3.14 -8.92
CA ALA A 123 -10.66 4.41 -8.62
C ALA A 123 -11.58 4.77 -9.79
N LYS A 124 -11.08 4.72 -10.99
CA LYS A 124 -11.93 5.06 -12.16
C LYS A 124 -12.93 3.94 -12.41
N GLU A 125 -12.56 2.73 -12.09
CA GLU A 125 -13.51 1.58 -12.30
C GLU A 125 -14.78 1.81 -11.49
N VAL A 126 -14.66 2.04 -10.22
CA VAL A 126 -15.87 2.26 -9.39
C VAL A 126 -16.37 3.69 -9.60
N ALA A 127 -15.61 4.51 -10.25
CA ALA A 127 -16.04 5.91 -10.49
C ALA A 127 -17.44 5.91 -11.12
N SER A 128 -17.71 4.96 -11.98
CA SER A 128 -19.05 4.90 -12.61
C SER A 128 -20.14 5.08 -11.55
N ASN A 129 -19.95 4.53 -10.39
CA ASN A 129 -20.97 4.68 -9.31
C ASN A 129 -22.24 3.92 -9.70
N MET A 130 -22.97 4.42 -10.66
CA MET A 130 -24.22 3.73 -11.08
C MET A 130 -25.28 3.88 -10.00
N GLU A 131 -25.00 3.41 -8.81
CA GLU A 131 -26.01 3.53 -7.71
C GLU A 131 -27.16 2.55 -7.96
N GLU A 132 -26.97 1.62 -8.86
CA GLU A 132 -28.06 0.64 -9.15
C GLU A 132 -27.64 -0.75 -8.65
N THR A 133 -26.36 -1.01 -8.62
CA THR A 133 -25.89 -2.34 -8.14
C THR A 133 -24.41 -2.25 -7.75
N ASN A 134 -23.96 -1.09 -7.37
CA ASN A 134 -22.54 -0.94 -6.98
C ASN A 134 -22.45 -0.25 -5.62
N LYS A 135 -23.57 -0.13 -4.94
CA LYS A 135 -23.54 0.55 -3.60
C LYS A 135 -22.72 -0.30 -2.62
N LYS A 136 -22.84 -1.59 -2.69
CA LYS A 136 -22.05 -2.45 -1.76
C LYS A 136 -20.58 -2.04 -1.79
N LEU A 137 -20.16 -1.42 -2.87
CA LEU A 137 -18.73 -0.98 -2.96
C LEU A 137 -18.53 0.31 -2.17
N ALA A 138 -19.57 0.82 -1.56
CA ALA A 138 -19.42 2.08 -0.78
C ALA A 138 -18.54 1.85 0.45
N PRO A 139 -18.95 0.91 1.28
CA PRO A 139 -18.22 0.56 2.50
C PRO A 139 -16.97 -0.27 2.19
N LYS A 140 -16.19 0.14 1.23
CA LYS A 140 -14.97 -0.63 0.87
C LYS A 140 -13.84 0.33 0.46
N ILE A 141 -14.16 1.46 -0.11
CA ILE A 141 -13.10 2.41 -0.54
C ILE A 141 -12.72 3.31 0.65
N LYS A 142 -13.61 3.46 1.60
CA LYS A 142 -13.30 4.33 2.77
C LYS A 142 -11.99 3.86 3.41
N GLN A 143 -11.92 2.61 3.79
CA GLN A 143 -10.67 2.10 4.43
C GLN A 143 -9.61 1.86 3.35
N ALA A 144 -9.96 2.02 2.11
CA ALA A 144 -8.97 1.79 1.01
C ALA A 144 -8.01 2.97 0.92
N TYR A 145 -8.53 4.17 0.86
CA TYR A 145 -7.64 5.36 0.75
C TYR A 145 -7.02 5.65 2.12
N ASP A 146 -7.68 5.26 3.18
CA ASP A 146 -7.12 5.52 4.54
C ASP A 146 -6.01 4.51 4.84
N ASP A 147 -6.07 3.34 4.26
CA ASP A 147 -5.03 2.32 4.51
C ASP A 147 -3.76 2.64 3.73
N PHE A 148 -3.81 3.58 2.83
CA PHE A 148 -2.60 3.92 2.04
C PHE A 148 -1.61 4.72 2.88
N VAL A 149 -2.04 5.82 3.45
CA VAL A 149 -1.11 6.64 4.28
C VAL A 149 -0.78 5.92 5.58
N LYS A 150 -1.77 5.64 6.38
CA LYS A 150 -1.52 4.93 7.67
C LYS A 150 -0.54 3.79 7.44
N HIS A 151 -0.75 2.99 6.43
CA HIS A 151 0.17 1.85 6.16
C HIS A 151 1.44 2.38 5.50
N ALA A 152 1.31 3.20 4.50
CA ALA A 152 2.53 3.74 3.82
C ALA A 152 3.38 4.51 4.83
N GLU A 153 2.75 5.20 5.74
CA GLU A 153 3.53 5.97 6.75
C GLU A 153 4.14 5.01 7.77
N GLU A 154 3.83 3.75 7.67
CA GLU A 154 4.40 2.76 8.64
C GLU A 154 5.91 2.66 8.43
N VAL A 155 6.34 2.50 7.21
CA VAL A 155 7.80 2.38 6.95
C VAL A 155 8.52 3.61 7.51
N GLN A 156 7.96 4.78 7.35
CA GLN A 156 8.62 6.00 7.88
C GLN A 156 8.69 5.92 9.41
N LYS A 157 7.86 5.12 10.00
CA LYS A 157 7.88 5.00 11.49
C LYS A 157 9.08 4.16 11.92
N LYS A 158 9.26 3.02 11.31
CA LYS A 158 10.42 2.16 11.68
C LYS A 158 11.70 2.72 11.04
N LEU A 159 11.58 3.28 9.87
CA LEU A 159 12.79 3.85 9.20
C LEU A 159 13.49 4.81 10.14
N HIS A 160 12.78 5.76 10.68
CA HIS A 160 13.41 6.73 11.61
C HIS A 160 14.31 5.99 12.61
N GLU A 161 13.86 4.86 13.08
CA GLU A 161 14.68 4.09 14.06
C GLU A 161 15.80 3.36 13.31
N ALA A 162 15.62 3.11 12.04
CA ALA A 162 16.67 2.40 11.27
C ALA A 162 17.91 3.29 11.16
N ALA A 163 17.74 4.57 11.33
CA ALA A 163 18.91 5.49 11.24
C ALA A 163 19.98 5.07 12.24
N THR A 164 19.62 4.27 13.20
CA THR A 164 20.61 3.82 14.21
C THR A 164 20.33 2.36 14.60
N LYS A 165 19.09 2.01 14.73
CA LYS A 165 18.75 0.61 15.10
C LYS A 165 19.04 0.39 16.59
N GLN A 166 18.05 -0.02 17.34
CA GLN A 166 18.28 -0.25 18.80
C GLN A 166 17.76 -1.63 19.18
N ASP A 1 -25.74 22.72 -19.69
CA ASP A 1 -25.64 21.28 -20.02
C ASP A 1 -24.86 20.55 -18.93
N ALA A 2 -25.30 19.38 -18.55
CA ALA A 2 -24.59 18.63 -17.49
C ALA A 2 -23.23 18.15 -18.03
N PRO A 3 -22.27 18.06 -17.14
CA PRO A 3 -20.91 17.62 -17.48
C PRO A 3 -20.86 16.10 -17.63
N ALA A 4 -19.69 15.55 -17.83
CA ALA A 4 -19.59 14.07 -17.99
C ALA A 4 -19.23 13.44 -16.63
N GLY A 5 -20.18 12.85 -15.98
CA GLY A 5 -19.90 12.23 -14.65
C GLY A 5 -19.72 13.31 -13.60
N GLY A 6 -18.63 13.29 -12.87
CA GLY A 6 -18.40 14.32 -11.83
C GLY A 6 -18.82 13.77 -10.46
N ASN A 7 -19.51 12.65 -10.44
CA ASN A 7 -19.94 12.06 -9.15
C ASN A 7 -19.12 10.81 -8.86
N ALA A 8 -17.85 10.97 -8.55
CA ALA A 8 -17.00 9.79 -8.25
C ALA A 8 -16.19 10.06 -6.99
N PHE A 9 -15.35 9.13 -6.59
CA PHE A 9 -14.53 9.32 -5.37
C PHE A 9 -13.05 9.21 -5.72
N GLU A 10 -12.69 9.59 -6.92
CA GLU A 10 -11.25 9.50 -7.33
C GLU A 10 -10.40 10.32 -6.36
N GLU A 11 -11.01 11.20 -5.61
CA GLU A 11 -10.23 12.03 -4.66
C GLU A 11 -9.65 11.14 -3.56
N MET A 12 -10.14 9.93 -3.44
CA MET A 12 -9.60 9.02 -2.39
C MET A 12 -8.18 8.58 -2.76
N GLU A 13 -7.94 8.31 -4.02
CA GLU A 13 -6.58 7.89 -4.43
C GLU A 13 -5.67 9.12 -4.50
N LYS A 14 -6.23 10.27 -4.77
CA LYS A 14 -5.39 11.50 -4.86
C LYS A 14 -4.80 11.82 -3.48
N HIS A 15 -5.62 11.88 -2.47
CA HIS A 15 -5.09 12.20 -1.11
C HIS A 15 -4.23 11.03 -0.62
N ALA A 16 -4.51 9.84 -1.08
CA ALA A 16 -3.72 8.66 -0.64
C ALA A 16 -2.37 8.64 -1.38
N LYS A 17 -2.39 8.90 -2.65
CA LYS A 17 -1.13 8.90 -3.44
C LYS A 17 -0.12 9.87 -2.81
N GLU A 18 -0.55 11.04 -2.45
CA GLU A 18 0.38 12.03 -1.83
C GLU A 18 1.02 11.42 -0.59
N PHE A 19 0.31 10.57 0.10
CA PHE A 19 0.88 9.94 1.34
C PHE A 19 1.95 8.92 0.93
N GLN A 20 1.92 8.47 -0.29
CA GLN A 20 2.94 7.47 -0.73
C GLN A 20 4.25 8.19 -1.03
N LYS A 21 4.18 9.44 -1.40
CA LYS A 21 5.43 10.19 -1.71
C LYS A 21 6.13 10.62 -0.41
N THR A 22 5.47 10.48 0.71
CA THR A 22 6.09 10.88 1.99
C THR A 22 7.09 9.80 2.44
N PHE A 23 6.75 8.56 2.25
CA PHE A 23 7.69 7.46 2.68
C PHE A 23 8.82 7.32 1.65
N SER A 24 8.52 7.54 0.40
CA SER A 24 9.58 7.41 -0.65
C SER A 24 10.75 8.33 -0.29
N GLU A 25 10.49 9.42 0.37
CA GLU A 25 11.59 10.35 0.75
C GLU A 25 12.22 9.89 2.06
N GLN A 26 11.43 9.35 2.95
CA GLN A 26 11.98 8.87 4.25
C GLN A 26 12.97 7.74 4.00
N PHE A 27 12.75 6.96 2.98
CA PHE A 27 13.69 5.84 2.69
C PHE A 27 15.12 6.35 2.74
N ASN A 28 15.33 7.59 2.39
CA ASN A 28 16.71 8.15 2.41
C ASN A 28 17.16 8.31 3.87
N SER A 29 16.25 8.26 4.79
CA SER A 29 16.64 8.41 6.23
C SER A 29 17.27 7.10 6.73
N LEU A 30 16.98 6.01 6.07
CA LEU A 30 17.58 4.71 6.51
C LEU A 30 19.04 4.65 6.07
N VAL A 31 19.40 5.38 5.04
CA VAL A 31 20.81 5.36 4.58
C VAL A 31 21.75 5.50 5.79
N ASN A 32 22.22 4.40 6.32
CA ASN A 32 23.12 4.47 7.49
C ASN A 32 24.50 3.95 7.10
N SER A 33 25.36 3.73 8.05
CA SER A 33 26.72 3.21 7.73
C SER A 33 26.90 1.82 8.32
N LYS A 34 25.93 0.96 8.14
CA LYS A 34 26.04 -0.42 8.69
C LYS A 34 26.51 -1.37 7.59
N ASN A 35 25.59 -1.86 6.79
CA ASN A 35 25.98 -2.80 5.69
C ASN A 35 27.05 -3.77 6.18
N THR A 36 26.99 -4.14 7.44
CA THR A 36 28.00 -5.09 7.98
C THR A 36 27.52 -6.53 7.75
N GLN A 37 26.57 -6.71 6.88
CA GLN A 37 26.07 -8.09 6.61
C GLN A 37 25.25 -8.58 7.81
N ASP A 38 25.05 -7.74 8.78
CA ASP A 38 24.27 -8.17 9.98
C ASP A 38 23.32 -7.04 10.40
N PHE A 39 23.22 -6.01 9.60
CA PHE A 39 22.31 -4.89 9.95
C PHE A 39 21.27 -4.70 8.84
N ASN A 40 21.24 -5.60 7.89
CA ASN A 40 20.26 -5.48 6.78
C ASN A 40 18.89 -5.97 7.27
N LYS A 41 18.86 -7.09 7.94
CA LYS A 41 17.57 -7.64 8.44
C LYS A 41 16.81 -6.54 9.18
N ALA A 42 17.48 -5.87 10.10
CA ALA A 42 16.79 -4.78 10.86
C ALA A 42 16.11 -3.84 9.87
N LEU A 43 16.68 -3.69 8.70
CA LEU A 43 16.07 -2.79 7.69
C LEU A 43 14.84 -3.48 7.09
N LYS A 44 14.85 -4.78 7.01
CA LYS A 44 13.68 -5.51 6.45
C LYS A 44 12.56 -5.57 7.50
N ASP A 45 12.92 -5.56 8.75
CA ASP A 45 11.89 -5.62 9.82
C ASP A 45 10.95 -4.42 9.68
N GLY A 46 11.49 -3.26 9.43
CA GLY A 46 10.63 -2.05 9.29
C GLY A 46 9.93 -2.07 7.94
N SER A 47 10.64 -2.46 6.90
CA SER A 47 10.02 -2.51 5.55
C SER A 47 9.07 -3.70 5.47
N ASP A 48 9.35 -4.76 6.18
CA ASP A 48 8.47 -5.95 6.14
C ASP A 48 7.22 -5.67 6.98
N SER A 49 7.35 -4.93 8.04
CA SER A 49 6.16 -4.63 8.88
C SER A 49 5.15 -3.82 8.08
N VAL A 50 5.61 -3.01 7.15
CA VAL A 50 4.68 -2.21 6.33
C VAL A 50 3.91 -3.12 5.38
N LEU A 51 4.40 -4.32 5.16
CA LEU A 51 3.69 -5.26 4.25
C LEU A 51 2.44 -5.80 4.94
N GLN A 52 2.59 -6.37 6.10
CA GLN A 52 1.41 -6.93 6.82
C GLN A 52 0.51 -5.77 7.26
N GLN A 53 1.03 -4.57 7.27
CA GLN A 53 0.19 -3.40 7.69
C GLN A 53 -0.74 -3.00 6.54
N LEU A 54 -0.20 -2.83 5.36
CA LEU A 54 -1.04 -2.45 4.21
C LEU A 54 -1.81 -3.67 3.70
N SER A 55 -1.26 -4.85 3.90
CA SER A 55 -1.96 -6.08 3.44
C SER A 55 -3.43 -6.01 3.85
N ALA A 56 -3.73 -5.28 4.88
CA ALA A 56 -5.15 -5.17 5.34
C ALA A 56 -5.99 -4.55 4.23
N PHE A 57 -5.52 -3.50 3.62
CA PHE A 57 -6.30 -2.85 2.53
C PHE A 57 -6.85 -3.93 1.59
N SER A 58 -6.20 -5.06 1.52
CA SER A 58 -6.69 -6.14 0.62
C SER A 58 -7.93 -6.80 1.25
N SER A 59 -7.98 -6.87 2.56
CA SER A 59 -9.17 -7.48 3.22
C SER A 59 -10.34 -6.50 3.21
N SER A 60 -10.08 -5.27 2.87
CA SER A 60 -11.18 -4.26 2.84
C SER A 60 -12.01 -4.45 1.58
N LEU A 61 -11.37 -4.64 0.45
CA LEU A 61 -12.13 -4.83 -0.81
C LEU A 61 -12.70 -6.25 -0.86
N GLN A 62 -12.00 -7.19 -0.29
CA GLN A 62 -12.51 -8.60 -0.31
C GLN A 62 -13.99 -8.62 0.06
N GLY A 63 -14.44 -7.64 0.78
CA GLY A 63 -15.88 -7.61 1.18
C GLY A 63 -16.72 -7.07 0.02
N ALA A 64 -16.16 -6.20 -0.78
CA ALA A 64 -16.92 -5.65 -1.94
C ALA A 64 -17.04 -6.72 -3.03
N ILE A 65 -16.00 -7.47 -3.24
CA ILE A 65 -16.04 -8.52 -4.30
C ILE A 65 -16.83 -9.73 -3.78
N SER A 66 -17.17 -9.74 -2.52
CA SER A 66 -17.94 -10.88 -1.95
C SER A 66 -19.03 -11.31 -2.93
N ASP A 67 -19.50 -10.40 -3.75
CA ASP A 67 -20.57 -10.76 -4.72
C ASP A 67 -20.99 -9.52 -5.51
N ALA A 68 -20.94 -8.37 -4.89
CA ALA A 68 -21.33 -7.12 -5.60
C ALA A 68 -22.66 -7.35 -6.31
N ASN A 69 -22.87 -6.70 -7.43
CA ASN A 69 -24.16 -6.87 -8.16
C ASN A 69 -23.91 -6.72 -9.67
N GLY A 70 -22.84 -7.28 -10.16
CA GLY A 70 -22.55 -7.16 -11.62
C GLY A 70 -21.14 -7.70 -11.90
N LYS A 71 -20.31 -6.91 -12.52
CA LYS A 71 -18.93 -7.38 -12.83
C LYS A 71 -17.92 -6.50 -12.08
N ALA A 72 -18.39 -5.68 -11.19
CA ALA A 72 -17.46 -4.79 -10.43
C ALA A 72 -16.80 -5.59 -9.30
N LYS A 73 -17.31 -6.75 -9.00
CA LYS A 73 -16.71 -7.58 -7.92
C LYS A 73 -15.38 -8.16 -8.40
N GLU A 74 -15.26 -8.41 -9.67
CA GLU A 74 -13.98 -8.97 -10.20
C GLU A 74 -12.88 -7.91 -10.13
N ALA A 75 -13.12 -6.77 -10.71
CA ALA A 75 -12.09 -5.69 -10.68
C ALA A 75 -11.71 -5.40 -9.23
N LEU A 76 -12.56 -5.74 -8.30
CA LEU A 76 -12.26 -5.48 -6.87
C LEU A 76 -11.26 -6.52 -6.36
N GLU A 77 -11.48 -7.77 -6.70
CA GLU A 77 -10.55 -8.84 -6.23
C GLU A 77 -9.14 -8.56 -6.74
N GLN A 78 -9.02 -8.00 -7.92
CA GLN A 78 -7.67 -7.71 -8.49
C GLN A 78 -6.97 -6.67 -7.61
N ALA A 79 -7.59 -5.54 -7.40
CA ALA A 79 -6.96 -4.48 -6.56
C ALA A 79 -6.73 -5.01 -5.15
N ARG A 80 -7.37 -6.09 -4.80
CA ARG A 80 -7.20 -6.66 -3.43
C ARG A 80 -5.87 -7.42 -3.37
N GLN A 81 -5.66 -8.35 -4.26
CA GLN A 81 -4.38 -9.13 -4.23
C GLN A 81 -3.25 -8.29 -4.82
N ASN A 82 -3.48 -7.68 -5.96
CA ASN A 82 -2.42 -6.85 -6.58
C ASN A 82 -1.73 -5.99 -5.52
N VAL A 83 -2.50 -5.45 -4.61
CA VAL A 83 -1.89 -4.60 -3.55
C VAL A 83 -1.32 -5.48 -2.44
N GLU A 84 -1.91 -6.62 -2.21
CA GLU A 84 -1.39 -7.53 -1.15
C GLU A 84 -0.14 -8.26 -1.65
N LYS A 85 -0.07 -8.51 -2.93
CA LYS A 85 1.12 -9.23 -3.48
C LYS A 85 2.31 -8.26 -3.59
N THR A 86 2.09 -7.10 -4.14
CA THR A 86 3.20 -6.11 -4.27
C THR A 86 3.73 -5.76 -2.89
N ALA A 87 2.90 -5.76 -1.89
CA ALA A 87 3.37 -5.40 -0.52
C ALA A 87 4.04 -6.62 0.12
N GLU A 88 3.34 -7.73 0.17
CA GLU A 88 3.94 -8.94 0.79
C GLU A 88 4.91 -9.60 -0.21
N GLU A 89 4.99 -9.08 -1.40
CA GLU A 89 5.92 -9.67 -2.41
C GLU A 89 7.26 -10.00 -1.75
N LEU A 90 7.88 -9.03 -1.13
CA LEU A 90 9.19 -9.28 -0.48
C LEU A 90 8.96 -9.88 0.91
N ARG A 91 7.78 -9.74 1.44
CA ARG A 91 7.49 -10.30 2.79
C ARG A 91 7.99 -11.75 2.86
N LYS A 92 7.91 -12.47 1.77
CA LYS A 92 8.38 -13.88 1.78
C LYS A 92 9.90 -13.92 1.70
N ALA A 93 10.51 -12.81 1.36
CA ALA A 93 11.99 -12.79 1.26
C ALA A 93 12.56 -12.00 2.45
N HIS A 94 12.32 -12.46 3.65
CA HIS A 94 12.86 -11.74 4.83
C HIS A 94 14.36 -12.01 4.98
N PRO A 95 14.71 -13.28 4.99
CA PRO A 95 16.11 -13.72 5.13
C PRO A 95 16.85 -13.57 3.80
N ASP A 96 16.17 -13.78 2.70
CA ASP A 96 16.82 -13.66 1.38
C ASP A 96 17.32 -12.22 1.18
N VAL A 97 16.66 -11.28 1.79
CA VAL A 97 17.10 -9.85 1.64
C VAL A 97 18.37 -9.62 2.45
N GLU A 98 18.35 -9.89 3.73
CA GLU A 98 19.56 -9.70 4.57
C GLU A 98 20.68 -10.60 4.06
N LYS A 99 20.35 -11.80 3.64
CA LYS A 99 21.40 -12.73 3.14
C LYS A 99 22.37 -11.96 2.23
N GLU A 100 21.87 -11.40 1.16
CA GLU A 100 22.75 -10.64 0.24
C GLU A 100 22.90 -9.20 0.74
N ALA A 101 21.87 -8.67 1.34
CA ALA A 101 21.94 -7.27 1.84
C ALA A 101 22.63 -6.38 0.79
N ASN A 102 22.53 -6.74 -0.45
CA ASN A 102 23.17 -5.93 -1.52
C ASN A 102 22.33 -4.66 -1.77
N ALA A 103 21.06 -4.83 -2.05
CA ALA A 103 20.20 -3.65 -2.30
C ALA A 103 18.74 -4.10 -2.46
N PHE A 104 18.31 -5.03 -1.64
CA PHE A 104 16.91 -5.51 -1.75
C PHE A 104 15.98 -4.49 -1.10
N LYS A 105 16.50 -3.62 -0.28
CA LYS A 105 15.65 -2.59 0.37
C LYS A 105 14.71 -1.97 -0.66
N ASP A 106 15.11 -1.96 -1.91
CA ASP A 106 14.23 -1.38 -2.96
C ASP A 106 13.00 -2.27 -3.17
N LYS A 107 13.10 -3.52 -2.81
CA LYS A 107 11.93 -4.43 -2.97
C LYS A 107 10.73 -3.85 -2.22
N LEU A 108 10.93 -3.45 -0.99
CA LEU A 108 9.79 -2.88 -0.20
C LEU A 108 9.55 -1.44 -0.65
N GLN A 109 10.59 -0.65 -0.73
CA GLN A 109 10.41 0.76 -1.17
C GLN A 109 9.75 0.79 -2.55
N ALA A 110 10.18 -0.06 -3.44
CA ALA A 110 9.57 -0.09 -4.79
C ALA A 110 8.21 -0.80 -4.73
N ALA A 111 7.95 -1.51 -3.67
CA ALA A 111 6.65 -2.23 -3.55
C ALA A 111 5.55 -1.24 -3.17
N VAL A 112 5.83 -0.33 -2.28
CA VAL A 112 4.80 0.65 -1.86
C VAL A 112 4.48 1.57 -3.05
N GLN A 113 5.48 2.13 -3.67
CA GLN A 113 5.23 3.05 -4.82
C GLN A 113 4.24 2.39 -5.78
N THR A 114 4.18 1.09 -5.81
CA THR A 114 3.23 0.41 -6.72
C THR A 114 1.82 0.46 -6.13
N THR A 115 1.71 0.69 -4.86
CA THR A 115 0.37 0.75 -4.21
C THR A 115 -0.33 2.05 -4.64
N VAL A 116 0.42 3.05 -5.03
CA VAL A 116 -0.21 4.33 -5.46
C VAL A 116 -0.76 4.18 -6.87
N GLN A 117 -0.17 3.34 -7.67
CA GLN A 117 -0.68 3.16 -9.06
C GLN A 117 -1.92 2.27 -9.04
N GLU A 118 -2.03 1.40 -8.09
CA GLU A 118 -3.23 0.51 -8.01
C GLU A 118 -4.45 1.33 -7.63
N SER A 119 -4.32 2.22 -6.69
CA SER A 119 -5.48 3.06 -6.29
C SER A 119 -5.98 3.84 -7.50
N GLN A 120 -5.19 3.93 -8.53
CA GLN A 120 -5.62 4.68 -9.74
C GLN A 120 -6.59 3.82 -10.55
N LYS A 121 -6.20 2.63 -10.91
CA LYS A 121 -7.10 1.74 -11.70
C LYS A 121 -8.44 1.60 -10.96
N LEU A 122 -8.40 1.25 -9.70
CA LEU A 122 -9.66 1.10 -8.94
C LEU A 122 -10.39 2.44 -8.87
N ALA A 123 -9.67 3.52 -8.95
CA ALA A 123 -10.32 4.86 -8.90
C ALA A 123 -11.30 4.99 -10.07
N LYS A 124 -10.93 4.50 -11.22
CA LYS A 124 -11.83 4.61 -12.40
C LYS A 124 -12.98 3.61 -12.25
N GLU A 125 -12.69 2.43 -11.77
CA GLU A 125 -13.78 1.41 -11.60
C GLU A 125 -14.94 2.03 -10.83
N VAL A 126 -14.68 2.57 -9.67
CA VAL A 126 -15.79 3.20 -8.89
C VAL A 126 -16.27 4.45 -9.60
N ALA A 127 -15.41 5.11 -10.33
CA ALA A 127 -15.83 6.35 -11.05
C ALA A 127 -16.74 5.97 -12.23
N SER A 128 -16.87 4.70 -12.51
CA SER A 128 -17.75 4.27 -13.64
C SER A 128 -19.20 4.59 -13.30
N ASN A 129 -19.47 4.97 -12.09
CA ASN A 129 -20.88 5.29 -11.71
C ASN A 129 -21.68 4.00 -11.58
N MET A 130 -21.00 2.87 -11.63
CA MET A 130 -21.74 1.57 -11.51
C MET A 130 -21.99 1.26 -10.03
N GLU A 131 -21.70 2.19 -9.16
CA GLU A 131 -21.92 1.94 -7.71
C GLU A 131 -23.41 2.17 -7.37
N GLU A 132 -24.17 2.64 -8.33
CA GLU A 132 -25.61 2.88 -8.05
C GLU A 132 -26.30 1.55 -7.74
N THR A 133 -25.86 0.49 -8.35
CA THR A 133 -26.49 -0.84 -8.07
C THR A 133 -25.64 -1.62 -7.07
N ASN A 134 -24.45 -1.15 -6.80
CA ASN A 134 -23.58 -1.86 -5.83
C ASN A 134 -22.92 -0.84 -4.89
N LYS A 135 -23.51 -0.60 -3.76
CA LYS A 135 -22.93 0.39 -2.80
C LYS A 135 -22.10 -0.36 -1.75
N LYS A 136 -21.83 -1.62 -1.98
CA LYS A 136 -21.03 -2.40 -0.99
C LYS A 136 -19.61 -1.85 -0.94
N LEU A 137 -19.14 -1.30 -2.03
CA LEU A 137 -17.76 -0.74 -2.04
C LEU A 137 -17.74 0.62 -1.34
N ALA A 138 -18.89 1.24 -1.19
CA ALA A 138 -18.94 2.56 -0.53
C ALA A 138 -18.32 2.48 0.88
N PRO A 139 -18.83 1.56 1.68
CA PRO A 139 -18.34 1.36 3.05
C PRO A 139 -17.02 0.60 3.05
N LYS A 140 -16.51 0.27 1.89
CA LYS A 140 -15.21 -0.46 1.82
C LYS A 140 -14.17 0.41 1.11
N ILE A 141 -14.61 1.48 0.50
CA ILE A 141 -13.64 2.37 -0.22
C ILE A 141 -12.83 3.16 0.80
N LYS A 142 -13.48 3.86 1.69
CA LYS A 142 -12.74 4.65 2.72
C LYS A 142 -11.89 3.72 3.57
N GLN A 143 -12.48 2.72 4.17
CA GLN A 143 -11.70 1.79 5.02
C GLN A 143 -10.42 1.37 4.30
N ALA A 144 -10.48 1.23 2.99
CA ALA A 144 -9.26 0.83 2.23
C ALA A 144 -8.33 2.03 2.08
N TYR A 145 -8.78 3.08 1.44
CA TYR A 145 -7.90 4.27 1.26
C TYR A 145 -7.26 4.65 2.60
N ASP A 146 -7.87 4.26 3.69
CA ASP A 146 -7.29 4.61 5.02
C ASP A 146 -6.00 3.82 5.24
N ASP A 147 -5.85 2.71 4.56
CA ASP A 147 -4.62 1.89 4.72
C ASP A 147 -3.46 2.53 3.95
N PHE A 148 -3.73 3.06 2.78
CA PHE A 148 -2.64 3.69 1.97
C PHE A 148 -1.91 4.74 2.81
N VAL A 149 -2.64 5.65 3.40
CA VAL A 149 -1.97 6.72 4.21
C VAL A 149 -1.61 6.16 5.60
N LYS A 150 -2.18 5.05 5.97
CA LYS A 150 -1.88 4.49 7.32
C LYS A 150 -0.51 3.78 7.28
N HIS A 151 -0.34 2.84 6.38
CA HIS A 151 0.96 2.12 6.30
C HIS A 151 1.98 2.99 5.58
N ALA A 152 1.54 3.88 4.74
CA ALA A 152 2.49 4.76 3.99
C ALA A 152 3.41 5.47 5.00
N GLU A 153 2.84 6.17 5.94
CA GLU A 153 3.67 6.89 6.94
C GLU A 153 4.19 5.91 7.98
N GLU A 154 3.76 4.68 7.91
CA GLU A 154 4.24 3.67 8.91
C GLU A 154 5.70 3.32 8.64
N VAL A 155 6.04 3.04 7.42
CA VAL A 155 7.46 2.70 7.10
C VAL A 155 8.36 3.88 7.44
N GLN A 156 7.82 5.07 7.47
CA GLN A 156 8.65 6.26 7.81
C GLN A 156 8.92 6.29 9.31
N LYS A 157 8.13 5.59 10.09
CA LYS A 157 8.34 5.59 11.55
C LYS A 157 9.54 4.70 11.90
N LYS A 158 9.51 3.46 11.46
CA LYS A 158 10.65 2.55 11.76
C LYS A 158 11.82 2.86 10.83
N LEU A 159 11.58 3.58 9.78
CA LEU A 159 12.68 3.93 8.83
C LEU A 159 13.78 4.68 9.58
N HIS A 160 13.44 5.74 10.25
CA HIS A 160 14.49 6.50 10.99
C HIS A 160 15.04 5.65 12.14
N GLU A 161 14.24 4.74 12.64
CA GLU A 161 14.73 3.88 13.76
C GLU A 161 15.71 2.84 13.21
N ALA A 162 15.88 2.78 11.92
CA ALA A 162 16.81 1.79 11.33
C ALA A 162 18.26 2.28 11.50
N ALA A 163 18.51 3.52 11.18
CA ALA A 163 19.89 4.05 11.32
C ALA A 163 20.23 4.20 12.80
N THR A 164 19.29 3.95 13.67
CA THR A 164 19.57 4.08 15.13
C THR A 164 19.27 2.75 15.83
N LYS A 165 18.67 1.83 15.12
CA LYS A 165 18.34 0.49 15.72
C LYS A 165 17.84 0.69 17.16
N GLN A 166 17.08 1.72 17.41
CA GLN A 166 16.57 1.95 18.79
C GLN A 166 17.73 1.83 19.79
N ASP A 1 -32.97 19.09 -8.75
CA ASP A 1 -32.57 18.03 -9.72
C ASP A 1 -31.34 17.29 -9.19
N ALA A 2 -30.28 18.00 -8.92
CA ALA A 2 -29.05 17.34 -8.40
C ALA A 2 -28.49 16.39 -9.47
N PRO A 3 -27.19 16.25 -9.47
CA PRO A 3 -26.49 15.37 -10.43
C PRO A 3 -26.62 13.91 -10.01
N ALA A 4 -25.75 13.06 -10.49
CA ALA A 4 -25.82 11.62 -10.12
C ALA A 4 -24.44 10.99 -10.23
N GLY A 5 -23.93 10.86 -11.42
CA GLY A 5 -22.58 10.24 -11.60
C GLY A 5 -21.61 11.30 -12.14
N GLY A 6 -20.34 11.02 -12.11
CA GLY A 6 -19.34 12.01 -12.63
C GLY A 6 -18.47 12.50 -11.47
N ASN A 7 -18.80 12.15 -10.26
CA ASN A 7 -17.99 12.58 -9.10
C ASN A 7 -16.60 11.98 -9.19
N ALA A 8 -16.51 10.68 -9.42
CA ALA A 8 -15.17 10.03 -9.52
C ALA A 8 -14.58 9.86 -8.12
N PHE A 9 -14.02 8.72 -7.85
CA PHE A 9 -13.41 8.49 -6.50
C PHE A 9 -11.90 8.60 -6.59
N GLU A 10 -11.40 9.30 -7.59
CA GLU A 10 -9.93 9.45 -7.73
C GLU A 10 -9.38 10.32 -6.60
N GLU A 11 -10.19 11.19 -6.06
CA GLU A 11 -9.73 12.07 -4.96
C GLU A 11 -9.43 11.22 -3.72
N MET A 12 -9.96 10.03 -3.67
CA MET A 12 -9.72 9.15 -2.49
C MET A 12 -8.33 8.53 -2.61
N GLU A 13 -8.04 7.87 -3.69
CA GLU A 13 -6.69 7.25 -3.85
C GLU A 13 -5.69 8.32 -4.26
N LYS A 14 -6.12 9.31 -5.01
CA LYS A 14 -5.18 10.39 -5.43
C LYS A 14 -4.64 11.11 -4.20
N HIS A 15 -5.44 11.29 -3.19
CA HIS A 15 -4.96 12.01 -1.97
C HIS A 15 -4.11 11.04 -1.13
N ALA A 16 -4.28 9.76 -1.32
CA ALA A 16 -3.49 8.78 -0.54
C ALA A 16 -2.08 8.68 -1.13
N LYS A 17 -1.98 8.61 -2.43
CA LYS A 17 -0.64 8.52 -3.07
C LYS A 17 0.28 9.57 -2.47
N GLU A 18 -0.18 10.79 -2.36
CA GLU A 18 0.68 11.86 -1.78
C GLU A 18 1.29 11.36 -0.46
N PHE A 19 0.60 10.49 0.22
CA PHE A 19 1.15 9.96 1.51
C PHE A 19 2.22 8.91 1.21
N GLN A 20 2.27 8.43 0.00
CA GLN A 20 3.29 7.41 -0.36
C GLN A 20 4.65 8.10 -0.55
N LYS A 21 4.64 9.35 -0.89
CA LYS A 21 5.93 10.08 -1.10
C LYS A 21 6.57 10.35 0.26
N THR A 22 5.82 10.29 1.32
CA THR A 22 6.39 10.55 2.67
C THR A 22 7.18 9.34 3.15
N PHE A 23 6.77 8.16 2.76
CA PHE A 23 7.51 6.94 3.21
C PHE A 23 8.79 6.78 2.38
N SER A 24 8.68 6.82 1.09
CA SER A 24 9.88 6.68 0.22
C SER A 24 10.89 7.76 0.58
N GLU A 25 10.43 8.88 1.08
CA GLU A 25 11.38 9.97 1.46
C GLU A 25 12.10 9.59 2.75
N GLN A 26 11.50 8.78 3.57
CA GLN A 26 12.15 8.37 4.84
C GLN A 26 13.24 7.34 4.54
N PHE A 27 12.94 6.39 3.69
CA PHE A 27 13.96 5.35 3.35
C PHE A 27 15.32 6.02 3.13
N ASN A 28 15.31 7.24 2.67
CA ASN A 28 16.60 7.96 2.43
C ASN A 28 17.38 8.03 3.74
N SER A 29 16.70 8.00 4.85
CA SER A 29 17.39 8.07 6.16
C SER A 29 18.03 6.71 6.48
N LEU A 30 17.51 5.66 5.91
CA LEU A 30 18.07 4.31 6.17
C LEU A 30 19.37 4.13 5.38
N VAL A 31 19.48 4.79 4.25
CA VAL A 31 20.72 4.65 3.43
C VAL A 31 21.95 4.72 4.35
N ASN A 32 21.83 5.37 5.47
CA ASN A 32 22.99 5.47 6.39
C ASN A 32 22.66 4.77 7.71
N SER A 33 22.55 3.47 7.69
CA SER A 33 22.23 2.71 8.92
C SER A 33 23.51 2.51 9.75
N LYS A 34 23.44 1.71 10.78
CA LYS A 34 24.65 1.46 11.61
C LYS A 34 25.66 0.63 10.82
N ASN A 35 25.37 -0.62 10.61
CA ASN A 35 26.32 -1.49 9.84
C ASN A 35 25.85 -1.57 8.39
N THR A 36 26.05 -2.69 7.75
CA THR A 36 25.62 -2.83 6.33
C THR A 36 25.46 -4.31 6.00
N GLN A 37 26.37 -5.14 6.46
CA GLN A 37 26.27 -6.60 6.15
C GLN A 37 25.80 -7.35 7.40
N ASP A 38 25.56 -6.64 8.48
CA ASP A 38 25.09 -7.33 9.72
C ASP A 38 23.99 -6.49 10.38
N PHE A 39 23.54 -5.46 9.73
CA PHE A 39 22.47 -4.62 10.32
C PHE A 39 21.32 -4.44 9.31
N ASN A 40 21.47 -4.98 8.13
CA ASN A 40 20.40 -4.84 7.12
C ASN A 40 19.11 -5.48 7.64
N LYS A 41 19.23 -6.58 8.34
CA LYS A 41 18.01 -7.25 8.88
C LYS A 41 17.07 -6.20 9.47
N ALA A 42 17.59 -5.32 10.29
CA ALA A 42 16.73 -4.27 10.89
C ALA A 42 16.01 -3.51 9.77
N LEU A 43 16.65 -3.36 8.64
CA LEU A 43 16.02 -2.63 7.51
C LEU A 43 14.89 -3.50 6.94
N LYS A 44 15.05 -4.79 6.93
CA LYS A 44 13.98 -5.67 6.38
C LYS A 44 12.85 -5.80 7.41
N ASP A 45 13.17 -5.75 8.67
CA ASP A 45 12.11 -5.87 9.72
C ASP A 45 11.19 -4.65 9.64
N GLY A 46 11.74 -3.49 9.41
CA GLY A 46 10.90 -2.26 9.33
C GLY A 46 10.18 -2.24 7.98
N SER A 47 10.84 -2.64 6.93
CA SER A 47 10.20 -2.64 5.59
C SER A 47 9.25 -3.83 5.48
N ASP A 48 9.66 -4.97 5.96
CA ASP A 48 8.77 -6.18 5.89
C ASP A 48 7.61 -6.00 6.87
N SER A 49 7.75 -5.14 7.83
CA SER A 49 6.64 -4.92 8.81
C SER A 49 5.54 -4.07 8.16
N VAL A 50 5.91 -3.18 7.28
CA VAL A 50 4.88 -2.32 6.62
C VAL A 50 4.18 -3.13 5.53
N LEU A 51 4.76 -4.22 5.11
CA LEU A 51 4.12 -5.04 4.05
C LEU A 51 2.84 -5.68 4.60
N GLN A 52 2.95 -6.39 5.68
CA GLN A 52 1.73 -7.03 6.28
C GLN A 52 0.85 -5.95 6.89
N GLN A 53 1.38 -4.78 7.09
CA GLN A 53 0.58 -3.68 7.69
C GLN A 53 -0.35 -3.09 6.63
N LEU A 54 0.19 -2.79 5.47
CA LEU A 54 -0.66 -2.22 4.39
C LEU A 54 -1.51 -3.32 3.76
N SER A 55 -1.00 -4.52 3.73
CA SER A 55 -1.78 -5.64 3.13
C SER A 55 -3.23 -5.57 3.62
N ALA A 56 -3.45 -5.00 4.77
CA ALA A 56 -4.84 -4.89 5.30
C ALA A 56 -5.73 -4.23 4.25
N PHE A 57 -5.24 -3.21 3.61
CA PHE A 57 -6.05 -2.51 2.57
C PHE A 57 -6.75 -3.56 1.68
N SER A 58 -6.03 -4.59 1.32
CA SER A 58 -6.64 -5.65 0.47
C SER A 58 -7.87 -6.23 1.16
N SER A 59 -7.87 -6.24 2.47
CA SER A 59 -9.04 -6.79 3.21
C SER A 59 -10.19 -5.78 3.15
N SER A 60 -9.91 -4.56 2.80
CA SER A 60 -11.00 -3.54 2.73
C SER A 60 -11.81 -3.75 1.45
N LEU A 61 -11.15 -3.97 0.34
CA LEU A 61 -11.88 -4.18 -0.93
C LEU A 61 -12.74 -5.44 -0.83
N GLN A 62 -12.21 -6.49 -0.28
CA GLN A 62 -12.99 -7.75 -0.14
C GLN A 62 -14.34 -7.44 0.52
N GLY A 63 -14.42 -6.36 1.25
CA GLY A 63 -15.70 -6.00 1.92
C GLY A 63 -16.75 -5.68 0.86
N ALA A 64 -16.36 -5.02 -0.21
CA ALA A 64 -17.34 -4.68 -1.27
C ALA A 64 -17.73 -5.95 -2.03
N ILE A 65 -16.76 -6.69 -2.50
CA ILE A 65 -17.08 -7.93 -3.25
C ILE A 65 -17.81 -8.92 -2.34
N SER A 66 -17.49 -8.90 -1.06
CA SER A 66 -18.16 -9.82 -0.11
C SER A 66 -19.68 -9.68 -0.25
N ASP A 67 -20.16 -8.48 -0.24
CA ASP A 67 -21.64 -8.27 -0.36
C ASP A 67 -21.96 -7.74 -1.77
N ALA A 68 -21.26 -8.21 -2.77
CA ALA A 68 -21.54 -7.75 -4.16
C ALA A 68 -22.59 -8.63 -4.80
N ASN A 69 -22.85 -8.44 -6.07
CA ASN A 69 -23.87 -9.28 -6.76
C ASN A 69 -23.77 -9.05 -8.27
N GLY A 70 -22.61 -8.76 -8.77
CA GLY A 70 -22.46 -8.53 -10.23
C GLY A 70 -20.99 -8.71 -10.64
N LYS A 71 -20.60 -8.16 -11.75
CA LYS A 71 -19.19 -8.31 -12.21
C LYS A 71 -18.30 -7.37 -11.39
N ALA A 72 -18.88 -6.42 -10.72
CA ALA A 72 -18.07 -5.47 -9.91
C ALA A 72 -17.33 -6.24 -8.81
N LYS A 73 -17.79 -7.43 -8.51
CA LYS A 73 -17.12 -8.23 -7.44
C LYS A 73 -15.84 -8.85 -8.00
N GLU A 74 -15.80 -9.11 -9.28
CA GLU A 74 -14.58 -9.71 -9.87
C GLU A 74 -13.51 -8.64 -10.05
N ALA A 75 -13.86 -7.55 -10.68
CA ALA A 75 -12.86 -6.46 -10.88
C ALA A 75 -12.41 -5.92 -9.52
N LEU A 76 -13.22 -6.06 -8.52
CA LEU A 76 -12.84 -5.55 -7.17
C LEU A 76 -11.84 -6.51 -6.53
N GLU A 77 -11.89 -7.77 -6.90
CA GLU A 77 -10.94 -8.75 -6.30
C GLU A 77 -9.56 -8.59 -6.95
N GLN A 78 -9.52 -8.12 -8.16
CA GLN A 78 -8.21 -7.95 -8.85
C GLN A 78 -7.39 -6.87 -8.12
N ALA A 79 -8.03 -5.81 -7.70
CA ALA A 79 -7.28 -4.73 -6.98
C ALA A 79 -7.00 -5.17 -5.55
N ARG A 80 -7.65 -6.23 -5.10
CA ARG A 80 -7.42 -6.71 -3.72
C ARG A 80 -6.10 -7.48 -3.63
N GLN A 81 -5.91 -8.42 -4.51
CA GLN A 81 -4.65 -9.23 -4.48
C GLN A 81 -3.49 -8.42 -5.08
N ASN A 82 -3.66 -7.94 -6.29
CA ASN A 82 -2.56 -7.15 -6.93
C ASN A 82 -1.96 -6.18 -5.92
N VAL A 83 -2.76 -5.61 -5.06
CA VAL A 83 -2.22 -4.66 -4.05
C VAL A 83 -1.62 -5.44 -2.88
N GLU A 84 -2.10 -6.64 -2.65
CA GLU A 84 -1.57 -7.45 -1.52
C GLU A 84 -0.21 -8.05 -1.93
N LYS A 85 -0.07 -8.47 -3.15
CA LYS A 85 1.21 -9.06 -3.60
C LYS A 85 2.23 -7.96 -3.84
N THR A 86 1.79 -6.76 -4.12
CA THR A 86 2.74 -5.65 -4.37
C THR A 86 3.47 -5.30 -3.07
N ALA A 87 2.78 -5.33 -1.97
CA ALA A 87 3.43 -5.00 -0.67
C ALA A 87 4.22 -6.22 -0.16
N GLU A 88 3.56 -7.34 -0.03
CA GLU A 88 4.26 -8.56 0.46
C GLU A 88 5.21 -9.08 -0.64
N GLU A 89 5.18 -8.48 -1.79
CA GLU A 89 6.07 -8.94 -2.90
C GLU A 89 7.46 -9.24 -2.35
N LEU A 90 8.07 -8.32 -1.67
CA LEU A 90 9.43 -8.56 -1.11
C LEU A 90 9.31 -9.35 0.19
N ARG A 91 8.19 -9.25 0.86
CA ARG A 91 8.02 -9.99 2.14
C ARG A 91 8.43 -11.45 1.94
N LYS A 92 8.35 -11.94 0.74
CA LYS A 92 8.73 -13.36 0.48
C LYS A 92 10.16 -13.60 0.98
N ALA A 93 10.98 -12.58 0.98
CA ALA A 93 12.38 -12.76 1.45
C ALA A 93 12.54 -12.09 2.82
N HIS A 94 13.74 -12.06 3.34
CA HIS A 94 13.97 -11.42 4.66
C HIS A 94 15.33 -11.89 5.23
N PRO A 95 15.54 -13.19 5.24
CA PRO A 95 16.79 -13.76 5.76
C PRO A 95 17.92 -13.61 4.72
N ASP A 96 17.59 -13.59 3.47
CA ASP A 96 18.64 -13.44 2.42
C ASP A 96 19.06 -11.97 2.32
N VAL A 97 18.16 -11.07 2.60
CA VAL A 97 18.51 -9.62 2.52
C VAL A 97 19.61 -9.31 3.54
N GLU A 98 19.43 -9.73 4.76
CA GLU A 98 20.47 -9.46 5.80
C GLU A 98 21.78 -10.16 5.42
N LYS A 99 21.70 -11.15 4.58
CA LYS A 99 22.93 -11.87 4.16
C LYS A 99 23.69 -11.04 3.12
N GLU A 100 23.07 -10.76 2.01
CA GLU A 100 23.74 -9.95 0.96
C GLU A 100 23.62 -8.47 1.31
N ALA A 101 22.52 -8.06 1.86
CA ALA A 101 22.35 -6.62 2.22
C ALA A 101 22.85 -5.74 1.08
N ASN A 102 22.80 -6.25 -0.12
CA ASN A 102 23.28 -5.44 -1.29
C ASN A 102 22.39 -4.21 -1.46
N ALA A 103 21.16 -4.41 -1.86
CA ALA A 103 20.25 -3.24 -2.03
C ALA A 103 18.79 -3.73 -2.04
N PHE A 104 18.48 -4.73 -1.27
CA PHE A 104 17.08 -5.25 -1.23
C PHE A 104 16.16 -4.18 -0.66
N LYS A 105 16.71 -3.13 -0.12
CA LYS A 105 15.86 -2.05 0.46
C LYS A 105 15.01 -1.42 -0.65
N ASP A 106 15.47 -1.47 -1.87
CA ASP A 106 14.69 -0.87 -2.98
C ASP A 106 13.50 -1.78 -3.32
N LYS A 107 13.47 -2.96 -2.77
CA LYS A 107 12.35 -3.89 -3.05
C LYS A 107 11.06 -3.32 -2.47
N LEU A 108 11.11 -2.82 -1.26
CA LEU A 108 9.88 -2.24 -0.65
C LEU A 108 9.61 -0.86 -1.23
N GLN A 109 10.61 -0.03 -1.31
CA GLN A 109 10.40 1.33 -1.87
C GLN A 109 9.68 1.22 -3.21
N ALA A 110 10.13 0.36 -4.08
CA ALA A 110 9.47 0.21 -5.40
C ALA A 110 8.17 -0.59 -5.25
N ALA A 111 8.07 -1.37 -4.21
CA ALA A 111 6.83 -2.19 -4.00
C ALA A 111 5.70 -1.30 -3.47
N VAL A 112 5.93 -0.61 -2.39
CA VAL A 112 4.88 0.26 -1.82
C VAL A 112 4.38 1.24 -2.89
N GLN A 113 5.29 1.93 -3.53
CA GLN A 113 4.88 2.91 -4.58
C GLN A 113 3.81 2.29 -5.48
N THR A 114 3.91 1.02 -5.76
CA THR A 114 2.89 0.37 -6.63
C THR A 114 1.61 0.11 -5.84
N THR A 115 1.69 0.13 -4.53
CA THR A 115 0.48 -0.12 -3.71
C THR A 115 -0.64 0.82 -4.16
N VAL A 116 -0.39 2.10 -4.15
CA VAL A 116 -1.44 3.08 -4.57
C VAL A 116 -1.54 3.09 -6.09
N GLN A 117 -0.44 2.97 -6.77
CA GLN A 117 -0.47 2.98 -8.26
C GLN A 117 -1.63 2.10 -8.75
N GLU A 118 -1.96 1.08 -8.02
CA GLU A 118 -3.07 0.18 -8.43
C GLU A 118 -4.41 0.86 -8.11
N SER A 119 -4.47 1.56 -7.01
CA SER A 119 -5.74 2.25 -6.64
C SER A 119 -6.29 3.02 -7.85
N GLN A 120 -5.42 3.39 -8.76
CA GLN A 120 -5.89 4.14 -9.96
C GLN A 120 -6.75 3.22 -10.83
N LYS A 121 -6.40 1.97 -10.93
CA LYS A 121 -7.20 1.03 -11.76
C LYS A 121 -8.56 0.79 -11.09
N LEU A 122 -8.56 0.49 -9.82
CA LEU A 122 -9.85 0.25 -9.12
C LEU A 122 -10.55 1.59 -8.86
N ALA A 123 -9.81 2.65 -8.73
CA ALA A 123 -10.44 3.97 -8.48
C ALA A 123 -11.29 4.37 -9.68
N LYS A 124 -10.78 4.15 -10.87
CA LYS A 124 -11.57 4.51 -12.08
C LYS A 124 -12.68 3.48 -12.31
N GLU A 125 -12.46 2.26 -11.89
CA GLU A 125 -13.49 1.21 -12.09
C GLU A 125 -14.75 1.58 -11.31
N VAL A 126 -14.61 1.90 -10.06
CA VAL A 126 -15.81 2.28 -9.25
C VAL A 126 -16.29 3.68 -9.67
N ALA A 127 -15.45 4.42 -10.34
CA ALA A 127 -15.86 5.79 -10.77
C ALA A 127 -17.11 5.69 -11.65
N SER A 128 -17.39 4.53 -12.17
CA SER A 128 -18.60 4.37 -13.03
C SER A 128 -19.79 5.07 -12.37
N ASN A 129 -19.82 5.09 -11.06
CA ASN A 129 -20.96 5.75 -10.36
C ASN A 129 -22.28 5.29 -10.98
N MET A 130 -22.33 4.08 -11.46
CA MET A 130 -23.59 3.56 -12.07
C MET A 130 -24.72 3.61 -11.03
N GLU A 131 -24.43 3.21 -9.83
CA GLU A 131 -25.48 3.23 -8.76
C GLU A 131 -26.49 2.11 -9.02
N GLU A 132 -26.12 1.15 -9.83
CA GLU A 132 -27.06 0.03 -10.12
C GLU A 132 -26.76 -1.14 -9.18
N THR A 133 -25.67 -1.08 -8.47
CA THR A 133 -25.33 -2.19 -7.54
C THR A 133 -23.97 -1.91 -6.89
N ASN A 134 -23.68 -0.68 -6.60
CA ASN A 134 -22.37 -0.34 -5.97
C ASN A 134 -22.62 0.31 -4.61
N LYS A 135 -23.52 -0.24 -3.83
CA LYS A 135 -23.79 0.35 -2.49
C LYS A 135 -22.81 -0.23 -1.47
N LYS A 136 -22.39 -1.45 -1.67
CA LYS A 136 -21.44 -2.07 -0.71
C LYS A 136 -20.05 -1.47 -0.90
N LEU A 137 -19.81 -0.84 -2.02
CA LEU A 137 -18.48 -0.23 -2.27
C LEU A 137 -18.37 1.10 -1.53
N ALA A 138 -19.41 1.50 -0.83
CA ALA A 138 -19.36 2.79 -0.09
C ALA A 138 -18.56 2.64 1.21
N PRO A 139 -18.95 1.69 2.01
CA PRO A 139 -18.30 1.43 3.31
C PRO A 139 -16.96 0.70 3.12
N LYS A 140 -16.50 0.55 1.90
CA LYS A 140 -15.21 -0.15 1.68
C LYS A 140 -14.18 0.83 1.14
N ILE A 141 -14.62 1.94 0.61
CA ILE A 141 -13.66 2.94 0.06
C ILE A 141 -12.96 3.66 1.21
N LYS A 142 -13.68 4.04 2.24
CA LYS A 142 -13.06 4.73 3.39
C LYS A 142 -11.81 3.97 3.82
N GLN A 143 -11.94 2.71 4.12
CA GLN A 143 -10.76 1.91 4.56
C GLN A 143 -9.83 1.69 3.36
N ALA A 144 -10.26 2.05 2.18
CA ALA A 144 -9.40 1.86 0.99
C ALA A 144 -8.33 2.95 0.94
N TYR A 145 -8.73 4.19 0.87
CA TYR A 145 -7.74 5.30 0.82
C TYR A 145 -7.25 5.60 2.24
N ASP A 146 -8.02 5.26 3.23
CA ASP A 146 -7.59 5.53 4.63
C ASP A 146 -6.56 4.48 5.06
N ASP A 147 -6.45 3.40 4.33
CA ASP A 147 -5.47 2.34 4.69
C ASP A 147 -4.07 2.76 4.28
N PHE A 148 -3.88 3.08 3.03
CA PHE A 148 -2.52 3.49 2.55
C PHE A 148 -1.99 4.64 3.41
N VAL A 149 -2.73 5.71 3.52
CA VAL A 149 -2.25 6.87 4.32
C VAL A 149 -1.76 6.38 5.69
N LYS A 150 -2.41 5.40 6.26
CA LYS A 150 -1.98 4.90 7.60
C LYS A 150 -0.75 3.99 7.45
N HIS A 151 -0.82 3.04 6.57
CA HIS A 151 0.34 2.11 6.38
C HIS A 151 1.43 2.80 5.57
N ALA A 152 1.17 3.97 5.05
CA ALA A 152 2.19 4.68 4.25
C ALA A 152 3.28 5.23 5.18
N GLU A 153 2.89 6.00 6.16
CA GLU A 153 3.89 6.57 7.09
C GLU A 153 4.32 5.51 8.11
N GLU A 154 3.71 4.36 8.06
CA GLU A 154 4.08 3.28 9.02
C GLU A 154 5.53 2.85 8.79
N VAL A 155 5.91 2.62 7.56
CA VAL A 155 7.30 2.20 7.27
C VAL A 155 8.26 3.36 7.59
N GLN A 156 7.81 4.57 7.46
CA GLN A 156 8.69 5.73 7.75
C GLN A 156 8.81 5.91 9.27
N LYS A 157 7.98 5.24 10.02
CA LYS A 157 8.04 5.37 11.50
C LYS A 157 9.21 4.54 12.04
N LYS A 158 9.29 3.29 11.65
CA LYS A 158 10.40 2.43 12.13
C LYS A 158 11.68 2.77 11.37
N LEU A 159 11.56 3.37 10.22
CA LEU A 159 12.78 3.73 9.43
C LEU A 159 13.59 4.78 10.20
N HIS A 160 12.94 5.79 10.71
CA HIS A 160 13.69 6.84 11.47
C HIS A 160 14.54 6.18 12.55
N GLU A 161 14.06 5.10 13.12
CA GLU A 161 14.84 4.41 14.18
C GLU A 161 15.97 3.61 13.54
N ALA A 162 15.81 3.21 12.31
CA ALA A 162 16.87 2.42 11.64
C ALA A 162 18.08 3.32 11.36
N ALA A 163 17.84 4.52 10.91
CA ALA A 163 18.97 5.44 10.62
C ALA A 163 19.76 5.71 11.90
N THR A 164 19.17 5.44 13.04
CA THR A 164 19.88 5.67 14.33
C THR A 164 19.37 4.70 15.38
N LYS A 165 19.39 3.42 15.08
CA LYS A 165 18.91 2.41 16.06
C LYS A 165 19.63 2.63 17.40
N GLN A 166 18.89 2.91 18.44
CA GLN A 166 19.52 3.12 19.77
C GLN A 166 20.47 1.96 20.08
N ASP A 1 -17.63 24.64 -9.14
CA ASP A 1 -18.68 24.65 -8.07
C ASP A 1 -19.88 23.82 -8.56
N ALA A 2 -20.03 23.67 -9.84
CA ALA A 2 -21.18 22.88 -10.37
C ALA A 2 -21.05 21.42 -9.91
N PRO A 3 -22.18 20.77 -9.78
CA PRO A 3 -22.24 19.36 -9.35
C PRO A 3 -21.90 18.43 -10.52
N ALA A 4 -20.86 18.73 -11.25
CA ALA A 4 -20.48 17.85 -12.39
C ALA A 4 -19.93 16.52 -11.86
N GLY A 5 -19.35 16.53 -10.69
CA GLY A 5 -18.80 15.27 -10.14
C GLY A 5 -19.75 14.74 -9.06
N GLY A 6 -19.23 14.29 -7.96
CA GLY A 6 -20.10 13.75 -6.87
C GLY A 6 -20.19 12.23 -6.99
N ASN A 7 -19.95 11.70 -8.16
CA ASN A 7 -20.02 10.22 -8.34
C ASN A 7 -18.61 9.64 -8.24
N ALA A 8 -17.80 9.84 -9.25
CA ALA A 8 -16.41 9.29 -9.22
C ALA A 8 -15.69 9.80 -7.97
N PHE A 9 -14.70 9.09 -7.51
CA PHE A 9 -13.96 9.54 -6.29
C PHE A 9 -12.45 9.41 -6.54
N GLU A 10 -12.02 9.65 -7.74
CA GLU A 10 -10.55 9.54 -8.03
C GLU A 10 -9.77 10.43 -7.07
N GLU A 11 -10.39 11.45 -6.55
CA GLU A 11 -9.68 12.35 -5.61
C GLU A 11 -9.41 11.61 -4.30
N MET A 12 -10.06 10.50 -4.09
CA MET A 12 -9.84 9.73 -2.83
C MET A 12 -8.46 9.08 -2.86
N GLU A 13 -8.13 8.42 -3.93
CA GLU A 13 -6.79 7.77 -4.01
C GLU A 13 -5.73 8.82 -4.34
N LYS A 14 -6.12 9.90 -4.97
CA LYS A 14 -5.15 10.96 -5.33
C LYS A 14 -4.56 11.57 -4.05
N HIS A 15 -5.38 11.83 -3.06
CA HIS A 15 -4.85 12.43 -1.80
C HIS A 15 -4.17 11.34 -0.96
N ALA A 16 -4.50 10.10 -1.21
CA ALA A 16 -3.88 8.98 -0.43
C ALA A 16 -2.46 8.73 -0.95
N LYS A 17 -2.31 8.50 -2.22
CA LYS A 17 -0.95 8.22 -2.77
C LYS A 17 0.00 9.36 -2.42
N GLU A 18 -0.44 10.58 -2.54
CA GLU A 18 0.46 11.73 -2.20
C GLU A 18 1.02 11.53 -0.80
N PHE A 19 0.30 10.87 0.06
CA PHE A 19 0.80 10.64 1.45
C PHE A 19 1.82 9.51 1.43
N GLN A 20 1.72 8.62 0.48
CA GLN A 20 2.70 7.50 0.40
C GLN A 20 4.01 8.01 -0.20
N LYS A 21 3.97 9.14 -0.84
CA LYS A 21 5.22 9.69 -1.45
C LYS A 21 6.08 10.31 -0.35
N THR A 22 5.49 10.78 0.71
CA THR A 22 6.29 11.39 1.81
C THR A 22 7.11 10.29 2.50
N PHE A 23 6.58 9.10 2.59
CA PHE A 23 7.32 8.00 3.25
C PHE A 23 8.37 7.46 2.27
N SER A 24 8.00 7.30 1.03
CA SER A 24 8.97 6.77 0.02
C SER A 24 10.27 7.57 0.13
N GLU A 25 10.19 8.81 0.51
CA GLU A 25 11.42 9.64 0.64
C GLU A 25 12.05 9.39 2.01
N GLN A 26 11.24 9.09 2.99
CA GLN A 26 11.79 8.83 4.36
C GLN A 26 12.84 7.72 4.27
N PHE A 27 12.64 6.77 3.39
CA PHE A 27 13.63 5.67 3.26
C PHE A 27 15.04 6.26 3.16
N ASN A 28 15.16 7.44 2.60
CA ASN A 28 16.50 8.07 2.47
C ASN A 28 17.14 8.18 3.86
N SER A 29 16.34 8.22 4.89
CA SER A 29 16.91 8.33 6.26
C SER A 29 17.46 6.97 6.70
N LEU A 30 16.81 5.91 6.29
CA LEU A 30 17.29 4.55 6.69
C LEU A 30 18.75 4.38 6.26
N VAL A 31 19.09 4.87 5.10
CA VAL A 31 20.50 4.74 4.62
C VAL A 31 21.37 5.77 5.32
N ASN A 32 21.50 5.67 6.62
CA ASN A 32 22.34 6.65 7.36
C ASN A 32 23.80 6.20 7.33
N SER A 33 24.13 5.20 8.10
CA SER A 33 25.54 4.70 8.11
C SER A 33 25.58 3.26 8.59
N LYS A 34 24.74 2.42 8.04
CA LYS A 34 24.73 0.98 8.47
C LYS A 34 24.24 0.11 7.31
N ASN A 35 25.13 -0.58 6.66
CA ASN A 35 24.73 -1.45 5.53
C ASN A 35 25.94 -2.24 5.03
N THR A 36 26.51 -3.07 5.87
CA THR A 36 27.69 -3.87 5.45
C THR A 36 27.30 -5.35 5.37
N GLN A 37 27.11 -5.98 6.50
CA GLN A 37 26.73 -7.41 6.50
C GLN A 37 26.07 -7.77 7.84
N ASP A 38 25.54 -6.81 8.52
CA ASP A 38 24.88 -7.09 9.84
C ASP A 38 23.92 -5.95 10.18
N PHE A 39 23.48 -5.22 9.19
CA PHE A 39 22.54 -4.09 9.47
C PHE A 39 21.41 -4.10 8.44
N ASN A 40 21.38 -5.10 7.59
CA ASN A 40 20.31 -5.16 6.56
C ASN A 40 19.04 -5.79 7.18
N LYS A 41 19.21 -6.62 8.17
CA LYS A 41 18.04 -7.27 8.82
C LYS A 41 17.06 -6.17 9.27
N ALA A 42 17.56 -5.01 9.57
CA ALA A 42 16.66 -3.91 10.02
C ALA A 42 15.76 -3.48 8.86
N LEU A 43 16.22 -3.67 7.65
CA LEU A 43 15.38 -3.27 6.48
C LEU A 43 14.11 -4.12 6.45
N LYS A 44 14.25 -5.41 6.50
CA LYS A 44 13.05 -6.30 6.48
C LYS A 44 12.19 -6.02 7.71
N ASP A 45 12.79 -5.70 8.81
CA ASP A 45 12.00 -5.43 10.04
C ASP A 45 11.04 -4.26 9.78
N GLY A 46 11.53 -3.16 9.31
CA GLY A 46 10.64 -2.00 9.02
C GLY A 46 9.90 -2.23 7.71
N SER A 47 10.54 -2.80 6.73
CA SER A 47 9.87 -3.04 5.42
C SER A 47 8.93 -4.25 5.52
N ASP A 48 9.45 -5.39 5.92
CA ASP A 48 8.59 -6.60 6.02
C ASP A 48 7.43 -6.34 7.00
N SER A 49 7.65 -5.48 7.96
CA SER A 49 6.56 -5.18 8.95
C SER A 49 5.46 -4.37 8.26
N VAL A 50 5.82 -3.45 7.42
CA VAL A 50 4.79 -2.62 6.72
C VAL A 50 4.01 -3.49 5.74
N LEU A 51 4.62 -4.54 5.24
CA LEU A 51 3.91 -5.42 4.28
C LEU A 51 2.64 -5.98 4.94
N GLN A 52 2.79 -6.62 6.06
CA GLN A 52 1.60 -7.18 6.76
C GLN A 52 0.74 -6.03 7.28
N GLN A 53 1.31 -4.85 7.38
CA GLN A 53 0.53 -3.69 7.87
C GLN A 53 -0.38 -3.17 6.75
N LEU A 54 0.19 -2.90 5.61
CA LEU A 54 -0.64 -2.39 4.48
C LEU A 54 -1.47 -3.55 3.89
N SER A 55 -0.96 -4.75 3.95
CA SER A 55 -1.72 -5.90 3.41
C SER A 55 -3.19 -5.79 3.84
N ALA A 56 -3.44 -5.23 4.99
CA ALA A 56 -4.84 -5.10 5.46
C ALA A 56 -5.67 -4.36 4.41
N PHE A 57 -5.12 -3.32 3.82
CA PHE A 57 -5.87 -2.57 2.79
C PHE A 57 -6.56 -3.56 1.84
N SER A 58 -5.81 -4.46 1.26
CA SER A 58 -6.42 -5.44 0.33
C SER A 58 -7.60 -6.14 1.02
N SER A 59 -7.51 -6.33 2.31
CA SER A 59 -8.63 -7.00 3.03
C SER A 59 -9.81 -6.04 3.14
N SER A 60 -9.58 -4.77 2.91
CA SER A 60 -10.71 -3.79 3.01
C SER A 60 -11.56 -3.87 1.73
N LEU A 61 -10.94 -4.12 0.61
CA LEU A 61 -11.73 -4.21 -0.66
C LEU A 61 -12.44 -5.57 -0.73
N GLN A 62 -11.91 -6.56 -0.06
CA GLN A 62 -12.56 -7.90 -0.10
C GLN A 62 -14.08 -7.74 0.08
N GLY A 63 -14.50 -6.78 0.87
CA GLY A 63 -15.95 -6.56 1.08
C GLY A 63 -16.59 -6.06 -0.20
N ALA A 64 -15.86 -5.32 -0.99
CA ALA A 64 -16.42 -4.79 -2.27
C ALA A 64 -16.72 -5.97 -3.22
N ILE A 65 -15.73 -6.78 -3.48
CA ILE A 65 -15.95 -7.94 -4.39
C ILE A 65 -16.92 -8.93 -3.74
N SER A 66 -17.23 -8.73 -2.50
CA SER A 66 -18.18 -9.66 -1.80
C SER A 66 -19.32 -10.04 -2.73
N ASP A 67 -19.65 -9.18 -3.66
CA ASP A 67 -20.77 -9.49 -4.60
C ASP A 67 -20.91 -8.36 -5.62
N ALA A 68 -20.66 -7.14 -5.21
CA ALA A 68 -20.78 -6.00 -6.15
C ALA A 68 -22.21 -5.96 -6.71
N ASN A 69 -22.39 -5.33 -7.84
CA ASN A 69 -23.76 -5.26 -8.44
C ASN A 69 -23.64 -4.96 -9.94
N GLY A 70 -22.56 -5.38 -10.56
CA GLY A 70 -22.39 -5.11 -12.02
C GLY A 70 -21.03 -5.65 -12.48
N LYS A 71 -20.84 -6.93 -12.42
CA LYS A 71 -19.53 -7.51 -12.85
C LYS A 71 -18.38 -6.65 -12.29
N ALA A 72 -18.61 -5.99 -11.19
CA ALA A 72 -17.53 -5.14 -10.60
C ALA A 72 -16.80 -5.94 -9.51
N LYS A 73 -17.45 -6.91 -8.94
CA LYS A 73 -16.79 -7.71 -7.88
C LYS A 73 -15.63 -8.53 -8.48
N GLU A 74 -15.76 -8.92 -9.71
CA GLU A 74 -14.68 -9.72 -10.36
C GLU A 74 -13.42 -8.86 -10.48
N ALA A 75 -13.57 -7.62 -10.84
CA ALA A 75 -12.38 -6.74 -10.97
C ALA A 75 -11.90 -6.29 -9.59
N LEU A 76 -12.82 -6.08 -8.68
CA LEU A 76 -12.42 -5.65 -7.31
C LEU A 76 -11.54 -6.73 -6.67
N GLU A 77 -11.63 -7.94 -7.14
CA GLU A 77 -10.82 -9.03 -6.56
C GLU A 77 -9.38 -8.93 -7.08
N GLN A 78 -9.19 -8.34 -8.22
CA GLN A 78 -7.81 -8.21 -8.77
C GLN A 78 -7.07 -7.08 -8.05
N ALA A 79 -7.68 -5.94 -7.90
CA ALA A 79 -7.00 -4.81 -7.20
C ALA A 79 -6.83 -5.15 -5.71
N ARG A 80 -7.55 -6.13 -5.23
CA ARG A 80 -7.43 -6.49 -3.80
C ARG A 80 -6.15 -7.31 -3.58
N GLN A 81 -5.97 -8.36 -4.33
CA GLN A 81 -4.76 -9.20 -4.16
C GLN A 81 -3.54 -8.49 -4.78
N ASN A 82 -3.75 -7.78 -5.85
CA ASN A 82 -2.60 -7.07 -6.50
C ASN A 82 -1.91 -6.17 -5.48
N VAL A 83 -2.65 -5.62 -4.57
CA VAL A 83 -2.03 -4.72 -3.54
C VAL A 83 -1.40 -5.57 -2.43
N GLU A 84 -1.92 -6.74 -2.20
CA GLU A 84 -1.35 -7.61 -1.13
C GLU A 84 -0.05 -8.26 -1.63
N LYS A 85 0.01 -8.58 -2.89
CA LYS A 85 1.25 -9.22 -3.43
C LYS A 85 2.33 -8.16 -3.63
N THR A 86 1.98 -7.02 -4.16
CA THR A 86 2.99 -5.95 -4.39
C THR A 86 3.66 -5.58 -3.05
N ALA A 87 2.91 -5.56 -1.99
CA ALA A 87 3.51 -5.21 -0.67
C ALA A 87 4.23 -6.42 -0.08
N GLU A 88 3.53 -7.53 0.06
CA GLU A 88 4.17 -8.74 0.62
C GLU A 88 5.12 -9.36 -0.42
N GLU A 89 5.16 -8.81 -1.60
CA GLU A 89 6.06 -9.37 -2.64
C GLU A 89 7.42 -9.69 -2.03
N LEU A 90 8.05 -8.73 -1.41
CA LEU A 90 9.39 -8.99 -0.80
C LEU A 90 9.21 -9.62 0.58
N ARG A 91 8.00 -9.66 1.08
CA ARG A 91 7.76 -10.26 2.42
C ARG A 91 8.20 -11.73 2.41
N LYS A 92 8.23 -12.33 1.26
CA LYS A 92 8.67 -13.76 1.19
C LYS A 92 10.17 -13.86 1.45
N ALA A 93 10.89 -12.80 1.24
CA ALA A 93 12.36 -12.84 1.47
C ALA A 93 12.64 -12.48 2.94
N HIS A 94 13.90 -12.38 3.29
CA HIS A 94 14.24 -12.03 4.70
C HIS A 94 15.73 -12.29 4.95
N PRO A 95 16.17 -13.49 4.65
CA PRO A 95 17.58 -13.89 4.83
C PRO A 95 18.44 -13.34 3.70
N ASP A 96 18.00 -13.49 2.48
CA ASP A 96 18.80 -12.97 1.33
C ASP A 96 19.16 -11.50 1.57
N VAL A 97 18.18 -10.69 1.89
CA VAL A 97 18.48 -9.25 2.14
C VAL A 97 19.63 -9.12 3.13
N GLU A 98 19.58 -9.83 4.22
CA GLU A 98 20.67 -9.75 5.23
C GLU A 98 21.88 -10.54 4.74
N LYS A 99 21.68 -11.43 3.80
CA LYS A 99 22.83 -12.23 3.28
C LYS A 99 23.61 -11.40 2.26
N GLU A 100 22.98 -10.99 1.21
CA GLU A 100 23.70 -10.19 0.18
C GLU A 100 23.69 -8.71 0.58
N ALA A 101 22.63 -8.26 1.21
CA ALA A 101 22.56 -6.83 1.63
C ALA A 101 23.07 -5.94 0.51
N ASN A 102 22.97 -6.39 -0.71
CA ASN A 102 23.45 -5.57 -1.86
C ASN A 102 22.56 -4.33 -2.01
N ALA A 103 21.27 -4.53 -2.03
CA ALA A 103 20.35 -3.36 -2.18
C ALA A 103 18.90 -3.86 -2.21
N PHE A 104 18.56 -4.78 -1.36
CA PHE A 104 17.17 -5.31 -1.33
C PHE A 104 16.25 -4.28 -0.69
N LYS A 105 16.79 -3.20 -0.20
CA LYS A 105 15.93 -2.16 0.44
C LYS A 105 15.02 -1.54 -0.61
N ASP A 106 15.40 -1.61 -1.87
CA ASP A 106 14.54 -1.03 -2.93
C ASP A 106 13.31 -1.90 -3.13
N LYS A 107 13.35 -3.12 -2.66
CA LYS A 107 12.17 -4.03 -2.82
C LYS A 107 10.97 -3.41 -2.10
N LEU A 108 11.14 -3.02 -0.87
CA LEU A 108 10.00 -2.42 -0.12
C LEU A 108 9.82 -0.96 -0.56
N GLN A 109 10.90 -0.23 -0.68
CA GLN A 109 10.78 1.19 -1.11
C GLN A 109 10.00 1.26 -2.43
N ALA A 110 10.32 0.42 -3.37
CA ALA A 110 9.60 0.44 -4.67
C ALA A 110 8.23 -0.24 -4.51
N ALA A 111 8.07 -1.03 -3.48
CA ALA A 111 6.76 -1.72 -3.28
C ALA A 111 5.74 -0.72 -2.69
N VAL A 112 6.21 0.32 -2.07
CA VAL A 112 5.28 1.32 -1.49
C VAL A 112 4.68 2.19 -2.60
N GLN A 113 5.50 2.69 -3.48
CA GLN A 113 4.99 3.56 -4.57
C GLN A 113 4.23 2.70 -5.59
N THR A 114 4.30 1.41 -5.46
CA THR A 114 3.58 0.54 -6.43
C THR A 114 2.08 0.51 -6.09
N THR A 115 1.76 0.49 -4.83
CA THR A 115 0.33 0.47 -4.44
C THR A 115 -0.37 1.73 -4.95
N VAL A 116 0.36 2.82 -5.05
CA VAL A 116 -0.26 4.08 -5.55
C VAL A 116 -0.98 3.81 -6.87
N GLN A 117 -0.45 2.94 -7.68
CA GLN A 117 -1.10 2.64 -8.99
C GLN A 117 -2.31 1.73 -8.76
N GLU A 118 -2.40 1.12 -7.61
CA GLU A 118 -3.54 0.20 -7.35
C GLU A 118 -4.79 1.04 -7.03
N SER A 119 -4.72 1.90 -6.07
CA SER A 119 -5.90 2.74 -5.72
C SER A 119 -6.42 3.44 -6.98
N GLN A 120 -5.59 3.59 -7.97
CA GLN A 120 -6.03 4.26 -9.22
C GLN A 120 -6.86 3.28 -10.06
N LYS A 121 -6.35 2.10 -10.30
CA LYS A 121 -7.10 1.11 -11.11
C LYS A 121 -8.49 0.91 -10.48
N LEU A 122 -8.57 0.85 -9.19
CA LEU A 122 -9.88 0.65 -8.52
C LEU A 122 -10.67 1.97 -8.53
N ALA A 123 -9.98 3.07 -8.44
CA ALA A 123 -10.68 4.39 -8.44
C ALA A 123 -11.51 4.52 -9.71
N LYS A 124 -11.01 4.04 -10.81
CA LYS A 124 -11.77 4.14 -12.10
C LYS A 124 -12.96 3.17 -12.05
N GLU A 125 -12.77 2.00 -11.53
CA GLU A 125 -13.87 1.02 -11.46
C GLU A 125 -15.12 1.70 -10.86
N VAL A 126 -14.98 2.26 -9.69
CA VAL A 126 -16.15 2.94 -9.06
C VAL A 126 -16.51 4.20 -9.86
N ALA A 127 -15.53 4.83 -10.45
CA ALA A 127 -15.82 6.06 -11.24
C ALA A 127 -16.69 5.69 -12.45
N SER A 128 -16.55 4.50 -12.95
CA SER A 128 -17.37 4.08 -14.13
C SER A 128 -18.82 3.89 -13.69
N ASN A 129 -19.05 3.16 -12.64
CA ASN A 129 -20.45 2.94 -12.17
C ASN A 129 -21.03 4.27 -11.69
N MET A 130 -20.21 5.15 -11.21
CA MET A 130 -20.72 6.46 -10.72
C MET A 130 -21.39 6.28 -9.35
N GLU A 131 -21.12 5.17 -8.70
CA GLU A 131 -21.73 4.93 -7.37
C GLU A 131 -23.25 4.77 -7.52
N GLU A 132 -23.70 4.52 -8.72
CA GLU A 132 -25.17 4.35 -8.93
C GLU A 132 -25.65 3.06 -8.25
N THR A 133 -24.74 2.16 -7.98
CA THR A 133 -25.14 0.89 -7.31
C THR A 133 -23.91 0.24 -6.67
N ASN A 134 -23.08 1.02 -6.02
CA ASN A 134 -21.87 0.45 -5.37
C ASN A 134 -22.13 0.27 -3.88
N LYS A 135 -23.30 -0.18 -3.52
CA LYS A 135 -23.61 -0.38 -2.07
C LYS A 135 -22.49 -1.21 -1.43
N LYS A 136 -22.01 -2.21 -2.11
CA LYS A 136 -20.92 -3.05 -1.53
C LYS A 136 -19.59 -2.30 -1.64
N LEU A 137 -19.41 -1.55 -2.69
CA LEU A 137 -18.13 -0.80 -2.85
C LEU A 137 -18.15 0.45 -1.96
N ALA A 138 -19.24 0.69 -1.27
CA ALA A 138 -19.33 1.89 -0.41
C ALA A 138 -18.50 1.68 0.87
N PRO A 139 -18.81 0.62 1.58
CA PRO A 139 -18.11 0.27 2.83
C PRO A 139 -16.73 -0.31 2.54
N LYS A 140 -15.97 0.32 1.71
CA LYS A 140 -14.61 -0.20 1.39
C LYS A 140 -13.76 0.90 0.75
N ILE A 141 -14.36 1.73 -0.06
CA ILE A 141 -13.60 2.83 -0.71
C ILE A 141 -13.24 3.89 0.33
N LYS A 142 -13.77 3.76 1.52
CA LYS A 142 -13.46 4.76 2.58
C LYS A 142 -12.16 4.37 3.29
N GLN A 143 -12.09 3.18 3.81
CA GLN A 143 -10.85 2.73 4.51
C GLN A 143 -9.80 2.34 3.47
N ALA A 144 -10.19 2.21 2.24
CA ALA A 144 -9.21 1.83 1.17
C ALA A 144 -8.14 2.92 1.06
N TYR A 145 -8.53 4.12 0.74
CA TYR A 145 -7.52 5.21 0.61
C TYR A 145 -6.97 5.56 1.99
N ASP A 146 -7.69 5.23 3.03
CA ASP A 146 -7.21 5.54 4.41
C ASP A 146 -6.15 4.52 4.81
N ASP A 147 -6.24 3.32 4.30
CA ASP A 147 -5.25 2.28 4.66
C ASP A 147 -3.96 2.50 3.87
N PHE A 148 -3.98 3.42 2.94
CA PHE A 148 -2.75 3.68 2.13
C PHE A 148 -1.75 4.51 2.94
N VAL A 149 -2.16 5.64 3.43
CA VAL A 149 -1.23 6.50 4.22
C VAL A 149 -0.89 5.83 5.54
N LYS A 150 -1.88 5.59 6.36
CA LYS A 150 -1.62 4.96 7.69
C LYS A 150 -0.61 3.81 7.53
N HIS A 151 -0.81 2.97 6.54
CA HIS A 151 0.14 1.84 6.34
C HIS A 151 1.42 2.34 5.67
N ALA A 152 1.30 3.26 4.76
CA ALA A 152 2.51 3.79 4.06
C ALA A 152 3.31 4.66 5.04
N GLU A 153 2.66 5.26 5.99
CA GLU A 153 3.40 6.12 6.97
C GLU A 153 4.10 5.25 8.00
N GLU A 154 3.87 3.96 7.96
CA GLU A 154 4.54 3.06 8.94
C GLU A 154 6.03 2.96 8.62
N VAL A 155 6.37 2.65 7.39
CA VAL A 155 7.81 2.54 7.02
C VAL A 155 8.58 3.74 7.58
N GLN A 156 8.10 4.93 7.36
CA GLN A 156 8.81 6.13 7.87
C GLN A 156 9.00 6.00 9.39
N LYS A 157 8.17 5.23 10.04
CA LYS A 157 8.32 5.07 11.51
C LYS A 157 9.53 4.20 11.82
N LYS A 158 9.60 3.03 11.25
CA LYS A 158 10.77 2.14 11.50
C LYS A 158 11.97 2.62 10.68
N LEU A 159 11.72 3.43 9.67
CA LEU A 159 12.84 3.94 8.83
C LEU A 159 13.80 4.75 9.71
N HIS A 160 13.29 5.72 10.42
CA HIS A 160 14.18 6.55 11.29
C HIS A 160 14.85 5.65 12.33
N GLU A 161 14.10 4.79 12.98
CA GLU A 161 14.69 3.89 14.00
C GLU A 161 15.93 3.21 13.42
N ALA A 162 15.89 2.86 12.16
CA ALA A 162 17.06 2.18 11.53
C ALA A 162 18.16 3.21 11.25
N ALA A 163 17.77 4.41 10.90
CA ALA A 163 18.80 5.46 10.61
C ALA A 163 19.83 5.49 11.74
N THR A 164 19.45 5.07 12.91
CA THR A 164 20.41 5.08 14.05
C THR A 164 20.32 3.75 14.81
N LYS A 165 19.70 2.76 14.21
CA LYS A 165 19.58 1.43 14.88
C LYS A 165 19.27 1.62 16.36
N GLN A 166 18.40 2.55 16.68
CA GLN A 166 18.06 2.79 18.11
C GLN A 166 19.35 2.92 18.93
N ASP A 1 -33.53 14.18 -6.07
CA ASP A 1 -32.68 15.41 -6.02
C ASP A 1 -31.70 15.40 -7.21
N ALA A 2 -32.21 15.50 -8.40
CA ALA A 2 -31.31 15.50 -9.59
C ALA A 2 -30.52 14.18 -9.63
N PRO A 3 -30.18 13.77 -10.83
CA PRO A 3 -29.42 12.53 -11.05
C PRO A 3 -27.93 12.76 -10.76
N ALA A 4 -27.60 13.40 -9.67
CA ALA A 4 -26.17 13.65 -9.35
C ALA A 4 -25.61 12.45 -8.58
N GLY A 5 -24.36 12.50 -8.20
CA GLY A 5 -23.76 11.37 -7.45
C GLY A 5 -22.59 10.80 -8.24
N GLY A 6 -22.13 11.51 -9.23
CA GLY A 6 -20.98 11.00 -10.03
C GLY A 6 -19.66 11.42 -9.38
N ASN A 7 -19.72 11.89 -8.17
CA ASN A 7 -18.47 12.32 -7.47
C ASN A 7 -17.58 11.10 -7.23
N ALA A 8 -18.13 10.06 -6.65
CA ALA A 8 -17.31 8.84 -6.39
C ALA A 8 -16.19 9.18 -5.40
N PHE A 9 -15.12 8.43 -5.44
CA PHE A 9 -13.99 8.71 -4.51
C PHE A 9 -12.67 8.72 -5.29
N GLU A 10 -12.75 8.70 -6.59
CA GLU A 10 -11.50 8.71 -7.40
C GLU A 10 -10.59 9.84 -6.93
N GLU A 11 -11.14 10.98 -6.61
CA GLU A 11 -10.30 12.12 -6.14
C GLU A 11 -9.56 11.70 -4.87
N MET A 12 -9.97 10.62 -4.24
CA MET A 12 -9.29 10.18 -3.01
C MET A 12 -7.90 9.62 -3.35
N GLU A 13 -7.85 8.67 -4.25
CA GLU A 13 -6.52 8.10 -4.62
C GLU A 13 -5.49 9.21 -4.76
N LYS A 14 -5.92 10.40 -5.09
CA LYS A 14 -4.97 11.53 -5.24
C LYS A 14 -4.39 11.90 -3.87
N HIS A 15 -5.17 11.79 -2.84
CA HIS A 15 -4.66 12.14 -1.48
C HIS A 15 -3.77 11.01 -0.95
N ALA A 16 -3.97 9.81 -1.44
CA ALA A 16 -3.14 8.67 -0.96
C ALA A 16 -1.77 8.72 -1.64
N LYS A 17 -1.74 8.91 -2.93
CA LYS A 17 -0.44 8.96 -3.66
C LYS A 17 0.47 10.00 -3.01
N GLU A 18 -0.05 11.15 -2.69
CA GLU A 18 0.79 12.20 -2.05
C GLU A 18 1.41 11.66 -0.77
N PHE A 19 0.75 10.76 -0.12
CA PHE A 19 1.30 10.19 1.14
C PHE A 19 2.38 9.15 0.80
N GLN A 20 2.43 8.72 -0.42
CA GLN A 20 3.47 7.72 -0.82
C GLN A 20 4.81 8.43 -1.01
N LYS A 21 4.80 9.70 -1.31
CA LYS A 21 6.08 10.44 -1.51
C LYS A 21 6.71 10.78 -0.16
N THR A 22 5.96 10.71 0.91
CA THR A 22 6.54 11.04 2.24
C THR A 22 7.38 9.86 2.76
N PHE A 23 7.01 8.66 2.45
CA PHE A 23 7.80 7.50 2.94
C PHE A 23 9.06 7.34 2.09
N SER A 24 8.95 7.50 0.79
CA SER A 24 10.14 7.38 -0.09
C SER A 24 11.25 8.29 0.42
N GLU A 25 10.89 9.32 1.13
CA GLU A 25 11.93 10.26 1.67
C GLU A 25 12.47 9.72 2.99
N GLN A 26 11.62 9.25 3.85
CA GLN A 26 12.09 8.71 5.15
C GLN A 26 13.08 7.58 4.91
N PHE A 27 12.77 6.70 4.00
CA PHE A 27 13.70 5.57 3.71
C PHE A 27 15.14 6.09 3.66
N ASN A 28 15.32 7.30 3.21
CA ASN A 28 16.70 7.85 3.13
C ASN A 28 17.36 7.75 4.50
N SER A 29 16.60 7.66 5.54
CA SER A 29 17.18 7.55 6.91
C SER A 29 17.69 6.12 7.14
N LEU A 30 17.36 5.22 6.25
CA LEU A 30 17.82 3.81 6.41
C LEU A 30 19.32 3.72 6.08
N VAL A 31 19.72 4.23 4.95
CA VAL A 31 21.16 4.16 4.58
C VAL A 31 22.01 4.57 5.78
N ASN A 32 21.54 5.49 6.58
CA ASN A 32 22.34 5.91 7.77
C ASN A 32 22.35 4.78 8.80
N SER A 33 22.97 3.68 8.48
CA SER A 33 23.03 2.55 9.44
C SER A 33 24.48 2.14 9.68
N LYS A 34 24.71 0.96 10.17
CA LYS A 34 26.10 0.52 10.43
C LYS A 34 26.82 0.28 9.09
N ASN A 35 26.10 -0.18 8.10
CA ASN A 35 26.73 -0.43 6.78
C ASN A 35 27.92 -1.38 6.95
N THR A 36 27.70 -2.50 7.59
CA THR A 36 28.83 -3.46 7.79
C THR A 36 28.29 -4.89 7.71
N GLN A 37 27.49 -5.19 6.73
CA GLN A 37 26.93 -6.56 6.60
C GLN A 37 26.01 -6.85 7.79
N ASP A 38 25.69 -5.84 8.56
CA ASP A 38 24.80 -6.05 9.73
C ASP A 38 23.72 -4.96 9.76
N PHE A 39 23.38 -4.42 8.62
CA PHE A 39 22.34 -3.36 8.58
C PHE A 39 21.29 -3.70 7.52
N ASN A 40 21.34 -4.89 6.99
CA ASN A 40 20.35 -5.30 5.95
C ASN A 40 19.21 -6.08 6.60
N LYS A 41 19.45 -6.63 7.75
CA LYS A 41 18.38 -7.41 8.44
C LYS A 41 17.27 -6.47 8.90
N ALA A 42 17.61 -5.23 9.16
CA ALA A 42 16.58 -4.26 9.62
C ALA A 42 15.68 -3.89 8.44
N LEU A 43 16.17 -4.06 7.24
CA LEU A 43 15.34 -3.71 6.05
C LEU A 43 14.14 -4.66 5.96
N LYS A 44 14.39 -5.93 5.98
CA LYS A 44 13.26 -6.92 5.89
C LYS A 44 12.44 -6.87 7.18
N ASP A 45 13.01 -6.40 8.25
CA ASP A 45 12.24 -6.34 9.53
C ASP A 45 11.30 -5.14 9.52
N GLY A 46 11.81 -3.97 9.27
CA GLY A 46 10.96 -2.74 9.27
C GLY A 46 10.16 -2.63 7.97
N SER A 47 10.83 -2.63 6.85
CA SER A 47 10.11 -2.48 5.55
C SER A 47 9.05 -3.56 5.39
N ASP A 48 9.41 -4.80 5.57
CA ASP A 48 8.41 -5.89 5.42
C ASP A 48 7.26 -5.66 6.40
N SER A 49 7.55 -5.11 7.55
CA SER A 49 6.48 -4.86 8.55
C SER A 49 5.40 -3.97 7.94
N VAL A 50 5.77 -3.10 7.05
CA VAL A 50 4.76 -2.20 6.40
C VAL A 50 3.89 -3.02 5.46
N LEU A 51 4.30 -4.22 5.13
CA LEU A 51 3.48 -5.07 4.22
C LEU A 51 2.41 -5.80 5.02
N GLN A 52 2.80 -6.53 6.03
CA GLN A 52 1.81 -7.26 6.86
C GLN A 52 0.82 -6.25 7.45
N GLN A 53 1.26 -5.03 7.66
CA GLN A 53 0.36 -4.00 8.23
C GLN A 53 -0.57 -3.49 7.13
N LEU A 54 -0.03 -3.23 5.96
CA LEU A 54 -0.87 -2.74 4.84
C LEU A 54 -1.64 -3.93 4.24
N SER A 55 -1.00 -5.05 4.09
CA SER A 55 -1.69 -6.24 3.52
C SER A 55 -3.10 -6.35 4.09
N ALA A 56 -3.30 -5.86 5.28
CA ALA A 56 -4.65 -5.94 5.90
C ALA A 56 -5.63 -5.06 5.13
N PHE A 57 -5.17 -3.98 4.56
CA PHE A 57 -6.09 -3.10 3.79
C PHE A 57 -6.72 -3.89 2.65
N SER A 58 -5.92 -4.59 1.90
CA SER A 58 -6.48 -5.40 0.77
C SER A 58 -7.66 -6.22 1.26
N SER A 59 -7.63 -6.63 2.50
CA SER A 59 -8.76 -7.44 3.04
C SER A 59 -9.96 -6.53 3.34
N SER A 60 -9.79 -5.24 3.19
CA SER A 60 -10.91 -4.31 3.47
C SER A 60 -11.90 -4.32 2.31
N LEU A 61 -11.42 -4.25 1.10
CA LEU A 61 -12.34 -4.26 -0.07
C LEU A 61 -12.82 -5.69 -0.35
N GLN A 62 -12.15 -6.66 0.22
CA GLN A 62 -12.58 -8.08 -0.03
C GLN A 62 -14.05 -8.24 0.36
N GLY A 63 -14.50 -7.52 1.36
CA GLY A 63 -15.92 -7.64 1.78
C GLY A 63 -16.82 -7.05 0.69
N ALA A 64 -16.33 -6.08 -0.04
CA ALA A 64 -17.17 -5.47 -1.11
C ALA A 64 -17.28 -6.44 -2.28
N ILE A 65 -16.17 -6.94 -2.76
CA ILE A 65 -16.21 -7.89 -3.90
C ILE A 65 -17.05 -9.12 -3.52
N SER A 66 -17.25 -9.32 -2.25
CA SER A 66 -18.07 -10.49 -1.80
C SER A 66 -19.55 -10.20 -2.02
N ASP A 67 -19.88 -8.98 -2.33
CA ASP A 67 -21.31 -8.63 -2.56
C ASP A 67 -21.48 -8.01 -3.95
N ALA A 68 -20.39 -7.76 -4.64
CA ALA A 68 -20.49 -7.15 -5.99
C ALA A 68 -21.09 -8.17 -6.97
N ASN A 69 -22.00 -7.74 -7.80
CA ASN A 69 -22.62 -8.68 -8.77
C ASN A 69 -22.81 -7.96 -10.11
N GLY A 70 -21.82 -7.27 -10.58
CA GLY A 70 -21.95 -6.54 -11.88
C GLY A 70 -20.59 -6.52 -12.58
N LYS A 71 -19.94 -7.65 -12.71
CA LYS A 71 -18.62 -7.68 -13.38
C LYS A 71 -17.60 -6.89 -12.55
N ALA A 72 -17.97 -6.50 -11.36
CA ALA A 72 -17.02 -5.72 -10.51
C ALA A 72 -16.37 -6.67 -9.49
N LYS A 73 -17.13 -7.54 -8.90
CA LYS A 73 -16.56 -8.49 -7.90
C LYS A 73 -15.31 -9.15 -8.49
N GLU A 74 -15.28 -9.34 -9.78
CA GLU A 74 -14.08 -9.98 -10.40
C GLU A 74 -12.94 -8.97 -10.50
N ALA A 75 -13.24 -7.76 -10.90
CA ALA A 75 -12.17 -6.72 -11.00
C ALA A 75 -11.79 -6.22 -9.61
N LEU A 76 -12.69 -6.36 -8.66
CA LEU A 76 -12.39 -5.89 -7.28
C LEU A 76 -11.49 -6.90 -6.59
N GLU A 77 -11.48 -8.12 -7.05
CA GLU A 77 -10.61 -9.16 -6.41
C GLU A 77 -9.16 -8.92 -6.80
N GLN A 78 -8.92 -8.36 -7.96
CA GLN A 78 -7.52 -8.12 -8.40
C GLN A 78 -6.92 -6.98 -7.56
N ALA A 79 -7.60 -5.88 -7.47
CA ALA A 79 -7.07 -4.74 -6.67
C ALA A 79 -6.82 -5.20 -5.23
N ARG A 80 -7.49 -6.24 -4.81
CA ARG A 80 -7.30 -6.74 -3.41
C ARG A 80 -5.99 -7.52 -3.33
N GLN A 81 -5.83 -8.53 -4.14
CA GLN A 81 -4.58 -9.33 -4.10
C GLN A 81 -3.44 -8.55 -4.76
N ASN A 82 -3.67 -8.02 -5.93
CA ASN A 82 -2.61 -7.24 -6.61
C ASN A 82 -1.91 -6.31 -5.61
N VAL A 83 -2.69 -5.58 -4.84
CA VAL A 83 -2.07 -4.66 -3.84
C VAL A 83 -1.49 -5.47 -2.68
N GLU A 84 -2.05 -6.62 -2.41
CA GLU A 84 -1.54 -7.45 -1.29
C GLU A 84 -0.25 -8.15 -1.72
N LYS A 85 -0.17 -8.59 -2.94
CA LYS A 85 1.07 -9.28 -3.41
C LYS A 85 2.14 -8.24 -3.72
N THR A 86 1.76 -7.07 -4.12
CA THR A 86 2.77 -6.01 -4.43
C THR A 86 3.52 -5.64 -3.15
N ALA A 87 2.84 -5.55 -2.05
CA ALA A 87 3.53 -5.19 -0.77
C ALA A 87 4.24 -6.42 -0.21
N GLU A 88 3.53 -7.48 -0.02
CA GLU A 88 4.16 -8.71 0.54
C GLU A 88 5.08 -9.34 -0.52
N GLU A 89 5.08 -8.79 -1.71
CA GLU A 89 5.94 -9.35 -2.79
C GLU A 89 7.33 -9.67 -2.24
N LEU A 90 7.99 -8.70 -1.66
CA LEU A 90 9.35 -8.95 -1.10
C LEU A 90 9.23 -9.57 0.30
N ARG A 91 8.06 -9.55 0.87
CA ARG A 91 7.89 -10.13 2.23
C ARG A 91 7.98 -11.66 2.15
N LYS A 92 8.09 -12.20 0.96
CA LYS A 92 8.19 -13.67 0.82
C LYS A 92 9.60 -14.14 1.18
N ALA A 93 10.52 -13.22 1.34
CA ALA A 93 11.90 -13.61 1.70
C ALA A 93 12.38 -12.78 2.89
N HIS A 94 13.67 -12.66 3.07
CA HIS A 94 14.19 -11.85 4.20
C HIS A 94 15.68 -12.16 4.43
N PRO A 95 16.02 -13.42 4.54
CA PRO A 95 17.41 -13.86 4.75
C PRO A 95 18.20 -13.79 3.45
N ASP A 96 17.53 -13.61 2.33
CA ASP A 96 18.25 -13.53 1.03
C ASP A 96 18.82 -12.12 0.84
N VAL A 97 18.13 -11.13 1.31
CA VAL A 97 18.63 -9.73 1.15
C VAL A 97 19.68 -9.44 2.23
N GLU A 98 19.58 -10.09 3.36
CA GLU A 98 20.57 -9.84 4.45
C GLU A 98 21.93 -10.40 4.03
N LYS A 99 21.94 -11.33 3.12
CA LYS A 99 23.24 -11.91 2.66
C LYS A 99 23.87 -10.98 1.63
N GLU A 100 23.20 -10.75 0.53
CA GLU A 100 23.76 -9.85 -0.51
C GLU A 100 23.64 -8.39 -0.06
N ALA A 101 22.53 -8.02 0.50
CA ALA A 101 22.35 -6.62 0.96
C ALA A 101 22.94 -5.65 -0.08
N ASN A 102 22.95 -6.04 -1.32
CA ASN A 102 23.52 -5.15 -2.37
C ASN A 102 22.68 -3.87 -2.46
N ALA A 103 21.38 -4.00 -2.40
CA ALA A 103 20.51 -2.78 -2.49
C ALA A 103 19.06 -3.22 -2.71
N PHE A 104 18.63 -4.25 -2.05
CA PHE A 104 17.22 -4.71 -2.22
C PHE A 104 16.28 -3.70 -1.57
N LYS A 105 16.81 -2.71 -0.91
CA LYS A 105 15.93 -1.69 -0.26
C LYS A 105 14.84 -1.25 -1.25
N ASP A 106 15.10 -1.36 -2.53
CA ASP A 106 14.08 -0.96 -3.53
C ASP A 106 12.91 -1.95 -3.50
N LYS A 107 13.08 -3.06 -2.85
CA LYS A 107 11.98 -4.06 -2.78
C LYS A 107 10.77 -3.43 -2.07
N LEU A 108 10.97 -2.92 -0.89
CA LEU A 108 9.84 -2.29 -0.14
C LEU A 108 9.57 -0.90 -0.72
N GLN A 109 10.58 -0.07 -0.77
CA GLN A 109 10.38 1.30 -1.32
C GLN A 109 9.65 1.21 -2.66
N ALA A 110 10.08 0.33 -3.52
CA ALA A 110 9.42 0.19 -4.85
C ALA A 110 8.11 -0.59 -4.68
N ALA A 111 7.92 -1.23 -3.56
CA ALA A 111 6.67 -2.00 -3.35
C ALA A 111 5.52 -1.04 -3.06
N VAL A 112 5.67 -0.18 -2.10
CA VAL A 112 4.58 0.78 -1.76
C VAL A 112 4.27 1.64 -2.99
N GLN A 113 5.29 2.18 -3.62
CA GLN A 113 5.05 3.03 -4.82
C GLN A 113 4.07 2.33 -5.76
N THR A 114 4.00 1.02 -5.69
CA THR A 114 3.07 0.27 -6.58
C THR A 114 1.64 0.40 -6.04
N THR A 115 1.50 0.50 -4.75
CA THR A 115 0.14 0.63 -4.16
C THR A 115 -0.52 1.90 -4.68
N VAL A 116 0.25 2.87 -5.07
CA VAL A 116 -0.33 4.13 -5.60
C VAL A 116 -0.94 3.88 -6.98
N GLN A 117 -0.43 2.91 -7.69
CA GLN A 117 -0.98 2.62 -9.05
C GLN A 117 -2.31 1.87 -8.90
N GLU A 118 -2.43 1.05 -7.91
CA GLU A 118 -3.70 0.28 -7.72
C GLU A 118 -4.83 1.26 -7.38
N SER A 119 -4.62 2.10 -6.40
CA SER A 119 -5.68 3.07 -6.01
C SER A 119 -6.27 3.71 -7.28
N GLN A 120 -5.50 3.76 -8.34
CA GLN A 120 -6.03 4.37 -9.59
C GLN A 120 -6.96 3.37 -10.29
N LYS A 121 -6.50 2.18 -10.55
CA LYS A 121 -7.37 1.18 -11.23
C LYS A 121 -8.73 1.13 -10.53
N LEU A 122 -8.74 0.95 -9.24
CA LEU A 122 -10.03 0.89 -8.50
C LEU A 122 -10.70 2.27 -8.52
N ALA A 123 -9.92 3.31 -8.48
CA ALA A 123 -10.51 4.69 -8.50
C ALA A 123 -11.36 4.85 -9.76
N LYS A 124 -10.82 4.49 -10.90
CA LYS A 124 -11.61 4.62 -12.16
C LYS A 124 -12.63 3.49 -12.26
N GLU A 125 -12.26 2.32 -11.82
CA GLU A 125 -13.22 1.17 -11.89
C GLU A 125 -14.58 1.62 -11.40
N VAL A 126 -14.66 2.16 -10.21
CA VAL A 126 -15.97 2.62 -9.68
C VAL A 126 -16.41 3.88 -10.43
N ALA A 127 -15.49 4.73 -10.79
CA ALA A 127 -15.86 5.97 -11.51
C ALA A 127 -16.47 5.61 -12.87
N SER A 128 -15.86 4.69 -13.58
CA SER A 128 -16.41 4.30 -14.91
C SER A 128 -17.76 3.63 -14.72
N ASN A 129 -18.03 3.11 -13.55
CA ASN A 129 -19.33 2.43 -13.31
C ASN A 129 -20.43 3.49 -13.13
N MET A 130 -20.07 4.74 -13.13
CA MET A 130 -21.10 5.82 -12.96
C MET A 130 -21.66 5.76 -11.53
N GLU A 131 -21.03 5.03 -10.66
CA GLU A 131 -21.52 4.93 -9.27
C GLU A 131 -23.01 4.58 -9.27
N GLU A 132 -23.48 3.99 -10.34
CA GLU A 132 -24.93 3.62 -10.41
C GLU A 132 -25.10 2.17 -9.98
N THR A 133 -24.09 1.36 -10.15
CA THR A 133 -24.19 -0.07 -9.75
C THR A 133 -23.06 -0.43 -8.79
N ASN A 134 -22.63 0.52 -7.98
CA ASN A 134 -21.53 0.24 -7.03
C ASN A 134 -21.90 0.77 -5.64
N LYS A 135 -22.94 0.24 -5.06
CA LYS A 135 -23.35 0.71 -3.71
C LYS A 135 -22.59 -0.06 -2.63
N LYS A 136 -22.18 -1.27 -2.94
CA LYS A 136 -21.42 -2.07 -1.95
C LYS A 136 -19.97 -1.58 -1.88
N LEU A 137 -19.49 -0.99 -2.94
CA LEU A 137 -18.09 -0.49 -2.95
C LEU A 137 -18.01 0.84 -2.17
N ALA A 138 -19.15 1.39 -1.82
CA ALA A 138 -19.14 2.68 -1.07
C ALA A 138 -18.63 2.46 0.35
N PRO A 139 -19.25 1.54 1.06
CA PRO A 139 -18.88 1.21 2.44
C PRO A 139 -17.63 0.33 2.47
N LYS A 140 -16.61 0.71 1.74
CA LYS A 140 -15.37 -0.11 1.73
C LYS A 140 -14.25 0.67 1.02
N ILE A 141 -14.58 1.44 0.03
CA ILE A 141 -13.54 2.22 -0.69
C ILE A 141 -13.00 3.33 0.23
N LYS A 142 -13.76 3.74 1.20
CA LYS A 142 -13.30 4.80 2.12
C LYS A 142 -12.29 4.22 3.11
N GLN A 143 -12.56 3.05 3.63
CA GLN A 143 -11.62 2.43 4.60
C GLN A 143 -10.37 1.94 3.86
N ALA A 144 -10.49 1.69 2.59
CA ALA A 144 -9.31 1.22 1.81
C ALA A 144 -8.36 2.39 1.54
N TYR A 145 -8.88 3.59 1.52
CA TYR A 145 -8.02 4.77 1.27
C TYR A 145 -7.27 5.16 2.54
N ASP A 146 -7.98 5.32 3.63
CA ASP A 146 -7.30 5.69 4.91
C ASP A 146 -6.16 4.71 5.18
N ASP A 147 -6.19 3.56 4.58
CA ASP A 147 -5.11 2.55 4.82
C ASP A 147 -3.83 3.02 4.11
N PHE A 148 -3.94 3.48 2.89
CA PHE A 148 -2.73 3.94 2.15
C PHE A 148 -1.98 4.97 3.00
N VAL A 149 -2.65 6.02 3.41
CA VAL A 149 -1.96 7.06 4.23
C VAL A 149 -1.61 6.47 5.60
N LYS A 150 -2.22 5.39 5.97
CA LYS A 150 -1.92 4.78 7.30
C LYS A 150 -0.59 4.00 7.21
N HIS A 151 -0.46 3.13 6.25
CA HIS A 151 0.80 2.35 6.12
C HIS A 151 1.88 3.22 5.48
N ALA A 152 1.53 4.03 4.52
CA ALA A 152 2.55 4.90 3.86
C ALA A 152 3.40 5.60 4.93
N GLU A 153 2.76 6.29 5.84
CA GLU A 153 3.53 7.00 6.89
C GLU A 153 3.99 6.00 7.96
N GLU A 154 3.58 4.76 7.84
CA GLU A 154 3.98 3.74 8.85
C GLU A 154 5.45 3.35 8.61
N VAL A 155 5.79 2.97 7.41
CA VAL A 155 7.19 2.57 7.13
C VAL A 155 8.13 3.73 7.48
N GLN A 156 7.61 4.91 7.64
CA GLN A 156 8.48 6.07 7.98
C GLN A 156 8.83 6.01 9.47
N LYS A 157 7.85 5.94 10.33
CA LYS A 157 8.15 5.89 11.79
C LYS A 157 9.16 4.78 12.06
N LYS A 158 9.05 3.68 11.37
CA LYS A 158 10.02 2.56 11.59
C LYS A 158 11.38 2.95 10.99
N LEU A 159 11.40 3.30 9.73
CA LEU A 159 12.70 3.68 9.09
C LEU A 159 13.45 4.66 10.00
N HIS A 160 12.76 5.66 10.49
CA HIS A 160 13.44 6.65 11.39
C HIS A 160 14.22 5.91 12.46
N GLU A 161 13.67 4.87 13.01
CA GLU A 161 14.39 4.10 14.07
C GLU A 161 15.46 3.23 13.43
N ALA A 162 15.47 3.12 12.13
CA ALA A 162 16.49 2.29 11.46
C ALA A 162 17.84 3.03 11.45
N ALA A 163 17.80 4.33 11.33
CA ALA A 163 19.07 5.11 11.31
C ALA A 163 19.98 4.61 12.43
N THR A 164 19.42 4.06 13.47
CA THR A 164 20.26 3.56 14.60
C THR A 164 19.36 3.22 15.78
N LYS A 165 18.27 2.54 15.54
CA LYS A 165 17.35 2.17 16.66
C LYS A 165 16.80 3.45 17.31
N GLN A 166 17.54 4.03 18.21
CA GLN A 166 17.06 5.27 18.88
C GLN A 166 17.49 6.48 18.06
N ASP A 1 -25.15 15.49 -8.02
CA ASP A 1 -24.26 16.36 -8.85
C ASP A 1 -24.03 17.68 -8.11
N ALA A 2 -23.16 17.68 -7.13
CA ALA A 2 -22.90 18.93 -6.38
C ALA A 2 -21.38 19.08 -6.16
N PRO A 3 -20.95 20.32 -6.07
CA PRO A 3 -19.53 20.64 -5.86
C PRO A 3 -19.13 20.45 -4.40
N ALA A 4 -19.53 19.35 -3.80
CA ALA A 4 -19.17 19.12 -2.38
C ALA A 4 -19.66 17.73 -1.96
N GLY A 5 -19.43 16.74 -2.78
CA GLY A 5 -19.88 15.36 -2.42
C GLY A 5 -18.95 14.77 -1.38
N GLY A 6 -18.73 13.48 -1.42
CA GLY A 6 -17.81 12.84 -0.43
C GLY A 6 -16.39 12.87 -0.95
N ASN A 7 -16.13 13.65 -1.98
CA ASN A 7 -14.76 13.72 -2.54
C ASN A 7 -14.19 12.31 -2.68
N ALA A 8 -14.51 11.64 -3.75
CA ALA A 8 -13.99 10.26 -3.95
C ALA A 8 -13.43 10.12 -5.37
N PHE A 9 -13.51 8.95 -5.94
CA PHE A 9 -12.98 8.75 -7.32
C PHE A 9 -11.46 8.83 -7.30
N GLU A 10 -10.85 9.21 -8.39
CA GLU A 10 -9.37 9.30 -8.44
C GLU A 10 -8.89 10.27 -7.35
N GLU A 11 -9.77 11.09 -6.84
CA GLU A 11 -9.37 12.05 -5.78
C GLU A 11 -8.90 11.28 -4.54
N MET A 12 -9.53 10.18 -4.24
CA MET A 12 -9.13 9.39 -3.05
C MET A 12 -7.76 8.76 -3.30
N GLU A 13 -7.48 8.40 -4.51
CA GLU A 13 -6.15 7.77 -4.82
C GLU A 13 -5.09 8.88 -4.89
N LYS A 14 -5.48 10.06 -5.28
CA LYS A 14 -4.50 11.17 -5.37
C LYS A 14 -4.11 11.63 -3.96
N HIS A 15 -5.06 11.66 -3.06
CA HIS A 15 -4.73 12.10 -1.67
C HIS A 15 -4.02 10.97 -0.92
N ALA A 16 -4.31 9.75 -1.29
CA ALA A 16 -3.65 8.58 -0.62
C ALA A 16 -2.24 8.42 -1.15
N LYS A 17 -2.10 8.37 -2.45
CA LYS A 17 -0.74 8.20 -3.05
C LYS A 17 0.19 9.27 -2.48
N GLU A 18 -0.25 10.50 -2.44
CA GLU A 18 0.62 11.57 -1.89
C GLU A 18 1.20 11.13 -0.55
N PHE A 19 0.50 10.29 0.16
CA PHE A 19 1.01 9.82 1.48
C PHE A 19 2.18 8.86 1.25
N GLN A 20 2.20 8.19 0.13
CA GLN A 20 3.32 7.25 -0.15
C GLN A 20 4.56 8.04 -0.54
N LYS A 21 4.41 9.30 -0.86
CA LYS A 21 5.58 10.12 -1.25
C LYS A 21 6.35 10.53 0.01
N THR A 22 5.69 10.57 1.13
CA THR A 22 6.40 10.96 2.38
C THR A 22 7.27 9.80 2.85
N PHE A 23 6.86 8.59 2.62
CA PHE A 23 7.67 7.42 3.05
C PHE A 23 8.83 7.22 2.06
N SER A 24 8.63 7.60 0.82
CA SER A 24 9.71 7.43 -0.19
C SER A 24 10.92 8.30 0.19
N GLU A 25 10.67 9.50 0.65
CA GLU A 25 11.81 10.39 1.04
C GLU A 25 12.22 10.09 2.47
N GLN A 26 11.35 9.47 3.23
CA GLN A 26 11.69 9.16 4.65
C GLN A 26 12.62 7.94 4.70
N PHE A 27 12.41 6.97 3.86
CA PHE A 27 13.29 5.76 3.90
C PHE A 27 14.68 6.12 3.34
N ASN A 28 14.76 7.18 2.59
CA ASN A 28 16.09 7.58 2.03
C ASN A 28 17.06 7.86 3.17
N SER A 29 16.55 8.06 4.36
CA SER A 29 17.44 8.33 5.52
C SER A 29 18.08 7.02 5.99
N LEU A 30 17.35 5.94 5.93
CA LEU A 30 17.91 4.64 6.39
C LEU A 30 19.32 4.47 5.81
N VAL A 31 19.61 5.11 4.72
CA VAL A 31 20.97 4.99 4.12
C VAL A 31 22.03 5.08 5.21
N ASN A 32 21.72 5.75 6.29
CA ASN A 32 22.71 5.88 7.40
C ASN A 32 22.40 4.83 8.47
N SER A 33 23.40 4.10 8.89
CA SER A 33 23.16 3.07 9.95
C SER A 33 24.51 2.65 10.56
N LYS A 34 24.57 1.48 11.13
CA LYS A 34 25.85 1.02 11.74
C LYS A 34 26.75 0.42 10.66
N ASN A 35 26.21 -0.42 9.81
CA ASN A 35 27.03 -1.02 8.74
C ASN A 35 27.94 -2.09 9.35
N THR A 36 27.39 -3.06 10.02
CA THR A 36 28.23 -4.13 10.63
C THR A 36 27.72 -5.50 10.19
N GLN A 37 27.18 -5.59 9.01
CA GLN A 37 26.65 -6.90 8.52
C GLN A 37 25.51 -7.36 9.42
N ASP A 38 24.96 -6.46 10.21
CA ASP A 38 23.84 -6.85 11.10
C ASP A 38 22.87 -5.67 11.25
N PHE A 39 22.94 -4.73 10.35
CA PHE A 39 22.02 -3.56 10.44
C PHE A 39 20.91 -3.68 9.39
N ASN A 40 21.16 -4.45 8.36
CA ASN A 40 20.13 -4.62 7.29
C ASN A 40 18.91 -5.32 7.89
N LYS A 41 19.12 -6.39 8.61
CA LYS A 41 17.98 -7.13 9.23
C LYS A 41 16.98 -6.13 9.81
N ALA A 42 17.45 -5.22 10.63
CA ALA A 42 16.54 -4.21 11.23
C ALA A 42 15.77 -3.51 10.11
N LEU A 43 16.41 -3.29 9.00
CA LEU A 43 15.72 -2.61 7.86
C LEU A 43 14.64 -3.53 7.32
N LYS A 44 14.82 -4.81 7.44
CA LYS A 44 13.78 -5.77 6.93
C LYS A 44 12.60 -5.79 7.89
N ASP A 45 12.82 -5.51 9.14
CA ASP A 45 11.70 -5.51 10.12
C ASP A 45 10.74 -4.38 9.80
N GLY A 46 11.25 -3.21 9.53
CA GLY A 46 10.36 -2.06 9.21
C GLY A 46 9.82 -2.21 7.79
N SER A 47 10.70 -2.42 6.83
CA SER A 47 10.23 -2.58 5.43
C SER A 47 9.27 -3.76 5.33
N ASP A 48 9.52 -4.80 6.07
CA ASP A 48 8.61 -5.99 6.03
C ASP A 48 7.33 -5.67 6.78
N SER A 49 7.38 -4.78 7.74
CA SER A 49 6.16 -4.42 8.50
C SER A 49 5.17 -3.72 7.59
N VAL A 50 5.62 -2.76 6.83
CA VAL A 50 4.71 -2.03 5.91
C VAL A 50 4.05 -3.03 4.94
N LEU A 51 4.63 -4.19 4.80
CA LEU A 51 4.02 -5.20 3.88
C LEU A 51 2.76 -5.78 4.51
N GLN A 52 2.87 -6.28 5.71
CA GLN A 52 1.67 -6.87 6.39
C GLN A 52 0.77 -5.74 6.87
N GLN A 53 1.30 -4.54 6.99
CA GLN A 53 0.47 -3.41 7.46
C GLN A 53 -0.55 -3.04 6.37
N LEU A 54 -0.09 -2.82 5.17
CA LEU A 54 -1.03 -2.46 4.07
C LEU A 54 -1.76 -3.71 3.59
N SER A 55 -1.08 -4.83 3.57
CA SER A 55 -1.74 -6.09 3.12
C SER A 55 -3.14 -6.19 3.73
N ALA A 56 -3.35 -5.56 4.86
CA ALA A 56 -4.68 -5.63 5.51
C ALA A 56 -5.71 -4.84 4.69
N PHE A 57 -5.42 -3.61 4.35
CA PHE A 57 -6.40 -2.81 3.55
C PHE A 57 -6.84 -3.63 2.34
N SER A 58 -5.94 -4.32 1.71
CA SER A 58 -6.32 -5.13 0.52
C SER A 58 -7.55 -5.97 0.85
N SER A 59 -7.69 -6.37 2.09
CA SER A 59 -8.88 -7.18 2.48
C SER A 59 -10.10 -6.28 2.63
N SER A 60 -9.91 -4.99 2.63
CA SER A 60 -11.06 -4.06 2.77
C SER A 60 -11.91 -4.11 1.51
N LEU A 61 -11.29 -4.28 0.37
CA LEU A 61 -12.07 -4.33 -0.90
C LEU A 61 -12.74 -5.70 -1.05
N GLN A 62 -12.45 -6.62 -0.15
CA GLN A 62 -13.07 -7.96 -0.26
C GLN A 62 -14.58 -7.85 0.01
N GLY A 63 -14.97 -6.97 0.88
CA GLY A 63 -16.43 -6.81 1.18
C GLY A 63 -17.15 -6.27 -0.05
N ALA A 64 -16.46 -5.57 -0.90
CA ALA A 64 -17.10 -5.00 -2.12
C ALA A 64 -17.34 -6.13 -3.13
N ILE A 65 -16.38 -7.01 -3.29
CA ILE A 65 -16.55 -8.12 -4.26
C ILE A 65 -17.46 -9.19 -3.64
N SER A 66 -17.55 -9.23 -2.33
CA SER A 66 -18.42 -10.25 -1.69
C SER A 66 -19.83 -9.70 -1.53
N ASP A 67 -20.02 -8.43 -1.79
CA ASP A 67 -21.39 -7.84 -1.66
C ASP A 67 -21.62 -6.86 -2.81
N ALA A 68 -21.04 -7.12 -3.95
CA ALA A 68 -21.24 -6.20 -5.11
C ALA A 68 -22.54 -6.57 -5.83
N ASN A 69 -22.72 -6.08 -7.03
CA ASN A 69 -23.96 -6.39 -7.78
C ASN A 69 -23.69 -6.30 -9.28
N GLY A 70 -22.48 -6.59 -9.69
CA GLY A 70 -22.15 -6.51 -11.15
C GLY A 70 -20.76 -7.10 -11.38
N LYS A 71 -20.17 -6.82 -12.52
CA LYS A 71 -18.82 -7.37 -12.81
C LYS A 71 -17.78 -6.61 -11.99
N ALA A 72 -18.16 -5.53 -11.37
CA ALA A 72 -17.20 -4.74 -10.55
C ALA A 72 -16.65 -5.62 -9.42
N LYS A 73 -17.42 -6.59 -8.99
CA LYS A 73 -16.94 -7.48 -7.89
C LYS A 73 -15.66 -8.20 -8.33
N GLU A 74 -15.49 -8.39 -9.60
CA GLU A 74 -14.27 -9.09 -10.10
C GLU A 74 -13.09 -8.12 -10.07
N ALA A 75 -13.28 -6.92 -10.54
CA ALA A 75 -12.16 -5.93 -10.53
C ALA A 75 -11.84 -5.53 -9.09
N LEU A 76 -12.72 -5.81 -8.18
CA LEU A 76 -12.47 -5.45 -6.75
C LEU A 76 -11.48 -6.45 -6.14
N GLU A 77 -11.74 -7.72 -6.28
CA GLU A 77 -10.82 -8.73 -5.71
C GLU A 77 -9.41 -8.54 -6.27
N GLN A 78 -9.31 -8.12 -7.51
CA GLN A 78 -7.97 -7.92 -8.11
C GLN A 78 -7.20 -6.86 -7.32
N ALA A 79 -7.77 -5.71 -7.15
CA ALA A 79 -7.06 -4.63 -6.38
C ALA A 79 -6.66 -5.17 -5.00
N ARG A 80 -7.31 -6.21 -4.56
CA ARG A 80 -6.96 -6.77 -3.21
C ARG A 80 -5.65 -7.56 -3.32
N GLN A 81 -5.61 -8.55 -4.16
CA GLN A 81 -4.35 -9.35 -4.30
C GLN A 81 -3.29 -8.53 -5.03
N ASN A 82 -3.68 -7.83 -6.06
CA ASN A 82 -2.68 -7.02 -6.83
C ASN A 82 -1.87 -6.16 -5.85
N VAL A 83 -2.53 -5.40 -5.01
CA VAL A 83 -1.79 -4.54 -4.04
C VAL A 83 -1.32 -5.38 -2.85
N GLU A 84 -1.90 -6.53 -2.66
CA GLU A 84 -1.48 -7.39 -1.51
C GLU A 84 -0.16 -8.08 -1.84
N LYS A 85 0.01 -8.51 -3.07
CA LYS A 85 1.27 -9.20 -3.45
C LYS A 85 2.39 -8.17 -3.64
N THR A 86 2.08 -7.04 -4.21
CA THR A 86 3.13 -6.01 -4.43
C THR A 86 3.75 -5.63 -3.08
N ALA A 87 2.97 -5.58 -2.04
CA ALA A 87 3.53 -5.22 -0.70
C ALA A 87 4.24 -6.43 -0.09
N GLU A 88 3.56 -7.54 0.02
CA GLU A 88 4.21 -8.75 0.60
C GLU A 88 5.21 -9.32 -0.41
N GLU A 89 5.26 -8.77 -1.59
CA GLU A 89 6.22 -9.28 -2.61
C GLU A 89 7.57 -9.58 -1.97
N LEU A 90 8.15 -8.62 -1.30
CA LEU A 90 9.48 -8.85 -0.65
C LEU A 90 9.27 -9.53 0.69
N ARG A 91 8.10 -9.38 1.28
CA ARG A 91 7.85 -10.02 2.60
C ARG A 91 8.36 -11.47 2.58
N LYS A 92 8.41 -12.06 1.42
CA LYS A 92 8.89 -13.46 1.32
C LYS A 92 10.39 -13.51 1.62
N ALA A 93 11.08 -12.44 1.39
CA ALA A 93 12.55 -12.42 1.66
C ALA A 93 12.79 -11.86 3.07
N HIS A 94 14.03 -11.82 3.49
CA HIS A 94 14.34 -11.28 4.84
C HIS A 94 15.78 -11.64 5.22
N PRO A 95 16.10 -12.91 5.13
CA PRO A 95 17.44 -13.41 5.46
C PRO A 95 18.41 -13.13 4.31
N ASP A 96 18.03 -13.46 3.10
CA ASP A 96 18.93 -13.20 1.94
C ASP A 96 19.32 -11.71 1.91
N VAL A 97 18.35 -10.85 2.02
CA VAL A 97 18.65 -9.39 1.99
C VAL A 97 19.55 -9.03 3.18
N GLU A 98 19.25 -9.55 4.33
CA GLU A 98 20.09 -9.25 5.52
C GLU A 98 21.49 -9.84 5.33
N LYS A 99 21.60 -10.89 4.57
CA LYS A 99 22.94 -11.51 4.34
C LYS A 99 23.77 -10.60 3.44
N GLU A 100 23.31 -10.33 2.25
CA GLU A 100 24.07 -9.44 1.33
C GLU A 100 23.90 -7.99 1.76
N ALA A 101 22.74 -7.64 2.24
CA ALA A 101 22.50 -6.23 2.67
C ALA A 101 23.09 -5.27 1.63
N ASN A 102 23.17 -5.70 0.40
CA ASN A 102 23.73 -4.82 -0.66
C ASN A 102 22.76 -3.66 -0.93
N ALA A 103 21.48 -3.94 -1.00
CA ALA A 103 20.50 -2.86 -1.25
C ALA A 103 19.16 -3.46 -1.68
N PHE A 104 18.75 -4.52 -1.03
CA PHE A 104 17.45 -5.16 -1.41
C PHE A 104 16.30 -4.26 -0.96
N LYS A 105 16.54 -3.43 0.02
CA LYS A 105 15.45 -2.52 0.50
C LYS A 105 14.78 -1.86 -0.70
N ASP A 106 15.51 -1.66 -1.77
CA ASP A 106 14.92 -1.02 -2.97
C ASP A 106 13.69 -1.81 -3.43
N LYS A 107 13.57 -3.04 -2.98
CA LYS A 107 12.40 -3.86 -3.40
C LYS A 107 11.17 -3.42 -2.60
N LEU A 108 11.35 -3.00 -1.38
CA LEU A 108 10.19 -2.56 -0.56
C LEU A 108 9.78 -1.15 -0.99
N GLN A 109 10.70 -0.22 -0.98
CA GLN A 109 10.35 1.17 -1.39
C GLN A 109 9.65 1.13 -2.75
N ALA A 110 10.08 0.27 -3.63
CA ALA A 110 9.45 0.20 -4.97
C ALA A 110 8.04 -0.40 -4.83
N ALA A 111 7.81 -1.18 -3.81
CA ALA A 111 6.46 -1.79 -3.63
C ALA A 111 5.52 -0.75 -3.03
N VAL A 112 6.04 0.30 -2.46
CA VAL A 112 5.17 1.34 -1.87
C VAL A 112 4.54 2.18 -2.99
N GLN A 113 5.34 2.62 -3.93
CA GLN A 113 4.79 3.44 -5.05
C GLN A 113 3.98 2.54 -5.98
N THR A 114 4.11 1.25 -5.86
CA THR A 114 3.34 0.34 -6.75
C THR A 114 1.90 0.24 -6.25
N THR A 115 1.66 0.54 -5.01
CA THR A 115 0.27 0.47 -4.47
C THR A 115 -0.48 1.73 -4.91
N VAL A 116 0.25 2.74 -5.30
CA VAL A 116 -0.39 4.01 -5.73
C VAL A 116 -0.93 3.85 -7.16
N GLN A 117 -0.34 2.97 -7.92
CA GLN A 117 -0.83 2.77 -9.32
C GLN A 117 -2.11 1.93 -9.31
N GLU A 118 -2.25 1.06 -8.34
CA GLU A 118 -3.47 0.22 -8.28
C GLU A 118 -4.66 1.08 -7.83
N SER A 119 -4.45 1.97 -6.89
CA SER A 119 -5.55 2.83 -6.41
C SER A 119 -6.29 3.43 -7.61
N GLN A 120 -5.62 3.55 -8.73
CA GLN A 120 -6.28 4.13 -9.94
C GLN A 120 -7.28 3.11 -10.50
N LYS A 121 -6.84 1.92 -10.77
CA LYS A 121 -7.76 0.89 -11.33
C LYS A 121 -9.01 0.78 -10.44
N LEU A 122 -8.82 0.78 -9.14
CA LEU A 122 -10.00 0.69 -8.23
C LEU A 122 -10.75 2.01 -8.23
N ALA A 123 -10.05 3.10 -8.35
CA ALA A 123 -10.74 4.43 -8.36
C ALA A 123 -11.64 4.53 -9.59
N LYS A 124 -11.18 4.08 -10.72
CA LYS A 124 -12.02 4.14 -11.94
C LYS A 124 -13.11 3.07 -11.88
N GLU A 125 -12.83 1.97 -11.23
CA GLU A 125 -13.85 0.89 -11.13
C GLU A 125 -15.12 1.45 -10.50
N VAL A 126 -15.01 2.09 -9.37
CA VAL A 126 -16.23 2.66 -8.72
C VAL A 126 -16.77 3.81 -9.57
N ALA A 127 -15.91 4.55 -10.22
CA ALA A 127 -16.39 5.68 -11.06
C ALA A 127 -17.06 5.11 -12.33
N SER A 128 -16.60 3.99 -12.81
CA SER A 128 -17.21 3.40 -14.02
C SER A 128 -18.71 3.19 -13.79
N ASN A 129 -19.08 2.60 -12.69
CA ASN A 129 -20.53 2.38 -12.41
C ASN A 129 -21.22 3.72 -12.18
N MET A 130 -20.46 4.77 -11.98
CA MET A 130 -21.07 6.11 -11.75
C MET A 130 -21.84 6.09 -10.42
N GLU A 131 -21.58 5.13 -9.59
CA GLU A 131 -22.28 5.06 -8.28
C GLU A 131 -23.79 4.91 -8.54
N GLU A 132 -24.16 4.46 -9.69
CA GLU A 132 -25.62 4.28 -10.00
C GLU A 132 -26.02 2.84 -9.73
N THR A 133 -25.08 1.97 -9.52
CA THR A 133 -25.41 0.55 -9.25
C THR A 133 -24.22 -0.14 -8.56
N ASN A 134 -23.68 0.47 -7.54
CA ASN A 134 -22.52 -0.15 -6.84
C ASN A 134 -22.15 0.70 -5.62
N LYS A 135 -23.06 0.87 -4.70
CA LYS A 135 -22.75 1.68 -3.50
C LYS A 135 -22.18 0.78 -2.40
N LYS A 136 -21.85 -0.43 -2.72
CA LYS A 136 -21.30 -1.35 -1.70
C LYS A 136 -19.83 -1.00 -1.44
N LEU A 137 -19.13 -0.54 -2.45
CA LEU A 137 -17.70 -0.18 -2.27
C LEU A 137 -17.59 1.19 -1.59
N ALA A 138 -18.70 1.84 -1.34
CA ALA A 138 -18.66 3.19 -0.71
C ALA A 138 -17.81 3.14 0.57
N PRO A 139 -18.20 2.27 1.48
CA PRO A 139 -17.49 2.10 2.77
C PRO A 139 -16.19 1.32 2.56
N LYS A 140 -16.09 0.57 1.48
CA LYS A 140 -14.85 -0.21 1.23
C LYS A 140 -13.84 0.68 0.51
N ILE A 141 -14.22 1.88 0.15
CA ILE A 141 -13.28 2.80 -0.56
C ILE A 141 -12.43 3.54 0.46
N LYS A 142 -13.04 4.08 1.47
CA LYS A 142 -12.25 4.83 2.50
C LYS A 142 -11.43 3.84 3.34
N GLN A 143 -12.03 2.78 3.79
CA GLN A 143 -11.29 1.78 4.61
C GLN A 143 -10.08 1.27 3.82
N ALA A 144 -10.21 1.16 2.53
CA ALA A 144 -9.07 0.66 1.71
C ALA A 144 -8.04 1.78 1.52
N TYR A 145 -8.48 2.96 1.19
CA TYR A 145 -7.52 4.08 0.99
C TYR A 145 -7.05 4.59 2.36
N ASP A 146 -7.97 4.83 3.27
CA ASP A 146 -7.56 5.32 4.61
C ASP A 146 -6.37 4.49 5.11
N ASP A 147 -6.25 3.29 4.65
CA ASP A 147 -5.11 2.42 5.09
C ASP A 147 -3.84 2.85 4.35
N PHE A 148 -3.96 3.26 3.11
CA PHE A 148 -2.76 3.67 2.34
C PHE A 148 -1.99 4.75 3.11
N VAL A 149 -2.65 5.80 3.51
CA VAL A 149 -1.96 6.88 4.26
C VAL A 149 -1.71 6.42 5.70
N LYS A 150 -2.39 5.40 6.14
CA LYS A 150 -2.18 4.91 7.54
C LYS A 150 -0.89 4.10 7.61
N HIS A 151 -0.76 3.09 6.79
CA HIS A 151 0.48 2.26 6.82
C HIS A 151 1.59 2.99 6.09
N ALA A 152 1.26 3.98 5.30
CA ALA A 152 2.31 4.72 4.55
C ALA A 152 3.23 5.44 5.54
N GLU A 153 2.69 6.25 6.41
CA GLU A 153 3.54 6.97 7.39
C GLU A 153 3.97 6.01 8.50
N GLU A 154 3.44 4.82 8.52
CA GLU A 154 3.82 3.84 9.58
C GLU A 154 5.18 3.24 9.24
N VAL A 155 5.57 3.28 7.99
CA VAL A 155 6.89 2.72 7.61
C VAL A 155 8.00 3.69 8.00
N GLN A 156 7.88 4.93 7.60
CA GLN A 156 8.93 5.93 7.96
C GLN A 156 9.33 5.75 9.42
N LYS A 157 8.38 5.50 10.28
CA LYS A 157 8.70 5.32 11.72
C LYS A 157 9.82 4.28 11.87
N LYS A 158 9.63 3.11 11.30
CA LYS A 158 10.67 2.06 11.41
C LYS A 158 11.83 2.38 10.47
N LEU A 159 11.56 3.05 9.38
CA LEU A 159 12.65 3.40 8.42
C LEU A 159 13.67 4.32 9.11
N HIS A 160 13.19 5.35 9.75
CA HIS A 160 14.13 6.28 10.45
C HIS A 160 14.81 5.55 11.62
N GLU A 161 14.03 4.87 12.42
CA GLU A 161 14.64 4.14 13.58
C GLU A 161 15.50 2.99 13.06
N ALA A 162 15.22 2.52 11.88
CA ALA A 162 16.03 1.39 11.33
C ALA A 162 17.52 1.74 11.41
N ALA A 163 17.87 2.96 11.09
CA ALA A 163 19.30 3.35 11.15
C ALA A 163 19.92 2.82 12.45
N THR A 164 19.16 2.82 13.52
CA THR A 164 19.71 2.32 14.81
C THR A 164 18.56 1.89 15.71
N LYS A 165 17.73 1.00 15.24
CA LYS A 165 16.58 0.54 16.08
C LYS A 165 17.09 0.11 17.46
N GLN A 166 16.91 0.94 18.45
CA GLN A 166 17.39 0.58 19.81
C GLN A 166 16.30 -0.21 20.54
N ASP A 1 -18.01 11.23 -21.39
CA ASP A 1 -17.09 12.37 -21.06
C ASP A 1 -16.25 11.99 -19.84
N ALA A 2 -15.33 11.08 -19.99
CA ALA A 2 -14.48 10.69 -18.84
C ALA A 2 -13.99 11.94 -18.10
N PRO A 3 -13.39 12.84 -18.85
CA PRO A 3 -12.86 14.10 -18.28
C PRO A 3 -14.00 15.09 -18.05
N ALA A 4 -13.71 16.20 -17.41
CA ALA A 4 -14.78 17.21 -17.15
C ALA A 4 -15.92 16.56 -16.39
N GLY A 5 -15.98 16.76 -15.10
CA GLY A 5 -17.08 16.16 -14.30
C GLY A 5 -16.59 15.91 -12.87
N GLY A 6 -15.48 15.27 -12.72
CA GLY A 6 -14.95 15.01 -11.34
C GLY A 6 -15.89 14.04 -10.61
N ASN A 7 -16.63 13.25 -11.34
CA ASN A 7 -17.56 12.29 -10.68
C ASN A 7 -16.87 10.93 -10.55
N ALA A 8 -15.71 10.90 -9.96
CA ALA A 8 -14.99 9.61 -9.80
C ALA A 8 -14.40 9.53 -8.38
N PHE A 9 -13.95 8.38 -7.99
CA PHE A 9 -13.37 8.23 -6.62
C PHE A 9 -11.86 8.49 -6.68
N GLU A 10 -11.45 9.46 -7.46
CA GLU A 10 -9.99 9.75 -7.56
C GLU A 10 -9.54 10.54 -6.32
N GLU A 11 -10.43 11.29 -5.74
CA GLU A 11 -10.06 12.08 -4.52
C GLU A 11 -9.58 11.13 -3.42
N MET A 12 -10.00 9.90 -3.47
CA MET A 12 -9.56 8.93 -2.42
C MET A 12 -8.10 8.56 -2.63
N GLU A 13 -7.77 8.09 -3.81
CA GLU A 13 -6.34 7.71 -4.08
C GLU A 13 -5.53 8.98 -4.35
N LYS A 14 -6.18 10.04 -4.73
CA LYS A 14 -5.45 11.31 -5.02
C LYS A 14 -4.82 11.84 -3.74
N HIS A 15 -5.57 11.89 -2.67
CA HIS A 15 -5.00 12.41 -1.40
C HIS A 15 -4.11 11.34 -0.75
N ALA A 16 -4.37 10.09 -1.03
CA ALA A 16 -3.54 8.99 -0.44
C ALA A 16 -2.22 8.91 -1.19
N LYS A 17 -2.25 9.00 -2.49
CA LYS A 17 -0.99 8.91 -3.28
C LYS A 17 0.06 9.84 -2.65
N GLU A 18 -0.35 11.00 -2.20
CA GLU A 18 0.63 11.92 -1.57
C GLU A 18 1.25 11.26 -0.34
N PHE A 19 0.54 10.37 0.29
CA PHE A 19 1.10 9.69 1.50
C PHE A 19 2.12 8.66 1.06
N GLN A 20 2.06 8.22 -0.16
CA GLN A 20 3.04 7.20 -0.64
C GLN A 20 4.37 7.90 -0.95
N LYS A 21 4.33 9.13 -1.37
CA LYS A 21 5.59 9.86 -1.68
C LYS A 21 6.31 10.22 -0.39
N THR A 22 5.66 10.07 0.74
CA THR A 22 6.31 10.41 2.03
C THR A 22 7.27 9.28 2.43
N PHE A 23 6.91 8.05 2.18
CA PHE A 23 7.81 6.93 2.55
C PHE A 23 8.94 6.81 1.53
N SER A 24 8.69 7.20 0.31
CA SER A 24 9.75 7.11 -0.73
C SER A 24 10.89 8.08 -0.39
N GLU A 25 10.56 9.21 0.18
CA GLU A 25 11.62 10.20 0.54
C GLU A 25 12.17 9.85 1.92
N GLN A 26 11.35 9.36 2.80
CA GLN A 26 11.83 9.00 4.16
C GLN A 26 12.85 7.86 4.06
N PHE A 27 12.64 6.94 3.16
CA PHE A 27 13.60 5.81 3.02
C PHE A 27 15.04 6.34 3.07
N ASN A 28 15.26 7.52 2.58
CA ASN A 28 16.63 8.09 2.62
C ASN A 28 17.16 8.08 4.05
N SER A 29 16.28 8.12 5.01
CA SER A 29 16.73 8.10 6.44
C SER A 29 17.32 6.73 6.77
N LEU A 30 16.74 5.68 6.25
CA LEU A 30 17.26 4.33 6.54
C LEU A 30 18.75 4.26 6.19
N VAL A 31 19.12 4.82 5.08
CA VAL A 31 20.56 4.80 4.68
C VAL A 31 21.38 5.60 5.69
N ASN A 32 21.61 5.06 6.86
CA ASN A 32 22.40 5.79 7.88
C ASN A 32 22.46 4.96 9.17
N SER A 33 22.96 3.76 9.09
CA SER A 33 23.04 2.92 10.32
C SER A 33 24.50 2.55 10.59
N LYS A 34 24.74 1.41 11.17
CA LYS A 34 26.13 0.99 11.47
C LYS A 34 26.84 0.57 10.17
N ASN A 35 26.15 -0.18 9.34
CA ASN A 35 26.77 -0.62 8.06
C ASN A 35 27.77 -1.76 8.34
N THR A 36 27.28 -2.96 8.48
CA THR A 36 28.20 -4.11 8.76
C THR A 36 27.39 -5.29 9.27
N GLN A 37 26.65 -5.94 8.40
CA GLN A 37 25.84 -7.11 8.84
C GLN A 37 24.74 -6.64 9.79
N ASP A 38 24.56 -5.35 9.91
CA ASP A 38 23.50 -4.84 10.82
C ASP A 38 22.83 -3.62 10.17
N PHE A 39 23.03 -3.43 8.90
CA PHE A 39 22.40 -2.27 8.21
C PHE A 39 21.34 -2.76 7.23
N ASN A 40 21.29 -4.05 6.99
CA ASN A 40 20.29 -4.59 6.04
C ASN A 40 19.31 -5.48 6.79
N LYS A 41 19.73 -6.06 7.88
CA LYS A 41 18.81 -6.95 8.66
C LYS A 41 17.69 -6.10 9.26
N ALA A 42 17.93 -4.84 9.46
CA ALA A 42 16.88 -3.95 10.05
C ALA A 42 15.85 -3.60 8.97
N LEU A 43 16.12 -3.96 7.74
CA LEU A 43 15.16 -3.64 6.65
C LEU A 43 13.96 -4.59 6.72
N LYS A 44 14.21 -5.86 6.95
CA LYS A 44 13.10 -6.83 7.04
C LYS A 44 12.22 -6.52 8.25
N ASP A 45 12.78 -5.92 9.26
CA ASP A 45 11.96 -5.60 10.46
C ASP A 45 11.11 -4.36 10.19
N GLY A 46 11.73 -3.28 9.77
CA GLY A 46 10.96 -2.04 9.49
C GLY A 46 10.24 -2.14 8.14
N SER A 47 10.94 -2.59 7.12
CA SER A 47 10.31 -2.69 5.78
C SER A 47 9.31 -3.86 5.73
N ASP A 48 9.75 -5.04 6.05
CA ASP A 48 8.81 -6.21 6.01
C ASP A 48 7.70 -6.02 7.04
N SER A 49 7.82 -5.04 7.90
CA SER A 49 6.77 -4.82 8.93
C SER A 49 5.56 -4.13 8.30
N VAL A 50 5.79 -3.26 7.35
CA VAL A 50 4.65 -2.56 6.69
C VAL A 50 3.99 -3.48 5.67
N LEU A 51 4.62 -4.57 5.35
CA LEU A 51 4.02 -5.51 4.35
C LEU A 51 2.83 -6.23 4.97
N GLN A 52 3.03 -6.88 6.09
CA GLN A 52 1.90 -7.59 6.74
C GLN A 52 0.96 -6.55 7.35
N GLN A 53 1.42 -5.34 7.49
CA GLN A 53 0.55 -4.27 8.08
C GLN A 53 -0.44 -3.77 7.02
N LEU A 54 0.05 -3.35 5.89
CA LEU A 54 -0.87 -2.86 4.82
C LEU A 54 -1.62 -4.05 4.22
N SER A 55 -1.04 -5.22 4.25
CA SER A 55 -1.72 -6.40 3.68
C SER A 55 -3.19 -6.40 4.11
N ALA A 56 -3.49 -5.80 5.24
CA ALA A 56 -4.90 -5.76 5.71
C ALA A 56 -5.77 -5.01 4.69
N PHE A 57 -5.24 -3.97 4.10
CA PHE A 57 -6.03 -3.21 3.10
C PHE A 57 -6.72 -4.19 2.15
N SER A 58 -5.97 -5.08 1.55
CA SER A 58 -6.58 -6.07 0.63
C SER A 58 -7.80 -6.72 1.29
N SER A 59 -7.77 -6.84 2.60
CA SER A 59 -8.93 -7.47 3.31
C SER A 59 -10.07 -6.45 3.41
N SER A 60 -9.83 -5.23 3.05
CA SER A 60 -10.90 -4.20 3.13
C SER A 60 -11.87 -4.37 1.96
N LEU A 61 -11.36 -4.42 0.76
CA LEU A 61 -12.25 -4.59 -0.43
C LEU A 61 -12.80 -6.02 -0.45
N GLN A 62 -12.08 -6.95 0.11
CA GLN A 62 -12.56 -8.36 0.11
C GLN A 62 -14.03 -8.40 0.55
N GLY A 63 -14.45 -7.43 1.32
CA GLY A 63 -15.86 -7.41 1.78
C GLY A 63 -16.77 -6.87 0.67
N ALA A 64 -16.26 -5.96 -0.13
CA ALA A 64 -17.09 -5.40 -1.23
C ALA A 64 -17.37 -6.49 -2.26
N ILE A 65 -16.38 -7.26 -2.61
CA ILE A 65 -16.60 -8.34 -3.61
C ILE A 65 -17.41 -9.48 -2.99
N SER A 66 -17.44 -9.54 -1.68
CA SER A 66 -18.22 -10.62 -1.00
C SER A 66 -19.69 -10.20 -0.92
N ASP A 67 -20.28 -9.85 -2.02
CA ASP A 67 -21.72 -9.44 -2.00
C ASP A 67 -22.07 -8.71 -3.31
N ALA A 68 -21.10 -8.12 -3.94
CA ALA A 68 -21.36 -7.40 -5.21
C ALA A 68 -22.17 -8.30 -6.14
N ASN A 69 -22.55 -7.80 -7.29
CA ASN A 69 -23.34 -8.63 -8.24
C ASN A 69 -23.09 -8.15 -9.67
N GLY A 70 -21.84 -8.14 -10.08
CA GLY A 70 -21.53 -7.69 -11.47
C GLY A 70 -20.01 -7.76 -11.70
N LYS A 71 -19.53 -7.11 -12.71
CA LYS A 71 -18.06 -7.14 -12.98
C LYS A 71 -17.32 -6.30 -11.93
N ALA A 72 -18.05 -5.61 -11.10
CA ALA A 72 -17.40 -4.78 -10.05
C ALA A 72 -16.84 -5.68 -8.94
N LYS A 73 -17.37 -6.86 -8.81
CA LYS A 73 -16.87 -7.79 -7.75
C LYS A 73 -15.55 -8.41 -8.21
N GLU A 74 -15.42 -8.70 -9.47
CA GLU A 74 -14.15 -9.31 -9.96
C GLU A 74 -13.07 -8.24 -10.08
N ALA A 75 -13.39 -7.12 -10.68
CA ALA A 75 -12.37 -6.04 -10.82
C ALA A 75 -12.04 -5.48 -9.44
N LEU A 76 -12.87 -5.73 -8.47
CA LEU A 76 -12.61 -5.21 -7.10
C LEU A 76 -11.53 -6.08 -6.43
N GLU A 77 -11.64 -7.37 -6.53
CA GLU A 77 -10.63 -8.27 -5.90
C GLU A 77 -9.28 -8.08 -6.60
N GLN A 78 -9.29 -7.73 -7.85
CA GLN A 78 -8.02 -7.54 -8.58
C GLN A 78 -7.14 -6.52 -7.84
N ALA A 79 -7.67 -5.36 -7.56
CA ALA A 79 -6.87 -4.34 -6.84
C ALA A 79 -6.68 -4.77 -5.38
N ARG A 80 -7.35 -5.80 -4.97
CA ARG A 80 -7.21 -6.27 -3.56
C ARG A 80 -5.90 -7.03 -3.40
N GLN A 81 -5.66 -8.00 -4.24
CA GLN A 81 -4.39 -8.79 -4.13
C GLN A 81 -3.24 -7.97 -4.73
N ASN A 82 -3.48 -7.27 -5.78
CA ASN A 82 -2.40 -6.47 -6.41
C ASN A 82 -1.68 -5.64 -5.34
N VAL A 83 -2.41 -5.13 -4.38
CA VAL A 83 -1.77 -4.31 -3.30
C VAL A 83 -1.15 -5.25 -2.26
N GLU A 84 -1.71 -6.41 -2.08
CA GLU A 84 -1.16 -7.36 -1.08
C GLU A 84 0.09 -8.04 -1.65
N LYS A 85 0.13 -8.25 -2.93
CA LYS A 85 1.32 -8.90 -3.54
C LYS A 85 2.47 -7.89 -3.66
N THR A 86 2.15 -6.64 -3.81
CA THR A 86 3.22 -5.60 -3.93
C THR A 86 3.84 -5.33 -2.55
N ALA A 87 3.06 -5.45 -1.51
CA ALA A 87 3.61 -5.20 -0.15
C ALA A 87 4.35 -6.45 0.34
N GLU A 88 3.70 -7.58 0.34
CA GLU A 88 4.36 -8.83 0.80
C GLU A 88 5.31 -9.33 -0.29
N GLU A 89 5.33 -8.69 -1.42
CA GLU A 89 6.23 -9.13 -2.52
C GLU A 89 7.60 -9.52 -1.96
N LEU A 90 8.24 -8.62 -1.25
CA LEU A 90 9.57 -8.95 -0.67
C LEU A 90 9.40 -9.71 0.64
N ARG A 91 8.19 -9.79 1.14
CA ARG A 91 7.96 -10.54 2.42
C ARG A 91 8.31 -12.01 2.22
N LYS A 92 8.44 -12.43 1.00
CA LYS A 92 8.77 -13.87 0.74
C LYS A 92 10.27 -14.09 0.98
N ALA A 93 11.02 -13.04 1.14
CA ALA A 93 12.48 -13.19 1.39
C ALA A 93 12.80 -12.80 2.83
N HIS A 94 14.05 -12.66 3.16
CA HIS A 94 14.43 -12.29 4.55
C HIS A 94 15.92 -12.54 4.77
N PRO A 95 16.35 -13.76 4.48
CA PRO A 95 17.76 -14.16 4.64
C PRO A 95 18.60 -13.62 3.48
N ASP A 96 18.25 -13.94 2.27
CA ASP A 96 19.03 -13.44 1.10
C ASP A 96 19.20 -11.93 1.20
N VAL A 97 18.12 -11.21 1.43
CA VAL A 97 18.21 -9.73 1.53
C VAL A 97 19.32 -9.36 2.53
N GLU A 98 19.25 -9.87 3.73
CA GLU A 98 20.30 -9.55 4.74
C GLU A 98 21.57 -10.32 4.41
N LYS A 99 21.48 -11.33 3.58
CA LYS A 99 22.70 -12.11 3.22
C LYS A 99 23.58 -11.28 2.30
N GLU A 100 23.07 -10.89 1.16
CA GLU A 100 23.89 -10.08 0.22
C GLU A 100 23.88 -8.61 0.68
N ALA A 101 22.80 -8.19 1.27
CA ALA A 101 22.72 -6.78 1.75
C ALA A 101 23.30 -5.84 0.68
N ASN A 102 23.25 -6.25 -0.56
CA ASN A 102 23.78 -5.38 -1.64
C ASN A 102 22.87 -4.17 -1.83
N ALA A 103 21.58 -4.37 -1.78
CA ALA A 103 20.64 -3.23 -1.96
C ALA A 103 19.23 -3.77 -2.27
N PHE A 104 18.79 -4.77 -1.55
CA PHE A 104 17.44 -5.33 -1.82
C PHE A 104 16.38 -4.41 -1.22
N LYS A 105 16.79 -3.47 -0.40
CA LYS A 105 15.81 -2.53 0.21
C LYS A 105 14.90 -1.98 -0.88
N ASP A 106 15.42 -1.80 -2.07
CA ASP A 106 14.58 -1.26 -3.18
C ASP A 106 13.39 -2.19 -3.41
N LYS A 107 13.44 -3.38 -2.88
CA LYS A 107 12.30 -4.33 -3.06
C LYS A 107 11.03 -3.72 -2.47
N LEU A 108 11.11 -3.25 -1.24
CA LEU A 108 9.91 -2.65 -0.61
C LEU A 108 9.66 -1.25 -1.19
N GLN A 109 10.67 -0.42 -1.20
CA GLN A 109 10.49 0.96 -1.75
C GLN A 109 9.78 0.88 -3.09
N ALA A 110 10.22 0.02 -3.96
CA ALA A 110 9.56 -0.09 -5.30
C ALA A 110 8.25 -0.88 -5.16
N ALA A 111 8.06 -1.54 -4.05
CA ALA A 111 6.80 -2.32 -3.87
C ALA A 111 5.65 -1.37 -3.51
N VAL A 112 5.82 -0.58 -2.48
CA VAL A 112 4.72 0.35 -2.09
C VAL A 112 4.50 1.38 -3.20
N GLN A 113 5.55 1.79 -3.86
CA GLN A 113 5.40 2.79 -4.95
C GLN A 113 4.30 2.34 -5.91
N THR A 114 4.13 1.05 -6.09
CA THR A 114 3.07 0.55 -7.01
C THR A 114 1.71 0.65 -6.32
N THR A 115 1.69 0.64 -5.02
CA THR A 115 0.39 0.73 -4.30
C THR A 115 -0.33 2.04 -4.69
N VAL A 116 0.42 3.06 -5.00
CA VAL A 116 -0.21 4.36 -5.38
C VAL A 116 -0.72 4.27 -6.82
N GLN A 117 -0.13 3.43 -7.62
CA GLN A 117 -0.58 3.30 -9.03
C GLN A 117 -1.88 2.48 -9.09
N GLU A 118 -1.86 1.29 -8.55
CA GLU A 118 -3.09 0.45 -8.57
C GLU A 118 -4.27 1.25 -8.03
N SER A 119 -4.06 2.02 -7.00
CA SER A 119 -5.17 2.83 -6.43
C SER A 119 -5.82 3.67 -7.54
N GLN A 120 -5.12 3.87 -8.63
CA GLN A 120 -5.70 4.67 -9.74
C GLN A 120 -6.70 3.81 -10.52
N LYS A 121 -6.34 2.59 -10.81
CA LYS A 121 -7.26 1.71 -11.58
C LYS A 121 -8.52 1.46 -10.76
N LEU A 122 -8.39 1.30 -9.47
CA LEU A 122 -9.59 1.05 -8.62
C LEU A 122 -10.42 2.33 -8.53
N ALA A 123 -9.79 3.46 -8.65
CA ALA A 123 -10.54 4.75 -8.57
C ALA A 123 -11.41 4.92 -9.82
N LYS A 124 -10.95 4.40 -10.94
CA LYS A 124 -11.74 4.54 -12.19
C LYS A 124 -12.89 3.52 -12.17
N GLU A 125 -12.65 2.34 -11.68
CA GLU A 125 -13.72 1.31 -11.64
C GLU A 125 -14.90 1.84 -10.81
N VAL A 126 -14.63 2.33 -9.62
CA VAL A 126 -15.73 2.86 -8.77
C VAL A 126 -16.14 4.24 -9.27
N ALA A 127 -15.31 4.87 -10.06
CA ALA A 127 -15.65 6.23 -10.58
C ALA A 127 -17.03 6.19 -11.22
N SER A 128 -17.48 5.03 -11.64
CA SER A 128 -18.83 4.93 -12.27
C SER A 128 -19.91 5.17 -11.22
N ASN A 129 -19.54 5.19 -9.97
CA ASN A 129 -20.55 5.41 -8.90
C ASN A 129 -21.47 4.20 -8.80
N MET A 130 -22.23 3.93 -9.81
CA MET A 130 -23.14 2.75 -9.79
C MET A 130 -23.90 2.74 -8.45
N GLU A 131 -24.60 3.80 -8.15
CA GLU A 131 -25.35 3.85 -6.86
C GLU A 131 -26.44 2.77 -6.88
N GLU A 132 -26.70 2.19 -8.02
CA GLU A 132 -27.75 1.15 -8.10
C GLU A 132 -27.10 -0.22 -8.33
N THR A 133 -25.80 -0.29 -8.23
CA THR A 133 -25.10 -1.58 -8.45
C THR A 133 -23.75 -1.57 -7.72
N ASN A 134 -23.61 -0.71 -6.75
CA ASN A 134 -22.32 -0.64 -6.00
C ASN A 134 -22.58 -0.11 -4.60
N LYS A 135 -23.31 -0.83 -3.79
CA LYS A 135 -23.60 -0.36 -2.41
C LYS A 135 -22.58 -0.96 -1.44
N LYS A 136 -22.18 -2.18 -1.66
CA LYS A 136 -21.19 -2.81 -0.76
C LYS A 136 -19.83 -2.15 -0.96
N LEU A 137 -19.56 -1.66 -2.14
CA LEU A 137 -18.24 -1.01 -2.39
C LEU A 137 -18.26 0.41 -1.81
N ALA A 138 -19.39 0.86 -1.34
CA ALA A 138 -19.47 2.23 -0.77
C ALA A 138 -18.80 2.27 0.61
N PRO A 139 -19.23 1.41 1.49
CA PRO A 139 -18.70 1.32 2.86
C PRO A 139 -17.35 0.60 2.87
N LYS A 140 -16.79 0.32 1.73
CA LYS A 140 -15.48 -0.39 1.68
C LYS A 140 -14.48 0.47 0.92
N ILE A 141 -14.95 1.45 0.20
CA ILE A 141 -14.04 2.32 -0.58
C ILE A 141 -13.32 3.29 0.37
N LYS A 142 -14.06 3.94 1.23
CA LYS A 142 -13.42 4.89 2.19
C LYS A 142 -12.35 4.16 3.00
N GLN A 143 -12.63 2.98 3.46
CA GLN A 143 -11.63 2.22 4.27
C GLN A 143 -10.47 1.80 3.36
N ALA A 144 -10.66 1.89 2.07
CA ALA A 144 -9.57 1.50 1.13
C ALA A 144 -8.51 2.61 1.08
N TYR A 145 -8.93 3.84 0.97
CA TYR A 145 -7.93 4.95 0.91
C TYR A 145 -7.35 5.17 2.30
N ASP A 146 -8.17 5.09 3.31
CA ASP A 146 -7.66 5.30 4.71
C ASP A 146 -6.57 4.28 5.02
N ASP A 147 -6.47 3.24 4.22
CA ASP A 147 -5.44 2.19 4.46
C ASP A 147 -4.07 2.69 4.01
N PHE A 148 -3.96 3.14 2.79
CA PHE A 148 -2.64 3.61 2.27
C PHE A 148 -2.09 4.72 3.17
N VAL A 149 -2.84 5.76 3.38
CA VAL A 149 -2.35 6.88 4.25
C VAL A 149 -1.90 6.35 5.61
N LYS A 150 -2.50 5.29 6.07
CA LYS A 150 -2.11 4.73 7.40
C LYS A 150 -0.81 3.93 7.26
N HIS A 151 -0.78 2.97 6.38
CA HIS A 151 0.45 2.15 6.21
C HIS A 151 1.48 2.92 5.39
N ALA A 152 1.08 4.00 4.78
CA ALA A 152 2.04 4.79 3.96
C ALA A 152 3.15 5.34 4.86
N GLU A 153 2.78 6.05 5.90
CA GLU A 153 3.80 6.61 6.82
C GLU A 153 4.32 5.52 7.75
N GLU A 154 3.65 4.39 7.78
CA GLU A 154 4.10 3.28 8.67
C GLU A 154 5.60 3.04 8.48
N VAL A 155 6.03 2.89 7.25
CA VAL A 155 7.47 2.66 6.99
C VAL A 155 8.29 3.86 7.49
N GLN A 156 7.82 5.05 7.21
CA GLN A 156 8.56 6.27 7.66
C GLN A 156 8.69 6.24 9.19
N LYS A 157 7.77 5.62 9.86
CA LYS A 157 7.84 5.56 11.35
C LYS A 157 9.01 4.67 11.77
N LYS A 158 9.06 3.47 11.26
CA LYS A 158 10.18 2.56 11.63
C LYS A 158 11.48 3.02 10.95
N LEU A 159 11.36 3.70 9.84
CA LEU A 159 12.58 4.18 9.14
C LEU A 159 13.39 5.08 10.09
N HIS A 160 12.75 6.00 10.74
CA HIS A 160 13.48 6.91 11.67
C HIS A 160 14.34 6.07 12.62
N GLU A 161 13.81 4.99 13.14
CA GLU A 161 14.59 4.15 14.07
C GLU A 161 15.58 3.30 13.27
N ALA A 162 15.31 3.06 12.02
CA ALA A 162 16.23 2.24 11.19
C ALA A 162 17.60 2.91 11.15
N ALA A 163 17.66 4.17 10.82
CA ALA A 163 18.97 4.87 10.77
C ALA A 163 19.71 4.69 12.10
N THR A 164 18.99 4.36 13.14
CA THR A 164 19.64 4.18 14.47
C THR A 164 18.90 3.09 15.25
N LYS A 165 18.69 1.95 14.65
CA LYS A 165 17.96 0.85 15.36
C LYS A 165 18.78 0.44 16.60
N GLN A 166 18.25 0.67 17.77
CA GLN A 166 18.98 0.29 19.00
C GLN A 166 20.20 1.20 19.19
N ASP A 1 -27.02 19.20 -9.57
CA ASP A 1 -26.14 19.19 -8.37
C ASP A 1 -25.89 17.74 -7.93
N ALA A 2 -26.80 16.86 -8.22
CA ALA A 2 -26.61 15.44 -7.83
C ALA A 2 -26.89 14.53 -9.02
N PRO A 3 -25.91 14.39 -9.88
CA PRO A 3 -26.02 13.56 -11.09
C PRO A 3 -25.85 12.07 -10.74
N ALA A 4 -26.50 11.62 -9.71
CA ALA A 4 -26.36 10.18 -9.32
C ALA A 4 -24.90 9.88 -8.97
N GLY A 5 -24.42 10.43 -7.89
CA GLY A 5 -23.00 10.17 -7.49
C GLY A 5 -22.90 8.81 -6.82
N GLY A 6 -22.19 8.72 -5.73
CA GLY A 6 -22.05 7.42 -5.03
C GLY A 6 -21.03 6.55 -5.76
N ASN A 7 -20.30 7.13 -6.68
CA ASN A 7 -19.29 6.32 -7.43
C ASN A 7 -18.20 7.27 -7.97
N ALA A 8 -17.76 8.19 -7.18
CA ALA A 8 -16.70 9.13 -7.64
C ALA A 8 -15.64 9.29 -6.55
N PHE A 9 -14.93 8.25 -6.23
CA PHE A 9 -13.89 8.34 -5.17
C PHE A 9 -12.51 8.45 -5.82
N GLU A 10 -12.45 9.00 -7.00
CA GLU A 10 -11.13 9.14 -7.69
C GLU A 10 -10.22 10.07 -6.87
N GLU A 11 -10.80 10.92 -6.07
CA GLU A 11 -9.97 11.85 -5.25
C GLU A 11 -9.31 11.07 -4.11
N MET A 12 -9.84 9.92 -3.78
CA MET A 12 -9.24 9.12 -2.68
C MET A 12 -7.93 8.49 -3.16
N GLU A 13 -7.82 8.26 -4.44
CA GLU A 13 -6.56 7.65 -4.97
C GLU A 13 -5.48 8.72 -5.05
N LYS A 14 -5.85 9.96 -5.15
CA LYS A 14 -4.84 11.05 -5.24
C LYS A 14 -4.27 11.33 -3.85
N HIS A 15 -5.10 11.37 -2.85
CA HIS A 15 -4.60 11.63 -1.47
C HIS A 15 -3.95 10.37 -0.90
N ALA A 16 -4.18 9.23 -1.53
CA ALA A 16 -3.59 7.97 -1.02
C ALA A 16 -2.12 7.89 -1.44
N LYS A 17 -1.84 8.00 -2.70
CA LYS A 17 -0.43 7.91 -3.17
C LYS A 17 0.39 9.01 -2.48
N GLU A 18 -0.13 10.20 -2.42
CA GLU A 18 0.63 11.31 -1.76
C GLU A 18 1.21 10.81 -0.44
N PHE A 19 0.56 9.87 0.20
CA PHE A 19 1.08 9.35 1.50
C PHE A 19 2.28 8.44 1.24
N GLN A 20 2.36 7.87 0.06
CA GLN A 20 3.51 6.98 -0.25
C GLN A 20 4.76 7.84 -0.47
N LYS A 21 4.57 9.09 -0.79
CA LYS A 21 5.74 9.99 -1.02
C LYS A 21 6.48 10.21 0.31
N THR A 22 5.77 10.22 1.41
CA THR A 22 6.43 10.41 2.71
C THR A 22 7.31 9.20 3.03
N PHE A 23 6.91 8.05 2.57
CA PHE A 23 7.73 6.82 2.83
C PHE A 23 8.93 6.82 1.87
N SER A 24 8.71 7.20 0.65
CA SER A 24 9.84 7.22 -0.33
C SER A 24 10.91 8.22 0.13
N GLU A 25 10.50 9.24 0.82
CA GLU A 25 11.49 10.25 1.30
C GLU A 25 12.09 9.79 2.64
N GLN A 26 11.41 8.95 3.37
CA GLN A 26 11.95 8.49 4.67
C GLN A 26 13.02 7.42 4.46
N PHE A 27 12.68 6.36 3.77
CA PHE A 27 13.69 5.28 3.55
C PHE A 27 15.00 5.91 3.06
N ASN A 28 14.93 7.07 2.47
CA ASN A 28 16.16 7.74 1.98
C ASN A 28 17.00 8.18 3.19
N SER A 29 16.35 8.50 4.28
CA SER A 29 17.09 8.93 5.50
C SER A 29 17.69 7.70 6.19
N LEU A 30 17.07 6.56 6.02
CA LEU A 30 17.60 5.33 6.67
C LEU A 30 18.97 4.99 6.08
N VAL A 31 19.07 4.97 4.78
CA VAL A 31 20.38 4.64 4.13
C VAL A 31 21.38 5.75 4.43
N ASN A 32 21.70 5.97 5.67
CA ASN A 32 22.67 7.05 6.02
C ASN A 32 24.00 6.41 6.47
N SER A 33 23.93 5.38 7.26
CA SER A 33 25.18 4.72 7.72
C SER A 33 24.85 3.36 8.34
N LYS A 34 25.75 2.80 9.09
CA LYS A 34 25.49 1.48 9.72
C LYS A 34 25.62 0.37 8.66
N ASN A 35 26.68 -0.38 8.72
CA ASN A 35 26.87 -1.47 7.71
C ASN A 35 27.83 -2.52 8.27
N THR A 36 27.29 -3.61 8.76
CA THR A 36 28.18 -4.68 9.31
C THR A 36 27.32 -5.89 9.71
N GLN A 37 26.57 -6.42 8.79
CA GLN A 37 25.72 -7.60 9.11
C GLN A 37 24.61 -7.17 10.08
N ASP A 38 24.45 -5.90 10.30
CA ASP A 38 23.39 -5.43 11.24
C ASP A 38 22.75 -4.16 10.68
N PHE A 39 22.81 -3.97 9.39
CA PHE A 39 22.20 -2.76 8.78
C PHE A 39 21.02 -3.17 7.90
N ASN A 40 21.04 -4.37 7.38
CA ASN A 40 19.92 -4.83 6.50
C ASN A 40 18.86 -5.54 7.36
N LYS A 41 19.28 -6.21 8.40
CA LYS A 41 18.30 -6.91 9.27
C LYS A 41 17.16 -5.96 9.64
N ALA A 42 17.44 -4.68 9.68
CA ALA A 42 16.36 -3.70 10.03
C ALA A 42 15.47 -3.49 8.81
N LEU A 43 15.97 -3.73 7.63
CA LEU A 43 15.13 -3.54 6.41
C LEU A 43 13.96 -4.52 6.43
N LYS A 44 14.24 -5.79 6.58
CA LYS A 44 13.15 -6.79 6.60
C LYS A 44 12.30 -6.60 7.86
N ASP A 45 12.89 -6.11 8.91
CA ASP A 45 12.10 -5.90 10.16
C ASP A 45 11.26 -4.63 10.04
N GLY A 46 11.90 -3.53 9.71
CA GLY A 46 11.15 -2.24 9.58
C GLY A 46 10.41 -2.18 8.25
N SER A 47 11.08 -2.44 7.17
CA SER A 47 10.43 -2.38 5.83
C SER A 47 9.33 -3.45 5.73
N ASP A 48 9.66 -4.69 5.96
CA ASP A 48 8.63 -5.76 5.87
C ASP A 48 7.53 -5.50 6.90
N SER A 49 7.76 -4.62 7.83
CA SER A 49 6.72 -4.34 8.86
C SER A 49 5.59 -3.53 8.22
N VAL A 50 5.86 -2.84 7.15
CA VAL A 50 4.79 -2.04 6.48
C VAL A 50 3.99 -2.94 5.54
N LEU A 51 4.56 -4.03 5.11
CA LEU A 51 3.82 -4.94 4.19
C LEU A 51 2.61 -5.52 4.90
N GLN A 52 2.83 -6.14 6.04
CA GLN A 52 1.68 -6.71 6.79
C GLN A 52 0.80 -5.57 7.29
N GLN A 53 1.36 -4.38 7.34
CA GLN A 53 0.57 -3.21 7.81
C GLN A 53 -0.35 -2.74 6.68
N LEU A 54 0.19 -2.54 5.51
CA LEU A 54 -0.66 -2.08 4.37
C LEU A 54 -1.45 -3.26 3.82
N SER A 55 -0.93 -4.44 3.91
CA SER A 55 -1.65 -5.64 3.40
C SER A 55 -3.11 -5.58 3.89
N ALA A 56 -3.35 -4.92 4.98
CA ALA A 56 -4.75 -4.83 5.50
C ALA A 56 -5.62 -4.08 4.50
N PHE A 57 -5.08 -3.07 3.86
CA PHE A 57 -5.89 -2.31 2.87
C PHE A 57 -6.60 -3.27 1.93
N SER A 58 -5.97 -4.37 1.60
CA SER A 58 -6.61 -5.36 0.69
C SER A 58 -7.74 -6.07 1.43
N SER A 59 -7.77 -5.97 2.73
CA SER A 59 -8.85 -6.64 3.50
C SER A 59 -10.15 -5.83 3.40
N SER A 60 -10.05 -4.56 3.14
CA SER A 60 -11.28 -3.72 3.02
C SER A 60 -12.04 -4.09 1.75
N LEU A 61 -11.35 -4.15 0.63
CA LEU A 61 -12.04 -4.51 -0.64
C LEU A 61 -12.52 -5.96 -0.56
N GLN A 62 -11.63 -6.88 -0.29
CA GLN A 62 -12.04 -8.30 -0.20
C GLN A 62 -13.33 -8.43 0.60
N GLY A 63 -13.48 -7.61 1.61
CA GLY A 63 -14.73 -7.69 2.44
C GLY A 63 -15.88 -7.05 1.68
N ALA A 64 -15.59 -6.11 0.81
CA ALA A 64 -16.69 -5.45 0.03
C ALA A 64 -17.14 -6.38 -1.09
N ILE A 65 -16.22 -6.89 -1.87
CA ILE A 65 -16.61 -7.80 -2.98
C ILE A 65 -17.49 -8.93 -2.44
N SER A 66 -17.34 -9.26 -1.18
CA SER A 66 -18.17 -10.35 -0.59
C SER A 66 -19.63 -10.16 -1.00
N ASP A 67 -20.24 -9.08 -0.59
CA ASP A 67 -21.66 -8.84 -0.96
C ASP A 67 -21.77 -8.65 -2.47
N ALA A 68 -21.12 -7.65 -3.01
CA ALA A 68 -21.19 -7.43 -4.49
C ALA A 68 -22.64 -7.14 -4.88
N ASN A 69 -22.84 -6.18 -5.74
CA ASN A 69 -24.23 -5.85 -6.17
C ASN A 69 -24.45 -6.31 -7.61
N GLY A 70 -23.44 -6.20 -8.44
CA GLY A 70 -23.59 -6.63 -9.86
C GLY A 70 -22.35 -7.41 -10.28
N LYS A 71 -21.56 -6.85 -11.15
CA LYS A 71 -20.33 -7.57 -11.61
C LYS A 71 -19.11 -6.69 -11.35
N ALA A 72 -19.17 -5.85 -10.35
CA ALA A 72 -18.01 -4.97 -10.05
C ALA A 72 -17.13 -5.63 -8.98
N LYS A 73 -17.61 -6.69 -8.38
CA LYS A 73 -16.80 -7.37 -7.34
C LYS A 73 -15.72 -8.22 -8.01
N GLU A 74 -15.99 -8.74 -9.17
CA GLU A 74 -14.98 -9.58 -9.87
C GLU A 74 -13.77 -8.72 -10.23
N ALA A 75 -14.00 -7.56 -10.76
CA ALA A 75 -12.85 -6.67 -11.14
C ALA A 75 -12.26 -6.04 -9.88
N LEU A 76 -13.03 -5.96 -8.83
CA LEU A 76 -12.50 -5.36 -7.57
C LEU A 76 -11.58 -6.36 -6.86
N GLU A 77 -11.70 -7.61 -7.20
CA GLU A 77 -10.83 -8.64 -6.53
C GLU A 77 -9.42 -8.59 -7.14
N GLN A 78 -9.30 -8.09 -8.34
CA GLN A 78 -7.96 -8.03 -8.99
C GLN A 78 -7.15 -6.86 -8.42
N ALA A 79 -7.80 -5.76 -8.11
CA ALA A 79 -7.06 -4.58 -7.58
C ALA A 79 -6.72 -4.79 -6.10
N ARG A 80 -7.51 -5.54 -5.39
CA ARG A 80 -7.23 -5.76 -3.94
C ARG A 80 -6.03 -6.71 -3.78
N GLN A 81 -5.95 -7.71 -4.61
CA GLN A 81 -4.81 -8.67 -4.50
C GLN A 81 -3.53 -8.01 -5.04
N ASN A 82 -3.67 -7.08 -5.94
CA ASN A 82 -2.47 -6.40 -6.51
C ASN A 82 -1.79 -5.60 -5.40
N VAL A 83 -2.55 -5.09 -4.46
CA VAL A 83 -1.95 -4.29 -3.36
C VAL A 83 -1.38 -5.23 -2.30
N GLU A 84 -1.91 -6.42 -2.19
CA GLU A 84 -1.39 -7.37 -1.17
C GLU A 84 -0.08 -8.00 -1.66
N LYS A 85 -0.01 -8.32 -2.92
CA LYS A 85 1.24 -8.94 -3.46
C LYS A 85 2.31 -7.86 -3.66
N THR A 86 1.93 -6.74 -4.23
CA THR A 86 2.92 -5.66 -4.46
C THR A 86 3.62 -5.30 -3.15
N ALA A 87 2.88 -5.26 -2.06
CA ALA A 87 3.50 -4.92 -0.75
C ALA A 87 4.20 -6.15 -0.17
N GLU A 88 3.48 -7.23 -0.02
CA GLU A 88 4.10 -8.46 0.54
C GLU A 88 5.08 -9.06 -0.47
N GLU A 89 5.16 -8.50 -1.65
CA GLU A 89 6.08 -9.04 -2.68
C GLU A 89 7.43 -9.39 -2.04
N LEU A 90 8.04 -8.46 -1.36
CA LEU A 90 9.36 -8.76 -0.72
C LEU A 90 9.13 -9.49 0.61
N ARG A 91 7.91 -9.57 1.06
CA ARG A 91 7.63 -10.26 2.35
C ARG A 91 7.81 -11.77 2.16
N LYS A 92 7.93 -12.21 0.94
CA LYS A 92 8.11 -13.67 0.69
C LYS A 92 9.51 -14.09 1.14
N ALA A 93 10.37 -13.15 1.41
CA ALA A 93 11.75 -13.50 1.85
C ALA A 93 12.00 -12.92 3.24
N HIS A 94 13.24 -12.70 3.59
CA HIS A 94 13.55 -12.14 4.94
C HIS A 94 15.03 -12.33 5.24
N PRO A 95 15.50 -13.54 5.13
CA PRO A 95 16.90 -13.89 5.40
C PRO A 95 17.78 -13.49 4.21
N ASP A 96 17.20 -13.31 3.06
CA ASP A 96 17.99 -12.93 1.86
C ASP A 96 18.54 -11.51 2.04
N VAL A 97 17.70 -10.59 2.45
CA VAL A 97 18.17 -9.19 2.65
C VAL A 97 19.38 -9.19 3.58
N GLU A 98 19.29 -9.89 4.67
CA GLU A 98 20.44 -9.92 5.62
C GLU A 98 21.54 -10.84 5.07
N LYS A 99 21.20 -11.66 4.11
CA LYS A 99 22.23 -12.58 3.54
C LYS A 99 23.09 -11.82 2.53
N GLU A 100 22.48 -11.29 1.50
CA GLU A 100 23.26 -10.54 0.48
C GLU A 100 23.41 -9.08 0.93
N ALA A 101 22.42 -8.55 1.59
CA ALA A 101 22.51 -7.13 2.05
C ALA A 101 23.10 -6.26 0.94
N ASN A 102 22.92 -6.66 -0.29
CA ASN A 102 23.47 -5.86 -1.41
C ASN A 102 22.58 -4.64 -1.66
N ALA A 103 21.30 -4.85 -1.74
CA ALA A 103 20.36 -3.70 -1.98
C ALA A 103 18.93 -4.22 -2.07
N PHE A 104 18.54 -5.07 -1.16
CA PHE A 104 17.14 -5.62 -1.19
C PHE A 104 16.18 -4.54 -0.67
N LYS A 105 16.69 -3.43 -0.22
CA LYS A 105 15.80 -2.36 0.29
C LYS A 105 14.99 -1.78 -0.86
N ASP A 106 15.45 -1.93 -2.07
CA ASP A 106 14.70 -1.39 -3.23
C ASP A 106 13.45 -2.24 -3.47
N LYS A 107 13.37 -3.38 -2.85
CA LYS A 107 12.17 -4.25 -3.04
C LYS A 107 10.95 -3.55 -2.45
N LEU A 108 11.04 -3.10 -1.23
CA LEU A 108 9.87 -2.41 -0.61
C LEU A 108 9.79 -0.98 -1.14
N GLN A 109 10.88 -0.28 -1.15
CA GLN A 109 10.87 1.12 -1.66
C GLN A 109 10.11 1.18 -2.99
N ALA A 110 10.42 0.29 -3.88
CA ALA A 110 9.71 0.28 -5.21
C ALA A 110 8.33 -0.35 -5.05
N ALA A 111 8.08 -1.00 -3.94
CA ALA A 111 6.76 -1.65 -3.73
C ALA A 111 5.72 -0.59 -3.34
N VAL A 112 6.13 0.47 -2.70
CA VAL A 112 5.15 1.52 -2.31
C VAL A 112 4.74 2.33 -3.55
N GLN A 113 5.65 2.56 -4.45
CA GLN A 113 5.31 3.34 -5.67
C GLN A 113 4.42 2.50 -6.59
N THR A 114 4.42 1.21 -6.42
CA THR A 114 3.57 0.34 -7.28
C THR A 114 2.12 0.41 -6.81
N THR A 115 1.91 0.60 -5.53
CA THR A 115 0.51 0.67 -5.01
C THR A 115 -0.16 1.93 -5.54
N VAL A 116 0.60 2.94 -5.85
CA VAL A 116 0.00 4.20 -6.37
C VAL A 116 -0.73 3.91 -7.68
N GLN A 117 -0.20 3.02 -8.48
CA GLN A 117 -0.87 2.69 -9.77
C GLN A 117 -2.07 1.77 -9.52
N GLU A 118 -2.13 1.18 -8.36
CA GLU A 118 -3.27 0.26 -8.06
C GLU A 118 -4.50 1.09 -7.70
N SER A 119 -4.36 2.00 -6.79
CA SER A 119 -5.54 2.84 -6.39
C SER A 119 -6.16 3.49 -7.62
N GLN A 120 -5.39 3.67 -8.67
CA GLN A 120 -5.95 4.30 -9.90
C GLN A 120 -6.77 3.26 -10.67
N LYS A 121 -6.48 2.00 -10.48
CA LYS A 121 -7.24 0.94 -11.22
C LYS A 121 -8.58 0.74 -10.53
N LEU A 122 -8.59 0.62 -9.22
CA LEU A 122 -9.87 0.42 -8.50
C LEU A 122 -10.63 1.74 -8.40
N ALA A 123 -9.93 2.84 -8.51
CA ALA A 123 -10.61 4.17 -8.43
C ALA A 123 -11.40 4.42 -9.71
N LYS A 124 -10.81 4.17 -10.84
CA LYS A 124 -11.53 4.39 -12.13
C LYS A 124 -12.63 3.33 -12.29
N GLU A 125 -12.33 2.10 -11.96
CA GLU A 125 -13.34 1.03 -12.09
C GLU A 125 -14.68 1.53 -11.53
N VAL A 126 -14.66 2.11 -10.37
CA VAL A 126 -15.92 2.62 -9.78
C VAL A 126 -16.28 3.96 -10.44
N ALA A 127 -15.30 4.66 -10.95
CA ALA A 127 -15.58 5.97 -11.61
C ALA A 127 -16.26 5.73 -12.96
N SER A 128 -16.38 4.49 -13.36
CA SER A 128 -17.03 4.19 -14.67
C SER A 128 -18.37 4.93 -14.75
N ASN A 129 -18.98 5.22 -13.62
CA ASN A 129 -20.28 5.92 -13.63
C ASN A 129 -21.37 4.97 -14.12
N MET A 130 -21.07 3.71 -14.23
CA MET A 130 -22.10 2.73 -14.70
C MET A 130 -22.51 1.83 -13.53
N GLU A 131 -21.83 1.94 -12.42
CA GLU A 131 -22.20 1.09 -11.25
C GLU A 131 -22.87 1.95 -10.18
N GLU A 132 -24.05 2.44 -10.45
CA GLU A 132 -24.75 3.29 -9.44
C GLU A 132 -25.22 2.42 -8.28
N THR A 133 -25.07 1.12 -8.39
CA THR A 133 -25.51 0.23 -7.29
C THR A 133 -24.29 -0.18 -6.44
N ASN A 134 -23.20 0.52 -6.58
CA ASN A 134 -21.99 0.18 -5.80
C ASN A 134 -22.12 0.77 -4.39
N LYS A 135 -23.21 0.50 -3.71
CA LYS A 135 -23.38 1.05 -2.34
C LYS A 135 -22.56 0.22 -1.36
N LYS A 136 -22.19 -0.97 -1.73
CA LYS A 136 -21.39 -1.82 -0.81
C LYS A 136 -19.94 -1.34 -0.80
N LEU A 137 -19.45 -0.87 -1.91
CA LEU A 137 -18.05 -0.39 -1.97
C LEU A 137 -17.96 1.02 -1.35
N ALA A 138 -19.08 1.68 -1.23
CA ALA A 138 -19.06 3.05 -0.65
C ALA A 138 -18.43 3.02 0.75
N PRO A 139 -18.97 2.18 1.61
CA PRO A 139 -18.48 2.04 2.99
C PRO A 139 -17.19 1.21 3.02
N LYS A 140 -16.68 0.86 1.88
CA LYS A 140 -15.42 0.05 1.84
C LYS A 140 -14.33 0.83 1.11
N ILE A 141 -14.71 1.89 0.44
CA ILE A 141 -13.69 2.70 -0.30
C ILE A 141 -12.89 3.53 0.71
N LYS A 142 -13.56 4.29 1.52
CA LYS A 142 -12.83 5.13 2.52
C LYS A 142 -12.15 4.21 3.56
N GLN A 143 -12.79 3.13 3.90
CA GLN A 143 -12.19 2.21 4.91
C GLN A 143 -10.82 1.74 4.41
N ALA A 144 -10.70 1.44 3.15
CA ALA A 144 -9.39 0.98 2.60
C ALA A 144 -8.46 2.19 2.44
N TYR A 145 -8.88 3.17 1.70
CA TYR A 145 -8.01 4.37 1.50
C TYR A 145 -7.41 4.79 2.84
N ASP A 146 -8.10 4.54 3.92
CA ASP A 146 -7.56 4.92 5.26
C ASP A 146 -6.26 4.16 5.52
N ASP A 147 -6.18 2.93 5.09
CA ASP A 147 -4.95 2.13 5.30
C ASP A 147 -3.80 2.75 4.50
N PHE A 148 -4.08 3.22 3.31
CA PHE A 148 -3.01 3.83 2.48
C PHE A 148 -2.23 4.85 3.29
N VAL A 149 -2.91 5.76 3.93
CA VAL A 149 -2.20 6.79 4.74
C VAL A 149 -1.86 6.22 6.12
N LYS A 150 -2.51 5.16 6.52
CA LYS A 150 -2.21 4.56 7.85
C LYS A 150 -0.91 3.76 7.79
N HIS A 151 -0.82 2.83 6.89
CA HIS A 151 0.43 2.01 6.79
C HIS A 151 1.51 2.82 6.08
N ALA A 152 1.14 3.67 5.16
CA ALA A 152 2.16 4.48 4.44
C ALA A 152 3.06 5.20 5.45
N GLU A 153 2.48 5.93 6.37
CA GLU A 153 3.32 6.64 7.37
C GLU A 153 3.80 5.65 8.44
N GLU A 154 3.35 4.43 8.38
CA GLU A 154 3.78 3.43 9.40
C GLU A 154 5.20 2.96 9.09
N VAL A 155 5.55 2.89 7.84
CA VAL A 155 6.92 2.44 7.48
C VAL A 155 7.92 3.57 7.76
N GLN A 156 7.57 4.78 7.41
CA GLN A 156 8.49 5.91 7.66
C GLN A 156 8.74 6.04 9.17
N LYS A 157 7.78 5.64 9.97
CA LYS A 157 7.96 5.73 11.44
C LYS A 157 9.09 4.79 11.88
N LYS A 158 9.05 3.57 11.43
CA LYS A 158 10.12 2.59 11.80
C LYS A 158 11.38 2.87 10.99
N LEU A 159 11.23 3.29 9.76
CA LEU A 159 12.42 3.58 8.92
C LEU A 159 13.37 4.52 9.68
N HIS A 160 12.83 5.40 10.47
CA HIS A 160 13.70 6.35 11.23
C HIS A 160 14.48 5.57 12.30
N GLU A 161 13.80 4.84 13.13
CA GLU A 161 14.50 4.06 14.18
C GLU A 161 15.56 3.16 13.54
N ALA A 162 15.39 2.84 12.29
CA ALA A 162 16.38 1.96 11.60
C ALA A 162 17.62 2.77 11.24
N ALA A 163 17.44 4.02 10.86
CA ALA A 163 18.61 4.86 10.50
C ALA A 163 19.63 4.84 11.65
N THR A 164 19.17 4.68 12.86
CA THR A 164 20.12 4.66 14.01
C THR A 164 19.63 3.63 15.04
N LYS A 165 19.29 2.46 14.60
CA LYS A 165 18.81 1.41 15.54
C LYS A 165 19.82 1.27 16.69
N GLN A 166 21.08 1.30 16.39
CA GLN A 166 22.11 1.17 17.46
C GLN A 166 21.90 2.26 18.51
N ASP A 1 -21.93 24.07 -0.73
CA ASP A 1 -22.88 23.05 -0.17
C ASP A 1 -22.11 21.75 0.12
N ALA A 2 -21.08 21.84 0.92
CA ALA A 2 -20.29 20.61 1.25
C ALA A 2 -19.82 19.94 -0.05
N PRO A 3 -18.86 20.56 -0.68
CA PRO A 3 -18.29 20.05 -1.94
C PRO A 3 -17.31 18.91 -1.66
N ALA A 4 -16.97 18.15 -2.67
CA ALA A 4 -16.03 17.02 -2.45
C ALA A 4 -15.98 16.15 -3.71
N GLY A 5 -17.09 16.01 -4.39
CA GLY A 5 -17.10 15.18 -5.62
C GLY A 5 -17.32 13.71 -5.24
N GLY A 6 -18.22 13.45 -4.34
CA GLY A 6 -18.49 12.04 -3.94
C GLY A 6 -18.79 11.20 -5.18
N ASN A 7 -19.32 11.80 -6.21
CA ASN A 7 -19.63 11.04 -7.44
C ASN A 7 -18.47 10.10 -7.77
N ALA A 8 -17.30 10.63 -7.97
CA ALA A 8 -16.13 9.77 -8.29
C ALA A 8 -15.23 9.64 -7.05
N PHE A 9 -15.00 8.44 -6.60
CA PHE A 9 -14.14 8.25 -5.40
C PHE A 9 -12.67 8.15 -5.84
N GLU A 10 -12.41 8.36 -7.09
CA GLU A 10 -11.00 8.28 -7.58
C GLU A 10 -10.17 9.39 -6.93
N GLU A 11 -10.82 10.42 -6.45
CA GLU A 11 -10.07 11.53 -5.80
C GLU A 11 -9.28 11.00 -4.61
N MET A 12 -9.69 9.88 -4.07
CA MET A 12 -8.96 9.31 -2.90
C MET A 12 -7.62 8.75 -3.36
N GLU A 13 -7.63 7.86 -4.32
CA GLU A 13 -6.34 7.28 -4.81
C GLU A 13 -5.33 8.40 -5.04
N LYS A 14 -5.81 9.58 -5.34
CA LYS A 14 -4.87 10.72 -5.58
C LYS A 14 -4.34 11.24 -4.24
N HIS A 15 -5.19 11.42 -3.27
CA HIS A 15 -4.72 11.93 -1.96
C HIS A 15 -4.04 10.81 -1.18
N ALA A 16 -4.28 9.58 -1.56
CA ALA A 16 -3.64 8.44 -0.85
C ALA A 16 -2.19 8.29 -1.30
N LYS A 17 -1.96 8.18 -2.58
CA LYS A 17 -0.57 8.03 -3.09
C LYS A 17 0.31 9.16 -2.52
N GLU A 18 -0.18 10.37 -2.55
CA GLU A 18 0.62 11.50 -2.02
C GLU A 18 1.17 11.13 -0.63
N PHE A 19 0.45 10.31 0.10
CA PHE A 19 0.93 9.92 1.45
C PHE A 19 2.04 8.86 1.31
N GLN A 20 2.08 8.18 0.19
CA GLN A 20 3.12 7.14 0.00
C GLN A 20 4.44 7.83 -0.34
N LYS A 21 4.39 9.07 -0.72
CA LYS A 21 5.64 9.81 -1.06
C LYS A 21 6.36 10.22 0.23
N THR A 22 5.62 10.60 1.24
CA THR A 22 6.26 11.00 2.52
C THR A 22 7.19 9.88 2.99
N PHE A 23 6.81 8.66 2.76
CA PHE A 23 7.68 7.52 3.18
C PHE A 23 8.84 7.38 2.19
N SER A 24 8.54 7.45 0.92
CA SER A 24 9.63 7.33 -0.09
C SER A 24 10.81 8.20 0.33
N GLU A 25 10.53 9.35 0.88
CA GLU A 25 11.62 10.26 1.32
C GLU A 25 12.26 9.69 2.60
N GLN A 26 11.47 9.05 3.41
CA GLN A 26 12.02 8.47 4.67
C GLN A 26 13.28 7.66 4.35
N PHE A 27 13.24 6.89 3.28
CA PHE A 27 14.44 6.08 2.92
C PHE A 27 15.69 6.95 3.05
N ASN A 28 15.55 8.24 2.90
CA ASN A 28 16.72 9.14 3.02
C ASN A 28 17.27 9.07 4.45
N SER A 29 16.41 8.83 5.41
CA SER A 29 16.88 8.76 6.82
C SER A 29 17.54 7.40 7.06
N LEU A 30 17.21 6.42 6.28
CA LEU A 30 17.81 5.07 6.47
C LEU A 30 19.24 5.07 5.91
N VAL A 31 19.44 5.68 4.77
CA VAL A 31 20.81 5.72 4.19
C VAL A 31 21.77 6.37 5.17
N ASN A 32 22.29 5.61 6.10
CA ASN A 32 23.24 6.19 7.09
C ASN A 32 24.49 5.30 7.19
N SER A 33 25.10 5.24 8.33
CA SER A 33 26.32 4.40 8.48
C SER A 33 25.92 3.04 9.07
N LYS A 34 25.04 2.33 8.41
CA LYS A 34 24.61 1.01 8.92
C LYS A 34 24.40 0.05 7.75
N ASN A 35 25.44 -0.28 7.04
CA ASN A 35 25.30 -1.21 5.89
C ASN A 35 26.63 -1.91 5.62
N THR A 36 26.96 -2.90 6.40
CA THR A 36 28.25 -3.62 6.18
C THR A 36 28.03 -5.12 6.34
N GLN A 37 27.00 -5.65 5.73
CA GLN A 37 26.72 -7.11 5.84
C GLN A 37 26.35 -7.44 7.29
N ASP A 38 25.95 -6.47 8.05
CA ASP A 38 25.57 -6.73 9.46
C ASP A 38 24.62 -5.64 9.95
N PHE A 39 23.98 -4.96 9.05
CA PHE A 39 23.03 -3.87 9.46
C PHE A 39 21.91 -3.75 8.44
N ASN A 40 21.74 -4.75 7.60
CA ASN A 40 20.67 -4.67 6.58
C ASN A 40 19.40 -5.35 7.11
N LYS A 41 19.54 -6.47 7.75
CA LYS A 41 18.36 -7.18 8.31
C LYS A 41 17.47 -6.18 9.04
N ALA A 42 18.05 -5.28 9.79
CA ALA A 42 17.24 -4.28 10.52
C ALA A 42 16.38 -3.50 9.52
N LEU A 43 16.90 -3.30 8.33
CA LEU A 43 16.13 -2.55 7.30
C LEU A 43 15.08 -3.49 6.70
N LYS A 44 15.33 -4.77 6.70
CA LYS A 44 14.35 -5.73 6.13
C LYS A 44 13.22 -5.96 7.13
N ASP A 45 13.48 -5.79 8.40
CA ASP A 45 12.43 -6.00 9.42
C ASP A 45 11.45 -4.81 9.39
N GLY A 46 11.96 -3.62 9.19
CA GLY A 46 11.06 -2.43 9.15
C GLY A 46 10.33 -2.39 7.80
N SER A 47 11.01 -2.77 6.75
CA SER A 47 10.35 -2.74 5.42
C SER A 47 9.42 -3.94 5.28
N ASP A 48 9.78 -5.05 5.88
CA ASP A 48 8.91 -6.26 5.80
C ASP A 48 7.71 -6.10 6.74
N SER A 49 7.77 -5.17 7.65
CA SER A 49 6.64 -4.96 8.59
C SER A 49 5.52 -4.20 7.88
N VAL A 50 5.85 -3.19 7.13
CA VAL A 50 4.80 -2.42 6.41
C VAL A 50 4.14 -3.31 5.35
N LEU A 51 4.78 -4.39 4.99
CA LEU A 51 4.18 -5.29 3.96
C LEU A 51 2.94 -5.96 4.55
N GLN A 52 3.08 -6.63 5.66
CA GLN A 52 1.90 -7.30 6.27
C GLN A 52 1.02 -6.26 6.96
N GLN A 53 1.52 -5.07 7.14
CA GLN A 53 0.72 -4.00 7.80
C GLN A 53 -0.30 -3.43 6.81
N LEU A 54 0.16 -2.97 5.67
CA LEU A 54 -0.78 -2.42 4.65
C LEU A 54 -1.59 -3.55 4.03
N SER A 55 -0.95 -4.66 3.74
CA SER A 55 -1.69 -5.80 3.12
C SER A 55 -3.03 -5.99 3.84
N ALA A 56 -3.13 -5.57 5.06
CA ALA A 56 -4.41 -5.73 5.81
C ALA A 56 -5.53 -4.95 5.11
N PHE A 57 -5.27 -3.75 4.68
CA PHE A 57 -6.33 -2.95 4.01
C PHE A 57 -6.86 -3.70 2.79
N SER A 58 -6.01 -4.42 2.11
CA SER A 58 -6.48 -5.18 0.93
C SER A 58 -7.77 -5.93 1.27
N SER A 59 -7.92 -6.33 2.51
CA SER A 59 -9.15 -7.07 2.92
C SER A 59 -10.33 -6.11 2.95
N SER A 60 -10.07 -4.83 3.01
CA SER A 60 -11.20 -3.84 3.04
C SER A 60 -11.89 -3.82 1.68
N LEU A 61 -11.20 -4.23 0.65
CA LEU A 61 -11.82 -4.24 -0.71
C LEU A 61 -12.74 -5.45 -0.84
N GLN A 62 -12.51 -6.47 -0.06
CA GLN A 62 -13.37 -7.68 -0.14
C GLN A 62 -14.80 -7.31 0.24
N GLY A 63 -14.97 -6.37 1.13
CA GLY A 63 -16.33 -5.95 1.55
C GLY A 63 -17.14 -5.55 0.31
N ALA A 64 -16.49 -5.02 -0.69
CA ALA A 64 -17.22 -4.61 -1.92
C ALA A 64 -17.61 -5.87 -2.71
N ILE A 65 -16.69 -6.76 -2.92
CA ILE A 65 -17.02 -8.00 -3.68
C ILE A 65 -17.81 -8.96 -2.79
N SER A 66 -17.59 -8.91 -1.50
CA SER A 66 -18.34 -9.82 -0.58
C SER A 66 -19.81 -9.84 -0.98
N ASP A 67 -20.29 -8.77 -1.56
CA ASP A 67 -21.73 -8.73 -1.97
C ASP A 67 -21.92 -7.65 -3.02
N ALA A 68 -21.04 -7.58 -3.98
CA ALA A 68 -21.18 -6.55 -5.05
C ALA A 68 -22.36 -6.91 -5.96
N ASN A 69 -22.42 -6.33 -7.13
CA ASN A 69 -23.53 -6.64 -8.06
C ASN A 69 -23.28 -7.99 -8.74
N GLY A 70 -22.05 -8.26 -9.09
CA GLY A 70 -21.74 -9.56 -9.75
C GLY A 70 -20.74 -9.33 -10.88
N LYS A 71 -20.50 -8.09 -11.23
CA LYS A 71 -19.53 -7.81 -12.33
C LYS A 71 -18.31 -7.09 -11.76
N ALA A 72 -18.50 -5.88 -11.27
CA ALA A 72 -17.35 -5.13 -10.70
C ALA A 72 -16.74 -5.91 -9.53
N LYS A 73 -17.46 -6.89 -9.04
CA LYS A 73 -16.93 -7.70 -7.91
C LYS A 73 -15.65 -8.43 -8.35
N GLU A 74 -15.57 -8.82 -9.59
CA GLU A 74 -14.36 -9.53 -10.08
C GLU A 74 -13.18 -8.55 -10.12
N ALA A 75 -13.38 -7.38 -10.64
CA ALA A 75 -12.27 -6.38 -10.71
C ALA A 75 -11.94 -5.89 -9.30
N LEU A 76 -12.84 -6.07 -8.38
CA LEU A 76 -12.58 -5.60 -6.98
C LEU A 76 -11.65 -6.60 -6.28
N GLU A 77 -11.68 -7.84 -6.69
CA GLU A 77 -10.81 -8.86 -6.05
C GLU A 77 -9.36 -8.63 -6.48
N GLN A 78 -9.16 -8.18 -7.69
CA GLN A 78 -7.77 -7.94 -8.17
C GLN A 78 -7.13 -6.82 -7.37
N ALA A 79 -7.76 -5.68 -7.31
CA ALA A 79 -7.20 -4.55 -6.52
C ALA A 79 -6.98 -4.98 -5.07
N ARG A 80 -7.64 -6.02 -4.66
CA ARG A 80 -7.47 -6.51 -3.26
C ARG A 80 -6.15 -7.26 -3.12
N GLN A 81 -5.96 -8.29 -3.90
CA GLN A 81 -4.70 -9.08 -3.82
C GLN A 81 -3.59 -8.33 -4.55
N ASN A 82 -3.85 -7.85 -5.74
CA ASN A 82 -2.81 -7.12 -6.51
C ASN A 82 -2.09 -6.11 -5.59
N VAL A 83 -2.82 -5.47 -4.72
CA VAL A 83 -2.18 -4.48 -3.81
C VAL A 83 -1.51 -5.21 -2.64
N GLU A 84 -2.08 -6.31 -2.22
CA GLU A 84 -1.48 -7.06 -1.07
C GLU A 84 -0.26 -7.85 -1.56
N LYS A 85 -0.19 -8.14 -2.82
CA LYS A 85 0.97 -8.91 -3.35
C LYS A 85 2.19 -7.99 -3.49
N THR A 86 1.98 -6.79 -3.95
CA THR A 86 3.12 -5.85 -4.12
C THR A 86 3.79 -5.60 -2.78
N ALA A 87 3.03 -5.40 -1.74
CA ALA A 87 3.63 -5.15 -0.39
C ALA A 87 4.21 -6.45 0.16
N GLU A 88 3.45 -7.51 0.13
CA GLU A 88 3.95 -8.80 0.66
C GLU A 88 4.88 -9.45 -0.37
N GLU A 89 5.01 -8.84 -1.53
CA GLU A 89 5.89 -9.42 -2.58
C GLU A 89 7.31 -9.65 -2.02
N LEU A 90 7.92 -8.63 -1.49
CA LEU A 90 9.30 -8.81 -0.95
C LEU A 90 9.26 -9.39 0.46
N ARG A 91 8.15 -9.30 1.14
CA ARG A 91 8.08 -9.85 2.51
C ARG A 91 8.42 -11.35 2.49
N LYS A 92 8.34 -11.96 1.34
CA LYS A 92 8.66 -13.41 1.24
C LYS A 92 10.16 -13.61 1.41
N ALA A 93 10.92 -12.56 1.41
CA ALA A 93 12.40 -12.69 1.57
C ALA A 93 12.81 -12.28 2.98
N HIS A 94 14.08 -12.25 3.26
CA HIS A 94 14.54 -11.85 4.62
C HIS A 94 16.02 -12.27 4.81
N PRO A 95 16.31 -13.52 4.54
CA PRO A 95 17.68 -14.05 4.67
C PRO A 95 18.54 -13.61 3.49
N ASP A 96 17.95 -13.42 2.33
CA ASP A 96 18.73 -12.99 1.15
C ASP A 96 18.99 -11.48 1.21
N VAL A 97 18.22 -10.78 2.00
CA VAL A 97 18.42 -9.30 2.09
C VAL A 97 19.61 -9.00 3.01
N GLU A 98 19.68 -9.67 4.13
CA GLU A 98 20.82 -9.42 5.05
C GLU A 98 22.05 -10.20 4.58
N LYS A 99 21.87 -11.08 3.65
CA LYS A 99 23.02 -11.87 3.13
C LYS A 99 23.80 -11.03 2.12
N GLU A 100 23.16 -10.62 1.07
CA GLU A 100 23.87 -9.79 0.05
C GLU A 100 23.84 -8.32 0.46
N ALA A 101 22.78 -7.90 1.11
CA ALA A 101 22.69 -6.48 1.55
C ALA A 101 23.17 -5.56 0.43
N ASN A 102 23.01 -5.97 -0.80
CA ASN A 102 23.46 -5.13 -1.94
C ASN A 102 22.49 -3.95 -2.11
N ALA A 103 21.23 -4.23 -2.28
CA ALA A 103 20.25 -3.11 -2.44
C ALA A 103 18.83 -3.69 -2.48
N PHE A 104 18.54 -4.63 -1.62
CA PHE A 104 17.17 -5.23 -1.61
C PHE A 104 16.18 -4.22 -1.03
N LYS A 105 16.67 -3.20 -0.38
CA LYS A 105 15.75 -2.18 0.20
C LYS A 105 14.89 -1.57 -0.91
N ASP A 106 15.36 -1.62 -2.13
CA ASP A 106 14.57 -1.05 -3.25
C ASP A 106 13.30 -1.88 -3.46
N LYS A 107 13.29 -3.10 -2.98
CA LYS A 107 12.09 -3.95 -3.15
C LYS A 107 10.90 -3.30 -2.44
N LEU A 108 11.07 -2.96 -1.18
CA LEU A 108 9.95 -2.32 -0.44
C LEU A 108 9.83 -0.85 -0.85
N GLN A 109 10.93 -0.25 -1.23
CA GLN A 109 10.88 1.18 -1.64
C GLN A 109 9.93 1.33 -2.84
N ALA A 110 10.16 0.58 -3.88
CA ALA A 110 9.27 0.68 -5.08
C ALA A 110 7.97 -0.08 -4.80
N ALA A 111 7.91 -0.81 -3.74
CA ALA A 111 6.67 -1.58 -3.42
C ALA A 111 5.63 -0.63 -2.82
N VAL A 112 6.05 0.46 -2.26
CA VAL A 112 5.07 1.41 -1.65
C VAL A 112 4.28 2.10 -2.76
N GLN A 113 4.93 2.57 -3.79
CA GLN A 113 4.20 3.25 -4.89
C GLN A 113 3.39 2.22 -5.68
N THR A 114 3.75 0.97 -5.59
CA THR A 114 3.00 -0.08 -6.33
C THR A 114 1.69 -0.39 -5.60
N THR A 115 1.56 0.06 -4.39
CA THR A 115 0.30 -0.20 -3.63
C THR A 115 -0.80 0.74 -4.12
N VAL A 116 -0.55 2.02 -4.11
CA VAL A 116 -1.57 2.98 -4.58
C VAL A 116 -1.60 2.99 -6.11
N GLN A 117 -0.71 2.29 -6.74
CA GLN A 117 -0.70 2.27 -8.23
C GLN A 117 -1.96 1.58 -8.75
N GLU A 118 -2.46 0.61 -8.02
CA GLU A 118 -3.68 -0.09 -8.48
C GLU A 118 -4.92 0.77 -8.19
N SER A 119 -4.86 1.55 -7.14
CA SER A 119 -6.02 2.42 -6.81
C SER A 119 -6.32 3.35 -7.98
N GLN A 120 -5.39 3.48 -8.89
CA GLN A 120 -5.61 4.38 -10.06
C GLN A 120 -6.52 3.68 -11.07
N LYS A 121 -6.34 2.39 -11.25
CA LYS A 121 -7.20 1.66 -12.23
C LYS A 121 -8.60 1.48 -11.64
N LEU A 122 -8.70 0.91 -10.47
CA LEU A 122 -10.05 0.71 -9.86
C LEU A 122 -10.69 2.07 -9.59
N ALA A 123 -9.90 3.08 -9.35
CA ALA A 123 -10.47 4.43 -9.08
C ALA A 123 -11.28 4.89 -10.30
N LYS A 124 -10.74 4.73 -11.48
CA LYS A 124 -11.48 5.16 -12.69
C LYS A 124 -12.64 4.21 -12.94
N GLU A 125 -12.51 2.96 -12.57
CA GLU A 125 -13.61 1.99 -12.78
C GLU A 125 -14.80 2.37 -11.89
N VAL A 126 -14.58 2.52 -10.62
CA VAL A 126 -15.69 2.90 -9.70
C VAL A 126 -16.21 4.28 -10.08
N ALA A 127 -15.46 5.02 -10.85
CA ALA A 127 -15.92 6.38 -11.26
C ALA A 127 -17.00 6.25 -12.32
N SER A 128 -16.75 5.50 -13.36
CA SER A 128 -17.77 5.34 -14.43
C SER A 128 -19.00 4.65 -13.86
N ASN A 129 -18.82 3.60 -13.11
CA ASN A 129 -19.98 2.89 -12.52
C ASN A 129 -20.66 3.78 -11.48
N MET A 130 -21.24 4.87 -11.89
CA MET A 130 -21.91 5.78 -10.93
C MET A 130 -23.42 5.67 -11.09
N GLU A 131 -24.10 5.09 -10.14
CA GLU A 131 -25.58 4.96 -10.23
C GLU A 131 -25.92 3.84 -11.22
N GLU A 132 -24.95 3.07 -11.62
CA GLU A 132 -25.23 1.96 -12.58
C GLU A 132 -25.02 0.62 -11.89
N THR A 133 -24.18 0.57 -10.90
CA THR A 133 -23.93 -0.71 -10.17
C THR A 133 -22.70 -0.56 -9.27
N ASN A 134 -22.63 0.50 -8.52
CA ASN A 134 -21.45 0.70 -7.62
C ASN A 134 -21.93 1.31 -6.31
N LYS A 135 -22.95 0.75 -5.71
CA LYS A 135 -23.44 1.31 -4.42
C LYS A 135 -22.89 0.48 -3.26
N LYS A 136 -22.76 -0.80 -3.44
CA LYS A 136 -22.21 -1.65 -2.34
C LYS A 136 -20.72 -1.40 -2.20
N LEU A 137 -20.11 -0.78 -3.18
CA LEU A 137 -18.65 -0.51 -3.10
C LEU A 137 -18.41 0.71 -2.20
N ALA A 138 -19.42 1.47 -1.91
CA ALA A 138 -19.23 2.68 -1.05
C ALA A 138 -18.51 2.27 0.23
N PRO A 139 -19.07 1.33 0.94
CA PRO A 139 -18.50 0.83 2.20
C PRO A 139 -17.32 -0.11 1.92
N LYS A 140 -16.42 0.30 1.07
CA LYS A 140 -15.25 -0.56 0.74
C LYS A 140 -14.06 0.33 0.37
N ILE A 141 -14.30 1.38 -0.36
CA ILE A 141 -13.20 2.29 -0.77
C ILE A 141 -12.84 3.21 0.40
N LYS A 142 -13.72 3.34 1.36
CA LYS A 142 -13.43 4.23 2.51
C LYS A 142 -12.25 3.67 3.32
N GLN A 143 -12.35 2.44 3.75
CA GLN A 143 -11.24 1.83 4.53
C GLN A 143 -10.10 1.44 3.59
N ALA A 144 -10.29 1.59 2.31
CA ALA A 144 -9.21 1.23 1.35
C ALA A 144 -8.13 2.32 1.33
N TYR A 145 -8.54 3.55 1.21
CA TYR A 145 -7.53 4.66 1.18
C TYR A 145 -7.07 5.00 2.60
N ASP A 146 -8.00 5.17 3.51
CA ASP A 146 -7.62 5.50 4.91
C ASP A 146 -6.46 4.61 5.35
N ASP A 147 -6.39 3.41 4.81
CA ASP A 147 -5.29 2.49 5.20
C ASP A 147 -3.99 2.90 4.51
N PHE A 148 -4.07 3.22 3.24
CA PHE A 148 -2.84 3.64 2.51
C PHE A 148 -2.12 4.74 3.29
N VAL A 149 -2.80 5.80 3.61
CA VAL A 149 -2.14 6.90 4.36
C VAL A 149 -1.79 6.42 5.78
N LYS A 150 -2.50 5.45 6.27
CA LYS A 150 -2.21 4.93 7.64
C LYS A 150 -0.98 4.02 7.60
N HIS A 151 -0.98 3.04 6.74
CA HIS A 151 0.19 2.12 6.67
C HIS A 151 1.33 2.81 5.90
N ALA A 152 1.05 3.89 5.24
CA ALA A 152 2.12 4.60 4.46
C ALA A 152 3.13 5.20 5.43
N GLU A 153 2.68 6.01 6.35
CA GLU A 153 3.63 6.64 7.33
C GLU A 153 4.01 5.61 8.39
N GLU A 154 3.41 4.45 8.37
CA GLU A 154 3.73 3.42 9.39
C GLU A 154 5.12 2.83 9.11
N VAL A 155 5.51 2.78 7.87
CA VAL A 155 6.84 2.21 7.53
C VAL A 155 7.93 3.24 7.84
N GLN A 156 7.60 4.50 7.77
CA GLN A 156 8.61 5.56 8.06
C GLN A 156 8.97 5.50 9.55
N LYS A 157 8.01 5.26 10.41
CA LYS A 157 8.30 5.18 11.86
C LYS A 157 9.39 4.13 12.09
N LYS A 158 9.27 2.99 11.49
CA LYS A 158 10.30 1.93 11.68
C LYS A 158 11.53 2.25 10.84
N LEU A 159 11.34 2.76 9.65
CA LEU A 159 12.51 3.10 8.79
C LEU A 159 13.17 4.39 9.30
N HIS A 160 12.56 5.04 10.25
CA HIS A 160 13.16 6.29 10.79
C HIS A 160 14.32 5.95 11.72
N GLU A 161 14.11 5.05 12.65
CA GLU A 161 15.21 4.68 13.59
C GLU A 161 16.22 3.80 12.86
N ALA A 162 15.90 3.36 11.66
CA ALA A 162 16.85 2.50 10.91
C ALA A 162 18.22 3.17 10.86
N ALA A 163 18.25 4.47 10.73
CA ALA A 163 19.56 5.18 10.68
C ALA A 163 20.49 4.63 11.78
N THR A 164 19.93 4.22 12.88
CA THR A 164 20.77 3.69 13.98
C THR A 164 19.89 2.95 14.99
N LYS A 165 19.19 1.94 14.57
CA LYS A 165 18.32 1.18 15.50
C LYS A 165 19.14 0.72 16.71
N GLN A 166 18.72 1.09 17.90
CA GLN A 166 19.48 0.67 19.11
C GLN A 166 20.95 1.06 18.95
N ASP A 1 -17.84 24.96 3.44
CA ASP A 1 -16.95 23.76 3.35
C ASP A 1 -17.26 23.00 2.06
N ALA A 2 -16.31 22.29 1.54
CA ALA A 2 -16.55 21.53 0.28
C ALA A 2 -17.36 20.26 0.59
N PRO A 3 -18.16 19.86 -0.36
CA PRO A 3 -19.01 18.67 -0.23
C PRO A 3 -18.18 17.39 -0.43
N ALA A 4 -18.82 16.26 -0.42
CA ALA A 4 -18.06 14.98 -0.62
C ALA A 4 -19.05 13.82 -0.78
N GLY A 5 -18.56 12.61 -0.71
CA GLY A 5 -19.47 11.44 -0.86
C GLY A 5 -19.56 11.05 -2.33
N GLY A 6 -20.47 10.16 -2.66
CA GLY A 6 -20.61 9.74 -4.09
C GLY A 6 -19.51 8.72 -4.42
N ASN A 7 -18.84 8.21 -3.43
CA ASN A 7 -17.76 7.22 -3.70
C ASN A 7 -16.86 7.73 -4.82
N ALA A 8 -15.87 8.51 -4.48
CA ALA A 8 -14.95 9.05 -5.53
C ALA A 8 -13.51 8.62 -5.22
N PHE A 9 -13.17 7.39 -5.47
CA PHE A 9 -11.79 6.93 -5.17
C PHE A 9 -10.79 7.83 -5.90
N GLU A 10 -11.22 8.51 -6.92
CA GLU A 10 -10.30 9.41 -7.68
C GLU A 10 -9.70 10.43 -6.71
N GLU A 11 -10.49 10.95 -5.81
CA GLU A 11 -9.97 11.96 -4.85
C GLU A 11 -9.17 11.24 -3.75
N MET A 12 -9.62 10.10 -3.33
CA MET A 12 -8.88 9.36 -2.27
C MET A 12 -7.60 8.76 -2.85
N GLU A 13 -7.71 8.00 -3.90
CA GLU A 13 -6.50 7.39 -4.52
C GLU A 13 -5.48 8.49 -4.81
N LYS A 14 -5.94 9.68 -5.11
CA LYS A 14 -5.00 10.79 -5.42
C LYS A 14 -4.39 11.31 -4.11
N HIS A 15 -5.17 11.47 -3.09
CA HIS A 15 -4.63 11.98 -1.80
C HIS A 15 -3.82 10.86 -1.11
N ALA A 16 -4.02 9.64 -1.51
CA ALA A 16 -3.27 8.52 -0.89
C ALA A 16 -1.84 8.47 -1.43
N LYS A 17 -1.70 8.44 -2.73
CA LYS A 17 -0.33 8.41 -3.33
C LYS A 17 0.50 9.56 -2.78
N GLU A 18 -0.04 10.74 -2.77
CA GLU A 18 0.73 11.92 -2.27
C GLU A 18 1.34 11.57 -0.91
N PHE A 19 0.76 10.63 -0.21
CA PHE A 19 1.32 10.24 1.12
C PHE A 19 2.55 9.36 0.91
N GLN A 20 2.47 8.41 0.02
CA GLN A 20 3.64 7.52 -0.23
C GLN A 20 4.91 8.37 -0.30
N LYS A 21 4.77 9.61 -0.69
CA LYS A 21 5.97 10.49 -0.79
C LYS A 21 6.63 10.61 0.57
N THR A 22 5.88 10.91 1.60
CA THR A 22 6.49 11.02 2.96
C THR A 22 7.37 9.80 3.23
N PHE A 23 6.92 8.64 2.84
CA PHE A 23 7.74 7.41 3.07
C PHE A 23 8.85 7.34 2.02
N SER A 24 8.64 7.92 0.86
CA SER A 24 9.68 7.90 -0.20
C SER A 24 10.87 8.77 0.23
N GLU A 25 10.61 9.80 0.98
CA GLU A 25 11.74 10.68 1.42
C GLU A 25 12.37 10.11 2.69
N GLN A 26 11.65 9.32 3.42
CA GLN A 26 12.21 8.73 4.68
C GLN A 26 13.14 7.57 4.36
N PHE A 27 12.67 6.58 3.64
CA PHE A 27 13.55 5.42 3.33
C PHE A 27 14.90 5.93 2.85
N ASN A 28 14.94 7.11 2.32
CA ASN A 28 16.25 7.66 1.83
C ASN A 28 17.10 8.05 3.04
N SER A 29 16.46 8.42 4.13
CA SER A 29 17.23 8.79 5.35
C SER A 29 17.69 7.52 6.05
N LEU A 30 16.89 6.49 5.99
CA LEU A 30 17.28 5.21 6.65
C LEU A 30 18.70 4.83 6.24
N VAL A 31 19.09 5.16 5.03
CA VAL A 31 20.47 4.83 4.57
C VAL A 31 21.48 5.76 5.23
N ASN A 32 21.47 5.83 6.54
CA ASN A 32 22.42 6.73 7.25
C ASN A 32 23.46 5.88 8.01
N SER A 33 23.92 6.36 9.13
CA SER A 33 24.92 5.59 9.91
C SER A 33 24.49 4.12 9.99
N LYS A 34 25.38 3.25 10.36
CA LYS A 34 25.02 1.81 10.45
C LYS A 34 24.71 1.26 9.06
N ASN A 35 25.71 1.07 8.25
CA ASN A 35 25.48 0.56 6.88
C ASN A 35 26.72 -0.19 6.39
N THR A 36 27.08 -1.26 7.05
CA THR A 36 28.29 -2.03 6.63
C THR A 36 27.91 -3.50 6.42
N GLN A 37 26.81 -3.74 5.78
CA GLN A 37 26.39 -5.15 5.53
C GLN A 37 26.07 -5.82 6.88
N ASP A 38 25.99 -5.05 7.93
CA ASP A 38 25.68 -5.65 9.26
C ASP A 38 24.46 -4.94 9.86
N PHE A 39 23.81 -4.10 9.10
CA PHE A 39 22.62 -3.38 9.64
C PHE A 39 21.45 -3.54 8.68
N ASN A 40 21.67 -4.21 7.57
CA ASN A 40 20.55 -4.40 6.60
C ASN A 40 19.48 -5.29 7.21
N LYS A 41 19.87 -6.21 8.05
CA LYS A 41 18.87 -7.11 8.69
C LYS A 41 17.70 -6.28 9.23
N ALA A 42 17.95 -5.05 9.57
CA ALA A 42 16.85 -4.18 10.10
C ALA A 42 15.94 -3.76 8.95
N LEU A 43 16.42 -3.83 7.74
CA LEU A 43 15.56 -3.43 6.58
C LEU A 43 14.39 -4.40 6.45
N LYS A 44 14.65 -5.67 6.57
CA LYS A 44 13.55 -6.68 6.45
C LYS A 44 12.61 -6.55 7.65
N ASP A 45 13.06 -5.94 8.71
CA ASP A 45 12.19 -5.78 9.90
C ASP A 45 11.19 -4.64 9.68
N GLY A 46 11.68 -3.49 9.33
CA GLY A 46 10.76 -2.33 9.10
C GLY A 46 10.07 -2.47 7.74
N SER A 47 10.81 -2.79 6.72
CA SER A 47 10.20 -2.94 5.37
C SER A 47 9.17 -4.06 5.38
N ASP A 48 9.56 -5.24 5.78
CA ASP A 48 8.60 -6.38 5.81
C ASP A 48 7.32 -5.97 6.56
N SER A 49 7.47 -5.27 7.66
CA SER A 49 6.27 -4.85 8.44
C SER A 49 5.26 -4.18 7.50
N VAL A 50 5.71 -3.23 6.71
CA VAL A 50 4.78 -2.54 5.79
C VAL A 50 4.08 -3.56 4.88
N LEU A 51 4.62 -4.74 4.79
CA LEU A 51 4.00 -5.78 3.92
C LEU A 51 2.80 -6.41 4.63
N GLN A 52 2.99 -6.89 5.83
CA GLN A 52 1.87 -7.50 6.58
C GLN A 52 0.96 -6.40 7.13
N GLN A 53 1.44 -5.18 7.13
CA GLN A 53 0.60 -4.07 7.65
C GLN A 53 -0.44 -3.69 6.61
N LEU A 54 -0.01 -3.41 5.40
CA LEU A 54 -0.98 -3.03 4.34
C LEU A 54 -1.68 -4.29 3.83
N SER A 55 -1.06 -5.42 3.95
CA SER A 55 -1.70 -6.69 3.48
C SER A 55 -3.15 -6.72 3.94
N ALA A 56 -3.41 -6.29 5.14
CA ALA A 56 -4.81 -6.29 5.65
C ALA A 56 -5.62 -5.24 4.91
N PHE A 57 -5.03 -4.11 4.61
CA PHE A 57 -5.77 -3.03 3.89
C PHE A 57 -6.49 -3.66 2.70
N SER A 58 -5.97 -4.72 2.15
CA SER A 58 -6.64 -5.37 0.99
C SER A 58 -7.93 -6.02 1.45
N SER A 59 -8.04 -6.34 2.71
CA SER A 59 -9.28 -6.98 3.22
C SER A 59 -10.43 -5.98 3.15
N SER A 60 -10.14 -4.73 2.88
CA SER A 60 -11.22 -3.71 2.79
C SER A 60 -11.93 -3.85 1.44
N LEU A 61 -11.21 -4.19 0.42
CA LEU A 61 -11.83 -4.33 -0.93
C LEU A 61 -12.58 -5.67 -1.00
N GLN A 62 -12.02 -6.69 -0.41
CA GLN A 62 -12.70 -8.03 -0.45
C GLN A 62 -14.03 -7.94 0.29
N GLY A 63 -14.21 -6.92 1.09
CA GLY A 63 -15.49 -6.79 1.84
C GLY A 63 -16.57 -6.24 0.89
N ALA A 64 -16.20 -5.36 0.00
CA ALA A 64 -17.20 -4.80 -0.94
C ALA A 64 -17.63 -5.87 -1.94
N ILE A 65 -16.69 -6.56 -2.52
CA ILE A 65 -17.04 -7.62 -3.50
C ILE A 65 -17.97 -8.64 -2.84
N SER A 66 -18.02 -8.65 -1.53
CA SER A 66 -18.90 -9.62 -0.83
C SER A 66 -20.35 -9.44 -1.29
N ASP A 67 -20.71 -8.25 -1.67
CA ASP A 67 -22.11 -8.00 -2.14
C ASP A 67 -22.09 -7.40 -3.54
N ALA A 68 -20.93 -7.07 -4.04
CA ALA A 68 -20.86 -6.47 -5.40
C ALA A 68 -21.59 -7.37 -6.41
N ASN A 69 -22.29 -6.79 -7.34
CA ASN A 69 -23.02 -7.61 -8.34
C ASN A 69 -23.18 -6.81 -9.64
N GLY A 70 -22.39 -5.80 -9.82
CA GLY A 70 -22.50 -4.99 -11.07
C GLY A 70 -21.20 -5.11 -11.87
N LYS A 71 -20.68 -6.30 -12.01
CA LYS A 71 -19.42 -6.50 -12.78
C LYS A 71 -18.26 -5.83 -12.03
N ALA A 72 -18.50 -5.38 -10.83
CA ALA A 72 -17.41 -4.73 -10.05
C ALA A 72 -16.83 -5.73 -9.06
N LYS A 73 -17.50 -6.83 -8.86
CA LYS A 73 -17.00 -7.85 -7.89
C LYS A 73 -15.78 -8.55 -8.49
N GLU A 74 -15.70 -8.63 -9.79
CA GLU A 74 -14.53 -9.30 -10.43
C GLU A 74 -13.32 -8.37 -10.41
N ALA A 75 -13.53 -7.12 -10.70
CA ALA A 75 -12.38 -6.15 -10.70
C ALA A 75 -12.02 -5.77 -9.26
N LEU A 76 -12.93 -5.95 -8.34
CA LEU A 76 -12.64 -5.59 -6.92
C LEU A 76 -11.77 -6.68 -6.28
N GLU A 77 -11.86 -7.89 -6.78
CA GLU A 77 -11.04 -8.99 -6.19
C GLU A 77 -9.60 -8.88 -6.70
N GLN A 78 -9.40 -8.26 -7.83
CA GLN A 78 -8.02 -8.14 -8.38
C GLN A 78 -7.27 -7.03 -7.63
N ALA A 79 -7.89 -5.90 -7.45
CA ALA A 79 -7.21 -4.78 -6.74
C ALA A 79 -6.99 -5.17 -5.28
N ARG A 80 -7.66 -6.19 -4.81
CA ARG A 80 -7.49 -6.61 -3.39
C ARG A 80 -6.18 -7.40 -3.26
N GLN A 81 -6.01 -8.43 -4.02
CA GLN A 81 -4.76 -9.25 -3.93
C GLN A 81 -3.61 -8.49 -4.60
N ASN A 82 -3.88 -7.85 -5.70
CA ASN A 82 -2.80 -7.10 -6.40
C ASN A 82 -2.09 -6.18 -5.41
N VAL A 83 -2.83 -5.49 -4.58
CA VAL A 83 -2.19 -4.58 -3.59
C VAL A 83 -1.64 -5.40 -2.43
N GLU A 84 -2.18 -6.57 -2.19
CA GLU A 84 -1.70 -7.41 -1.07
C GLU A 84 -0.38 -8.09 -1.48
N LYS A 85 -0.28 -8.51 -2.70
CA LYS A 85 0.97 -9.18 -3.15
C LYS A 85 2.06 -8.14 -3.41
N THR A 86 1.74 -7.13 -4.18
CA THR A 86 2.76 -6.08 -4.48
C THR A 86 3.50 -5.69 -3.19
N ALA A 87 2.81 -5.70 -2.08
CA ALA A 87 3.47 -5.34 -0.79
C ALA A 87 4.27 -6.54 -0.26
N GLU A 88 3.62 -7.66 -0.10
CA GLU A 88 4.35 -8.86 0.42
C GLU A 88 5.29 -9.39 -0.66
N GLU A 89 5.26 -8.81 -1.83
CA GLU A 89 6.16 -9.28 -2.92
C GLU A 89 7.57 -9.52 -2.36
N LEU A 90 8.12 -8.55 -1.70
CA LEU A 90 9.50 -8.74 -1.14
C LEU A 90 9.41 -9.47 0.21
N ARG A 91 8.22 -9.58 0.76
CA ARG A 91 8.07 -10.29 2.06
C ARG A 91 8.57 -11.73 1.91
N LYS A 92 8.71 -12.19 0.70
CA LYS A 92 9.18 -13.59 0.50
C LYS A 92 10.70 -13.66 0.73
N ALA A 93 11.36 -12.54 0.72
CA ALA A 93 12.83 -12.54 0.94
C ALA A 93 13.13 -12.12 2.38
N HIS A 94 14.39 -12.02 2.72
CA HIS A 94 14.75 -11.63 4.12
C HIS A 94 16.24 -11.91 4.37
N PRO A 95 16.64 -13.13 4.12
CA PRO A 95 18.04 -13.54 4.31
C PRO A 95 18.91 -13.06 3.14
N ASP A 96 18.33 -12.94 1.98
CA ASP A 96 19.12 -12.47 0.81
C ASP A 96 19.46 -10.99 0.97
N VAL A 97 18.48 -10.18 1.29
CA VAL A 97 18.74 -8.73 1.47
C VAL A 97 19.73 -8.51 2.62
N GLU A 98 19.54 -9.20 3.71
CA GLU A 98 20.46 -9.04 4.87
C GLU A 98 21.80 -9.71 4.54
N LYS A 99 21.82 -10.58 3.57
CA LYS A 99 23.10 -11.25 3.21
C LYS A 99 23.93 -10.33 2.32
N GLU A 100 23.40 -9.95 1.19
CA GLU A 100 24.17 -9.04 0.28
C GLU A 100 23.94 -7.59 0.69
N ALA A 101 22.76 -7.28 1.17
CA ALA A 101 22.48 -5.88 1.59
C ALA A 101 23.03 -4.90 0.56
N ASN A 102 23.15 -5.33 -0.68
CA ASN A 102 23.70 -4.42 -1.72
C ASN A 102 22.75 -3.24 -1.90
N ALA A 103 21.47 -3.48 -1.92
CA ALA A 103 20.50 -2.37 -2.09
C ALA A 103 19.13 -2.95 -2.49
N PHE A 104 18.75 -4.04 -1.88
CA PHE A 104 17.43 -4.66 -2.23
C PHE A 104 16.32 -3.88 -1.52
N LYS A 105 16.66 -3.15 -0.49
CA LYS A 105 15.61 -2.37 0.24
C LYS A 105 14.67 -1.70 -0.77
N ASP A 106 15.16 -1.43 -1.94
CA ASP A 106 14.29 -0.78 -2.97
C ASP A 106 13.03 -1.62 -3.18
N LYS A 107 13.10 -2.90 -2.89
CA LYS A 107 11.90 -3.77 -3.08
C LYS A 107 10.75 -3.22 -2.24
N LEU A 108 10.99 -2.92 -0.99
CA LEU A 108 9.91 -2.38 -0.13
C LEU A 108 9.68 -0.90 -0.47
N GLN A 109 10.74 -0.14 -0.56
CA GLN A 109 10.59 1.31 -0.88
C GLN A 109 9.73 1.46 -2.13
N ALA A 110 10.06 0.76 -3.18
CA ALA A 110 9.26 0.87 -4.44
C ALA A 110 7.94 0.11 -4.27
N ALA A 111 7.81 -0.65 -3.21
CA ALA A 111 6.55 -1.42 -3.00
C ALA A 111 5.45 -0.49 -2.51
N VAL A 112 5.81 0.63 -1.94
CA VAL A 112 4.78 1.59 -1.44
C VAL A 112 4.15 2.32 -2.64
N GLN A 113 4.92 2.63 -3.62
CA GLN A 113 4.37 3.35 -4.81
C GLN A 113 3.49 2.40 -5.62
N THR A 114 3.76 1.13 -5.55
CA THR A 114 2.94 0.15 -6.32
C THR A 114 1.61 -0.08 -5.58
N THR A 115 1.53 0.30 -4.35
CA THR A 115 0.26 0.10 -3.58
C THR A 115 -0.82 1.00 -4.16
N VAL A 116 -0.56 2.28 -4.27
CA VAL A 116 -1.58 3.21 -4.83
C VAL A 116 -1.63 3.07 -6.35
N GLN A 117 -0.57 2.56 -6.94
CA GLN A 117 -0.57 2.40 -8.43
C GLN A 117 -1.87 1.74 -8.86
N GLU A 118 -2.24 0.66 -8.25
CA GLU A 118 -3.51 -0.04 -8.63
C GLU A 118 -4.70 0.84 -8.24
N SER A 119 -4.54 1.66 -7.24
CA SER A 119 -5.67 2.53 -6.81
C SER A 119 -6.17 3.34 -8.02
N GLN A 120 -5.38 3.45 -9.04
CA GLN A 120 -5.81 4.22 -10.24
C GLN A 120 -6.77 3.36 -11.07
N LYS A 121 -6.39 2.15 -11.40
CA LYS A 121 -7.28 1.27 -12.20
C LYS A 121 -8.60 1.06 -11.46
N LEU A 122 -8.54 0.78 -10.19
CA LEU A 122 -9.80 0.56 -9.42
C LEU A 122 -10.51 1.91 -9.22
N ALA A 123 -9.76 2.97 -9.05
CA ALA A 123 -10.39 4.29 -8.85
C ALA A 123 -11.13 4.71 -10.13
N LYS A 124 -10.56 4.44 -11.26
CA LYS A 124 -11.22 4.82 -12.55
C LYS A 124 -12.39 3.87 -12.81
N GLU A 125 -12.24 2.62 -12.47
CA GLU A 125 -13.35 1.65 -12.69
C GLU A 125 -14.60 2.11 -11.95
N VAL A 126 -14.49 2.35 -10.67
CA VAL A 126 -15.68 2.80 -9.89
C VAL A 126 -16.10 4.20 -10.37
N ALA A 127 -15.17 4.96 -10.87
CA ALA A 127 -15.51 6.33 -11.35
C ALA A 127 -16.29 6.23 -12.66
N SER A 128 -16.38 5.06 -13.22
CA SER A 128 -17.12 4.91 -14.51
C SER A 128 -18.44 5.69 -14.43
N ASN A 129 -19.12 5.60 -13.32
CA ASN A 129 -20.41 6.33 -13.19
C ASN A 129 -21.50 5.61 -13.99
N MET A 130 -21.24 4.40 -14.40
CA MET A 130 -22.25 3.64 -15.19
C MET A 130 -22.80 2.48 -14.34
N GLU A 131 -22.36 2.36 -13.12
CA GLU A 131 -22.86 1.27 -12.25
C GLU A 131 -23.52 1.85 -11.00
N GLU A 132 -24.55 2.64 -11.17
CA GLU A 132 -25.22 3.24 -9.99
C GLU A 132 -25.55 2.15 -8.97
N THR A 133 -25.63 0.91 -9.41
CA THR A 133 -25.95 -0.20 -8.48
C THR A 133 -24.70 -0.54 -7.65
N ASN A 134 -23.63 0.16 -7.86
CA ASN A 134 -22.39 -0.12 -7.09
C ASN A 134 -22.37 0.72 -5.81
N LYS A 135 -23.31 0.49 -4.93
CA LYS A 135 -23.35 1.28 -3.66
C LYS A 135 -22.78 0.44 -2.52
N LYS A 136 -22.89 -0.86 -2.60
CA LYS A 136 -22.35 -1.72 -1.51
C LYS A 136 -20.86 -1.44 -1.34
N LEU A 137 -20.24 -0.82 -2.30
CA LEU A 137 -18.79 -0.53 -2.19
C LEU A 137 -18.57 0.70 -1.31
N ALA A 138 -19.62 1.28 -0.79
CA ALA A 138 -19.47 2.49 0.07
C ALA A 138 -18.52 2.19 1.24
N PRO A 139 -18.86 1.19 2.01
CA PRO A 139 -18.05 0.77 3.17
C PRO A 139 -16.81 0.01 2.71
N LYS A 140 -16.07 0.56 1.78
CA LYS A 140 -14.84 -0.13 1.30
C LYS A 140 -13.84 0.91 0.81
N ILE A 141 -14.30 1.95 0.17
CA ILE A 141 -13.37 2.99 -0.33
C ILE A 141 -12.91 3.86 0.84
N LYS A 142 -13.69 3.94 1.89
CA LYS A 142 -13.29 4.77 3.06
C LYS A 142 -12.15 4.07 3.82
N GLN A 143 -12.30 2.80 4.10
CA GLN A 143 -11.23 2.07 4.84
C GLN A 143 -10.08 1.73 3.89
N ALA A 144 -10.33 1.82 2.61
CA ALA A 144 -9.25 1.49 1.62
C ALA A 144 -8.28 2.66 1.52
N TYR A 145 -8.76 3.87 1.62
CA TYR A 145 -7.86 5.05 1.51
C TYR A 145 -7.14 5.28 2.85
N ASP A 146 -7.89 5.33 3.93
CA ASP A 146 -7.26 5.54 5.26
C ASP A 146 -6.23 4.44 5.50
N ASP A 147 -6.39 3.32 4.83
CA ASP A 147 -5.43 2.20 5.01
C ASP A 147 -4.15 2.49 4.22
N PHE A 148 -4.27 2.74 2.94
CA PHE A 148 -3.07 3.04 2.13
C PHE A 148 -2.24 4.13 2.80
N VAL A 149 -2.83 5.26 3.07
CA VAL A 149 -2.09 6.36 3.72
C VAL A 149 -1.78 5.98 5.18
N LYS A 150 -2.29 4.87 5.63
CA LYS A 150 -2.03 4.44 7.03
C LYS A 150 -0.62 3.85 7.13
N HIS A 151 -0.30 2.91 6.29
CA HIS A 151 1.06 2.30 6.34
C HIS A 151 2.06 3.25 5.69
N ALA A 152 1.59 4.20 4.92
CA ALA A 152 2.53 5.16 4.26
C ALA A 152 3.37 5.86 5.32
N GLU A 153 2.73 6.50 6.27
CA GLU A 153 3.50 7.21 7.33
C GLU A 153 4.04 6.20 8.35
N GLU A 154 3.63 4.97 8.24
CA GLU A 154 4.11 3.94 9.21
C GLU A 154 5.53 3.51 8.83
N VAL A 155 5.79 3.30 7.57
CA VAL A 155 7.15 2.88 7.15
C VAL A 155 8.17 3.91 7.65
N GLN A 156 7.89 5.18 7.46
CA GLN A 156 8.83 6.23 7.92
C GLN A 156 9.09 6.05 9.42
N LYS A 157 8.13 5.53 10.14
CA LYS A 157 8.33 5.33 11.60
C LYS A 157 9.41 4.28 11.82
N LYS A 158 9.45 3.26 11.00
CA LYS A 158 10.48 2.20 11.16
C LYS A 158 11.83 2.72 10.61
N LEU A 159 11.78 3.56 9.62
CA LEU A 159 13.06 4.09 9.05
C LEU A 159 13.67 5.12 10.01
N HIS A 160 12.84 5.96 10.58
CA HIS A 160 13.37 6.98 11.52
C HIS A 160 14.22 6.30 12.60
N GLU A 161 13.81 5.16 13.06
CA GLU A 161 14.59 4.45 14.10
C GLU A 161 15.84 3.82 13.49
N ALA A 162 15.67 3.02 12.47
CA ALA A 162 16.85 2.39 11.81
C ALA A 162 17.94 3.44 11.58
N ALA A 163 17.56 4.62 11.15
CA ALA A 163 18.57 5.69 10.91
C ALA A 163 19.59 5.70 12.06
N THR A 164 19.18 5.28 13.22
CA THR A 164 20.12 5.27 14.38
C THR A 164 19.75 4.15 15.34
N LYS A 165 19.00 3.18 14.88
CA LYS A 165 18.59 2.05 15.76
C LYS A 165 17.83 2.59 16.96
N GLN A 166 16.93 1.81 17.51
CA GLN A 166 16.15 2.29 18.69
C GLN A 166 17.04 2.27 19.93
N ASP A 1 -10.54 21.55 4.49
CA ASP A 1 -10.91 20.10 4.64
C ASP A 1 -11.47 19.58 3.31
N ALA A 2 -11.19 18.35 2.99
CA ALA A 2 -11.70 17.78 1.71
C ALA A 2 -13.25 17.77 1.73
N PRO A 3 -13.82 17.71 0.57
CA PRO A 3 -15.29 17.69 0.41
C PRO A 3 -15.84 16.29 0.71
N ALA A 4 -17.05 16.02 0.31
CA ALA A 4 -17.65 14.69 0.59
C ALA A 4 -17.51 13.81 -0.65
N GLY A 5 -17.14 14.39 -1.77
CA GLY A 5 -16.98 13.58 -3.02
C GLY A 5 -18.25 13.70 -3.85
N GLY A 6 -18.34 14.72 -4.67
CA GLY A 6 -19.56 14.89 -5.52
C GLY A 6 -19.31 14.26 -6.90
N ASN A 7 -18.10 13.87 -7.17
CA ASN A 7 -17.79 13.25 -8.49
C ASN A 7 -17.07 11.92 -8.27
N ALA A 8 -17.78 10.90 -7.89
CA ALA A 8 -17.12 9.58 -7.65
C ALA A 8 -16.14 9.70 -6.49
N PHE A 9 -15.52 8.61 -6.11
CA PHE A 9 -14.55 8.66 -4.98
C PHE A 9 -13.15 8.33 -5.49
N GLU A 10 -12.96 8.38 -6.78
CA GLU A 10 -11.61 8.07 -7.35
C GLU A 10 -10.61 9.14 -6.90
N GLU A 11 -11.09 10.26 -6.45
CA GLU A 11 -10.18 11.35 -5.99
C GLU A 11 -9.41 10.88 -4.75
N MET A 12 -9.89 9.85 -4.11
CA MET A 12 -9.19 9.33 -2.89
C MET A 12 -7.83 8.76 -3.29
N GLU A 13 -7.64 8.47 -4.55
CA GLU A 13 -6.34 7.90 -4.99
C GLU A 13 -5.31 9.04 -5.09
N LYS A 14 -5.76 10.25 -5.29
CA LYS A 14 -4.80 11.39 -5.40
C LYS A 14 -4.32 11.79 -4.01
N HIS A 15 -5.20 11.83 -3.04
CA HIS A 15 -4.78 12.22 -1.67
C HIS A 15 -3.94 11.11 -1.05
N ALA A 16 -4.15 9.89 -1.48
CA ALA A 16 -3.37 8.75 -0.91
C ALA A 16 -1.97 8.75 -1.52
N LYS A 17 -1.87 8.87 -2.81
CA LYS A 17 -0.52 8.87 -3.46
C LYS A 17 0.38 9.89 -2.76
N GLU A 18 -0.13 11.06 -2.48
CA GLU A 18 0.70 12.09 -1.80
C GLU A 18 1.26 11.52 -0.49
N PHE A 19 0.63 10.50 0.04
CA PHE A 19 1.13 9.91 1.32
C PHE A 19 2.36 9.05 1.04
N GLN A 20 2.34 8.29 -0.03
CA GLN A 20 3.51 7.43 -0.34
C GLN A 20 4.75 8.31 -0.56
N LYS A 21 4.55 9.58 -0.79
CA LYS A 21 5.71 10.48 -1.02
C LYS A 21 6.37 10.80 0.33
N THR A 22 5.64 10.70 1.40
CA THR A 22 6.23 10.99 2.74
C THR A 22 7.16 9.85 3.14
N PHE A 23 6.87 8.65 2.72
CA PHE A 23 7.75 7.50 3.09
C PHE A 23 8.99 7.51 2.20
N SER A 24 8.81 7.69 0.91
CA SER A 24 9.97 7.71 -0.01
C SER A 24 11.01 8.71 0.51
N GLU A 25 10.57 9.81 1.06
CA GLU A 25 11.53 10.82 1.58
C GLU A 25 12.22 10.26 2.84
N GLN A 26 11.54 9.38 3.54
CA GLN A 26 12.16 8.79 4.77
C GLN A 26 13.38 7.96 4.37
N PHE A 27 13.27 7.22 3.30
CA PHE A 27 14.42 6.38 2.87
C PHE A 27 15.70 7.21 2.95
N ASN A 28 15.60 8.49 2.77
CA ASN A 28 16.81 9.35 2.85
C ASN A 28 17.43 9.21 4.24
N SER A 29 16.63 9.02 5.24
CA SER A 29 17.18 8.88 6.63
C SER A 29 17.75 7.47 6.80
N LEU A 30 17.03 6.47 6.35
CA LEU A 30 17.53 5.07 6.49
C LEU A 30 18.93 4.96 5.88
N VAL A 31 19.09 5.46 4.69
CA VAL A 31 20.42 5.38 4.02
C VAL A 31 21.42 6.27 4.78
N ASN A 32 21.70 5.94 6.01
CA ASN A 32 22.66 6.75 6.81
C ASN A 32 22.86 6.12 8.18
N SER A 33 22.88 4.82 8.26
CA SER A 33 23.07 4.14 9.57
C SER A 33 24.51 3.64 9.69
N LYS A 34 24.83 2.98 10.77
CA LYS A 34 26.22 2.47 10.94
C LYS A 34 26.70 1.84 9.63
N ASN A 35 25.93 0.94 9.08
CA ASN A 35 26.34 0.30 7.80
C ASN A 35 27.57 -0.60 8.05
N THR A 36 27.35 -1.84 8.36
CA THR A 36 28.50 -2.75 8.61
C THR A 36 28.02 -4.21 8.59
N GLN A 37 27.20 -4.56 7.63
CA GLN A 37 26.70 -5.96 7.56
C GLN A 37 25.85 -6.25 8.81
N ASP A 38 25.45 -5.24 9.53
CA ASP A 38 24.63 -5.47 10.75
C ASP A 38 23.52 -4.42 10.81
N PHE A 39 23.19 -3.82 9.70
CA PHE A 39 22.12 -2.79 9.71
C PHE A 39 21.00 -3.21 8.74
N ASN A 40 21.32 -4.01 7.77
CA ASN A 40 20.28 -4.46 6.80
C ASN A 40 19.25 -5.33 7.53
N LYS A 41 19.68 -6.13 8.46
CA LYS A 41 18.72 -6.98 9.20
C LYS A 41 17.49 -6.17 9.59
N ALA A 42 17.67 -4.89 9.81
CA ALA A 42 16.51 -4.04 10.19
C ALA A 42 15.68 -3.71 8.95
N LEU A 43 16.30 -3.69 7.80
CA LEU A 43 15.55 -3.39 6.55
C LEU A 43 14.38 -4.36 6.41
N LYS A 44 14.65 -5.63 6.44
CA LYS A 44 13.55 -6.64 6.30
C LYS A 44 12.62 -6.53 7.52
N ASP A 45 13.08 -5.95 8.59
CA ASP A 45 12.22 -5.82 9.79
C ASP A 45 11.22 -4.66 9.59
N GLY A 46 11.72 -3.51 9.24
CA GLY A 46 10.82 -2.34 9.02
C GLY A 46 10.13 -2.48 7.67
N SER A 47 10.87 -2.86 6.66
CA SER A 47 10.26 -3.00 5.30
C SER A 47 9.23 -4.14 5.33
N ASP A 48 9.63 -5.30 5.77
CA ASP A 48 8.66 -6.44 5.81
C ASP A 48 7.60 -6.19 6.88
N SER A 49 7.76 -5.13 7.64
CA SER A 49 6.75 -4.82 8.70
C SER A 49 5.51 -4.20 8.08
N VAL A 50 5.68 -3.18 7.27
CA VAL A 50 4.50 -2.53 6.64
C VAL A 50 3.78 -3.53 5.73
N LEU A 51 4.51 -4.38 5.08
CA LEU A 51 3.86 -5.38 4.16
C LEU A 51 2.65 -5.98 4.87
N GLN A 52 2.84 -6.53 6.04
CA GLN A 52 1.70 -7.13 6.77
C GLN A 52 0.82 -6.00 7.34
N GLN A 53 1.36 -4.82 7.42
CA GLN A 53 0.57 -3.67 7.94
C GLN A 53 -0.38 -3.18 6.85
N LEU A 54 0.13 -2.94 5.68
CA LEU A 54 -0.73 -2.46 4.56
C LEU A 54 -1.55 -3.62 4.01
N SER A 55 -1.04 -4.82 4.12
CA SER A 55 -1.79 -6.00 3.61
C SER A 55 -3.26 -5.89 4.03
N ALA A 56 -3.52 -5.25 5.14
CA ALA A 56 -4.93 -5.10 5.60
C ALA A 56 -5.76 -4.46 4.51
N PHE A 57 -5.23 -3.47 3.84
CA PHE A 57 -5.98 -2.80 2.75
C PHE A 57 -6.67 -3.85 1.89
N SER A 58 -5.95 -4.86 1.49
CA SER A 58 -6.55 -5.93 0.65
C SER A 58 -7.64 -6.66 1.44
N SER A 59 -7.52 -6.68 2.74
CA SER A 59 -8.56 -7.37 3.57
C SER A 59 -9.82 -6.51 3.63
N SER A 60 -9.71 -5.25 3.34
CA SER A 60 -10.91 -4.37 3.36
C SER A 60 -11.76 -4.61 2.12
N LEU A 61 -11.13 -4.84 1.00
CA LEU A 61 -11.89 -5.07 -0.25
C LEU A 61 -12.44 -6.50 -0.25
N GLN A 62 -11.59 -7.47 -0.07
CA GLN A 62 -12.08 -8.88 -0.04
C GLN A 62 -13.35 -8.98 0.80
N GLY A 63 -13.51 -8.09 1.74
CA GLY A 63 -14.72 -8.14 2.60
C GLY A 63 -15.91 -7.51 1.86
N ALA A 64 -15.64 -6.55 1.02
CA ALA A 64 -16.75 -5.90 0.26
C ALA A 64 -17.18 -6.81 -0.90
N ILE A 65 -16.23 -7.42 -1.57
CA ILE A 65 -16.59 -8.32 -2.70
C ILE A 65 -17.44 -9.49 -2.18
N SER A 66 -17.47 -9.69 -0.89
CA SER A 66 -18.27 -10.81 -0.33
C SER A 66 -19.77 -10.44 -0.39
N ASP A 67 -20.06 -9.20 -0.67
CA ASP A 67 -21.50 -8.78 -0.74
C ASP A 67 -21.79 -8.24 -2.14
N ALA A 68 -20.78 -7.89 -2.89
CA ALA A 68 -21.01 -7.34 -4.26
C ALA A 68 -21.83 -8.35 -5.06
N ASN A 69 -22.30 -7.95 -6.21
CA ASN A 69 -23.11 -8.88 -7.05
C ASN A 69 -23.09 -8.41 -8.50
N GLY A 70 -21.93 -8.35 -9.10
CA GLY A 70 -21.85 -7.90 -10.52
C GLY A 70 -20.39 -7.86 -10.97
N LYS A 71 -20.12 -7.27 -12.09
CA LYS A 71 -18.71 -7.20 -12.58
C LYS A 71 -17.89 -6.27 -11.67
N ALA A 72 -18.55 -5.61 -10.76
CA ALA A 72 -17.82 -4.68 -9.85
C ALA A 72 -17.19 -5.49 -8.71
N LYS A 73 -17.66 -6.68 -8.47
CA LYS A 73 -17.08 -7.50 -7.37
C LYS A 73 -15.75 -8.09 -7.82
N GLU A 74 -15.64 -8.44 -9.08
CA GLU A 74 -14.36 -9.03 -9.57
C GLU A 74 -13.34 -7.91 -9.80
N ALA A 75 -13.74 -6.85 -10.44
CA ALA A 75 -12.78 -5.73 -10.70
C ALA A 75 -12.29 -5.17 -9.36
N LEU A 76 -13.12 -5.16 -8.36
CA LEU A 76 -12.69 -4.62 -7.04
C LEU A 76 -11.82 -5.65 -6.33
N GLU A 77 -11.99 -6.91 -6.64
CA GLU A 77 -11.17 -7.95 -5.97
C GLU A 77 -9.77 -7.98 -6.59
N GLN A 78 -9.67 -7.68 -7.86
CA GLN A 78 -8.32 -7.69 -8.51
C GLN A 78 -7.41 -6.69 -7.81
N ALA A 79 -7.88 -5.49 -7.57
CA ALA A 79 -7.03 -4.47 -6.90
C ALA A 79 -6.78 -4.91 -5.44
N ARG A 80 -7.54 -5.85 -4.96
CA ARG A 80 -7.34 -6.30 -3.54
C ARG A 80 -6.13 -7.22 -3.47
N GLN A 81 -6.07 -8.22 -4.31
CA GLN A 81 -4.91 -9.16 -4.29
C GLN A 81 -3.70 -8.49 -4.95
N ASN A 82 -3.93 -7.54 -5.82
CA ASN A 82 -2.80 -6.86 -6.50
C ASN A 82 -1.98 -6.09 -5.47
N VAL A 83 -2.62 -5.43 -4.54
CA VAL A 83 -1.86 -4.66 -3.51
C VAL A 83 -1.38 -5.61 -2.42
N GLU A 84 -1.94 -6.78 -2.34
CA GLU A 84 -1.51 -7.75 -1.30
C GLU A 84 -0.18 -8.39 -1.70
N LYS A 85 -0.06 -8.80 -2.94
CA LYS A 85 1.20 -9.44 -3.40
C LYS A 85 2.28 -8.37 -3.63
N THR A 86 1.88 -7.18 -3.99
CA THR A 86 2.88 -6.10 -4.23
C THR A 86 3.54 -5.70 -2.92
N ALA A 87 2.81 -5.69 -1.84
CA ALA A 87 3.40 -5.31 -0.53
C ALA A 87 4.16 -6.50 0.06
N GLU A 88 3.50 -7.63 0.21
CA GLU A 88 4.18 -8.82 0.77
C GLU A 88 5.09 -9.44 -0.29
N GLU A 89 5.07 -8.92 -1.49
CA GLU A 89 5.93 -9.48 -2.56
C GLU A 89 7.33 -9.79 -2.01
N LEU A 90 7.98 -8.83 -1.42
CA LEU A 90 9.35 -9.08 -0.87
C LEU A 90 9.23 -9.71 0.52
N ARG A 91 8.04 -9.77 1.06
CA ARG A 91 7.87 -10.37 2.41
C ARG A 91 8.16 -11.87 2.34
N LYS A 92 8.33 -12.40 1.16
CA LYS A 92 8.60 -13.85 1.03
C LYS A 92 10.07 -14.13 1.37
N ALA A 93 10.86 -13.11 1.51
CA ALA A 93 12.30 -13.31 1.84
C ALA A 93 12.59 -12.70 3.22
N HIS A 94 13.84 -12.48 3.53
CA HIS A 94 14.18 -11.90 4.86
C HIS A 94 15.68 -12.07 5.13
N PRO A 95 16.14 -13.29 5.02
CA PRO A 95 17.56 -13.63 5.25
C PRO A 95 18.40 -13.24 4.04
N ASP A 96 17.77 -12.86 2.97
CA ASP A 96 18.54 -12.48 1.74
C ASP A 96 19.06 -11.05 1.89
N VAL A 97 18.20 -10.13 2.24
CA VAL A 97 18.64 -8.71 2.39
C VAL A 97 19.74 -8.64 3.45
N GLU A 98 19.50 -9.19 4.61
CA GLU A 98 20.53 -9.14 5.69
C GLU A 98 21.73 -10.01 5.29
N LYS A 99 21.54 -10.93 4.39
CA LYS A 99 22.67 -11.79 3.95
C LYS A 99 23.52 -11.04 2.94
N GLU A 100 22.95 -10.66 1.82
CA GLU A 100 23.73 -9.92 0.79
C GLU A 100 23.73 -8.43 1.12
N ALA A 101 22.65 -7.93 1.67
CA ALA A 101 22.59 -6.49 2.02
C ALA A 101 23.17 -5.66 0.87
N ASN A 102 23.13 -6.16 -0.33
CA ASN A 102 23.68 -5.40 -1.48
C ASN A 102 22.76 -4.22 -1.81
N ALA A 103 21.48 -4.45 -1.77
CA ALA A 103 20.52 -3.35 -2.07
C ALA A 103 19.14 -3.94 -2.38
N PHE A 104 18.72 -4.90 -1.61
CA PHE A 104 17.39 -5.53 -1.85
C PHE A 104 16.30 -4.60 -1.31
N LYS A 105 16.61 -3.82 -0.31
CA LYS A 105 15.59 -2.90 0.26
C LYS A 105 14.80 -2.25 -0.87
N ASP A 106 15.40 -2.10 -2.01
CA ASP A 106 14.68 -1.47 -3.15
C ASP A 106 13.38 -2.22 -3.42
N LYS A 107 13.28 -3.45 -3.00
CA LYS A 107 12.03 -4.23 -3.22
C LYS A 107 10.90 -3.61 -2.41
N LEU A 108 11.15 -3.25 -1.19
CA LEU A 108 10.08 -2.63 -0.36
C LEU A 108 9.91 -1.17 -0.77
N GLN A 109 10.98 -0.51 -1.09
CA GLN A 109 10.87 0.92 -1.51
C GLN A 109 9.98 1.02 -2.75
N ALA A 110 10.22 0.21 -3.73
CA ALA A 110 9.38 0.26 -4.96
C ALA A 110 8.05 -0.43 -4.69
N ALA A 111 7.93 -1.12 -3.59
CA ALA A 111 6.65 -1.82 -3.27
C ALA A 111 5.62 -0.81 -2.76
N VAL A 112 6.08 0.29 -2.20
CA VAL A 112 5.13 1.31 -1.69
C VAL A 112 4.45 2.02 -2.87
N GLN A 113 5.23 2.45 -3.83
CA GLN A 113 4.64 3.14 -5.01
C GLN A 113 3.63 2.24 -5.71
N THR A 114 3.82 0.94 -5.62
CA THR A 114 2.87 0.00 -6.28
C THR A 114 1.47 0.18 -5.70
N THR A 115 1.36 0.25 -4.40
CA THR A 115 0.02 0.42 -3.77
C THR A 115 -0.63 1.69 -4.30
N VAL A 116 0.16 2.70 -4.57
CA VAL A 116 -0.41 3.97 -5.08
C VAL A 116 -0.75 3.82 -6.57
N GLN A 117 -0.13 2.88 -7.23
CA GLN A 117 -0.43 2.68 -8.68
C GLN A 117 -1.77 1.95 -8.84
N GLU A 118 -1.97 0.90 -8.10
CA GLU A 118 -3.25 0.14 -8.21
C GLU A 118 -4.40 1.07 -7.87
N SER A 119 -4.17 2.07 -7.05
CA SER A 119 -5.26 3.01 -6.67
C SER A 119 -5.79 3.69 -7.95
N GLN A 120 -5.06 3.59 -9.03
CA GLN A 120 -5.52 4.24 -10.29
C GLN A 120 -6.61 3.37 -10.93
N LYS A 121 -6.44 2.07 -10.89
CA LYS A 121 -7.48 1.17 -11.50
C LYS A 121 -8.72 1.16 -10.61
N LEU A 122 -8.54 1.12 -9.32
CA LEU A 122 -9.73 1.10 -8.41
C LEU A 122 -10.44 2.45 -8.48
N ALA A 123 -9.72 3.52 -8.68
CA ALA A 123 -10.37 4.85 -8.76
C ALA A 123 -11.25 4.91 -10.00
N LYS A 124 -10.72 4.53 -11.14
CA LYS A 124 -11.54 4.56 -12.39
C LYS A 124 -12.64 3.50 -12.31
N GLU A 125 -12.39 2.43 -11.60
CA GLU A 125 -13.42 1.36 -11.48
C GLU A 125 -14.69 1.94 -10.85
N VAL A 126 -14.55 2.67 -9.78
CA VAL A 126 -15.76 3.27 -9.13
C VAL A 126 -16.26 4.44 -9.97
N ALA A 127 -15.40 5.03 -10.75
CA ALA A 127 -15.83 6.19 -11.59
C ALA A 127 -16.73 5.69 -12.73
N SER A 128 -16.82 4.39 -12.89
CA SER A 128 -17.68 3.85 -13.98
C SER A 128 -19.03 4.57 -13.99
N ASN A 129 -19.43 5.10 -12.87
CA ASN A 129 -20.74 5.82 -12.81
C ASN A 129 -21.88 4.80 -12.81
N MET A 130 -21.57 3.54 -12.64
CA MET A 130 -22.64 2.51 -12.64
C MET A 130 -23.08 2.23 -11.20
N GLU A 131 -23.36 3.27 -10.45
CA GLU A 131 -23.80 3.07 -9.04
C GLU A 131 -25.22 2.50 -9.02
N GLU A 132 -25.40 1.31 -9.53
CA GLU A 132 -26.76 0.71 -9.55
C GLU A 132 -26.89 -0.26 -8.37
N THR A 133 -25.81 -0.58 -7.73
CA THR A 133 -25.88 -1.52 -6.58
C THR A 133 -24.50 -1.61 -5.91
N ASN A 134 -23.74 -0.55 -5.95
CA ASN A 134 -22.39 -0.59 -5.32
C ASN A 134 -22.49 -0.10 -3.88
N LYS A 135 -23.65 -0.17 -3.29
CA LYS A 135 -23.82 0.28 -1.88
C LYS A 135 -22.95 -0.59 -0.96
N LYS A 136 -22.61 -1.77 -1.40
CA LYS A 136 -21.77 -2.66 -0.55
C LYS A 136 -20.32 -2.20 -0.59
N LEU A 137 -19.88 -1.68 -1.71
CA LEU A 137 -18.47 -1.20 -1.82
C LEU A 137 -18.34 0.18 -1.16
N ALA A 138 -19.41 0.71 -0.63
CA ALA A 138 -19.35 2.06 0.00
C ALA A 138 -18.18 2.11 1.00
N PRO A 139 -18.20 1.21 1.95
CA PRO A 139 -17.15 1.14 2.97
C PRO A 139 -15.87 0.51 2.39
N LYS A 140 -15.87 0.21 1.12
CA LYS A 140 -14.66 -0.40 0.50
C LYS A 140 -13.86 0.69 -0.21
N ILE A 141 -14.43 1.85 -0.39
CA ILE A 141 -13.70 2.95 -1.08
C ILE A 141 -12.82 3.70 -0.07
N LYS A 142 -13.41 4.18 0.99
CA LYS A 142 -12.60 4.93 2.00
C LYS A 142 -11.79 3.94 2.83
N GLN A 143 -12.43 2.97 3.42
CA GLN A 143 -11.69 1.97 4.25
C GLN A 143 -10.41 1.56 3.53
N ALA A 144 -10.47 1.40 2.23
CA ALA A 144 -9.25 1.00 1.47
C ALA A 144 -8.33 2.20 1.32
N TYR A 145 -8.80 3.25 0.68
CA TYR A 145 -7.94 4.45 0.49
C TYR A 145 -7.37 4.89 1.84
N ASP A 146 -8.13 4.73 2.90
CA ASP A 146 -7.63 5.13 4.24
C ASP A 146 -6.41 4.29 4.61
N ASP A 147 -6.30 3.12 4.03
CA ASP A 147 -5.14 2.24 4.36
C ASP A 147 -3.89 2.78 3.66
N PHE A 148 -3.96 3.06 2.40
CA PHE A 148 -2.78 3.58 1.66
C PHE A 148 -2.09 4.66 2.52
N VAL A 149 -2.83 5.59 3.03
CA VAL A 149 -2.22 6.67 3.86
C VAL A 149 -2.02 6.17 5.29
N LYS A 150 -2.69 5.11 5.66
CA LYS A 150 -2.53 4.58 7.05
C LYS A 150 -1.21 3.81 7.16
N HIS A 151 -1.01 2.83 6.32
CA HIS A 151 0.26 2.05 6.38
C HIS A 151 1.39 2.84 5.72
N ALA A 152 1.06 3.69 4.79
CA ALA A 152 2.12 4.49 4.10
C ALA A 152 3.04 5.12 5.15
N GLU A 153 2.47 5.84 6.08
CA GLU A 153 3.31 6.49 7.13
C GLU A 153 3.80 5.42 8.13
N GLU A 154 3.35 4.20 7.97
CA GLU A 154 3.79 3.13 8.91
C GLU A 154 5.25 2.75 8.61
N VAL A 155 5.67 2.92 7.39
CA VAL A 155 7.09 2.55 7.05
C VAL A 155 8.03 3.62 7.62
N GLN A 156 7.81 4.86 7.28
CA GLN A 156 8.69 5.94 7.81
C GLN A 156 8.80 5.80 9.34
N LYS A 157 7.80 5.24 9.96
CA LYS A 157 7.86 5.07 11.44
C LYS A 157 8.97 4.07 11.79
N LYS A 158 9.01 2.96 11.09
CA LYS A 158 10.07 1.95 11.38
C LYS A 158 11.39 2.40 10.76
N LEU A 159 11.33 3.04 9.62
CA LEU A 159 12.59 3.50 8.97
C LEU A 159 13.20 4.64 9.79
N HIS A 160 12.39 5.44 10.42
CA HIS A 160 12.92 6.56 11.23
C HIS A 160 13.96 6.04 12.22
N GLU A 161 13.67 4.95 12.88
CA GLU A 161 14.65 4.38 13.85
C GLU A 161 15.75 3.64 13.09
N ALA A 162 15.54 3.35 11.84
CA ALA A 162 16.58 2.65 11.05
C ALA A 162 17.70 3.61 10.68
N ALA A 163 17.39 4.88 10.58
CA ALA A 163 18.45 5.87 10.22
C ALA A 163 19.71 5.59 11.05
N THR A 164 19.56 5.14 12.25
CA THR A 164 20.75 4.85 13.10
C THR A 164 20.29 4.34 14.47
N LYS A 165 19.35 3.44 14.50
CA LYS A 165 18.87 2.91 15.80
C LYS A 165 18.46 4.07 16.71
N GLN A 166 19.37 4.55 17.51
CA GLN A 166 19.05 5.69 18.42
C GLN A 166 19.52 7.00 17.79
N ASP A 1 -21.64 7.34 -22.75
CA ASP A 1 -20.15 7.40 -22.80
C ASP A 1 -19.66 8.74 -22.28
N ALA A 2 -20.00 9.80 -22.97
CA ALA A 2 -19.55 11.15 -22.52
C ALA A 2 -18.02 11.20 -22.46
N PRO A 3 -17.49 12.39 -22.32
CA PRO A 3 -16.04 12.61 -22.25
C PRO A 3 -15.51 12.28 -20.85
N ALA A 4 -15.92 11.17 -20.29
CA ALA A 4 -15.44 10.80 -18.93
C ALA A 4 -15.71 11.95 -17.96
N GLY A 5 -15.33 11.80 -16.72
CA GLY A 5 -15.56 12.88 -15.73
C GLY A 5 -14.22 13.38 -15.19
N GLY A 6 -14.11 14.64 -14.88
CA GLY A 6 -12.83 15.18 -14.34
C GLY A 6 -12.71 14.83 -12.86
N ASN A 7 -13.78 14.36 -12.26
CA ASN A 7 -13.73 14.01 -10.82
C ASN A 7 -13.35 12.53 -10.67
N ALA A 8 -14.30 11.65 -10.80
CA ALA A 8 -13.98 10.19 -10.67
C ALA A 8 -13.54 9.90 -9.24
N PHE A 9 -13.39 8.65 -8.90
CA PHE A 9 -12.95 8.29 -7.51
C PHE A 9 -11.47 8.67 -7.34
N GLU A 10 -10.83 9.08 -8.39
CA GLU A 10 -9.39 9.45 -8.29
C GLU A 10 -9.17 10.30 -7.03
N GLU A 11 -10.19 10.99 -6.60
CA GLU A 11 -10.05 11.84 -5.39
C GLU A 11 -9.64 10.95 -4.20
N MET A 12 -10.07 9.72 -4.20
CA MET A 12 -9.72 8.81 -3.08
C MET A 12 -8.23 8.46 -3.15
N GLU A 13 -7.78 7.97 -4.27
CA GLU A 13 -6.34 7.62 -4.40
C GLU A 13 -5.51 8.88 -4.62
N LYS A 14 -6.13 9.94 -5.08
CA LYS A 14 -5.38 11.21 -5.31
C LYS A 14 -4.87 11.75 -3.97
N HIS A 15 -5.70 11.74 -2.96
CA HIS A 15 -5.24 12.26 -1.64
C HIS A 15 -4.36 11.22 -0.95
N ALA A 16 -4.56 9.97 -1.23
CA ALA A 16 -3.74 8.90 -0.60
C ALA A 16 -2.37 8.85 -1.27
N LYS A 17 -2.34 8.95 -2.58
CA LYS A 17 -1.03 8.91 -3.29
C LYS A 17 -0.07 9.93 -2.68
N GLU A 18 -0.55 11.11 -2.42
CA GLU A 18 0.33 12.15 -1.82
C GLU A 18 0.95 11.62 -0.52
N PHE A 19 0.27 10.71 0.13
CA PHE A 19 0.81 10.15 1.40
C PHE A 19 1.92 9.13 1.08
N GLN A 20 1.88 8.57 -0.10
CA GLN A 20 2.92 7.57 -0.47
C GLN A 20 4.22 8.29 -0.83
N LYS A 21 4.13 9.54 -1.23
CA LYS A 21 5.35 10.29 -1.60
C LYS A 21 6.09 10.73 -0.34
N THR A 22 5.44 10.71 0.78
CA THR A 22 6.11 11.13 2.05
C THR A 22 7.03 10.00 2.51
N PHE A 23 6.66 8.77 2.26
CA PHE A 23 7.52 7.63 2.68
C PHE A 23 8.71 7.51 1.71
N SER A 24 8.46 7.70 0.45
CA SER A 24 9.56 7.59 -0.55
C SER A 24 10.74 8.46 -0.11
N GLU A 25 10.46 9.62 0.42
CA GLU A 25 11.57 10.51 0.88
C GLU A 25 11.97 10.13 2.31
N GLN A 26 11.12 9.43 3.00
CA GLN A 26 11.45 9.04 4.40
C GLN A 26 12.42 7.84 4.40
N PHE A 27 12.20 6.89 3.53
CA PHE A 27 13.12 5.71 3.50
C PHE A 27 14.51 6.14 3.05
N ASN A 28 14.64 7.36 2.59
CA ASN A 28 15.98 7.84 2.14
C ASN A 28 16.89 7.99 3.36
N SER A 29 16.33 8.11 4.53
CA SER A 29 17.18 8.26 5.75
C SER A 29 17.73 6.88 6.15
N LEU A 30 16.95 5.85 6.00
CA LEU A 30 17.42 4.49 6.38
C LEU A 30 18.86 4.29 5.88
N VAL A 31 19.14 4.74 4.68
CA VAL A 31 20.53 4.58 4.14
C VAL A 31 21.54 4.93 5.23
N ASN A 32 21.22 5.88 6.08
CA ASN A 32 22.17 6.27 7.16
C ASN A 32 22.17 5.19 8.24
N SER A 33 22.73 4.05 7.97
CA SER A 33 22.77 2.96 8.98
C SER A 33 24.18 2.39 9.07
N LYS A 34 24.32 1.20 9.60
CA LYS A 34 25.67 0.60 9.71
C LYS A 34 26.13 0.11 8.33
N ASN A 35 25.41 -0.79 7.74
CA ASN A 35 25.81 -1.30 6.39
C ASN A 35 27.17 -1.99 6.49
N THR A 36 27.21 -3.19 7.00
CA THR A 36 28.50 -3.91 7.12
C THR A 36 28.30 -5.39 6.80
N GLN A 37 27.31 -5.70 6.01
CA GLN A 37 27.05 -7.13 5.66
C GLN A 37 26.62 -7.89 6.92
N ASP A 38 26.29 -7.19 7.97
CA ASP A 38 25.86 -7.88 9.22
C ASP A 38 24.75 -7.07 9.88
N PHE A 39 24.10 -6.20 9.14
CA PHE A 39 23.00 -5.39 9.72
C PHE A 39 21.99 -5.03 8.64
N ASN A 40 21.93 -5.82 7.59
CA ASN A 40 20.97 -5.52 6.49
C ASN A 40 19.60 -6.10 6.84
N LYS A 41 19.56 -7.07 7.71
CA LYS A 41 18.26 -7.67 8.09
C LYS A 41 17.35 -6.60 8.70
N ALA A 42 17.93 -5.51 9.13
CA ALA A 42 17.10 -4.42 9.74
C ALA A 42 16.11 -3.90 8.70
N LEU A 43 16.45 -3.98 7.45
CA LEU A 43 15.53 -3.49 6.39
C LEU A 43 14.21 -4.26 6.45
N LYS A 44 14.28 -5.57 6.41
CA LYS A 44 13.04 -6.38 6.47
C LYS A 44 12.26 -6.01 7.73
N ASP A 45 12.94 -5.71 8.80
CA ASP A 45 12.21 -5.36 10.04
C ASP A 45 11.26 -4.19 9.77
N GLY A 46 11.77 -3.12 9.22
CA GLY A 46 10.88 -1.95 8.93
C GLY A 46 10.06 -2.22 7.66
N SER A 47 10.66 -2.78 6.66
CA SER A 47 9.91 -3.05 5.39
C SER A 47 9.01 -4.28 5.55
N ASP A 48 9.58 -5.41 5.92
CA ASP A 48 8.74 -6.62 6.08
C ASP A 48 7.62 -6.36 7.08
N SER A 49 7.76 -5.35 7.89
CA SER A 49 6.69 -5.04 8.89
C SER A 49 5.54 -4.32 8.18
N VAL A 50 5.83 -3.40 7.32
CA VAL A 50 4.75 -2.66 6.61
C VAL A 50 4.02 -3.62 5.67
N LEU A 51 4.63 -4.71 5.32
CA LEU A 51 3.97 -5.68 4.40
C LEU A 51 2.75 -6.29 5.11
N GLN A 52 2.96 -6.84 6.27
CA GLN A 52 1.81 -7.44 7.01
C GLN A 52 0.95 -6.32 7.59
N GLN A 53 1.52 -5.17 7.79
CA GLN A 53 0.74 -4.04 8.36
C GLN A 53 -0.15 -3.42 7.26
N LEU A 54 0.42 -3.17 6.12
CA LEU A 54 -0.39 -2.57 5.01
C LEU A 54 -1.28 -3.64 4.38
N SER A 55 -0.86 -4.87 4.39
CA SER A 55 -1.69 -5.95 3.80
C SER A 55 -3.15 -5.77 4.23
N ALA A 56 -3.37 -5.15 5.36
CA ALA A 56 -4.76 -4.94 5.84
C ALA A 56 -5.54 -4.11 4.82
N PHE A 57 -4.90 -3.15 4.22
CA PHE A 57 -5.61 -2.31 3.21
C PHE A 57 -6.38 -3.21 2.25
N SER A 58 -5.81 -4.33 1.89
CA SER A 58 -6.51 -5.25 0.95
C SER A 58 -7.77 -5.80 1.60
N SER A 59 -7.95 -5.56 2.88
CA SER A 59 -9.16 -6.06 3.57
C SER A 59 -10.36 -5.20 3.21
N SER A 60 -10.12 -4.02 2.68
CA SER A 60 -11.25 -3.12 2.30
C SER A 60 -11.86 -3.60 0.98
N LEU A 61 -11.05 -3.88 0.01
CA LEU A 61 -11.59 -4.34 -1.30
C LEU A 61 -12.06 -5.80 -1.18
N GLN A 62 -11.29 -6.63 -0.54
CA GLN A 62 -11.72 -8.06 -0.39
C GLN A 62 -13.19 -8.12 0.01
N GLY A 63 -13.63 -7.18 0.82
CA GLY A 63 -15.05 -7.18 1.24
C GLY A 63 -15.93 -6.68 0.10
N ALA A 64 -15.37 -5.89 -0.77
CA ALA A 64 -16.16 -5.35 -1.92
C ALA A 64 -16.43 -6.48 -2.92
N ILE A 65 -15.45 -7.31 -3.16
CA ILE A 65 -15.63 -8.43 -4.12
C ILE A 65 -16.44 -9.55 -3.45
N SER A 66 -16.74 -9.41 -2.19
CA SER A 66 -17.52 -10.46 -1.49
C SER A 66 -18.68 -10.92 -2.38
N ASP A 67 -19.14 -10.08 -3.25
CA ASP A 67 -20.26 -10.46 -4.14
C ASP A 67 -20.65 -9.27 -5.04
N ALA A 68 -20.49 -8.08 -4.54
CA ALA A 68 -20.85 -6.88 -5.36
C ALA A 68 -22.24 -7.09 -5.97
N ASN A 69 -22.48 -6.54 -7.13
CA ASN A 69 -23.81 -6.70 -7.78
C ASN A 69 -23.64 -7.36 -9.14
N GLY A 70 -22.43 -7.47 -9.62
CA GLY A 70 -22.20 -8.11 -10.94
C GLY A 70 -20.76 -8.61 -11.03
N LYS A 71 -20.03 -8.20 -12.04
CA LYS A 71 -18.63 -8.65 -12.17
C LYS A 71 -17.71 -7.71 -11.38
N ALA A 72 -18.18 -6.54 -11.05
CA ALA A 72 -17.35 -5.60 -10.28
C ALA A 72 -16.65 -6.34 -9.13
N LYS A 73 -17.24 -7.42 -8.67
CA LYS A 73 -16.61 -8.18 -7.56
C LYS A 73 -15.39 -8.94 -8.09
N GLU A 74 -15.39 -9.29 -9.34
CA GLU A 74 -14.22 -10.02 -9.91
C GLU A 74 -13.08 -9.03 -10.18
N ALA A 75 -13.37 -7.97 -10.88
CA ALA A 75 -12.30 -6.98 -11.19
C ALA A 75 -11.81 -6.35 -9.88
N LEU A 76 -12.65 -6.29 -8.88
CA LEU A 76 -12.23 -5.69 -7.58
C LEU A 76 -11.36 -6.69 -6.82
N GLU A 77 -11.49 -7.95 -7.12
CA GLU A 77 -10.67 -8.97 -6.41
C GLU A 77 -9.18 -8.75 -6.71
N GLN A 78 -8.88 -8.32 -7.91
CA GLN A 78 -7.45 -8.09 -8.28
C GLN A 78 -6.93 -6.86 -7.51
N ALA A 79 -7.59 -5.75 -7.63
CA ALA A 79 -7.14 -4.52 -6.91
C ALA A 79 -6.86 -4.87 -5.44
N ARG A 80 -7.56 -5.84 -4.91
CA ARG A 80 -7.34 -6.21 -3.50
C ARG A 80 -6.06 -7.05 -3.38
N GLN A 81 -5.92 -8.05 -4.20
CA GLN A 81 -4.70 -8.90 -4.12
C GLN A 81 -3.52 -8.14 -4.75
N ASN A 82 -3.76 -7.42 -5.80
CA ASN A 82 -2.65 -6.66 -6.46
C ASN A 82 -1.91 -5.85 -5.40
N VAL A 83 -2.62 -5.20 -4.53
CA VAL A 83 -1.95 -4.39 -3.47
C VAL A 83 -1.45 -5.31 -2.36
N GLU A 84 -2.05 -6.46 -2.20
CA GLU A 84 -1.60 -7.39 -1.13
C GLU A 84 -0.32 -8.10 -1.57
N LYS A 85 -0.23 -8.48 -2.81
CA LYS A 85 1.00 -9.16 -3.30
C LYS A 85 2.10 -8.14 -3.53
N THR A 86 1.74 -6.92 -3.82
CA THR A 86 2.78 -5.87 -4.06
C THR A 86 3.52 -5.59 -2.75
N ALA A 87 2.82 -5.59 -1.64
CA ALA A 87 3.50 -5.31 -0.34
C ALA A 87 4.18 -6.59 0.15
N GLU A 88 3.46 -7.66 0.27
CA GLU A 88 4.08 -8.94 0.73
C GLU A 88 4.98 -9.50 -0.37
N GLU A 89 4.99 -8.88 -1.52
CA GLU A 89 5.85 -9.39 -2.63
C GLU A 89 7.23 -9.76 -2.09
N LEU A 90 7.90 -8.85 -1.44
CA LEU A 90 9.25 -9.16 -0.89
C LEU A 90 9.10 -9.86 0.46
N ARG A 91 7.91 -9.93 0.99
CA ARG A 91 7.70 -10.59 2.30
C ARG A 91 8.01 -12.09 2.17
N LYS A 92 8.08 -12.58 0.96
CA LYS A 92 8.37 -14.03 0.76
C LYS A 92 9.85 -14.29 1.06
N ALA A 93 10.62 -13.26 1.20
CA ALA A 93 12.08 -13.45 1.49
C ALA A 93 12.42 -12.77 2.82
N HIS A 94 13.68 -12.73 3.16
CA HIS A 94 14.10 -12.08 4.44
C HIS A 94 15.53 -12.51 4.79
N PRO A 95 15.78 -13.80 4.78
CA PRO A 95 17.11 -14.34 5.10
C PRO A 95 18.06 -14.18 3.90
N ASP A 96 17.53 -14.16 2.71
CA ASP A 96 18.40 -14.00 1.51
C ASP A 96 18.75 -12.52 1.33
N VAL A 97 17.79 -11.66 1.48
CA VAL A 97 18.08 -10.20 1.30
C VAL A 97 19.19 -9.78 2.27
N GLU A 98 19.07 -10.13 3.52
CA GLU A 98 20.12 -9.76 4.52
C GLU A 98 21.42 -10.49 4.18
N LYS A 99 21.33 -11.53 3.39
CA LYS A 99 22.56 -12.28 3.02
C LYS A 99 23.41 -11.44 2.06
N GLU A 100 22.87 -11.09 0.93
CA GLU A 100 23.65 -10.27 -0.04
C GLU A 100 23.62 -8.80 0.39
N ALA A 101 22.53 -8.37 0.98
CA ALA A 101 22.45 -6.95 1.43
C ALA A 101 22.99 -6.04 0.34
N ASN A 102 22.94 -6.45 -0.90
CA ASN A 102 23.46 -5.61 -2.00
C ASN A 102 22.59 -4.36 -2.15
N ALA A 103 21.30 -4.51 -2.03
CA ALA A 103 20.41 -3.33 -2.16
C ALA A 103 18.97 -3.80 -2.39
N PHE A 104 18.55 -4.82 -1.70
CA PHE A 104 17.15 -5.33 -1.87
C PHE A 104 16.18 -4.32 -1.28
N LYS A 105 16.68 -3.30 -0.63
CA LYS A 105 15.76 -2.29 -0.03
C LYS A 105 14.76 -1.81 -1.08
N ASP A 106 15.15 -1.80 -2.32
CA ASP A 106 14.21 -1.34 -3.40
C ASP A 106 12.99 -2.26 -3.42
N LYS A 107 13.07 -3.38 -2.77
CA LYS A 107 11.91 -4.32 -2.76
C LYS A 107 10.72 -3.65 -2.06
N LEU A 108 10.93 -3.18 -0.86
CA LEU A 108 9.81 -2.51 -0.13
C LEU A 108 9.62 -1.09 -0.68
N GLN A 109 10.68 -0.36 -0.84
CA GLN A 109 10.55 1.04 -1.38
C GLN A 109 9.71 1.01 -2.66
N ALA A 110 10.01 0.11 -3.55
CA ALA A 110 9.23 0.04 -4.82
C ALA A 110 7.85 -0.58 -4.54
N ALA A 111 7.71 -1.25 -3.43
CA ALA A 111 6.41 -1.88 -3.10
C ALA A 111 5.44 -0.81 -2.59
N VAL A 112 5.96 0.25 -2.03
CA VAL A 112 5.07 1.33 -1.51
C VAL A 112 4.52 2.15 -2.68
N GLN A 113 5.33 2.39 -3.68
CA GLN A 113 4.84 3.19 -4.84
C GLN A 113 3.91 2.33 -5.70
N THR A 114 3.88 1.05 -5.47
CA THR A 114 2.98 0.17 -6.28
C THR A 114 1.54 0.31 -5.78
N THR A 115 1.36 0.41 -4.49
CA THR A 115 -0.02 0.55 -3.94
C THR A 115 -0.63 1.87 -4.41
N VAL A 116 0.18 2.89 -4.55
CA VAL A 116 -0.35 4.21 -5.00
C VAL A 116 -0.74 4.13 -6.48
N GLN A 117 -0.06 3.31 -7.24
CA GLN A 117 -0.39 3.19 -8.68
C GLN A 117 -1.64 2.32 -8.86
N GLU A 118 -1.82 1.36 -7.98
CA GLU A 118 -3.02 0.48 -8.10
C GLU A 118 -4.27 1.26 -7.74
N SER A 119 -4.27 1.92 -6.61
CA SER A 119 -5.47 2.70 -6.20
C SER A 119 -6.01 3.49 -7.40
N GLN A 120 -5.15 3.82 -8.32
CA GLN A 120 -5.62 4.59 -9.52
C GLN A 120 -6.32 3.64 -10.50
N LYS A 121 -5.96 2.40 -10.49
CA LYS A 121 -6.60 1.44 -11.43
C LYS A 121 -8.07 1.22 -11.05
N LEU A 122 -8.33 0.84 -9.83
CA LEU A 122 -9.75 0.61 -9.42
C LEU A 122 -10.44 1.96 -9.19
N ALA A 123 -9.72 3.03 -9.27
CA ALA A 123 -10.34 4.37 -9.07
C ALA A 123 -11.17 4.72 -10.30
N LYS A 124 -10.66 4.43 -11.47
CA LYS A 124 -11.41 4.75 -12.71
C LYS A 124 -12.51 3.70 -12.91
N GLU A 125 -12.18 2.45 -12.69
CA GLU A 125 -13.21 1.38 -12.87
C GLU A 125 -14.47 1.75 -12.09
N VAL A 126 -14.33 2.04 -10.82
CA VAL A 126 -15.53 2.42 -10.01
C VAL A 126 -16.07 3.76 -10.50
N ALA A 127 -15.21 4.62 -10.97
CA ALA A 127 -15.69 5.95 -11.46
C ALA A 127 -16.66 5.73 -12.62
N SER A 128 -16.40 4.77 -13.46
CA SER A 128 -17.31 4.51 -14.61
C SER A 128 -18.56 3.77 -14.12
N ASN A 129 -18.67 3.54 -12.84
CA ASN A 129 -19.87 2.82 -12.31
C ASN A 129 -21.13 3.35 -13.00
N MET A 130 -21.14 4.60 -13.37
CA MET A 130 -22.35 5.16 -14.04
C MET A 130 -23.56 5.04 -13.10
N GLU A 131 -23.33 4.78 -11.85
CA GLU A 131 -24.46 4.65 -10.90
C GLU A 131 -25.41 3.54 -11.38
N GLU A 132 -24.92 2.64 -12.19
CA GLU A 132 -25.80 1.55 -12.70
C GLU A 132 -25.63 0.31 -11.82
N THR A 133 -24.48 0.13 -11.23
CA THR A 133 -24.26 -1.05 -10.36
C THR A 133 -22.88 -0.96 -9.70
N ASN A 134 -22.75 -0.17 -8.68
CA ASN A 134 -21.44 -0.03 -7.99
C ASN A 134 -21.54 1.04 -6.90
N LYS A 135 -22.47 0.89 -6.00
CA LYS A 135 -22.61 1.90 -4.92
C LYS A 135 -22.34 1.24 -3.56
N LYS A 136 -22.61 -0.03 -3.45
CA LYS A 136 -22.37 -0.73 -2.16
C LYS A 136 -20.87 -0.70 -1.84
N LEU A 137 -20.04 -0.54 -2.82
CA LEU A 137 -18.57 -0.50 -2.58
C LEU A 137 -18.17 0.89 -2.07
N ALA A 138 -19.11 1.79 -1.94
CA ALA A 138 -18.78 3.16 -1.47
C ALA A 138 -17.97 3.09 -0.17
N PRO A 139 -18.52 2.45 0.82
CA PRO A 139 -17.87 2.28 2.13
C PRO A 139 -16.77 1.23 2.05
N LYS A 140 -16.54 0.68 0.89
CA LYS A 140 -15.47 -0.36 0.75
C LYS A 140 -14.15 0.33 0.39
N ILE A 141 -14.21 1.48 -0.21
CA ILE A 141 -12.96 2.19 -0.59
C ILE A 141 -12.48 3.03 0.60
N LYS A 142 -13.33 3.86 1.13
CA LYS A 142 -12.93 4.71 2.30
C LYS A 142 -12.14 3.86 3.29
N GLN A 143 -12.70 2.77 3.74
CA GLN A 143 -11.97 1.90 4.71
C GLN A 143 -10.53 1.71 4.25
N ALA A 144 -10.34 1.39 2.99
CA ALA A 144 -8.95 1.19 2.48
C ALA A 144 -8.28 2.54 2.26
N TYR A 145 -9.04 3.60 2.17
CA TYR A 145 -8.44 4.94 1.97
C TYR A 145 -7.59 5.31 3.19
N ASP A 146 -8.18 5.28 4.36
CA ASP A 146 -7.41 5.63 5.58
C ASP A 146 -6.26 4.64 5.76
N ASP A 147 -6.30 3.54 5.06
CA ASP A 147 -5.22 2.52 5.18
C ASP A 147 -3.98 2.98 4.39
N PHE A 148 -4.17 3.82 3.41
CA PHE A 148 -3.01 4.29 2.61
C PHE A 148 -2.12 5.18 3.47
N VAL A 149 -2.68 6.21 4.05
CA VAL A 149 -1.86 7.12 4.90
C VAL A 149 -1.45 6.40 6.18
N LYS A 150 -2.17 5.38 6.55
CA LYS A 150 -1.82 4.63 7.80
C LYS A 150 -0.64 3.70 7.52
N HIS A 151 -0.72 2.93 6.47
CA HIS A 151 0.40 2.00 6.15
C HIS A 151 1.56 2.77 5.50
N ALA A 152 1.25 3.61 4.56
CA ALA A 152 2.33 4.40 3.88
C ALA A 152 3.30 4.95 4.93
N GLU A 153 2.80 5.68 5.89
CA GLU A 153 3.69 6.26 6.93
C GLU A 153 4.14 5.15 7.91
N GLU A 154 3.62 3.97 7.75
CA GLU A 154 4.02 2.86 8.66
C GLU A 154 5.52 2.57 8.51
N VAL A 155 5.99 2.48 7.30
CA VAL A 155 7.44 2.20 7.09
C VAL A 155 8.26 3.39 7.60
N GLN A 156 7.95 4.58 7.16
CA GLN A 156 8.72 5.77 7.61
C GLN A 156 8.93 5.67 9.13
N LYS A 157 7.91 5.32 9.86
CA LYS A 157 8.07 5.21 11.34
C LYS A 157 9.30 4.36 11.66
N LYS A 158 9.39 3.19 11.07
CA LYS A 158 10.56 2.32 11.35
C LYS A 158 11.77 2.83 10.55
N LEU A 159 11.54 3.40 9.39
CA LEU A 159 12.67 3.92 8.57
C LEU A 159 13.58 4.77 9.45
N HIS A 160 13.02 5.62 10.27
CA HIS A 160 13.86 6.49 11.14
C HIS A 160 14.57 5.63 12.19
N GLU A 161 13.98 4.52 12.56
CA GLU A 161 14.62 3.64 13.58
C GLU A 161 15.75 2.84 12.93
N ALA A 162 15.59 2.48 11.68
CA ALA A 162 16.66 1.70 11.00
C ALA A 162 17.94 2.53 10.92
N ALA A 163 17.81 3.82 10.86
CA ALA A 163 19.02 4.70 10.78
C ALA A 163 20.06 4.21 11.79
N THR A 164 19.63 3.56 12.85
CA THR A 164 20.58 3.06 13.86
C THR A 164 19.83 2.26 14.93
N LYS A 165 18.84 1.52 14.53
CA LYS A 165 18.06 0.72 15.52
C LYS A 165 17.22 1.66 16.40
N GLN A 166 17.86 2.37 17.29
CA GLN A 166 17.10 3.29 18.18
C GLN A 166 17.82 4.64 18.24
N ASP A 1 -16.19 23.38 5.25
CA ASP A 1 -16.87 23.08 3.96
C ASP A 1 -16.92 21.56 3.76
N ALA A 2 -18.10 21.00 3.70
CA ALA A 2 -18.21 19.53 3.50
C ALA A 2 -17.99 19.19 2.02
N PRO A 3 -17.77 17.93 1.75
CA PRO A 3 -17.55 17.43 0.38
C PRO A 3 -18.88 17.34 -0.37
N ALA A 4 -18.85 16.84 -1.58
CA ALA A 4 -20.10 16.71 -2.37
C ALA A 4 -19.93 15.63 -3.44
N GLY A 5 -19.83 14.40 -3.05
CA GLY A 5 -19.65 13.31 -4.05
C GLY A 5 -20.72 12.24 -3.83
N GLY A 6 -20.31 11.04 -3.51
CA GLY A 6 -21.31 9.95 -3.28
C GLY A 6 -21.42 9.09 -4.53
N ASN A 7 -20.82 9.51 -5.62
CA ASN A 7 -20.89 8.71 -6.87
C ASN A 7 -19.48 8.31 -7.30
N ALA A 8 -18.47 8.89 -6.70
CA ALA A 8 -17.07 8.55 -7.08
C ALA A 8 -16.13 9.00 -5.96
N PHE A 9 -14.89 8.56 -6.00
CA PHE A 9 -13.92 8.96 -4.95
C PHE A 9 -12.54 9.14 -5.58
N GLU A 10 -12.48 9.17 -6.88
CA GLU A 10 -11.15 9.35 -7.55
C GLU A 10 -10.34 10.42 -6.83
N GLU A 11 -11.00 11.42 -6.30
CA GLU A 11 -10.27 12.51 -5.59
C GLU A 11 -9.47 11.90 -4.43
N MET A 12 -9.87 10.73 -3.97
CA MET A 12 -9.13 10.09 -2.85
C MET A 12 -7.82 9.48 -3.37
N GLU A 13 -7.90 8.64 -4.36
CA GLU A 13 -6.68 8.01 -4.92
C GLU A 13 -5.58 9.08 -5.06
N LYS A 14 -5.95 10.31 -5.21
CA LYS A 14 -4.94 11.39 -5.35
C LYS A 14 -4.31 11.70 -3.99
N HIS A 15 -5.10 11.77 -2.96
CA HIS A 15 -4.54 12.07 -1.61
C HIS A 15 -3.89 10.81 -1.03
N ALA A 16 -4.14 9.67 -1.62
CA ALA A 16 -3.54 8.41 -1.11
C ALA A 16 -2.07 8.31 -1.55
N LYS A 17 -1.81 8.40 -2.83
CA LYS A 17 -0.41 8.30 -3.31
C LYS A 17 0.40 9.50 -2.80
N GLU A 18 -0.16 10.68 -2.85
CA GLU A 18 0.59 11.87 -2.36
C GLU A 18 1.17 11.57 -0.98
N PHE A 19 0.45 10.84 -0.18
CA PHE A 19 0.96 10.50 1.18
C PHE A 19 2.10 9.48 1.05
N GLN A 20 2.12 8.76 -0.03
CA GLN A 20 3.20 7.75 -0.22
C GLN A 20 4.52 8.48 -0.52
N LYS A 21 4.45 9.74 -0.82
CA LYS A 21 5.69 10.50 -1.13
C LYS A 21 6.45 10.83 0.17
N THR A 22 5.74 11.20 1.20
CA THR A 22 6.41 11.52 2.49
C THR A 22 7.21 10.31 2.97
N PHE A 23 6.71 9.13 2.71
CA PHE A 23 7.44 7.90 3.16
C PHE A 23 8.60 7.63 2.20
N SER A 24 8.48 8.06 0.97
CA SER A 24 9.59 7.83 0.00
C SER A 24 10.80 8.69 0.38
N GLU A 25 10.55 9.79 1.04
CA GLU A 25 11.68 10.67 1.44
C GLU A 25 12.26 10.19 2.77
N GLN A 26 11.51 9.42 3.52
CA GLN A 26 12.01 8.92 4.83
C GLN A 26 12.98 7.75 4.61
N PHE A 27 12.55 6.73 3.92
CA PHE A 27 13.45 5.57 3.69
C PHE A 27 14.78 6.06 3.12
N ASN A 28 14.78 7.22 2.54
CA ASN A 28 16.05 7.76 1.97
C ASN A 28 17.01 8.10 3.11
N SER A 29 16.49 8.29 4.30
CA SER A 29 17.37 8.62 5.45
C SER A 29 18.06 7.35 5.95
N LEU A 30 17.39 6.24 5.84
CA LEU A 30 18.01 4.95 6.31
C LEU A 30 19.35 4.75 5.60
N VAL A 31 19.37 4.89 4.30
CA VAL A 31 20.64 4.70 3.55
C VAL A 31 21.55 5.90 3.78
N ASN A 32 21.86 6.18 5.02
CA ASN A 32 22.75 7.35 5.32
C ASN A 32 23.28 7.23 6.75
N SER A 33 23.38 6.03 7.26
CA SER A 33 23.88 5.85 8.65
C SER A 33 24.96 4.77 8.66
N LYS A 34 24.57 3.53 8.79
CA LYS A 34 25.59 2.43 8.81
C LYS A 34 25.22 1.38 7.75
N ASN A 35 26.09 0.44 7.51
CA ASN A 35 25.79 -0.61 6.50
C ASN A 35 26.99 -1.53 6.36
N THR A 36 26.99 -2.64 7.04
CA THR A 36 28.13 -3.59 6.95
C THR A 36 27.71 -4.96 7.49
N GLN A 37 26.58 -5.46 7.08
CA GLN A 37 26.11 -6.78 7.57
C GLN A 37 25.71 -6.65 9.04
N ASP A 38 25.60 -5.46 9.54
CA ASP A 38 25.20 -5.27 10.97
C ASP A 38 24.06 -4.26 11.05
N PHE A 39 23.47 -3.93 9.94
CA PHE A 39 22.35 -2.94 9.95
C PHE A 39 21.41 -3.22 8.77
N ASN A 40 21.48 -4.40 8.21
CA ASN A 40 20.59 -4.72 7.05
C ASN A 40 19.48 -5.65 7.53
N LYS A 41 19.65 -6.29 8.66
CA LYS A 41 18.60 -7.21 9.16
C LYS A 41 17.38 -6.38 9.60
N ALA A 42 17.58 -5.14 9.92
CA ALA A 42 16.44 -4.29 10.36
C ALA A 42 15.59 -3.91 9.14
N LEU A 43 16.13 -4.04 7.96
CA LEU A 43 15.35 -3.70 6.74
C LEU A 43 14.14 -4.62 6.62
N LYS A 44 14.37 -5.91 6.69
CA LYS A 44 13.24 -6.88 6.58
C LYS A 44 12.25 -6.64 7.73
N ASP A 45 12.72 -6.07 8.81
CA ASP A 45 11.80 -5.82 9.96
C ASP A 45 10.93 -4.60 9.66
N GLY A 46 11.54 -3.49 9.32
CA GLY A 46 10.75 -2.27 9.00
C GLY A 46 10.14 -2.38 7.61
N SER A 47 10.93 -2.77 6.64
CA SER A 47 10.40 -2.89 5.25
C SER A 47 9.30 -3.94 5.21
N ASP A 48 9.58 -5.14 5.66
CA ASP A 48 8.53 -6.21 5.63
C ASP A 48 7.42 -5.84 6.61
N SER A 49 7.61 -4.83 7.41
CA SER A 49 6.56 -4.43 8.38
C SER A 49 5.46 -3.66 7.66
N VAL A 50 5.83 -2.76 6.78
CA VAL A 50 4.81 -1.97 6.03
C VAL A 50 4.02 -2.89 5.09
N LEU A 51 4.57 -4.04 4.80
CA LEU A 51 3.85 -4.98 3.89
C LEU A 51 2.60 -5.51 4.59
N GLN A 52 2.76 -6.08 5.76
CA GLN A 52 1.57 -6.60 6.49
C GLN A 52 0.68 -5.43 6.90
N GLN A 53 1.19 -4.23 6.83
CA GLN A 53 0.36 -3.04 7.19
C GLN A 53 -0.59 -2.73 6.05
N LEU A 54 -0.08 -2.59 4.86
CA LEU A 54 -0.95 -2.27 3.69
C LEU A 54 -1.67 -3.54 3.24
N SER A 55 -1.06 -4.68 3.42
CA SER A 55 -1.72 -5.94 3.00
C SER A 55 -3.02 -6.11 3.78
N ALA A 56 -3.19 -5.36 4.83
CA ALA A 56 -4.43 -5.47 5.65
C ALA A 56 -5.59 -4.75 4.97
N PHE A 57 -5.38 -3.56 4.49
CA PHE A 57 -6.49 -2.83 3.82
C PHE A 57 -6.97 -3.62 2.61
N SER A 58 -6.08 -4.30 1.94
CA SER A 58 -6.49 -5.10 0.75
C SER A 58 -7.70 -5.95 1.12
N SER A 59 -7.84 -6.29 2.36
CA SER A 59 -9.01 -7.13 2.78
C SER A 59 -10.25 -6.25 2.88
N SER A 60 -10.10 -4.96 2.71
CA SER A 60 -11.28 -4.06 2.80
C SER A 60 -12.08 -4.14 1.50
N LEU A 61 -11.42 -4.38 0.40
CA LEU A 61 -12.13 -4.47 -0.90
C LEU A 61 -12.82 -5.84 -1.02
N GLN A 62 -12.30 -6.83 -0.35
CA GLN A 62 -12.93 -8.18 -0.42
C GLN A 62 -14.40 -8.08 -0.03
N GLY A 63 -14.74 -7.16 0.84
CA GLY A 63 -16.16 -7.02 1.25
C GLY A 63 -17.03 -6.69 0.04
N ALA A 64 -16.53 -5.85 -0.84
CA ALA A 64 -17.33 -5.49 -2.04
C ALA A 64 -17.44 -6.71 -2.96
N ILE A 65 -16.33 -7.30 -3.32
CA ILE A 65 -16.36 -8.49 -4.21
C ILE A 65 -16.97 -9.67 -3.44
N SER A 66 -17.11 -9.55 -2.16
CA SER A 66 -17.69 -10.66 -1.36
C SER A 66 -19.04 -11.05 -1.94
N ASP A 67 -19.91 -10.10 -2.17
CA ASP A 67 -21.24 -10.42 -2.73
C ASP A 67 -21.74 -9.25 -3.58
N ALA A 68 -21.03 -8.88 -4.60
CA ALA A 68 -21.47 -7.75 -5.46
C ALA A 68 -22.56 -8.22 -6.42
N ASN A 69 -22.73 -7.54 -7.51
CA ASN A 69 -23.79 -7.96 -8.49
C ASN A 69 -23.53 -7.28 -9.84
N GLY A 70 -22.30 -7.22 -10.25
CA GLY A 70 -21.99 -6.57 -11.56
C GLY A 70 -20.56 -6.90 -11.96
N LYS A 71 -20.03 -6.22 -12.95
CA LYS A 71 -18.64 -6.50 -13.38
C LYS A 71 -17.65 -5.77 -12.47
N ALA A 72 -17.82 -5.88 -11.19
CA ALA A 72 -16.90 -5.20 -10.25
C ALA A 72 -16.28 -6.22 -9.30
N LYS A 73 -17.02 -7.23 -8.93
CA LYS A 73 -16.48 -8.26 -8.00
C LYS A 73 -15.22 -8.88 -8.61
N GLU A 74 -15.14 -8.94 -9.91
CA GLU A 74 -13.94 -9.54 -10.55
C GLU A 74 -12.78 -8.54 -10.50
N ALA A 75 -13.04 -7.30 -10.82
CA ALA A 75 -11.95 -6.28 -10.80
C ALA A 75 -11.61 -5.92 -9.35
N LEU A 76 -12.53 -6.13 -8.45
CA LEU A 76 -12.26 -5.80 -7.02
C LEU A 76 -11.38 -6.89 -6.39
N GLU A 77 -11.33 -8.05 -7.00
CA GLU A 77 -10.49 -9.14 -6.44
C GLU A 77 -9.00 -8.84 -6.69
N GLN A 78 -8.66 -8.45 -7.88
CA GLN A 78 -7.24 -8.14 -8.19
C GLN A 78 -6.78 -6.94 -7.36
N ALA A 79 -7.54 -5.88 -7.35
CA ALA A 79 -7.14 -4.69 -6.56
C ALA A 79 -6.82 -5.10 -5.12
N ARG A 80 -7.45 -6.13 -4.64
CA ARG A 80 -7.18 -6.59 -3.24
C ARG A 80 -5.86 -7.37 -3.20
N GLN A 81 -5.76 -8.42 -3.97
CA GLN A 81 -4.51 -9.22 -3.97
C GLN A 81 -3.40 -8.45 -4.69
N ASN A 82 -3.68 -7.93 -5.85
CA ASN A 82 -2.64 -7.16 -6.59
C ASN A 82 -1.88 -6.24 -5.64
N VAL A 83 -2.59 -5.51 -4.82
CA VAL A 83 -1.91 -4.59 -3.86
C VAL A 83 -1.40 -5.39 -2.66
N GLU A 84 -2.01 -6.51 -2.37
CA GLU A 84 -1.55 -7.33 -1.22
C GLU A 84 -0.30 -8.12 -1.61
N LYS A 85 -0.24 -8.58 -2.83
CA LYS A 85 0.97 -9.35 -3.27
C LYS A 85 2.12 -8.38 -3.55
N THR A 86 1.84 -7.29 -4.21
CA THR A 86 2.92 -6.31 -4.52
C THR A 86 3.63 -5.90 -3.24
N ALA A 87 2.90 -5.78 -2.16
CA ALA A 87 3.54 -5.38 -0.87
C ALA A 87 4.21 -6.60 -0.23
N GLU A 88 3.46 -7.65 -0.01
CA GLU A 88 4.06 -8.87 0.61
C GLU A 88 5.01 -9.52 -0.39
N GLU A 89 5.06 -9.03 -1.59
CA GLU A 89 5.97 -9.63 -2.61
C GLU A 89 7.33 -9.93 -1.98
N LEU A 90 7.95 -8.94 -1.40
CA LEU A 90 9.28 -9.17 -0.77
C LEU A 90 9.09 -9.77 0.62
N ARG A 91 7.91 -9.69 1.17
CA ARG A 91 7.67 -10.25 2.52
C ARG A 91 8.06 -11.73 2.53
N LYS A 92 7.96 -12.39 1.41
CA LYS A 92 8.33 -13.83 1.35
C LYS A 92 9.79 -13.99 1.74
N ALA A 93 10.59 -13.01 1.50
CA ALA A 93 12.05 -13.11 1.85
C ALA A 93 12.23 -12.71 3.32
N HIS A 94 13.46 -12.55 3.75
CA HIS A 94 13.70 -12.16 5.17
C HIS A 94 15.19 -12.34 5.50
N PRO A 95 15.70 -13.52 5.26
CA PRO A 95 17.10 -13.86 5.53
C PRO A 95 18.01 -13.29 4.43
N ASP A 96 17.72 -13.60 3.19
CA ASP A 96 18.56 -13.09 2.08
C ASP A 96 18.89 -11.61 2.31
N VAL A 97 17.88 -10.79 2.46
CA VAL A 97 18.14 -9.34 2.68
C VAL A 97 19.19 -9.17 3.79
N GLU A 98 18.99 -9.80 4.91
CA GLU A 98 19.98 -9.66 6.02
C GLU A 98 21.21 -10.50 5.71
N LYS A 99 21.10 -11.44 4.81
CA LYS A 99 22.26 -12.30 4.46
C LYS A 99 23.17 -11.55 3.48
N GLU A 100 22.65 -11.17 2.34
CA GLU A 100 23.49 -10.43 1.35
C GLU A 100 23.46 -8.95 1.67
N ALA A 101 22.35 -8.44 2.13
CA ALA A 101 22.26 -6.98 2.46
C ALA A 101 22.96 -6.17 1.37
N ASN A 102 22.83 -6.58 0.13
CA ASN A 102 23.48 -5.82 -0.97
C ASN A 102 22.57 -4.66 -1.40
N ALA A 103 21.31 -4.91 -1.54
CA ALA A 103 20.37 -3.82 -1.94
C ALA A 103 18.96 -4.39 -2.12
N PHE A 104 18.56 -5.27 -1.24
CA PHE A 104 17.19 -5.86 -1.36
C PHE A 104 16.16 -4.86 -0.87
N LYS A 105 16.55 -3.94 -0.03
CA LYS A 105 15.58 -2.93 0.49
C LYS A 105 14.92 -2.22 -0.69
N ASP A 106 15.52 -2.28 -1.84
CA ASP A 106 14.92 -1.60 -3.03
C ASP A 106 13.61 -2.28 -3.39
N LYS A 107 13.39 -3.48 -2.93
CA LYS A 107 12.12 -4.19 -3.25
C LYS A 107 10.98 -3.59 -2.42
N LEU A 108 11.26 -3.18 -1.22
CA LEU A 108 10.19 -2.59 -0.37
C LEU A 108 9.93 -1.15 -0.82
N GLN A 109 10.94 -0.33 -0.85
CA GLN A 109 10.75 1.08 -1.27
C GLN A 109 9.92 1.12 -2.56
N ALA A 110 10.23 0.29 -3.51
CA ALA A 110 9.47 0.27 -4.78
C ALA A 110 8.13 -0.43 -4.55
N ALA A 111 8.02 -1.22 -3.51
CA ALA A 111 6.74 -1.92 -3.24
C ALA A 111 5.74 -0.96 -2.62
N VAL A 112 6.21 0.07 -1.98
CA VAL A 112 5.28 1.05 -1.35
C VAL A 112 4.67 1.95 -2.41
N GLN A 113 5.48 2.53 -3.25
CA GLN A 113 4.96 3.42 -4.33
C GLN A 113 4.18 2.59 -5.36
N THR A 114 4.19 1.30 -5.24
CA THR A 114 3.46 0.46 -6.22
C THR A 114 1.95 0.55 -5.95
N THR A 115 1.58 0.72 -4.71
CA THR A 115 0.12 0.82 -4.38
C THR A 115 -0.45 2.09 -5.02
N VAL A 116 0.39 3.02 -5.36
CA VAL A 116 -0.11 4.28 -5.99
C VAL A 116 -0.68 3.96 -7.37
N GLN A 117 -0.11 3.01 -8.06
CA GLN A 117 -0.61 2.67 -9.41
C GLN A 117 -1.88 1.83 -9.28
N GLU A 118 -2.05 1.16 -8.16
CA GLU A 118 -3.28 0.33 -7.98
C GLU A 118 -4.47 1.24 -7.64
N SER A 119 -4.26 2.22 -6.82
CA SER A 119 -5.38 3.14 -6.46
C SER A 119 -6.05 3.64 -7.74
N GLN A 120 -5.36 3.61 -8.84
CA GLN A 120 -5.96 4.08 -10.11
C GLN A 120 -7.04 3.10 -10.57
N LYS A 121 -6.75 1.83 -10.50
CA LYS A 121 -7.76 0.82 -10.93
C LYS A 121 -8.98 0.91 -10.03
N LEU A 122 -8.78 1.02 -8.75
CA LEU A 122 -9.94 1.11 -7.81
C LEU A 122 -10.61 2.47 -7.95
N ALA A 123 -9.84 3.51 -8.21
CA ALA A 123 -10.44 4.86 -8.37
C ALA A 123 -11.42 4.85 -9.55
N LYS A 124 -11.03 4.29 -10.65
CA LYS A 124 -11.92 4.25 -11.83
C LYS A 124 -12.97 3.16 -11.64
N GLU A 125 -12.63 2.09 -10.98
CA GLU A 125 -13.61 0.99 -10.75
C GLU A 125 -14.90 1.57 -10.19
N VAL A 126 -14.82 2.30 -9.12
CA VAL A 126 -16.05 2.90 -8.52
C VAL A 126 -16.51 4.08 -9.38
N ALA A 127 -15.61 4.69 -10.09
CA ALA A 127 -16.02 5.84 -10.95
C ALA A 127 -16.91 5.35 -12.08
N SER A 128 -17.04 4.07 -12.24
CA SER A 128 -17.89 3.52 -13.32
C SER A 128 -19.27 4.20 -13.28
N ASN A 129 -19.64 4.74 -12.16
CA ASN A 129 -20.97 5.42 -12.06
C ASN A 129 -22.06 4.36 -12.02
N MET A 130 -21.70 3.11 -11.84
CA MET A 130 -22.73 2.04 -11.80
C MET A 130 -23.21 1.84 -10.36
N GLU A 131 -23.28 2.90 -9.61
CA GLU A 131 -23.73 2.79 -8.20
C GLU A 131 -24.95 1.87 -8.12
N GLU A 132 -25.78 1.88 -9.14
CA GLU A 132 -26.98 1.01 -9.13
C GLU A 132 -26.56 -0.44 -8.81
N THR A 133 -25.32 -0.76 -9.03
CA THR A 133 -24.85 -2.14 -8.73
C THR A 133 -23.46 -2.08 -8.10
N ASN A 134 -23.02 -0.92 -7.72
CA ASN A 134 -21.67 -0.79 -7.10
C ASN A 134 -21.76 0.12 -5.88
N LYS A 135 -22.76 -0.04 -5.07
CA LYS A 135 -22.90 0.83 -3.86
C LYS A 135 -22.11 0.22 -2.71
N LYS A 136 -22.08 -1.07 -2.60
CA LYS A 136 -21.33 -1.73 -1.50
C LYS A 136 -19.86 -1.31 -1.58
N LEU A 137 -19.43 -0.85 -2.72
CA LEU A 137 -18.00 -0.44 -2.87
C LEU A 137 -17.80 0.93 -2.22
N ALA A 138 -18.87 1.58 -1.82
CA ALA A 138 -18.72 2.93 -1.19
C ALA A 138 -18.13 2.79 0.22
N PRO A 139 -18.76 1.98 1.03
CA PRO A 139 -18.32 1.74 2.41
C PRO A 139 -17.13 0.79 2.44
N LYS A 140 -16.64 0.40 1.30
CA LYS A 140 -15.47 -0.54 1.26
C LYS A 140 -14.22 0.23 0.85
N ILE A 141 -14.35 1.16 -0.06
CA ILE A 141 -13.16 1.94 -0.50
C ILE A 141 -12.86 3.03 0.52
N LYS A 142 -13.76 3.28 1.43
CA LYS A 142 -13.54 4.33 2.45
C LYS A 142 -12.56 3.80 3.50
N GLN A 143 -12.55 2.52 3.73
CA GLN A 143 -11.63 1.94 4.74
C GLN A 143 -10.22 1.83 4.15
N ALA A 144 -10.12 1.76 2.84
CA ALA A 144 -8.78 1.63 2.20
C ALA A 144 -8.07 3.00 2.18
N TYR A 145 -8.71 4.00 1.64
CA TYR A 145 -8.06 5.35 1.59
C TYR A 145 -7.36 5.64 2.92
N ASP A 146 -8.03 5.42 4.02
CA ASP A 146 -7.41 5.70 5.34
C ASP A 146 -6.21 4.78 5.55
N ASP A 147 -6.25 3.60 4.99
CA ASP A 147 -5.11 2.65 5.16
C ASP A 147 -3.95 3.06 4.26
N PHE A 148 -4.23 3.65 3.13
CA PHE A 148 -3.14 4.05 2.20
C PHE A 148 -2.12 4.91 2.94
N VAL A 149 -2.54 5.99 3.55
CA VAL A 149 -1.58 6.87 4.28
C VAL A 149 -1.32 6.30 5.68
N LYS A 150 -2.18 5.46 6.17
CA LYS A 150 -1.98 4.89 7.53
C LYS A 150 -0.92 3.79 7.50
N HIS A 151 -1.09 2.81 6.66
CA HIS A 151 -0.09 1.70 6.60
C HIS A 151 1.14 2.17 5.80
N ALA A 152 0.97 3.14 4.96
CA ALA A 152 2.13 3.63 4.15
C ALA A 152 3.10 4.37 5.08
N GLU A 153 2.60 5.27 5.88
CA GLU A 153 3.49 6.02 6.80
C GLU A 153 4.06 5.06 7.85
N GLU A 154 3.57 3.85 7.90
CA GLU A 154 4.08 2.88 8.89
C GLU A 154 5.52 2.50 8.53
N VAL A 155 5.91 2.73 7.31
CA VAL A 155 7.30 2.38 6.90
C VAL A 155 8.27 3.45 7.43
N GLN A 156 7.85 4.68 7.46
CA GLN A 156 8.73 5.76 7.96
C GLN A 156 8.91 5.61 9.48
N LYS A 157 7.96 5.02 10.14
CA LYS A 157 8.08 4.83 11.62
C LYS A 157 9.36 4.04 11.92
N LYS A 158 9.53 2.92 11.28
CA LYS A 158 10.75 2.10 11.55
C LYS A 158 11.94 2.72 10.81
N LEU A 159 11.81 2.98 9.54
CA LEU A 159 12.93 3.58 8.77
C LEU A 159 13.52 4.75 9.56
N HIS A 160 12.69 5.48 10.27
CA HIS A 160 13.20 6.64 11.06
C HIS A 160 14.20 6.13 12.10
N GLU A 161 13.85 5.12 12.84
CA GLU A 161 14.78 4.59 13.88
C GLU A 161 15.89 3.80 13.19
N ALA A 162 15.79 3.58 11.91
CA ALA A 162 16.85 2.81 11.19
C ALA A 162 18.06 3.71 10.96
N ALA A 163 17.83 4.92 10.53
CA ALA A 163 18.98 5.84 10.28
C ALA A 163 19.73 6.09 11.58
N THR A 164 19.16 5.72 12.69
CA THR A 164 19.84 5.93 14.00
C THR A 164 19.56 4.74 14.92
N LYS A 165 19.44 3.56 14.37
CA LYS A 165 19.16 2.37 15.21
C LYS A 165 20.27 2.21 16.24
N GLN A 166 20.08 2.74 17.43
CA GLN A 166 21.12 2.62 18.48
C GLN A 166 21.04 1.23 19.11
N ASP A 1 -15.05 21.49 -3.52
CA ASP A 1 -14.03 22.56 -3.38
C ASP A 1 -13.20 22.65 -4.66
N ALA A 2 -12.13 21.91 -4.75
CA ALA A 2 -11.30 21.95 -5.98
C ALA A 2 -12.00 21.20 -7.12
N PRO A 3 -12.38 19.98 -6.85
CA PRO A 3 -13.07 19.14 -7.84
C PRO A 3 -14.56 19.53 -7.94
N ALA A 4 -15.31 18.84 -8.74
CA ALA A 4 -16.75 19.17 -8.88
C ALA A 4 -17.59 17.90 -8.76
N GLY A 5 -18.11 17.63 -7.58
CA GLY A 5 -18.93 16.39 -7.40
C GLY A 5 -18.57 15.75 -6.06
N GLY A 6 -17.32 15.54 -5.81
CA GLY A 6 -16.92 14.90 -4.52
C GLY A 6 -17.76 13.65 -4.28
N ASN A 7 -18.16 12.99 -5.33
CA ASN A 7 -18.98 11.75 -5.15
C ASN A 7 -18.15 10.52 -5.51
N ALA A 8 -17.59 10.51 -6.69
CA ALA A 8 -16.75 9.33 -7.10
C ALA A 8 -15.74 9.02 -6.00
N PHE A 9 -15.08 7.90 -6.10
CA PHE A 9 -14.07 7.53 -5.06
C PHE A 9 -12.66 7.66 -5.65
N GLU A 10 -12.56 7.79 -6.95
CA GLU A 10 -11.22 7.91 -7.58
C GLU A 10 -10.45 9.05 -6.91
N GLU A 11 -11.13 9.99 -6.35
CA GLU A 11 -10.44 11.13 -5.69
C GLU A 11 -9.69 10.63 -4.45
N MET A 12 -10.10 9.50 -3.92
CA MET A 12 -9.41 8.95 -2.72
C MET A 12 -8.04 8.42 -3.13
N GLU A 13 -7.89 8.03 -4.37
CA GLU A 13 -6.57 7.50 -4.82
C GLU A 13 -5.60 8.67 -5.05
N LYS A 14 -6.11 9.83 -5.35
CA LYS A 14 -5.23 11.00 -5.59
C LYS A 14 -4.71 11.55 -4.26
N HIS A 15 -5.54 11.61 -3.27
CA HIS A 15 -5.09 12.15 -1.95
C HIS A 15 -4.28 11.08 -1.21
N ALA A 16 -4.55 9.83 -1.49
CA ALA A 16 -3.79 8.73 -0.81
C ALA A 16 -2.41 8.59 -1.44
N LYS A 17 -2.34 8.55 -2.75
CA LYS A 17 -1.02 8.41 -3.43
C LYS A 17 -0.06 9.49 -2.93
N GLU A 18 -0.53 10.69 -2.74
CA GLU A 18 0.35 11.78 -2.27
C GLU A 18 0.91 11.43 -0.88
N PHE A 19 0.22 10.60 -0.15
CA PHE A 19 0.71 10.22 1.21
C PHE A 19 1.84 9.19 1.10
N GLN A 20 1.83 8.38 0.08
CA GLN A 20 2.91 7.36 -0.06
C GLN A 20 4.17 8.04 -0.58
N LYS A 21 4.04 9.23 -1.09
CA LYS A 21 5.23 9.96 -1.62
C LYS A 21 6.03 10.54 -0.46
N THR A 22 5.40 10.82 0.64
CA THR A 22 6.14 11.39 1.80
C THR A 22 6.93 10.29 2.50
N PHE A 23 6.36 9.11 2.59
CA PHE A 23 7.07 7.98 3.24
C PHE A 23 8.11 7.41 2.29
N SER A 24 7.85 7.45 1.01
CA SER A 24 8.82 6.90 0.03
C SER A 24 10.17 7.62 0.19
N GLU A 25 10.14 8.84 0.63
CA GLU A 25 11.42 9.59 0.82
C GLU A 25 11.99 9.28 2.19
N GLN A 26 11.14 9.12 3.18
CA GLN A 26 11.64 8.81 4.55
C GLN A 26 12.70 7.72 4.46
N PHE A 27 12.50 6.75 3.60
CA PHE A 27 13.50 5.66 3.47
C PHE A 27 14.91 6.26 3.44
N ASN A 28 15.04 7.45 2.91
CA ASN A 28 16.39 8.10 2.87
C ASN A 28 16.94 8.21 4.28
N SER A 29 16.09 8.27 5.27
CA SER A 29 16.57 8.38 6.67
C SER A 29 17.05 7.00 7.14
N LEU A 30 16.38 5.97 6.70
CA LEU A 30 16.78 4.59 7.12
C LEU A 30 18.11 4.23 6.45
N VAL A 31 18.21 4.41 5.16
CA VAL A 31 19.48 4.06 4.45
C VAL A 31 20.53 5.12 4.78
N ASN A 32 20.97 5.18 6.01
CA ASN A 32 22.00 6.18 6.39
C ASN A 32 23.39 5.55 6.27
N SER A 33 23.69 4.60 7.10
CA SER A 33 25.04 3.94 7.03
C SER A 33 24.89 2.44 7.29
N LYS A 34 23.71 1.92 7.14
CA LYS A 34 23.50 0.46 7.38
C LYS A 34 23.90 -0.32 6.12
N ASN A 35 25.17 -0.58 5.94
CA ASN A 35 25.61 -1.33 4.74
C ASN A 35 26.94 -2.03 5.03
N THR A 36 26.93 -2.99 5.92
CA THR A 36 28.19 -3.71 6.25
C THR A 36 27.96 -5.22 6.15
N GLN A 37 26.95 -5.63 5.43
CA GLN A 37 26.67 -7.08 5.30
C GLN A 37 26.15 -7.63 6.63
N ASP A 38 25.75 -6.77 7.52
CA ASP A 38 25.24 -7.23 8.83
C ASP A 38 24.15 -6.27 9.33
N PHE A 39 23.64 -5.45 8.46
CA PHE A 39 22.58 -4.48 8.88
C PHE A 39 21.44 -4.50 7.84
N ASN A 40 21.54 -5.34 6.84
CA ASN A 40 20.47 -5.39 5.81
C ASN A 40 19.22 -6.05 6.39
N LYS A 41 19.40 -7.06 7.19
CA LYS A 41 18.23 -7.75 7.80
C LYS A 41 17.38 -6.72 8.54
N ALA A 42 17.99 -5.91 9.35
CA ALA A 42 17.21 -4.89 10.11
C ALA A 42 16.48 -3.99 9.11
N LEU A 43 17.02 -3.86 7.93
CA LEU A 43 16.37 -3.00 6.90
C LEU A 43 15.08 -3.71 6.42
N LYS A 44 15.11 -5.01 6.31
CA LYS A 44 13.89 -5.73 5.86
C LYS A 44 12.89 -5.83 7.02
N ASP A 45 13.37 -5.76 8.23
CA ASP A 45 12.46 -5.85 9.40
C ASP A 45 11.50 -4.65 9.38
N GLY A 46 12.01 -3.48 9.10
CA GLY A 46 11.13 -2.27 9.07
C GLY A 46 10.31 -2.27 7.78
N SER A 47 10.92 -2.66 6.68
CA SER A 47 10.18 -2.68 5.39
C SER A 47 9.26 -3.89 5.36
N ASP A 48 9.64 -4.96 5.99
CA ASP A 48 8.77 -6.18 6.00
C ASP A 48 7.56 -5.93 6.90
N SER A 49 7.72 -5.14 7.92
CA SER A 49 6.57 -4.87 8.83
C SER A 49 5.54 -4.01 8.10
N VAL A 50 5.97 -3.16 7.22
CA VAL A 50 5.02 -2.29 6.48
C VAL A 50 4.28 -3.12 5.43
N LEU A 51 4.74 -4.32 5.18
CA LEU A 51 4.06 -5.18 4.18
C LEU A 51 2.79 -5.79 4.79
N GLN A 52 2.92 -6.44 5.91
CA GLN A 52 1.73 -7.05 6.56
C GLN A 52 0.81 -5.94 7.07
N GLN A 53 1.33 -4.75 7.25
CA GLN A 53 0.50 -3.63 7.75
C GLN A 53 -0.37 -3.09 6.60
N LEU A 54 0.24 -2.75 5.50
CA LEU A 54 -0.56 -2.22 4.36
C LEU A 54 -1.44 -3.33 3.79
N SER A 55 -1.00 -4.56 3.88
CA SER A 55 -1.81 -5.69 3.36
C SER A 55 -3.27 -5.50 3.79
N ALA A 56 -3.48 -4.82 4.90
CA ALA A 56 -4.87 -4.61 5.38
C ALA A 56 -5.69 -3.89 4.30
N PHE A 57 -5.10 -2.92 3.64
CA PHE A 57 -5.85 -2.20 2.57
C PHE A 57 -6.56 -3.21 1.68
N SER A 58 -5.96 -4.35 1.47
CA SER A 58 -6.60 -5.38 0.61
C SER A 58 -7.76 -6.04 1.36
N SER A 59 -7.73 -5.98 2.66
CA SER A 59 -8.84 -6.60 3.45
C SER A 59 -10.08 -5.70 3.38
N SER A 60 -9.92 -4.49 2.92
CA SER A 60 -11.08 -3.57 2.83
C SER A 60 -11.98 -3.99 1.66
N LEU A 61 -11.40 -4.15 0.50
CA LEU A 61 -12.21 -4.56 -0.68
C LEU A 61 -12.58 -6.04 -0.56
N GLN A 62 -11.74 -6.82 0.09
CA GLN A 62 -12.06 -8.26 0.24
C GLN A 62 -13.52 -8.44 0.62
N GLY A 63 -14.09 -7.47 1.30
CA GLY A 63 -15.52 -7.58 1.68
C GLY A 63 -16.41 -7.21 0.50
N ALA A 64 -16.01 -6.22 -0.26
CA ALA A 64 -16.83 -5.81 -1.44
C ALA A 64 -17.04 -7.02 -2.35
N ILE A 65 -15.99 -7.72 -2.68
CA ILE A 65 -16.13 -8.92 -3.56
C ILE A 65 -17.13 -9.89 -2.94
N SER A 66 -17.40 -9.74 -1.67
CA SER A 66 -18.37 -10.66 -1.00
C SER A 66 -19.71 -9.96 -0.82
N ASP A 67 -19.79 -8.71 -1.20
CA ASP A 67 -21.08 -7.97 -1.05
C ASP A 67 -21.43 -7.28 -2.38
N ALA A 68 -21.01 -7.85 -3.47
CA ALA A 68 -21.33 -7.25 -4.80
C ALA A 68 -22.06 -8.27 -5.67
N ASN A 69 -22.51 -7.87 -6.83
CA ASN A 69 -23.22 -8.82 -7.73
C ASN A 69 -23.06 -8.38 -9.18
N GLY A 70 -23.12 -7.10 -9.44
CA GLY A 70 -22.98 -6.61 -10.83
C GLY A 70 -21.65 -7.12 -11.41
N LYS A 71 -20.61 -6.34 -11.32
CA LYS A 71 -19.30 -6.77 -11.85
C LYS A 71 -18.17 -6.05 -11.09
N ALA A 72 -18.46 -5.56 -9.92
CA ALA A 72 -17.41 -4.86 -9.13
C ALA A 72 -16.67 -5.86 -8.24
N LYS A 73 -17.35 -6.84 -7.74
CA LYS A 73 -16.70 -7.86 -6.87
C LYS A 73 -15.51 -8.47 -7.61
N GLU A 74 -15.61 -8.64 -8.90
CA GLU A 74 -14.49 -9.24 -9.67
C GLU A 74 -13.40 -8.19 -9.89
N ALA A 75 -13.77 -7.00 -10.30
CA ALA A 75 -12.75 -5.95 -10.52
C ALA A 75 -12.16 -5.51 -9.18
N LEU A 76 -12.94 -5.53 -8.15
CA LEU A 76 -12.42 -5.12 -6.82
C LEU A 76 -11.56 -6.24 -6.23
N GLU A 77 -11.67 -7.42 -6.75
CA GLU A 77 -10.85 -8.55 -6.23
C GLU A 77 -9.43 -8.44 -6.77
N GLN A 78 -9.27 -8.05 -8.00
CA GLN A 78 -7.90 -7.93 -8.58
C GLN A 78 -7.15 -6.81 -7.86
N ALA A 79 -7.73 -5.66 -7.75
CA ALA A 79 -7.04 -4.53 -7.05
C ALA A 79 -6.85 -4.88 -5.58
N ARG A 80 -7.55 -5.88 -5.10
CA ARG A 80 -7.41 -6.27 -3.67
C ARG A 80 -6.11 -7.07 -3.48
N GLN A 81 -5.95 -8.13 -4.23
CA GLN A 81 -4.72 -8.95 -4.10
C GLN A 81 -3.54 -8.26 -4.79
N ASN A 82 -3.80 -7.60 -5.89
CA ASN A 82 -2.70 -6.89 -6.62
C ASN A 82 -1.91 -6.04 -5.64
N VAL A 83 -2.59 -5.27 -4.82
CA VAL A 83 -1.87 -4.41 -3.85
C VAL A 83 -1.44 -5.24 -2.63
N GLU A 84 -2.07 -6.36 -2.42
CA GLU A 84 -1.70 -7.22 -1.26
C GLU A 84 -0.41 -7.98 -1.57
N LYS A 85 -0.30 -8.52 -2.75
CA LYS A 85 0.93 -9.29 -3.11
C LYS A 85 2.05 -8.31 -3.45
N THR A 86 1.73 -7.23 -4.11
CA THR A 86 2.79 -6.24 -4.46
C THR A 86 3.49 -5.75 -3.20
N ALA A 87 2.78 -5.65 -2.11
CA ALA A 87 3.41 -5.18 -0.84
C ALA A 87 4.16 -6.33 -0.19
N GLU A 88 3.48 -7.42 0.06
CA GLU A 88 4.17 -8.59 0.70
C GLU A 88 5.07 -9.28 -0.32
N GLU A 89 5.04 -8.84 -1.55
CA GLU A 89 5.90 -9.48 -2.59
C GLU A 89 7.30 -9.73 -2.01
N LEU A 90 7.94 -8.71 -1.51
CA LEU A 90 9.30 -8.89 -0.94
C LEU A 90 9.21 -9.53 0.44
N ARG A 91 8.09 -9.39 1.10
CA ARG A 91 7.94 -9.99 2.46
C ARG A 91 8.39 -11.45 2.42
N LYS A 92 8.30 -12.07 1.27
CA LYS A 92 8.72 -13.50 1.17
C LYS A 92 10.25 -13.59 1.12
N ALA A 93 10.92 -12.47 1.08
CA ALA A 93 12.41 -12.50 1.03
C ALA A 93 12.98 -11.79 2.25
N HIS A 94 12.72 -12.30 3.43
CA HIS A 94 13.24 -11.65 4.65
C HIS A 94 14.73 -11.98 4.83
N PRO A 95 15.04 -13.26 4.80
CA PRO A 95 16.43 -13.73 4.95
C PRO A 95 17.20 -13.56 3.63
N ASP A 96 16.52 -13.24 2.57
CA ASP A 96 17.21 -13.07 1.26
C ASP A 96 18.02 -11.77 1.27
N VAL A 97 17.50 -10.74 1.86
CA VAL A 97 18.24 -9.44 1.91
C VAL A 97 19.43 -9.58 2.87
N GLU A 98 19.26 -10.24 3.97
CA GLU A 98 20.38 -10.40 4.94
C GLU A 98 21.42 -11.35 4.35
N LYS A 99 21.03 -12.19 3.44
CA LYS A 99 22.00 -13.14 2.83
C LYS A 99 22.81 -12.42 1.74
N GLU A 100 22.14 -11.93 0.73
CA GLU A 100 22.88 -11.21 -0.35
C GLU A 100 23.06 -9.74 0.04
N ALA A 101 22.11 -9.18 0.72
CA ALA A 101 22.23 -7.75 1.14
C ALA A 101 22.77 -6.92 -0.03
N ASN A 102 22.42 -7.29 -1.23
CA ASN A 102 22.92 -6.52 -2.42
C ASN A 102 22.03 -5.30 -2.63
N ALA A 103 20.75 -5.49 -2.77
CA ALA A 103 19.83 -4.33 -2.99
C ALA A 103 18.39 -4.79 -2.83
N PHE A 104 18.13 -5.68 -1.91
CA PHE A 104 16.74 -6.18 -1.71
C PHE A 104 15.94 -5.13 -0.93
N LYS A 105 16.60 -4.13 -0.40
CA LYS A 105 15.87 -3.08 0.36
C LYS A 105 15.04 -2.23 -0.60
N ASP A 106 15.46 -2.14 -1.83
CA ASP A 106 14.69 -1.32 -2.82
C ASP A 106 13.39 -2.05 -3.16
N LYS A 107 13.32 -3.32 -2.93
CA LYS A 107 12.09 -4.09 -3.25
C LYS A 107 10.90 -3.44 -2.52
N LEU A 108 11.08 -3.05 -1.29
CA LEU A 108 9.96 -2.42 -0.54
C LEU A 108 9.79 -0.97 -1.01
N GLN A 109 10.85 -0.21 -1.00
CA GLN A 109 10.74 1.21 -1.44
C GLN A 109 9.91 1.29 -2.72
N ALA A 110 10.17 0.44 -3.67
CA ALA A 110 9.39 0.46 -4.93
C ALA A 110 8.02 -0.20 -4.71
N ALA A 111 7.92 -1.02 -3.69
CA ALA A 111 6.62 -1.71 -3.41
C ALA A 111 5.66 -0.72 -2.75
N VAL A 112 6.15 0.38 -2.23
CA VAL A 112 5.26 1.36 -1.58
C VAL A 112 4.48 2.14 -2.64
N GLN A 113 5.17 2.75 -3.57
CA GLN A 113 4.46 3.52 -4.63
C GLN A 113 3.59 2.57 -5.46
N THR A 114 3.86 1.30 -5.42
CA THR A 114 3.05 0.33 -6.20
C THR A 114 1.72 0.08 -5.48
N THR A 115 1.65 0.38 -4.22
CA THR A 115 0.38 0.15 -3.46
C THR A 115 -0.72 1.07 -4.02
N VAL A 116 -0.47 2.34 -4.06
CA VAL A 116 -1.50 3.28 -4.59
C VAL A 116 -1.51 3.22 -6.12
N GLN A 117 -0.43 2.77 -6.71
CA GLN A 117 -0.38 2.70 -8.19
C GLN A 117 -1.62 1.96 -8.71
N GLU A 118 -2.05 0.94 -8.03
CA GLU A 118 -3.24 0.19 -8.49
C GLU A 118 -4.51 0.99 -8.12
N SER A 119 -4.41 1.86 -7.16
CA SER A 119 -5.60 2.66 -6.77
C SER A 119 -6.14 3.42 -7.98
N GLN A 120 -5.33 3.60 -8.99
CA GLN A 120 -5.78 4.33 -10.20
C GLN A 120 -6.65 3.41 -11.05
N LYS A 121 -6.20 2.20 -11.29
CA LYS A 121 -7.00 1.26 -12.12
C LYS A 121 -8.40 1.12 -11.53
N LEU A 122 -8.50 0.82 -10.26
CA LEU A 122 -9.85 0.66 -9.63
C LEU A 122 -10.47 2.05 -9.41
N ALA A 123 -9.65 3.06 -9.28
CA ALA A 123 -10.20 4.43 -9.06
C ALA A 123 -11.13 4.80 -10.22
N LYS A 124 -10.71 4.53 -11.44
CA LYS A 124 -11.56 4.87 -12.61
C LYS A 124 -12.68 3.84 -12.75
N GLU A 125 -12.47 2.65 -12.24
CA GLU A 125 -13.51 1.59 -12.35
C GLU A 125 -14.78 2.06 -11.63
N VAL A 126 -14.64 2.54 -10.42
CA VAL A 126 -15.84 3.01 -9.67
C VAL A 126 -16.32 4.34 -10.26
N ALA A 127 -15.49 5.00 -11.02
CA ALA A 127 -15.90 6.30 -11.62
C ALA A 127 -16.81 6.04 -12.83
N SER A 128 -16.64 4.93 -13.48
CA SER A 128 -17.49 4.63 -14.66
C SER A 128 -18.96 4.59 -14.22
N ASN A 129 -19.20 4.51 -12.94
CA ASN A 129 -20.61 4.46 -12.45
C ASN A 129 -21.40 3.40 -13.22
N MET A 130 -20.72 2.45 -13.82
CA MET A 130 -21.43 1.39 -14.57
C MET A 130 -21.98 0.34 -13.60
N GLU A 131 -21.60 0.43 -12.35
CA GLU A 131 -22.09 -0.56 -11.34
C GLU A 131 -23.15 0.12 -10.47
N GLU A 132 -24.14 0.72 -11.07
CA GLU A 132 -25.21 1.39 -10.27
C GLU A 132 -25.92 0.36 -9.40
N THR A 133 -25.88 -0.88 -9.79
CA THR A 133 -26.57 -1.94 -8.99
C THR A 133 -25.62 -2.46 -7.91
N ASN A 134 -24.50 -1.81 -7.73
CA ASN A 134 -23.53 -2.26 -6.69
C ASN A 134 -23.07 -1.06 -5.86
N LYS A 135 -23.91 -0.58 -4.98
CA LYS A 135 -23.52 0.59 -4.14
C LYS A 135 -23.47 0.17 -2.67
N LYS A 136 -23.66 -1.09 -2.39
CA LYS A 136 -23.62 -1.55 -0.98
C LYS A 136 -22.18 -1.52 -0.48
N LEU A 137 -21.22 -1.65 -1.37
CA LEU A 137 -19.79 -1.63 -0.95
C LEU A 137 -19.34 -0.18 -0.69
N ALA A 138 -20.23 0.76 -0.85
CA ALA A 138 -19.86 2.19 -0.63
C ALA A 138 -18.98 2.33 0.61
N PRO A 139 -19.43 1.77 1.71
CA PRO A 139 -18.70 1.83 2.99
C PRO A 139 -17.56 0.81 3.00
N LYS A 140 -16.78 0.77 1.96
CA LYS A 140 -15.64 -0.20 1.92
C LYS A 140 -14.42 0.52 1.35
N ILE A 141 -14.63 1.33 0.34
CA ILE A 141 -13.48 2.07 -0.27
C ILE A 141 -13.10 3.25 0.64
N LYS A 142 -13.93 3.58 1.59
CA LYS A 142 -13.61 4.71 2.50
C LYS A 142 -12.46 4.31 3.42
N GLN A 143 -12.61 3.22 4.14
CA GLN A 143 -11.52 2.78 5.05
C GLN A 143 -10.38 2.16 4.23
N ALA A 144 -10.57 2.03 2.94
CA ALA A 144 -9.50 1.44 2.09
C ALA A 144 -8.40 2.47 1.85
N TYR A 145 -8.76 3.60 1.28
CA TYR A 145 -7.73 4.65 1.02
C TYR A 145 -7.09 5.09 2.33
N ASP A 146 -7.77 4.88 3.43
CA ASP A 146 -7.22 5.29 4.74
C ASP A 146 -5.98 4.45 5.06
N ASP A 147 -5.91 3.25 4.56
CA ASP A 147 -4.74 2.37 4.83
C ASP A 147 -3.54 2.86 4.01
N PHE A 148 -3.77 3.21 2.77
CA PHE A 148 -2.64 3.67 1.91
C PHE A 148 -1.74 4.64 2.69
N VAL A 149 -2.31 5.66 3.27
CA VAL A 149 -1.49 6.64 4.04
C VAL A 149 -1.22 6.11 5.45
N LYS A 150 -2.06 5.25 5.94
CA LYS A 150 -1.87 4.71 7.31
C LYS A 150 -0.77 3.64 7.31
N HIS A 151 -0.76 2.78 6.34
CA HIS A 151 0.30 1.71 6.31
C HIS A 151 1.61 2.31 5.82
N ALA A 152 1.58 3.12 4.79
CA ALA A 152 2.84 3.72 4.27
C ALA A 152 3.56 4.44 5.42
N GLU A 153 2.85 5.26 6.15
CA GLU A 153 3.48 5.99 7.28
C GLU A 153 4.02 4.98 8.31
N GLU A 154 3.63 3.75 8.20
CA GLU A 154 4.12 2.72 9.17
C GLU A 154 5.60 2.44 8.91
N VAL A 155 6.04 2.55 7.68
CA VAL A 155 7.47 2.29 7.38
C VAL A 155 8.30 3.50 7.79
N GLN A 156 7.74 4.68 7.73
CA GLN A 156 8.51 5.89 8.12
C GLN A 156 8.74 5.88 9.64
N LYS A 157 8.00 5.07 10.35
CA LYS A 157 8.17 5.03 11.83
C LYS A 157 9.49 4.32 12.16
N LYS A 158 9.67 3.13 11.68
CA LYS A 158 10.94 2.39 11.96
C LYS A 158 12.07 2.95 11.09
N LEU A 159 11.74 3.45 9.94
CA LEU A 159 12.79 4.00 9.04
C LEU A 159 13.75 4.87 9.85
N HIS A 160 13.23 5.68 10.73
CA HIS A 160 14.13 6.55 11.56
C HIS A 160 14.77 5.71 12.66
N GLU A 161 13.99 4.92 13.36
CA GLU A 161 14.55 4.09 14.45
C GLU A 161 15.64 3.17 13.88
N ALA A 162 15.51 2.78 12.64
CA ALA A 162 16.54 1.89 12.03
C ALA A 162 17.81 2.68 11.78
N ALA A 163 17.69 3.87 11.26
CA ALA A 163 18.90 4.70 10.99
C ALA A 163 19.76 4.79 12.25
N THR A 164 19.17 4.55 13.39
CA THR A 164 19.94 4.62 14.66
C THR A 164 19.42 3.56 15.63
N LYS A 165 19.14 2.38 15.16
CA LYS A 165 18.64 1.31 16.06
C LYS A 165 19.49 1.26 17.33
N GLN A 166 20.78 1.43 17.19
CA GLN A 166 21.66 1.38 18.39
C GLN A 166 21.59 2.73 19.12
N ASP A 1 -27.72 15.53 -8.91
CA ASP A 1 -26.79 16.39 -9.71
C ASP A 1 -25.80 17.07 -8.78
N ALA A 2 -24.73 17.60 -9.31
CA ALA A 2 -23.72 18.28 -8.45
C ALA A 2 -23.44 17.42 -7.21
N PRO A 3 -22.53 16.50 -7.35
CA PRO A 3 -22.13 15.59 -6.27
C PRO A 3 -21.21 16.30 -5.28
N ALA A 4 -20.74 15.61 -4.27
CA ALA A 4 -19.84 16.25 -3.28
C ALA A 4 -18.88 15.20 -2.71
N GLY A 5 -18.34 14.36 -3.55
CA GLY A 5 -17.40 13.31 -3.06
C GLY A 5 -18.07 12.49 -1.97
N GLY A 6 -19.11 11.78 -2.29
CA GLY A 6 -19.81 10.95 -1.27
C GLY A 6 -19.23 9.54 -1.27
N ASN A 7 -18.44 9.21 -2.25
CA ASN A 7 -17.85 7.85 -2.31
C ASN A 7 -16.96 7.72 -3.55
N ALA A 8 -16.26 8.76 -3.89
CA ALA A 8 -15.37 8.71 -5.09
C ALA A 8 -14.03 8.09 -4.71
N PHE A 9 -13.65 7.01 -5.34
CA PHE A 9 -12.36 6.37 -5.00
C PHE A 9 -11.22 7.12 -5.70
N GLU A 10 -11.53 7.79 -6.78
CA GLU A 10 -10.47 8.54 -7.51
C GLU A 10 -10.01 9.74 -6.67
N GLU A 11 -10.93 10.56 -6.24
CA GLU A 11 -10.54 11.74 -5.42
C GLU A 11 -9.70 11.27 -4.23
N MET A 12 -10.12 10.25 -3.55
CA MET A 12 -9.34 9.75 -2.39
C MET A 12 -8.10 9.02 -2.90
N GLU A 13 -8.27 8.03 -3.74
CA GLU A 13 -7.10 7.28 -4.27
C GLU A 13 -6.00 8.27 -4.65
N LYS A 14 -6.36 9.44 -5.11
CA LYS A 14 -5.33 10.43 -5.50
C LYS A 14 -4.75 11.10 -4.25
N HIS A 15 -5.58 11.38 -3.27
CA HIS A 15 -5.06 12.03 -2.04
C HIS A 15 -4.35 10.99 -1.16
N ALA A 16 -4.60 9.73 -1.40
CA ALA A 16 -3.93 8.68 -0.59
C ALA A 16 -2.49 8.48 -1.07
N LYS A 17 -2.31 8.26 -2.33
CA LYS A 17 -0.93 8.06 -2.86
C LYS A 17 -0.07 9.29 -2.54
N GLU A 18 -0.57 10.46 -2.78
CA GLU A 18 0.22 11.68 -2.47
C GLU A 18 0.82 11.58 -1.07
N PHE A 19 0.11 10.94 -0.18
CA PHE A 19 0.63 10.80 1.21
C PHE A 19 1.69 9.70 1.26
N GLN A 20 1.69 8.81 0.31
CA GLN A 20 2.70 7.72 0.31
C GLN A 20 4.04 8.28 -0.20
N LYS A 21 4.00 9.39 -0.89
CA LYS A 21 5.26 9.98 -1.41
C LYS A 21 6.06 10.59 -0.26
N THR A 22 5.39 11.04 0.78
CA THR A 22 6.12 11.65 1.92
C THR A 22 6.88 10.55 2.67
N PHE A 23 6.36 9.35 2.68
CA PHE A 23 7.05 8.24 3.39
C PHE A 23 8.20 7.72 2.51
N SER A 24 8.00 7.70 1.22
CA SER A 24 9.07 7.20 0.31
C SER A 24 10.33 8.06 0.49
N GLU A 25 10.16 9.29 0.89
CA GLU A 25 11.34 10.18 1.09
C GLU A 25 12.02 9.83 2.42
N GLN A 26 11.24 9.51 3.41
CA GLN A 26 11.83 9.16 4.74
C GLN A 26 12.86 8.04 4.56
N PHE A 27 12.57 7.09 3.71
CA PHE A 27 13.53 5.97 3.49
C PHE A 27 14.94 6.54 3.38
N ASN A 28 15.08 7.70 2.82
CA ASN A 28 16.44 8.31 2.68
C ASN A 28 17.20 8.17 4.01
N SER A 29 16.49 8.07 5.10
CA SER A 29 17.16 7.93 6.42
C SER A 29 17.72 6.51 6.56
N LEU A 30 17.12 5.56 5.89
CA LEU A 30 17.62 4.16 5.99
C LEU A 30 19.09 4.11 5.57
N VAL A 31 19.46 4.85 4.57
CA VAL A 31 20.88 4.84 4.11
C VAL A 31 21.80 4.90 5.33
N ASN A 32 21.34 5.49 6.40
CA ASN A 32 22.19 5.59 7.62
C ASN A 32 22.00 4.34 8.47
N SER A 33 23.03 3.92 9.16
CA SER A 33 22.90 2.70 10.02
C SER A 33 24.29 2.30 10.53
N LYS A 34 24.38 1.20 11.22
CA LYS A 34 25.70 0.74 11.75
C LYS A 34 26.60 0.34 10.58
N ASN A 35 26.08 -0.43 9.66
CA ASN A 35 26.93 -0.86 8.50
C ASN A 35 27.93 -1.91 8.95
N THR A 36 27.46 -2.98 9.54
CA THR A 36 28.38 -4.04 10.01
C THR A 36 27.71 -5.41 9.87
N GLN A 37 26.99 -5.62 8.80
CA GLN A 37 26.31 -6.93 8.59
C GLN A 37 25.24 -7.11 9.66
N ASP A 38 24.94 -6.07 10.40
CA ASP A 38 23.89 -6.19 11.46
C ASP A 38 22.96 -4.98 11.39
N PHE A 39 22.91 -4.32 10.26
CA PHE A 39 22.01 -3.14 10.13
C PHE A 39 21.00 -3.38 9.00
N ASN A 40 21.29 -4.32 8.14
CA ASN A 40 20.35 -4.60 7.02
C ASN A 40 19.26 -5.58 7.50
N LYS A 41 19.51 -6.28 8.57
CA LYS A 41 18.50 -7.23 9.09
C LYS A 41 17.26 -6.46 9.54
N ALA A 42 17.43 -5.25 10.01
CA ALA A 42 16.26 -4.46 10.47
C ALA A 42 15.39 -4.09 9.26
N LEU A 43 15.97 -3.99 8.10
CA LEU A 43 15.19 -3.63 6.89
C LEU A 43 14.03 -4.62 6.74
N LYS A 44 14.28 -5.89 6.94
CA LYS A 44 13.19 -6.90 6.79
C LYS A 44 12.15 -6.68 7.89
N ASP A 45 12.53 -6.05 8.97
CA ASP A 45 11.55 -5.81 10.07
C ASP A 45 10.64 -4.64 9.70
N GLY A 46 11.21 -3.52 9.35
CA GLY A 46 10.38 -2.34 8.98
C GLY A 46 9.84 -2.52 7.56
N SER A 47 10.67 -2.92 6.64
CA SER A 47 10.20 -3.10 5.23
C SER A 47 9.15 -4.21 5.19
N ASP A 48 9.47 -5.38 5.68
CA ASP A 48 8.49 -6.49 5.66
C ASP A 48 7.31 -6.16 6.57
N SER A 49 7.51 -5.24 7.49
CA SER A 49 6.40 -4.88 8.41
C SER A 49 5.33 -4.10 7.65
N VAL A 50 5.72 -3.07 6.95
CA VAL A 50 4.72 -2.28 6.18
C VAL A 50 3.94 -3.20 5.24
N LEU A 51 4.51 -4.31 4.89
CA LEU A 51 3.79 -5.26 3.98
C LEU A 51 2.57 -5.82 4.70
N GLN A 52 2.75 -6.39 5.85
CA GLN A 52 1.61 -6.94 6.61
C GLN A 52 0.73 -5.79 7.10
N GLN A 53 1.28 -4.61 7.19
CA GLN A 53 0.49 -3.45 7.65
C GLN A 53 -0.40 -2.95 6.52
N LEU A 54 0.17 -2.77 5.35
CA LEU A 54 -0.64 -2.29 4.20
C LEU A 54 -1.45 -3.44 3.63
N SER A 55 -0.93 -4.65 3.69
CA SER A 55 -1.68 -5.81 3.16
C SER A 55 -3.13 -5.75 3.65
N ALA A 56 -3.37 -5.10 4.76
CA ALA A 56 -4.75 -5.00 5.28
C ALA A 56 -5.64 -4.27 4.26
N PHE A 57 -5.15 -3.18 3.72
CA PHE A 57 -5.96 -2.43 2.72
C PHE A 57 -6.61 -3.41 1.75
N SER A 58 -5.85 -4.33 1.22
CA SER A 58 -6.42 -5.33 0.27
C SER A 58 -7.57 -6.08 0.95
N SER A 59 -7.43 -6.38 2.21
CA SER A 59 -8.51 -7.10 2.93
C SER A 59 -9.65 -6.14 3.27
N SER A 60 -9.47 -4.87 3.00
CA SER A 60 -10.54 -3.89 3.30
C SER A 60 -11.65 -3.98 2.24
N LEU A 61 -11.29 -3.88 0.99
CA LEU A 61 -12.32 -3.96 -0.08
C LEU A 61 -12.83 -5.39 -0.21
N GLN A 62 -12.15 -6.33 0.40
CA GLN A 62 -12.61 -7.75 0.31
C GLN A 62 -13.96 -7.91 1.02
N GLY A 63 -14.23 -7.05 1.98
CA GLY A 63 -15.52 -7.16 2.72
C GLY A 63 -16.67 -6.72 1.80
N ALA A 64 -16.39 -5.82 0.88
CA ALA A 64 -17.47 -5.36 -0.04
C ALA A 64 -17.76 -6.45 -1.07
N ILE A 65 -16.75 -6.94 -1.73
CA ILE A 65 -16.98 -8.01 -2.74
C ILE A 65 -17.61 -9.23 -2.07
N SER A 66 -17.51 -9.32 -0.78
CA SER A 66 -18.10 -10.49 -0.06
C SER A 66 -19.62 -10.47 -0.22
N ASP A 67 -20.17 -9.36 -0.61
CA ASP A 67 -21.64 -9.27 -0.79
C ASP A 67 -21.97 -8.37 -1.98
N ALA A 68 -21.17 -8.43 -3.01
CA ALA A 68 -21.43 -7.56 -4.20
C ALA A 68 -22.77 -7.96 -4.84
N ASN A 69 -22.91 -7.76 -6.12
CA ASN A 69 -24.19 -8.11 -6.79
C ASN A 69 -23.95 -8.27 -8.30
N GLY A 70 -23.13 -7.43 -8.86
CA GLY A 70 -22.85 -7.51 -10.32
C GLY A 70 -21.45 -8.09 -10.55
N LYS A 71 -20.77 -7.61 -11.54
CA LYS A 71 -19.39 -8.13 -11.82
C LYS A 71 -18.36 -7.23 -11.12
N ALA A 72 -18.81 -6.34 -10.29
CA ALA A 72 -17.85 -5.43 -9.58
C ALA A 72 -17.13 -6.20 -8.49
N LYS A 73 -17.55 -7.42 -8.23
CA LYS A 73 -16.88 -8.23 -7.16
C LYS A 73 -15.54 -8.76 -7.69
N GLU A 74 -15.48 -9.09 -8.95
CA GLU A 74 -14.21 -9.62 -9.52
C GLU A 74 -13.23 -8.46 -9.72
N ALA A 75 -13.62 -7.46 -10.44
CA ALA A 75 -12.70 -6.30 -10.68
C ALA A 75 -12.25 -5.73 -9.34
N LEU A 76 -13.06 -5.86 -8.32
CA LEU A 76 -12.67 -5.32 -6.99
C LEU A 76 -11.66 -6.26 -6.33
N GLU A 77 -11.76 -7.53 -6.61
CA GLU A 77 -10.80 -8.51 -6.00
C GLU A 77 -9.45 -8.41 -6.72
N GLN A 78 -9.47 -8.06 -7.98
CA GLN A 78 -8.19 -7.95 -8.74
C GLN A 78 -7.31 -6.88 -8.09
N ALA A 79 -7.84 -5.72 -7.86
CA ALA A 79 -7.03 -4.64 -7.23
C ALA A 79 -6.75 -5.00 -5.76
N ARG A 80 -7.52 -5.90 -5.20
CA ARG A 80 -7.30 -6.28 -3.78
C ARG A 80 -5.94 -6.97 -3.64
N GLN A 81 -5.74 -8.05 -4.36
CA GLN A 81 -4.44 -8.78 -4.26
C GLN A 81 -3.38 -8.02 -5.07
N ASN A 82 -3.77 -7.38 -6.14
CA ASN A 82 -2.80 -6.63 -6.97
C ASN A 82 -1.88 -5.80 -6.07
N VAL A 83 -2.44 -5.05 -5.17
CA VAL A 83 -1.61 -4.22 -4.25
C VAL A 83 -1.07 -5.09 -3.11
N GLU A 84 -1.73 -6.17 -2.83
CA GLU A 84 -1.26 -7.05 -1.72
C GLU A 84 -0.05 -7.87 -2.21
N LYS A 85 0.01 -8.16 -3.48
CA LYS A 85 1.15 -8.96 -4.00
C LYS A 85 2.38 -8.06 -4.14
N THR A 86 2.19 -6.80 -4.41
CA THR A 86 3.34 -5.88 -4.56
C THR A 86 3.89 -5.51 -3.17
N ALA A 87 3.05 -5.52 -2.18
CA ALA A 87 3.54 -5.18 -0.81
C ALA A 87 4.22 -6.40 -0.19
N GLU A 88 3.54 -7.51 -0.13
CA GLU A 88 4.15 -8.74 0.45
C GLU A 88 5.11 -9.36 -0.56
N GLU A 89 5.17 -8.83 -1.74
CA GLU A 89 6.09 -9.40 -2.77
C GLU A 89 7.45 -9.72 -2.13
N LEU A 90 8.07 -8.75 -1.51
CA LEU A 90 9.39 -9.02 -0.87
C LEU A 90 9.18 -9.64 0.52
N ARG A 91 7.97 -9.61 1.00
CA ARG A 91 7.69 -10.20 2.34
C ARG A 91 8.13 -11.66 2.36
N LYS A 92 8.23 -12.28 1.21
CA LYS A 92 8.66 -13.70 1.15
C LYS A 92 10.17 -13.80 1.38
N ALA A 93 10.86 -12.70 1.28
CA ALA A 93 12.34 -12.73 1.49
C ALA A 93 12.66 -12.36 2.95
N HIS A 94 13.91 -12.21 3.26
CA HIS A 94 14.28 -11.85 4.67
C HIS A 94 15.78 -12.09 4.87
N PRO A 95 16.23 -13.27 4.57
CA PRO A 95 17.64 -13.65 4.72
C PRO A 95 18.47 -13.09 3.57
N ASP A 96 18.15 -13.45 2.36
CA ASP A 96 18.93 -12.93 1.19
C ASP A 96 19.09 -11.42 1.31
N VAL A 97 18.13 -10.75 1.88
CA VAL A 97 18.24 -9.27 2.04
C VAL A 97 19.29 -8.94 3.09
N GLU A 98 19.14 -9.47 4.28
CA GLU A 98 20.14 -9.19 5.35
C GLU A 98 21.44 -9.93 5.04
N LYS A 99 21.40 -10.86 4.11
CA LYS A 99 22.65 -11.62 3.77
C LYS A 99 23.54 -10.75 2.88
N GLU A 100 23.02 -10.31 1.76
CA GLU A 100 23.85 -9.46 0.85
C GLU A 100 23.76 -8.00 1.30
N ALA A 101 22.64 -7.60 1.82
CA ALA A 101 22.49 -6.19 2.27
C ALA A 101 23.06 -5.25 1.20
N ASN A 102 23.07 -5.68 -0.02
CA ASN A 102 23.62 -4.81 -1.10
C ASN A 102 22.62 -3.71 -1.43
N ALA A 103 21.36 -4.05 -1.57
CA ALA A 103 20.34 -3.02 -1.88
C ALA A 103 18.99 -3.71 -2.16
N PHE A 104 18.65 -4.70 -1.37
CA PHE A 104 17.36 -5.40 -1.59
C PHE A 104 16.22 -4.55 -1.03
N LYS A 105 16.45 -3.88 0.07
CA LYS A 105 15.38 -3.03 0.66
C LYS A 105 14.69 -2.23 -0.45
N ASP A 106 15.39 -1.97 -1.52
CA ASP A 106 14.78 -1.19 -2.65
C ASP A 106 13.48 -1.89 -3.08
N LYS A 107 13.36 -3.16 -2.84
CA LYS A 107 12.13 -3.88 -3.24
C LYS A 107 10.95 -3.37 -2.41
N LEU A 108 11.16 -3.09 -1.16
CA LEU A 108 10.06 -2.59 -0.30
C LEU A 108 9.82 -1.11 -0.61
N GLN A 109 10.86 -0.31 -0.57
CA GLN A 109 10.68 1.14 -0.86
C GLN A 109 9.91 1.31 -2.17
N ALA A 110 10.26 0.56 -3.18
CA ALA A 110 9.54 0.68 -4.48
C ALA A 110 8.19 -0.05 -4.38
N ALA A 111 8.03 -0.87 -3.38
CA ALA A 111 6.75 -1.62 -3.22
C ALA A 111 5.69 -0.68 -2.64
N VAL A 112 6.10 0.42 -2.07
CA VAL A 112 5.12 1.37 -1.49
C VAL A 112 4.39 2.11 -2.62
N GLN A 113 5.12 2.73 -3.50
CA GLN A 113 4.48 3.46 -4.62
C GLN A 113 3.78 2.47 -5.55
N THR A 114 4.07 1.21 -5.42
CA THR A 114 3.42 0.20 -6.31
C THR A 114 2.00 -0.08 -5.79
N THR A 115 1.74 0.18 -4.55
CA THR A 115 0.38 -0.07 -4.00
C THR A 115 -0.53 1.08 -4.42
N VAL A 116 -0.01 2.27 -4.38
CA VAL A 116 -0.81 3.46 -4.78
C VAL A 116 -0.91 3.53 -6.30
N GLN A 117 -0.10 2.76 -6.99
CA GLN A 117 -0.14 2.79 -8.49
C GLN A 117 -1.40 2.07 -8.97
N GLU A 118 -1.68 0.92 -8.44
CA GLU A 118 -2.90 0.17 -8.87
C GLU A 118 -4.14 0.93 -8.41
N SER A 119 -4.01 1.76 -7.41
CA SER A 119 -5.19 2.53 -6.92
C SER A 119 -5.87 3.22 -8.12
N GLN A 120 -5.16 3.42 -9.18
CA GLN A 120 -5.76 4.09 -10.38
C GLN A 120 -6.70 3.11 -11.09
N LYS A 121 -6.25 1.90 -11.31
CA LYS A 121 -7.11 0.89 -12.00
C LYS A 121 -8.41 0.72 -11.21
N LEU A 122 -8.32 0.51 -9.93
CA LEU A 122 -9.55 0.33 -9.11
C LEU A 122 -10.27 1.67 -8.96
N ALA A 123 -9.53 2.76 -8.97
CA ALA A 123 -10.17 4.09 -8.83
C ALA A 123 -11.15 4.31 -9.99
N LYS A 124 -10.72 4.12 -11.20
CA LYS A 124 -11.63 4.31 -12.36
C LYS A 124 -12.56 3.11 -12.48
N GLU A 125 -12.16 1.98 -11.96
CA GLU A 125 -13.03 0.77 -12.04
C GLU A 125 -14.30 1.01 -11.23
N VAL A 126 -14.17 1.47 -10.02
CA VAL A 126 -15.37 1.71 -9.17
C VAL A 126 -16.04 3.01 -9.62
N ALA A 127 -15.29 3.91 -10.21
CA ALA A 127 -15.89 5.19 -10.66
C ALA A 127 -16.89 4.92 -11.78
N SER A 128 -16.52 4.11 -12.74
CA SER A 128 -17.46 3.81 -13.87
C SER A 128 -18.75 3.22 -13.31
N ASN A 129 -18.71 2.69 -12.12
CA ASN A 129 -19.93 2.08 -11.52
C ASN A 129 -21.06 3.12 -11.55
N MET A 130 -20.73 4.38 -11.67
CA MET A 130 -21.78 5.43 -11.70
C MET A 130 -22.49 5.48 -10.35
N GLU A 131 -21.96 4.81 -9.36
CA GLU A 131 -22.61 4.83 -8.02
C GLU A 131 -24.03 4.28 -8.13
N GLU A 132 -24.32 3.59 -9.20
CA GLU A 132 -25.69 3.03 -9.37
C GLU A 132 -25.69 1.54 -8.99
N THR A 133 -24.73 1.13 -8.20
CA THR A 133 -24.68 -0.30 -7.80
C THR A 133 -23.43 -0.54 -6.94
N ASN A 134 -23.19 0.32 -5.99
CA ASN A 134 -22.00 0.15 -5.11
C ASN A 134 -22.39 0.44 -3.66
N LYS A 135 -23.38 -0.24 -3.16
CA LYS A 135 -23.80 0.00 -1.74
C LYS A 135 -22.85 -0.74 -0.79
N LYS A 136 -22.36 -1.87 -1.19
CA LYS A 136 -21.42 -2.63 -0.31
C LYS A 136 -20.04 -1.98 -0.38
N LEU A 137 -19.76 -1.25 -1.41
CA LEU A 137 -18.43 -0.59 -1.53
C LEU A 137 -18.39 0.66 -0.64
N ALA A 138 -19.49 1.01 -0.04
CA ALA A 138 -19.51 2.22 0.83
C ALA A 138 -18.75 1.94 2.13
N PRO A 139 -19.15 0.89 2.82
CA PRO A 139 -18.51 0.49 4.08
C PRO A 139 -17.18 -0.22 3.82
N LYS A 140 -16.35 0.36 3.00
CA LYS A 140 -15.03 -0.27 2.70
C LYS A 140 -14.14 0.72 1.95
N ILE A 141 -14.72 1.54 1.12
CA ILE A 141 -13.91 2.53 0.36
C ILE A 141 -13.40 3.61 1.32
N LYS A 142 -13.91 3.64 2.51
CA LYS A 142 -13.45 4.67 3.49
C LYS A 142 -12.15 4.20 4.14
N GLN A 143 -12.12 2.98 4.62
CA GLN A 143 -10.88 2.46 5.26
C GLN A 143 -9.87 2.08 4.18
N ALA A 144 -10.26 2.15 2.93
CA ALA A 144 -9.32 1.80 1.83
C ALA A 144 -8.33 2.93 1.60
N TYR A 145 -8.82 4.12 1.36
CA TYR A 145 -7.90 5.27 1.12
C TYR A 145 -7.19 5.64 2.42
N ASP A 146 -7.74 5.26 3.54
CA ASP A 146 -7.10 5.59 4.84
C ASP A 146 -5.91 4.65 5.08
N ASP A 147 -5.86 3.55 4.38
CA ASP A 147 -4.74 2.59 4.57
C ASP A 147 -3.49 3.11 3.84
N PHE A 148 -3.65 3.59 2.65
CA PHE A 148 -2.47 4.09 1.87
C PHE A 148 -1.60 5.00 2.77
N VAL A 149 -2.18 6.02 3.34
CA VAL A 149 -1.39 6.94 4.20
C VAL A 149 -1.16 6.30 5.58
N LYS A 150 -1.96 5.34 5.94
CA LYS A 150 -1.79 4.68 7.26
C LYS A 150 -0.64 3.69 7.22
N HIS A 151 -0.67 2.77 6.28
CA HIS A 151 0.43 1.77 6.19
C HIS A 151 1.66 2.40 5.54
N ALA A 152 1.48 3.13 4.48
CA ALA A 152 2.65 3.78 3.81
C ALA A 152 3.43 4.60 4.83
N GLU A 153 2.75 5.19 5.77
CA GLU A 153 3.44 6.01 6.80
C GLU A 153 4.16 5.09 7.78
N GLU A 154 3.98 3.79 7.67
CA GLU A 154 4.64 2.85 8.60
C GLU A 154 6.15 2.83 8.33
N VAL A 155 6.53 2.66 7.09
CA VAL A 155 7.99 2.62 6.77
C VAL A 155 8.70 3.82 7.44
N GLN A 156 8.19 5.00 7.23
CA GLN A 156 8.84 6.20 7.85
C GLN A 156 8.96 5.99 9.36
N LYS A 157 8.09 5.21 9.94
CA LYS A 157 8.15 4.96 11.40
C LYS A 157 9.31 4.00 11.71
N LYS A 158 9.40 2.92 10.98
CA LYS A 158 10.48 1.94 11.22
C LYS A 158 11.79 2.47 10.62
N LEU A 159 11.70 3.38 9.70
CA LEU A 159 12.94 3.94 9.08
C LEU A 159 13.63 4.87 10.07
N HIS A 160 12.89 5.50 10.93
CA HIS A 160 13.51 6.42 11.93
C HIS A 160 14.45 5.62 12.84
N GLU A 161 13.98 4.54 13.40
CA GLU A 161 14.84 3.73 14.29
C GLU A 161 15.87 2.96 13.44
N ALA A 162 15.71 2.97 12.15
CA ALA A 162 16.68 2.25 11.28
C ALA A 162 17.96 3.07 11.15
N ALA A 163 17.85 4.37 11.15
CA ALA A 163 19.06 5.22 11.03
C ALA A 163 19.84 5.21 12.34
N THR A 164 19.24 4.72 13.39
CA THR A 164 19.93 4.68 14.70
C THR A 164 19.58 3.37 15.43
N LYS A 165 19.12 2.39 14.71
CA LYS A 165 18.76 1.09 15.35
C LYS A 165 17.84 1.36 16.55
N GLN A 166 18.39 1.54 17.71
CA GLN A 166 17.55 1.80 18.91
C GLN A 166 16.88 3.16 18.77
N ASP A 1 -25.58 17.61 -17.74
CA ASP A 1 -25.83 17.95 -16.31
C ASP A 1 -24.66 18.77 -15.78
N ALA A 2 -24.51 18.84 -14.48
CA ALA A 2 -23.40 19.63 -13.89
C ALA A 2 -22.61 18.75 -12.91
N PRO A 3 -21.34 19.02 -12.78
CA PRO A 3 -20.45 18.28 -11.88
C PRO A 3 -20.63 18.74 -10.43
N ALA A 4 -21.86 18.88 -9.99
CA ALA A 4 -22.09 19.33 -8.59
C ALA A 4 -22.41 18.12 -7.71
N GLY A 5 -22.21 16.93 -8.23
CA GLY A 5 -22.50 15.71 -7.41
C GLY A 5 -21.28 15.37 -6.55
N GLY A 6 -20.11 15.67 -7.02
CA GLY A 6 -18.88 15.36 -6.22
C GLY A 6 -18.97 13.93 -5.69
N ASN A 7 -19.66 13.06 -6.38
CA ASN A 7 -19.78 11.66 -5.91
C ASN A 7 -18.53 10.88 -6.31
N ALA A 8 -17.96 11.20 -7.45
CA ALA A 8 -16.74 10.48 -7.90
C ALA A 8 -15.79 10.31 -6.72
N PHE A 9 -15.24 9.13 -6.55
CA PHE A 9 -14.30 8.90 -5.42
C PHE A 9 -12.86 8.88 -5.94
N GLU A 10 -12.60 9.54 -7.04
CA GLU A 10 -11.23 9.56 -7.60
C GLU A 10 -10.30 10.31 -6.64
N GLU A 11 -10.84 11.19 -5.85
CA GLU A 11 -9.98 11.95 -4.89
C GLU A 11 -9.62 11.06 -3.70
N MET A 12 -10.17 9.88 -3.66
CA MET A 12 -9.85 8.95 -2.53
C MET A 12 -8.39 8.52 -2.62
N GLU A 13 -8.01 7.96 -3.73
CA GLU A 13 -6.59 7.50 -3.88
C GLU A 13 -5.70 8.71 -4.17
N LYS A 14 -6.27 9.78 -4.64
CA LYS A 14 -5.47 10.99 -4.96
C LYS A 14 -4.85 11.54 -3.67
N HIS A 15 -5.60 11.58 -2.60
CA HIS A 15 -5.06 12.10 -1.33
C HIS A 15 -4.16 11.04 -0.67
N ALA A 16 -4.39 9.79 -0.98
CA ALA A 16 -3.56 8.71 -0.39
C ALA A 16 -2.21 8.66 -1.11
N LYS A 17 -2.21 8.79 -2.40
CA LYS A 17 -0.93 8.75 -3.17
C LYS A 17 0.08 9.70 -2.52
N GLU A 18 -0.35 10.89 -2.19
CA GLU A 18 0.59 11.86 -1.56
C GLU A 18 1.24 11.22 -0.33
N PHE A 19 0.57 10.27 0.27
CA PHE A 19 1.15 9.60 1.47
C PHE A 19 2.21 8.60 1.03
N GLN A 20 2.22 8.21 -0.22
CA GLN A 20 3.24 7.25 -0.70
C GLN A 20 4.57 7.98 -0.91
N LYS A 21 4.52 9.25 -1.19
CA LYS A 21 5.78 10.02 -1.40
C LYS A 21 6.42 10.33 -0.06
N THR A 22 5.71 10.10 1.03
CA THR A 22 6.29 10.39 2.37
C THR A 22 7.26 9.28 2.77
N PHE A 23 6.97 8.06 2.41
CA PHE A 23 7.90 6.95 2.79
C PHE A 23 9.10 6.95 1.84
N SER A 24 8.90 7.39 0.62
CA SER A 24 10.03 7.41 -0.35
C SER A 24 11.09 8.42 0.13
N GLU A 25 10.68 9.41 0.86
CA GLU A 25 11.66 10.43 1.34
C GLU A 25 12.30 9.93 2.64
N GLN A 26 11.58 9.15 3.42
CA GLN A 26 12.16 8.65 4.70
C GLN A 26 13.11 7.50 4.40
N PHE A 27 12.78 6.66 3.44
CA PHE A 27 13.67 5.52 3.11
C PHE A 27 15.12 6.01 3.02
N ASN A 28 15.35 7.08 2.31
CA ASN A 28 16.74 7.60 2.18
C ASN A 28 17.15 8.31 3.49
N SER A 29 16.20 8.59 4.34
CA SER A 29 16.53 9.27 5.62
C SER A 29 17.12 8.25 6.60
N LEU A 30 16.72 7.02 6.50
CA LEU A 30 17.25 5.97 7.42
C LEU A 30 18.66 5.56 7.00
N VAL A 31 18.96 5.68 5.73
CA VAL A 31 20.32 5.29 5.25
C VAL A 31 21.38 5.91 6.16
N ASN A 32 21.96 5.14 7.04
CA ASN A 32 23.00 5.69 7.95
C ASN A 32 23.35 4.65 9.01
N SER A 33 24.05 5.06 10.04
CA SER A 33 24.42 4.08 11.12
C SER A 33 25.31 2.99 10.53
N LYS A 34 25.32 1.83 11.12
CA LYS A 34 26.17 0.72 10.60
C LYS A 34 25.49 0.09 9.38
N ASN A 35 26.23 -0.18 8.35
CA ASN A 35 25.62 -0.81 7.14
C ASN A 35 26.72 -1.50 6.32
N THR A 36 26.95 -2.75 6.61
CA THR A 36 28.00 -3.50 5.84
C THR A 36 27.79 -5.00 6.01
N GLN A 37 26.69 -5.51 5.53
CA GLN A 37 26.42 -6.97 5.65
C GLN A 37 26.19 -7.31 7.13
N ASP A 38 25.98 -6.32 7.96
CA ASP A 38 25.75 -6.59 9.40
C ASP A 38 24.57 -5.74 9.89
N PHE A 39 23.84 -5.14 8.99
CA PHE A 39 22.69 -4.29 9.41
C PHE A 39 21.64 -4.26 8.29
N ASN A 40 21.70 -5.20 7.39
CA ASN A 40 20.71 -5.23 6.27
C ASN A 40 19.43 -5.92 6.74
N LYS A 41 19.48 -6.59 7.86
CA LYS A 41 18.27 -7.28 8.37
C LYS A 41 17.33 -6.24 9.01
N ALA A 42 17.75 -5.02 9.10
CA ALA A 42 16.88 -3.98 9.71
C ALA A 42 15.78 -3.59 8.74
N LEU A 43 15.97 -3.82 7.46
CA LEU A 43 14.92 -3.48 6.47
C LEU A 43 13.76 -4.46 6.58
N LYS A 44 14.06 -5.72 6.73
CA LYS A 44 12.96 -6.73 6.84
C LYS A 44 12.09 -6.42 8.05
N ASP A 45 12.65 -5.79 9.05
CA ASP A 45 11.84 -5.47 10.27
C ASP A 45 10.96 -4.25 9.98
N GLY A 46 11.56 -3.17 9.55
CA GLY A 46 10.76 -1.94 9.27
C GLY A 46 10.07 -2.05 7.91
N SER A 47 10.73 -2.59 6.93
CA SER A 47 10.12 -2.70 5.58
C SER A 47 9.13 -3.88 5.54
N ASP A 48 9.57 -5.05 5.87
CA ASP A 48 8.64 -6.23 5.84
C ASP A 48 7.50 -6.00 6.83
N SER A 49 7.65 -5.08 7.73
CA SER A 49 6.57 -4.81 8.72
C SER A 49 5.45 -4.00 8.06
N VAL A 50 5.80 -3.13 7.14
CA VAL A 50 4.75 -2.31 6.47
C VAL A 50 4.05 -3.15 5.41
N LEU A 51 4.59 -4.28 5.07
CA LEU A 51 3.94 -5.15 4.05
C LEU A 51 2.68 -5.79 4.65
N GLN A 52 2.82 -6.47 5.76
CA GLN A 52 1.63 -7.10 6.39
C GLN A 52 0.72 -6.01 6.93
N GLN A 53 1.26 -4.83 7.15
CA GLN A 53 0.43 -3.72 7.68
C GLN A 53 -0.42 -3.13 6.54
N LEU A 54 0.18 -2.84 5.43
CA LEU A 54 -0.58 -2.27 4.29
C LEU A 54 -1.37 -3.38 3.59
N SER A 55 -0.81 -4.56 3.54
CA SER A 55 -1.53 -5.68 2.86
C SER A 55 -2.85 -5.96 3.59
N ALA A 56 -3.03 -5.41 4.76
CA ALA A 56 -4.29 -5.64 5.51
C ALA A 56 -5.46 -4.96 4.80
N PHE A 57 -5.28 -3.74 4.35
CA PHE A 57 -6.38 -3.03 3.65
C PHE A 57 -7.03 -3.99 2.64
N SER A 58 -6.27 -4.88 2.09
CA SER A 58 -6.84 -5.84 1.09
C SER A 58 -8.17 -6.40 1.61
N SER A 59 -8.22 -6.71 2.88
CA SER A 59 -9.49 -7.26 3.46
C SER A 59 -10.62 -6.25 3.25
N SER A 60 -10.30 -5.03 2.93
CA SER A 60 -11.36 -4.00 2.71
C SER A 60 -11.99 -4.20 1.34
N LEU A 61 -11.19 -4.44 0.33
CA LEU A 61 -11.75 -4.64 -1.03
C LEU A 61 -12.67 -5.86 -1.04
N GLN A 62 -12.38 -6.83 -0.22
CA GLN A 62 -13.25 -8.05 -0.17
C GLN A 62 -14.60 -7.69 0.46
N GLY A 63 -14.66 -6.62 1.19
CA GLY A 63 -15.94 -6.23 1.84
C GLY A 63 -16.94 -5.79 0.77
N ALA A 64 -16.46 -5.18 -0.28
CA ALA A 64 -17.39 -4.73 -1.37
C ALA A 64 -17.79 -5.94 -2.22
N ILE A 65 -16.84 -6.71 -2.67
CA ILE A 65 -17.18 -7.89 -3.51
C ILE A 65 -18.04 -8.86 -2.71
N SER A 66 -18.04 -8.73 -1.41
CA SER A 66 -18.86 -9.65 -0.56
C SER A 66 -20.25 -9.80 -1.19
N ASP A 67 -20.87 -8.71 -1.55
CA ASP A 67 -22.23 -8.79 -2.17
C ASP A 67 -22.30 -7.85 -3.38
N ALA A 68 -21.25 -7.75 -4.13
CA ALA A 68 -21.25 -6.86 -5.32
C ALA A 68 -22.37 -7.27 -6.28
N ASN A 69 -22.37 -6.75 -7.47
CA ASN A 69 -23.43 -7.13 -8.45
C ASN A 69 -23.01 -8.39 -9.20
N GLY A 70 -21.81 -8.42 -9.73
CA GLY A 70 -21.34 -9.61 -10.47
C GLY A 70 -20.25 -9.21 -11.46
N LYS A 71 -20.18 -7.95 -11.80
CA LYS A 71 -19.14 -7.49 -12.75
C LYS A 71 -18.07 -6.69 -12.00
N ALA A 72 -18.47 -5.69 -11.27
CA ALA A 72 -17.48 -4.88 -10.52
C ALA A 72 -16.89 -5.71 -9.38
N LYS A 73 -17.42 -6.89 -9.15
CA LYS A 73 -16.89 -7.74 -8.05
C LYS A 73 -15.59 -8.40 -8.50
N GLU A 74 -15.44 -8.64 -9.77
CA GLU A 74 -14.19 -9.28 -10.27
C GLU A 74 -13.04 -8.27 -10.24
N ALA A 75 -13.22 -7.14 -10.87
CA ALA A 75 -12.14 -6.11 -10.88
C ALA A 75 -11.89 -5.62 -9.44
N LEU A 76 -12.83 -5.85 -8.56
CA LEU A 76 -12.64 -5.39 -7.15
C LEU A 76 -11.70 -6.35 -6.43
N GLU A 77 -11.79 -7.62 -6.72
CA GLU A 77 -10.90 -8.61 -6.04
C GLU A 77 -9.50 -8.55 -6.67
N GLN A 78 -9.38 -7.98 -7.83
CA GLN A 78 -8.05 -7.89 -8.49
C GLN A 78 -7.20 -6.84 -7.78
N ALA A 79 -7.77 -5.71 -7.46
CA ALA A 79 -6.99 -4.65 -6.77
C ALA A 79 -6.80 -5.03 -5.30
N ARG A 80 -7.53 -6.02 -4.84
CA ARG A 80 -7.39 -6.44 -3.41
C ARG A 80 -6.10 -7.25 -3.23
N GLN A 81 -5.92 -8.28 -4.01
CA GLN A 81 -4.69 -9.10 -3.89
C GLN A 81 -3.52 -8.38 -4.57
N ASN A 82 -3.75 -7.84 -5.73
CA ASN A 82 -2.65 -7.13 -6.45
C ASN A 82 -1.88 -6.24 -5.46
N VAL A 83 -2.57 -5.56 -4.59
CA VAL A 83 -1.88 -4.69 -3.61
C VAL A 83 -1.36 -5.54 -2.45
N GLU A 84 -1.94 -6.69 -2.22
CA GLU A 84 -1.49 -7.55 -1.11
C GLU A 84 -0.20 -8.28 -1.51
N LYS A 85 -0.11 -8.71 -2.74
CA LYS A 85 1.12 -9.41 -3.19
C LYS A 85 2.24 -8.40 -3.45
N THR A 86 1.90 -7.26 -4.00
CA THR A 86 2.94 -6.23 -4.29
C THR A 86 3.59 -5.78 -2.97
N ALA A 87 2.84 -5.78 -1.90
CA ALA A 87 3.41 -5.35 -0.60
C ALA A 87 4.22 -6.50 0.01
N GLU A 88 3.61 -7.64 0.17
CA GLU A 88 4.35 -8.81 0.75
C GLU A 88 5.32 -9.37 -0.28
N GLU A 89 5.29 -8.86 -1.48
CA GLU A 89 6.20 -9.37 -2.54
C GLU A 89 7.60 -9.59 -1.96
N LEU A 90 8.17 -8.58 -1.36
CA LEU A 90 9.54 -8.74 -0.76
C LEU A 90 9.42 -9.43 0.59
N ARG A 91 8.23 -9.53 1.12
CA ARG A 91 8.06 -10.18 2.45
C ARG A 91 8.52 -11.64 2.36
N LYS A 92 8.42 -12.24 1.21
CA LYS A 92 8.86 -13.65 1.06
C LYS A 92 10.39 -13.71 1.06
N ALA A 93 11.03 -12.65 0.67
CA ALA A 93 12.52 -12.65 0.66
C ALA A 93 13.05 -11.99 1.93
N HIS A 94 12.86 -12.64 3.06
CA HIS A 94 13.35 -12.04 4.33
C HIS A 94 14.88 -12.10 4.39
N PRO A 95 15.42 -13.28 4.17
CA PRO A 95 16.88 -13.49 4.18
C PRO A 95 17.51 -13.02 2.86
N ASP A 96 16.76 -13.09 1.79
CA ASP A 96 17.31 -12.64 0.48
C ASP A 96 17.72 -11.17 0.57
N VAL A 97 16.97 -10.37 1.29
CA VAL A 97 17.32 -8.93 1.41
C VAL A 97 18.59 -8.79 2.25
N GLU A 98 18.56 -9.24 3.47
CA GLU A 98 19.77 -9.13 4.34
C GLU A 98 20.88 -10.02 3.78
N LYS A 99 20.55 -10.89 2.86
CA LYS A 99 21.59 -11.78 2.28
C LYS A 99 22.37 -11.01 1.20
N GLU A 100 21.69 -10.54 0.19
CA GLU A 100 22.38 -9.78 -0.88
C GLU A 100 22.60 -8.34 -0.41
N ALA A 101 21.72 -7.83 0.40
CA ALA A 101 21.87 -6.44 0.90
C ALA A 101 22.29 -5.53 -0.25
N ASN A 102 21.70 -5.71 -1.41
CA ASN A 102 22.07 -4.85 -2.57
C ASN A 102 20.98 -3.81 -2.80
N ALA A 103 19.83 -4.23 -3.28
CA ALA A 103 18.73 -3.26 -3.52
C ALA A 103 17.66 -3.43 -2.44
N PHE A 104 18.02 -3.97 -1.32
CA PHE A 104 17.02 -4.16 -0.23
C PHE A 104 16.14 -2.92 -0.10
N LYS A 105 16.71 -1.76 -0.31
CA LYS A 105 15.91 -0.51 -0.20
C LYS A 105 14.95 -0.42 -1.39
N ASP A 106 15.38 -0.84 -2.54
CA ASP A 106 14.49 -0.78 -3.74
C ASP A 106 13.49 -1.93 -3.70
N LYS A 107 13.63 -2.83 -2.76
CA LYS A 107 12.69 -3.97 -2.68
C LYS A 107 11.31 -3.46 -2.25
N LEU A 108 11.25 -2.79 -1.14
CA LEU A 108 9.94 -2.27 -0.65
C LEU A 108 9.57 -1.01 -1.44
N GLN A 109 10.45 -0.05 -1.50
CA GLN A 109 10.16 1.21 -2.24
C GLN A 109 9.47 0.87 -3.57
N ALA A 110 9.91 -0.17 -4.23
CA ALA A 110 9.28 -0.53 -5.53
C ALA A 110 7.91 -1.16 -5.27
N ALA A 111 7.79 -1.94 -4.23
CA ALA A 111 6.48 -2.60 -3.92
C ALA A 111 5.53 -1.59 -3.27
N VAL A 112 6.06 -0.68 -2.50
CA VAL A 112 5.18 0.32 -1.82
C VAL A 112 4.62 1.30 -2.86
N GLN A 113 5.47 1.84 -3.70
CA GLN A 113 4.99 2.80 -4.73
C GLN A 113 3.86 2.16 -5.55
N THR A 114 3.88 0.87 -5.68
CA THR A 114 2.80 0.19 -6.47
C THR A 114 1.52 0.10 -5.63
N THR A 115 1.66 0.05 -4.34
CA THR A 115 0.46 -0.04 -3.47
C THR A 115 -0.55 1.04 -3.87
N VAL A 116 -0.14 2.27 -3.87
CA VAL A 116 -1.07 3.37 -4.25
C VAL A 116 -1.23 3.41 -5.76
N GLN A 117 -0.36 2.77 -6.48
CA GLN A 117 -0.46 2.77 -7.97
C GLN A 117 -1.71 1.99 -8.40
N GLU A 118 -2.10 1.01 -7.62
CA GLU A 118 -3.30 0.21 -7.99
C GLU A 118 -4.56 1.00 -7.64
N SER A 119 -4.51 1.77 -6.60
CA SER A 119 -5.72 2.58 -6.21
C SER A 119 -6.14 3.46 -7.38
N GLN A 120 -5.27 3.66 -8.34
CA GLN A 120 -5.62 4.52 -9.50
C GLN A 120 -6.53 3.73 -10.46
N LYS A 121 -6.11 2.55 -10.84
CA LYS A 121 -6.93 1.73 -11.77
C LYS A 121 -8.33 1.53 -11.17
N LEU A 122 -8.39 1.09 -9.94
CA LEU A 122 -9.72 0.87 -9.31
C LEU A 122 -10.44 2.21 -9.13
N ALA A 123 -9.70 3.27 -9.00
CA ALA A 123 -10.33 4.61 -8.84
C ALA A 123 -11.09 4.98 -10.11
N LYS A 124 -10.47 4.82 -11.25
CA LYS A 124 -11.15 5.17 -12.53
C LYS A 124 -12.31 4.20 -12.76
N GLU A 125 -12.17 2.97 -12.33
CA GLU A 125 -13.28 1.99 -12.53
C GLU A 125 -14.50 2.41 -11.72
N VAL A 126 -14.33 2.63 -10.44
CA VAL A 126 -15.49 3.05 -9.60
C VAL A 126 -15.87 4.49 -9.95
N ALA A 127 -15.07 5.17 -10.72
CA ALA A 127 -15.39 6.57 -11.10
C ALA A 127 -16.66 6.59 -11.96
N SER A 128 -17.11 5.44 -12.39
CA SER A 128 -18.33 5.40 -13.23
C SER A 128 -19.42 6.29 -12.62
N ASN A 129 -19.68 6.12 -11.35
CA ASN A 129 -20.72 6.96 -10.69
C ASN A 129 -22.09 6.61 -11.29
N MET A 130 -22.24 5.43 -11.81
CA MET A 130 -23.56 5.04 -12.40
C MET A 130 -24.64 5.13 -11.32
N GLU A 131 -24.32 4.76 -10.12
CA GLU A 131 -25.34 4.83 -9.03
C GLU A 131 -26.47 3.84 -9.33
N GLU A 132 -26.23 2.89 -10.18
CA GLU A 132 -27.29 1.90 -10.52
C GLU A 132 -26.95 0.54 -9.89
N THR A 133 -25.76 0.40 -9.37
CA THR A 133 -25.37 -0.89 -8.74
C THR A 133 -23.94 -0.80 -8.24
N ASN A 134 -23.62 0.24 -7.51
CA ASN A 134 -22.23 0.39 -6.99
C ASN A 134 -22.28 1.00 -5.59
N LYS A 135 -23.32 0.74 -4.84
CA LYS A 135 -23.42 1.30 -3.47
C LYS A 135 -22.69 0.39 -2.49
N LYS A 136 -22.59 -0.87 -2.80
CA LYS A 136 -21.88 -1.82 -1.88
C LYS A 136 -20.40 -1.43 -1.79
N LEU A 137 -19.90 -0.73 -2.76
CA LEU A 137 -18.47 -0.33 -2.73
C LEU A 137 -18.29 0.87 -1.80
N ALA A 138 -19.36 1.42 -1.29
CA ALA A 138 -19.24 2.59 -0.38
C ALA A 138 -18.47 2.20 0.89
N PRO A 139 -18.95 1.19 1.57
CA PRO A 139 -18.32 0.70 2.80
C PRO A 139 -17.07 -0.13 2.47
N LYS A 140 -16.21 0.37 1.64
CA LYS A 140 -14.98 -0.39 1.27
C LYS A 140 -13.92 0.58 0.76
N ILE A 141 -14.32 1.58 0.02
CA ILE A 141 -13.33 2.56 -0.51
C ILE A 141 -12.76 3.39 0.63
N LYS A 142 -13.46 3.44 1.74
CA LYS A 142 -12.97 4.24 2.89
C LYS A 142 -11.75 3.55 3.51
N GLN A 143 -11.85 2.27 3.77
CA GLN A 143 -10.69 1.54 4.36
C GLN A 143 -9.66 1.26 3.27
N ALA A 144 -10.00 1.54 2.04
CA ALA A 144 -9.03 1.28 0.93
C ALA A 144 -7.95 2.39 0.92
N TYR A 145 -8.37 3.61 0.78
CA TYR A 145 -7.38 4.73 0.76
C TYR A 145 -6.97 5.08 2.19
N ASP A 146 -7.83 4.85 3.14
CA ASP A 146 -7.50 5.17 4.55
C ASP A 146 -6.34 4.27 5.01
N ASP A 147 -6.29 3.07 4.52
CA ASP A 147 -5.20 2.14 4.93
C ASP A 147 -3.91 2.52 4.20
N PHE A 148 -4.02 3.08 3.03
CA PHE A 148 -2.80 3.47 2.26
C PHE A 148 -2.09 4.61 2.98
N VAL A 149 -2.82 5.55 3.52
CA VAL A 149 -2.18 6.68 4.23
C VAL A 149 -1.85 6.27 5.66
N LYS A 150 -2.46 5.23 6.15
CA LYS A 150 -2.19 4.78 7.53
C LYS A 150 -0.86 4.01 7.58
N HIS A 151 -0.72 3.00 6.77
CA HIS A 151 0.55 2.21 6.76
C HIS A 151 1.63 2.99 5.99
N ALA A 152 1.24 3.77 5.02
CA ALA A 152 2.24 4.53 4.23
C ALA A 152 3.23 5.23 5.19
N GLU A 153 2.72 6.01 6.11
CA GLU A 153 3.62 6.72 7.06
C GLU A 153 4.12 5.73 8.12
N GLU A 154 3.63 4.51 8.09
CA GLU A 154 4.09 3.51 9.10
C GLU A 154 5.55 3.15 8.85
N VAL A 155 5.92 2.94 7.61
CA VAL A 155 7.33 2.59 7.30
C VAL A 155 8.24 3.75 7.69
N GLN A 156 7.86 4.96 7.37
CA GLN A 156 8.71 6.13 7.73
C GLN A 156 8.94 6.14 9.24
N LYS A 157 8.01 5.63 9.99
CA LYS A 157 8.17 5.61 11.48
C LYS A 157 9.23 4.58 11.86
N LYS A 158 9.16 3.41 11.31
CA LYS A 158 10.16 2.35 11.65
C LYS A 158 11.53 2.74 11.06
N LEU A 159 11.55 3.20 9.84
CA LEU A 159 12.84 3.60 9.22
C LEU A 159 13.44 4.77 10.00
N HIS A 160 12.63 5.66 10.48
CA HIS A 160 13.16 6.82 11.25
C HIS A 160 14.22 6.33 12.23
N GLU A 161 13.94 5.30 12.96
CA GLU A 161 14.93 4.77 13.94
C GLU A 161 16.01 3.98 13.20
N ALA A 162 15.70 3.47 12.02
CA ALA A 162 16.70 2.69 11.26
C ALA A 162 17.93 3.57 10.98
N ALA A 163 17.79 4.86 11.13
CA ALA A 163 18.95 5.76 10.87
C ALA A 163 20.06 5.47 11.88
N THR A 164 19.76 4.69 12.90
CA THR A 164 20.80 4.37 13.91
C THR A 164 20.23 3.41 14.94
N LYS A 165 19.32 2.56 14.54
CA LYS A 165 18.71 1.60 15.50
C LYS A 165 17.88 2.35 16.53
N GLN A 166 18.53 3.10 17.39
CA GLN A 166 17.79 3.87 18.42
C GLN A 166 17.35 5.22 17.84
N ASP A 1 -18.97 24.71 3.92
CA ASP A 1 -19.21 23.25 3.77
C ASP A 1 -18.13 22.64 2.88
N ALA A 2 -18.02 21.34 2.88
CA ALA A 2 -16.99 20.68 2.02
C ALA A 2 -17.40 20.77 0.56
N PRO A 3 -16.44 20.63 -0.32
CA PRO A 3 -16.67 20.70 -1.78
C PRO A 3 -17.25 19.37 -2.28
N ALA A 4 -18.23 18.84 -1.61
CA ALA A 4 -18.83 17.56 -2.05
C ALA A 4 -17.77 16.45 -2.02
N GLY A 5 -17.54 15.89 -0.87
CA GLY A 5 -16.51 14.81 -0.76
C GLY A 5 -17.16 13.54 -0.19
N GLY A 6 -16.55 12.41 -0.41
CA GLY A 6 -17.13 11.14 0.12
C GLY A 6 -17.93 10.45 -0.97
N ASN A 7 -18.24 11.15 -2.04
CA ASN A 7 -19.02 10.52 -3.14
C ASN A 7 -18.10 10.32 -4.35
N ALA A 8 -16.96 9.75 -4.15
CA ALA A 8 -16.03 9.51 -5.29
C ALA A 8 -14.64 9.14 -4.76
N PHE A 9 -14.17 7.97 -5.09
CA PHE A 9 -12.83 7.54 -4.60
C PHE A 9 -11.74 8.21 -5.45
N GLU A 10 -12.04 8.53 -6.68
CA GLU A 10 -11.02 9.18 -7.56
C GLU A 10 -10.31 10.27 -6.77
N GLU A 11 -11.05 11.10 -6.07
CA GLU A 11 -10.42 12.19 -5.29
C GLU A 11 -9.66 11.59 -4.10
N MET A 12 -10.10 10.46 -3.61
CA MET A 12 -9.40 9.82 -2.46
C MET A 12 -8.06 9.25 -2.93
N GLU A 13 -8.08 8.41 -3.93
CA GLU A 13 -6.81 7.84 -4.44
C GLU A 13 -5.78 8.95 -4.63
N LYS A 14 -6.23 10.12 -4.99
CA LYS A 14 -5.29 11.26 -5.20
C LYS A 14 -4.71 11.69 -3.85
N HIS A 15 -5.52 11.76 -2.83
CA HIS A 15 -5.01 12.19 -1.50
C HIS A 15 -4.13 11.07 -0.92
N ALA A 16 -4.29 9.86 -1.40
CA ALA A 16 -3.46 8.74 -0.88
C ALA A 16 -2.07 8.80 -1.52
N LYS A 17 -2.00 9.05 -2.79
CA LYS A 17 -0.67 9.12 -3.48
C LYS A 17 0.22 10.13 -2.76
N GLU A 18 -0.28 11.30 -2.49
CA GLU A 18 0.56 12.33 -1.80
C GLU A 18 1.16 11.72 -0.54
N PHE A 19 0.47 10.81 0.10
CA PHE A 19 1.01 10.18 1.33
C PHE A 19 2.09 9.18 0.95
N GLN A 20 2.11 8.74 -0.28
CA GLN A 20 3.15 7.76 -0.71
C GLN A 20 4.47 8.50 -0.95
N LYS A 21 4.41 9.76 -1.27
CA LYS A 21 5.65 10.54 -1.52
C LYS A 21 6.31 10.91 -0.19
N THR A 22 5.61 10.73 0.90
CA THR A 22 6.21 11.08 2.22
C THR A 22 7.19 9.98 2.63
N PHE A 23 6.87 8.75 2.39
CA PHE A 23 7.80 7.64 2.78
C PHE A 23 8.92 7.55 1.74
N SER A 24 8.65 7.91 0.52
CA SER A 24 9.71 7.85 -0.53
C SER A 24 10.90 8.71 -0.10
N GLU A 25 10.64 9.81 0.54
CA GLU A 25 11.76 10.69 0.98
C GLU A 25 12.27 10.21 2.35
N GLN A 26 11.45 9.48 3.06
CA GLN A 26 11.88 8.98 4.40
C GLN A 26 12.89 7.86 4.21
N PHE A 27 12.71 7.04 3.21
CA PHE A 27 13.65 5.91 2.98
C PHE A 27 15.08 6.43 3.04
N ASN A 28 15.30 7.66 2.63
CA ASN A 28 16.68 8.22 2.67
C ASN A 28 17.26 8.03 4.07
N SER A 29 16.42 7.97 5.06
CA SER A 29 16.93 7.78 6.45
C SER A 29 17.32 6.32 6.67
N LEU A 30 16.88 5.45 5.79
CA LEU A 30 17.22 4.00 5.94
C LEU A 30 18.72 3.81 5.72
N VAL A 31 19.27 4.45 4.74
CA VAL A 31 20.74 4.30 4.47
C VAL A 31 21.52 4.75 5.71
N ASN A 32 20.99 5.68 6.45
CA ASN A 32 21.71 6.15 7.67
C ASN A 32 21.71 5.05 8.73
N SER A 33 22.49 4.02 8.51
CA SER A 33 22.54 2.92 9.51
C SER A 33 23.99 2.51 9.75
N LYS A 34 24.22 1.36 10.31
CA LYS A 34 25.62 0.91 10.56
C LYS A 34 26.26 0.45 9.26
N ASN A 35 27.19 -0.46 9.33
CA ASN A 35 27.85 -0.95 8.08
C ASN A 35 28.79 -2.10 8.42
N THR A 36 28.26 -3.19 8.93
CA THR A 36 29.12 -4.34 9.29
C THR A 36 28.35 -5.65 9.07
N GLN A 37 27.53 -5.70 8.06
CA GLN A 37 26.74 -6.94 7.79
C GLN A 37 25.70 -7.13 8.91
N ASP A 38 25.35 -6.07 9.58
CA ASP A 38 24.34 -6.19 10.67
C ASP A 38 23.42 -4.97 10.67
N PHE A 39 23.11 -4.47 9.50
CA PHE A 39 22.21 -3.28 9.43
C PHE A 39 20.98 -3.61 8.61
N ASN A 40 21.11 -4.51 7.66
CA ASN A 40 19.93 -4.88 6.81
C ASN A 40 18.89 -5.58 7.69
N LYS A 41 19.32 -6.27 8.71
CA LYS A 41 18.34 -6.98 9.59
C LYS A 41 17.21 -6.01 9.96
N ALA A 42 17.48 -4.74 9.99
CA ALA A 42 16.41 -3.75 10.35
C ALA A 42 15.50 -3.54 9.14
N LEU A 43 16.00 -3.82 7.96
CA LEU A 43 15.16 -3.63 6.74
C LEU A 43 14.04 -4.68 6.72
N LYS A 44 14.38 -5.92 6.89
CA LYS A 44 13.33 -6.99 6.89
C LYS A 44 12.35 -6.75 8.04
N ASP A 45 12.80 -6.13 9.10
CA ASP A 45 11.90 -5.87 10.25
C ASP A 45 11.00 -4.68 9.93
N GLY A 46 11.57 -3.58 9.54
CA GLY A 46 10.75 -2.38 9.21
C GLY A 46 10.11 -2.55 7.84
N SER A 47 10.82 -3.14 6.91
CA SER A 47 10.24 -3.32 5.55
C SER A 47 9.17 -4.41 5.58
N ASP A 48 9.51 -5.58 6.06
CA ASP A 48 8.51 -6.68 6.12
C ASP A 48 7.36 -6.29 7.06
N SER A 49 7.56 -5.27 7.86
CA SER A 49 6.48 -4.85 8.80
C SER A 49 5.41 -4.07 8.03
N VAL A 50 5.81 -3.11 7.26
CA VAL A 50 4.81 -2.30 6.49
C VAL A 50 4.02 -3.22 5.55
N LEU A 51 4.52 -4.40 5.30
CA LEU A 51 3.78 -5.33 4.40
C LEU A 51 2.56 -5.88 5.13
N GLN A 52 2.75 -6.46 6.28
CA GLN A 52 1.59 -7.01 7.04
C GLN A 52 0.57 -5.89 7.23
N GLN A 53 1.00 -4.66 7.11
CA GLN A 53 0.06 -3.52 7.28
C GLN A 53 -0.79 -3.37 6.01
N LEU A 54 -0.19 -3.55 4.87
CA LEU A 54 -0.96 -3.42 3.59
C LEU A 54 -1.80 -4.67 3.39
N SER A 55 -1.23 -5.82 3.62
CA SER A 55 -2.02 -7.09 3.44
C SER A 55 -3.40 -6.92 4.08
N ALA A 56 -3.50 -6.08 5.06
CA ALA A 56 -4.83 -5.87 5.72
C ALA A 56 -5.77 -5.17 4.76
N PHE A 57 -5.34 -4.10 4.16
CA PHE A 57 -6.22 -3.36 3.20
C PHE A 57 -6.92 -4.37 2.30
N SER A 58 -6.19 -5.31 1.76
CA SER A 58 -6.82 -6.33 0.87
C SER A 58 -8.07 -6.90 1.53
N SER A 59 -8.11 -6.90 2.83
CA SER A 59 -9.32 -7.44 3.54
C SER A 59 -10.44 -6.41 3.50
N SER A 60 -10.12 -5.18 3.14
CA SER A 60 -11.18 -4.13 3.08
C SER A 60 -12.00 -4.30 1.81
N LEU A 61 -11.35 -4.56 0.70
CA LEU A 61 -12.09 -4.73 -0.58
C LEU A 61 -12.79 -6.10 -0.58
N GLN A 62 -12.09 -7.14 -0.22
CA GLN A 62 -12.70 -8.49 -0.21
C GLN A 62 -14.10 -8.41 0.42
N GLY A 63 -14.31 -7.45 1.28
CA GLY A 63 -15.65 -7.32 1.92
C GLY A 63 -16.68 -6.89 0.89
N ALA A 64 -16.26 -6.15 -0.11
CA ALA A 64 -17.22 -5.71 -1.15
C ALA A 64 -17.52 -6.85 -2.11
N ILE A 65 -16.50 -7.50 -2.63
CA ILE A 65 -16.73 -8.63 -3.55
C ILE A 65 -17.53 -9.72 -2.84
N SER A 66 -17.34 -9.87 -1.55
CA SER A 66 -18.09 -10.91 -0.80
C SER A 66 -19.58 -10.81 -1.12
N ASP A 67 -20.08 -9.61 -1.26
CA ASP A 67 -21.53 -9.44 -1.58
C ASP A 67 -21.70 -8.37 -2.65
N ALA A 68 -20.77 -8.28 -3.57
CA ALA A 68 -20.88 -7.26 -4.64
C ALA A 68 -22.08 -7.59 -5.55
N ASN A 69 -22.25 -6.85 -6.61
CA ASN A 69 -23.41 -7.11 -7.52
C ASN A 69 -23.09 -8.32 -8.40
N GLY A 70 -21.84 -8.49 -8.76
CA GLY A 70 -21.47 -9.65 -9.63
C GLY A 70 -20.50 -9.18 -10.71
N LYS A 71 -20.42 -7.90 -10.94
CA LYS A 71 -19.49 -7.38 -11.98
C LYS A 71 -18.27 -6.75 -11.31
N ALA A 72 -18.46 -5.65 -10.63
CA ALA A 72 -17.31 -4.98 -9.96
C ALA A 72 -16.63 -5.97 -9.01
N LYS A 73 -17.30 -7.01 -8.64
CA LYS A 73 -16.69 -8.02 -7.72
C LYS A 73 -15.41 -8.57 -8.35
N GLU A 74 -15.34 -8.61 -9.65
CA GLU A 74 -14.12 -9.14 -10.32
C GLU A 74 -13.02 -8.07 -10.28
N ALA A 75 -13.38 -6.82 -10.43
CA ALA A 75 -12.36 -5.75 -10.41
C ALA A 75 -11.93 -5.47 -8.97
N LEU A 76 -12.75 -5.83 -8.03
CA LEU A 76 -12.39 -5.59 -6.60
C LEU A 76 -11.39 -6.65 -6.13
N GLU A 77 -11.47 -7.83 -6.66
CA GLU A 77 -10.53 -8.91 -6.26
C GLU A 77 -9.15 -8.64 -6.87
N GLN A 78 -9.10 -7.89 -7.93
CA GLN A 78 -7.79 -7.59 -8.58
C GLN A 78 -7.05 -6.51 -7.78
N ALA A 79 -7.74 -5.46 -7.41
CA ALA A 79 -7.08 -4.37 -6.64
C ALA A 79 -6.81 -4.85 -5.21
N ARG A 80 -7.42 -5.93 -4.81
CA ARG A 80 -7.20 -6.45 -3.42
C ARG A 80 -5.87 -7.16 -3.35
N GLN A 81 -5.62 -8.07 -4.25
CA GLN A 81 -4.33 -8.83 -4.23
C GLN A 81 -3.21 -7.94 -4.81
N ASN A 82 -3.47 -7.27 -5.89
CA ASN A 82 -2.43 -6.39 -6.50
C ASN A 82 -1.71 -5.61 -5.40
N VAL A 83 -2.44 -5.01 -4.50
CA VAL A 83 -1.79 -4.22 -3.42
C VAL A 83 -1.30 -5.18 -2.31
N GLU A 84 -1.93 -6.31 -2.18
CA GLU A 84 -1.50 -7.27 -1.12
C GLU A 84 -0.23 -8.00 -1.56
N LYS A 85 -0.10 -8.28 -2.83
CA LYS A 85 1.11 -8.99 -3.32
C LYS A 85 2.29 -8.01 -3.42
N THR A 86 2.06 -6.86 -3.98
CA THR A 86 3.16 -5.87 -4.12
C THR A 86 3.76 -5.54 -2.74
N ALA A 87 2.95 -5.58 -1.71
CA ALA A 87 3.48 -5.27 -0.35
C ALA A 87 4.17 -6.50 0.23
N GLU A 88 3.47 -7.62 0.28
CA GLU A 88 4.08 -8.85 0.84
C GLU A 88 5.03 -9.48 -0.20
N GLU A 89 5.09 -8.93 -1.38
CA GLU A 89 5.97 -9.50 -2.43
C GLU A 89 7.33 -9.86 -1.82
N LEU A 90 7.99 -8.93 -1.20
CA LEU A 90 9.32 -9.24 -0.60
C LEU A 90 9.11 -9.84 0.80
N ARG A 91 7.94 -9.70 1.36
CA ARG A 91 7.69 -10.27 2.70
C ARG A 91 8.12 -11.73 2.74
N LYS A 92 7.95 -12.44 1.65
CA LYS A 92 8.36 -13.87 1.62
C LYS A 92 9.88 -13.97 1.80
N ALA A 93 10.57 -12.88 1.67
CA ALA A 93 12.05 -12.91 1.83
C ALA A 93 12.43 -12.43 3.24
N HIS A 94 13.69 -12.28 3.51
CA HIS A 94 14.12 -11.82 4.86
C HIS A 94 15.62 -12.06 5.03
N PRO A 95 16.04 -13.28 4.81
CA PRO A 95 17.46 -13.67 4.95
C PRO A 95 18.25 -13.22 3.72
N ASP A 96 17.73 -13.46 2.55
CA ASP A 96 18.45 -13.05 1.31
C ASP A 96 18.70 -11.54 1.34
N VAL A 97 17.94 -10.82 2.11
CA VAL A 97 18.14 -9.35 2.20
C VAL A 97 19.38 -9.04 3.04
N GLU A 98 19.41 -9.51 4.25
CA GLU A 98 20.59 -9.25 5.13
C GLU A 98 21.79 -10.02 4.59
N LYS A 99 21.57 -11.13 3.95
CA LYS A 99 22.71 -11.93 3.42
C LYS A 99 23.55 -11.04 2.49
N GLU A 100 22.96 -10.53 1.44
CA GLU A 100 23.73 -9.66 0.51
C GLU A 100 23.70 -8.21 1.02
N ALA A 101 22.61 -7.80 1.59
CA ALA A 101 22.52 -6.40 2.11
C ALA A 101 23.16 -5.44 1.12
N ASN A 102 23.15 -5.78 -0.15
CA ASN A 102 23.76 -4.88 -1.16
C ASN A 102 22.83 -3.69 -1.40
N ALA A 103 21.55 -3.93 -1.45
CA ALA A 103 20.58 -2.82 -1.68
C ALA A 103 19.23 -3.40 -2.09
N PHE A 104 18.78 -4.43 -1.43
CA PHE A 104 17.47 -5.04 -1.80
C PHE A 104 16.34 -4.17 -1.25
N LYS A 105 16.65 -3.30 -0.33
CA LYS A 105 15.59 -2.43 0.26
C LYS A 105 14.68 -1.91 -0.85
N ASP A 106 15.19 -1.80 -2.05
CA ASP A 106 14.35 -1.30 -3.18
C ASP A 106 13.13 -2.19 -3.34
N LYS A 107 13.18 -3.39 -2.82
CA LYS A 107 12.01 -4.31 -2.95
C LYS A 107 10.80 -3.71 -2.20
N LEU A 108 11.01 -3.25 -1.00
CA LEU A 108 9.88 -2.67 -0.23
C LEU A 108 9.60 -1.25 -0.73
N GLN A 109 10.61 -0.42 -0.77
CA GLN A 109 10.40 0.98 -1.25
C GLN A 109 9.71 0.95 -2.61
N ALA A 110 10.13 0.08 -3.50
CA ALA A 110 9.50 0.01 -4.84
C ALA A 110 8.16 -0.73 -4.74
N ALA A 111 7.94 -1.42 -3.65
CA ALA A 111 6.65 -2.16 -3.49
C ALA A 111 5.54 -1.19 -3.11
N VAL A 112 5.83 -0.23 -2.26
CA VAL A 112 4.79 0.74 -1.85
C VAL A 112 4.49 1.70 -3.01
N GLN A 113 5.50 2.25 -3.61
CA GLN A 113 5.28 3.19 -4.74
C GLN A 113 4.24 2.61 -5.69
N THR A 114 4.11 1.31 -5.72
CA THR A 114 3.11 0.69 -6.64
C THR A 114 1.71 0.83 -6.05
N THR A 115 1.57 0.64 -4.76
CA THR A 115 0.23 0.77 -4.12
C THR A 115 -0.46 2.03 -4.64
N VAL A 116 0.28 3.07 -4.90
CA VAL A 116 -0.33 4.32 -5.40
C VAL A 116 -0.68 4.17 -6.89
N GLN A 117 0.00 3.31 -7.58
CA GLN A 117 -0.28 3.11 -9.03
C GLN A 117 -1.55 2.27 -9.19
N GLU A 118 -1.75 1.32 -8.32
CA GLU A 118 -2.97 0.46 -8.43
C GLU A 118 -4.20 1.28 -8.05
N SER A 119 -4.05 2.24 -7.17
CA SER A 119 -5.22 3.07 -6.78
C SER A 119 -5.78 3.78 -8.01
N GLN A 120 -5.03 3.81 -9.08
CA GLN A 120 -5.52 4.48 -10.31
C GLN A 120 -6.52 3.57 -11.03
N LYS A 121 -6.22 2.31 -11.15
CA LYS A 121 -7.15 1.37 -11.83
C LYS A 121 -8.45 1.27 -11.04
N LEU A 122 -8.36 0.92 -9.79
CA LEU A 122 -9.59 0.80 -8.97
C LEU A 122 -10.21 2.18 -8.74
N ALA A 123 -9.45 3.21 -8.94
CA ALA A 123 -9.98 4.59 -8.75
C ALA A 123 -11.11 4.85 -9.75
N LYS A 124 -10.92 4.45 -10.98
CA LYS A 124 -11.97 4.67 -12.00
C LYS A 124 -13.09 3.63 -11.83
N GLU A 125 -12.74 2.45 -11.40
CA GLU A 125 -13.77 1.39 -11.20
C GLU A 125 -14.96 1.97 -10.41
N VAL A 126 -14.67 2.59 -9.30
CA VAL A 126 -15.78 3.17 -8.48
C VAL A 126 -16.27 4.48 -9.14
N ALA A 127 -15.44 5.09 -9.93
CA ALA A 127 -15.85 6.36 -10.59
C ALA A 127 -17.06 6.09 -11.50
N SER A 128 -17.34 4.84 -11.77
CA SER A 128 -18.50 4.52 -12.65
C SER A 128 -19.80 4.88 -11.94
N ASN A 129 -19.78 4.92 -10.63
CA ASN A 129 -21.02 5.27 -9.87
C ASN A 129 -22.08 4.18 -10.10
N MET A 130 -22.62 4.12 -11.28
CA MET A 130 -23.66 3.08 -11.55
C MET A 130 -24.93 3.41 -10.76
N GLU A 131 -24.84 3.38 -9.45
CA GLU A 131 -26.05 3.68 -8.63
C GLU A 131 -27.11 2.61 -8.86
N GLU A 132 -26.75 1.53 -9.50
CA GLU A 132 -27.74 0.45 -9.74
C GLU A 132 -27.26 -0.85 -9.10
N THR A 133 -26.03 -0.88 -8.65
CA THR A 133 -25.51 -2.11 -8.01
C THR A 133 -24.06 -1.88 -7.55
N ASN A 134 -23.76 -0.70 -7.08
CA ASN A 134 -22.38 -0.41 -6.63
C ASN A 134 -22.42 0.37 -5.31
N LYS A 135 -23.39 0.10 -4.48
CA LYS A 135 -23.49 0.82 -3.18
C LYS A 135 -22.75 0.03 -2.10
N LYS A 136 -22.57 -1.25 -2.30
CA LYS A 136 -21.86 -2.07 -1.29
C LYS A 136 -20.38 -1.68 -1.26
N LEU A 137 -19.87 -1.19 -2.36
CA LEU A 137 -18.43 -0.79 -2.40
C LEU A 137 -18.25 0.58 -1.74
N ALA A 138 -19.31 1.16 -1.26
CA ALA A 138 -19.20 2.50 -0.62
C ALA A 138 -18.42 2.38 0.71
N PRO A 139 -18.91 1.55 1.59
CA PRO A 139 -18.27 1.33 2.91
C PRO A 139 -17.01 0.46 2.77
N LYS A 140 -16.62 0.14 1.57
CA LYS A 140 -15.40 -0.71 1.40
C LYS A 140 -14.25 0.15 0.88
N ILE A 141 -14.55 1.27 0.29
CA ILE A 141 -13.47 2.15 -0.24
C ILE A 141 -12.98 3.08 0.88
N LYS A 142 -13.87 3.57 1.68
CA LYS A 142 -13.48 4.48 2.79
C LYS A 142 -12.37 3.81 3.60
N GLN A 143 -12.46 2.52 3.81
CA GLN A 143 -11.40 1.83 4.60
C GLN A 143 -10.16 1.61 3.73
N ALA A 144 -10.30 1.73 2.44
CA ALA A 144 -9.14 1.54 1.54
C ALA A 144 -8.27 2.80 1.56
N TYR A 145 -8.80 3.91 1.17
CA TYR A 145 -8.00 5.17 1.17
C TYR A 145 -7.35 5.36 2.54
N ASP A 146 -7.91 4.77 3.56
CA ASP A 146 -7.32 4.92 4.92
C ASP A 146 -6.10 4.00 5.05
N ASP A 147 -6.07 2.93 4.32
CA ASP A 147 -4.91 1.99 4.41
C ASP A 147 -3.71 2.56 3.64
N PHE A 148 -3.96 3.28 2.58
CA PHE A 148 -2.84 3.84 1.78
C PHE A 148 -2.02 4.79 2.65
N VAL A 149 -2.64 5.77 3.25
CA VAL A 149 -1.87 6.73 4.10
C VAL A 149 -1.55 6.09 5.44
N LYS A 150 -2.19 5.00 5.76
CA LYS A 150 -1.91 4.33 7.06
C LYS A 150 -0.61 3.53 6.97
N HIS A 151 -0.50 2.67 5.99
CA HIS A 151 0.74 1.85 5.84
C HIS A 151 1.84 2.70 5.21
N ALA A 152 1.49 3.61 4.34
CA ALA A 152 2.52 4.46 3.68
C ALA A 152 3.36 5.16 4.76
N GLU A 153 2.73 5.83 5.68
CA GLU A 153 3.49 6.55 6.74
C GLU A 153 3.98 5.55 7.79
N GLU A 154 3.61 4.30 7.66
CA GLU A 154 4.05 3.29 8.67
C GLU A 154 5.53 2.97 8.45
N VAL A 155 5.94 2.82 7.22
CA VAL A 155 7.37 2.50 6.94
C VAL A 155 8.25 3.63 7.48
N GLN A 156 7.90 4.85 7.22
CA GLN A 156 8.72 5.99 7.72
C GLN A 156 8.94 5.84 9.23
N LYS A 157 8.04 5.18 9.91
CA LYS A 157 8.20 5.00 11.38
C LYS A 157 9.44 4.12 11.64
N LYS A 158 9.51 2.99 11.02
CA LYS A 158 10.68 2.09 11.25
C LYS A 158 11.94 2.75 10.68
N LEU A 159 11.85 3.33 9.51
CA LEU A 159 13.04 3.99 8.91
C LEU A 159 13.62 4.99 9.91
N HIS A 160 12.78 5.75 10.56
CA HIS A 160 13.28 6.75 11.54
C HIS A 160 14.25 6.07 12.52
N GLU A 161 13.87 4.94 13.04
CA GLU A 161 14.76 4.23 14.00
C GLU A 161 15.96 3.64 13.25
N ALA A 162 15.78 3.31 11.99
CA ALA A 162 16.91 2.74 11.20
C ALA A 162 17.96 3.82 10.97
N ALA A 163 17.55 5.05 10.82
CA ALA A 163 18.53 6.15 10.59
C ALA A 163 19.60 6.12 11.67
N THR A 164 19.30 5.53 12.81
CA THR A 164 20.30 5.46 13.91
C THR A 164 19.68 4.75 15.11
N LYS A 165 19.22 3.55 14.93
CA LYS A 165 18.61 2.81 16.07
C LYS A 165 19.48 2.98 17.32
N GLN A 166 20.76 3.15 17.14
CA GLN A 166 21.66 3.33 18.31
C GLN A 166 21.15 4.49 19.18
N ASP A 1 -26.79 20.61 5.05
CA ASP A 1 -26.47 21.28 3.75
C ASP A 1 -24.95 21.39 3.61
N ALA A 2 -24.34 20.51 2.85
CA ALA A 2 -22.87 20.58 2.67
C ALA A 2 -22.39 19.31 1.97
N PRO A 3 -22.35 19.36 0.67
CA PRO A 3 -21.92 18.23 -0.17
C PRO A 3 -20.38 18.13 -0.17
N ALA A 4 -19.85 17.00 -0.56
CA ALA A 4 -18.38 16.84 -0.60
C ALA A 4 -17.97 15.95 -1.76
N GLY A 5 -18.84 15.79 -2.72
CA GLY A 5 -18.52 14.93 -3.89
C GLY A 5 -18.84 13.47 -3.56
N GLY A 6 -20.11 13.15 -3.45
CA GLY A 6 -20.49 11.74 -3.14
C GLY A 6 -20.76 10.98 -4.43
N ASN A 7 -20.43 11.56 -5.56
CA ASN A 7 -20.66 10.87 -6.85
C ASN A 7 -19.54 9.87 -7.11
N ALA A 8 -18.33 10.23 -6.78
CA ALA A 8 -17.19 9.30 -7.01
C ALA A 8 -16.20 9.42 -5.86
N PHE A 9 -15.47 8.37 -5.58
CA PHE A 9 -14.48 8.43 -4.46
C PHE A 9 -13.06 8.29 -5.02
N GLU A 10 -12.93 8.15 -6.32
CA GLU A 10 -11.57 8.00 -6.92
C GLU A 10 -10.71 9.18 -6.51
N GLU A 11 -11.30 10.33 -6.32
CA GLU A 11 -10.50 11.53 -5.93
C GLU A 11 -9.70 11.21 -4.66
N MET A 12 -10.10 10.20 -3.93
CA MET A 12 -9.37 9.85 -2.69
C MET A 12 -8.01 9.25 -3.05
N GLU A 13 -8.00 8.24 -3.88
CA GLU A 13 -6.70 7.61 -4.28
C GLU A 13 -5.67 8.72 -4.55
N LYS A 14 -6.09 9.82 -5.07
CA LYS A 14 -5.14 10.93 -5.36
C LYS A 14 -4.54 11.45 -4.05
N HIS A 15 -5.35 11.63 -3.04
CA HIS A 15 -4.82 12.13 -1.74
C HIS A 15 -4.12 11.00 -1.00
N ALA A 16 -4.39 9.77 -1.38
CA ALA A 16 -3.73 8.62 -0.69
C ALA A 16 -2.30 8.47 -1.19
N LYS A 17 -2.12 8.34 -2.48
CA LYS A 17 -0.74 8.18 -3.02
C LYS A 17 0.14 9.33 -2.54
N GLU A 18 -0.36 10.53 -2.60
CA GLU A 18 0.46 11.70 -2.14
C GLU A 18 1.13 11.34 -0.81
N PHE A 19 0.52 10.49 -0.02
CA PHE A 19 1.13 10.10 1.28
C PHE A 19 2.25 9.09 1.02
N GLN A 20 2.10 8.26 0.02
CA GLN A 20 3.16 7.26 -0.27
C GLN A 20 4.46 7.97 -0.61
N LYS A 21 4.37 9.18 -1.11
CA LYS A 21 5.61 9.93 -1.45
C LYS A 21 6.38 10.26 -0.17
N THR A 22 5.71 10.32 0.94
CA THR A 22 6.40 10.64 2.22
C THR A 22 7.16 9.41 2.73
N PHE A 23 6.70 8.24 2.41
CA PHE A 23 7.40 7.01 2.89
C PHE A 23 8.66 6.79 2.06
N SER A 24 8.53 6.78 0.75
CA SER A 24 9.73 6.56 -0.11
C SER A 24 10.77 7.63 0.20
N GLU A 25 10.36 8.75 0.75
CA GLU A 25 11.33 9.82 1.07
C GLU A 25 12.05 9.48 2.38
N GLN A 26 11.38 8.83 3.28
CA GLN A 26 12.03 8.46 4.58
C GLN A 26 13.07 7.37 4.33
N PHE A 27 12.77 6.43 3.48
CA PHE A 27 13.74 5.34 3.19
C PHE A 27 15.13 5.94 2.96
N ASN A 28 15.19 7.12 2.40
CA ASN A 28 16.51 7.76 2.16
C ASN A 28 17.15 8.13 3.50
N SER A 29 16.36 8.26 4.53
CA SER A 29 16.93 8.62 5.86
C SER A 29 17.57 7.37 6.50
N LEU A 30 17.02 6.22 6.25
CA LEU A 30 17.59 4.98 6.84
C LEU A 30 18.95 4.70 6.20
N VAL A 31 19.03 4.75 4.89
CA VAL A 31 20.33 4.49 4.22
C VAL A 31 21.28 5.67 4.44
N ASN A 32 21.65 5.91 5.67
CA ASN A 32 22.58 7.04 5.95
C ASN A 32 23.20 6.86 7.33
N SER A 33 23.33 5.64 7.78
CA SER A 33 23.93 5.40 9.13
C SER A 33 24.51 3.98 9.17
N LYS A 34 23.67 2.99 9.19
CA LYS A 34 24.17 1.59 9.25
C LYS A 34 23.75 0.85 7.97
N ASN A 35 24.62 0.04 7.43
CA ASN A 35 24.27 -0.71 6.19
C ASN A 35 25.54 -1.32 5.59
N THR A 36 26.27 -2.06 6.37
CA THR A 36 27.52 -2.69 5.84
C THR A 36 27.31 -4.20 5.71
N GLN A 37 26.20 -4.61 5.14
CA GLN A 37 25.94 -6.08 4.98
C GLN A 37 25.88 -6.73 6.36
N ASP A 38 25.78 -5.94 7.40
CA ASP A 38 25.70 -6.52 8.76
C ASP A 38 24.63 -5.79 9.57
N PHE A 39 23.74 -5.10 8.90
CA PHE A 39 22.67 -4.36 9.64
C PHE A 39 21.44 -4.23 8.74
N ASN A 40 21.34 -5.05 7.73
CA ASN A 40 20.17 -4.98 6.82
C ASN A 40 18.97 -5.64 7.48
N LYS A 41 19.18 -6.74 8.16
CA LYS A 41 18.05 -7.45 8.83
C LYS A 41 17.18 -6.42 9.56
N ALA A 42 17.80 -5.53 10.30
CA ALA A 42 17.01 -4.50 11.03
C ALA A 42 16.24 -3.63 10.03
N LEU A 43 16.72 -3.57 8.82
CA LEU A 43 16.04 -2.73 7.79
C LEU A 43 14.80 -3.48 7.27
N LYS A 44 14.85 -4.78 7.26
CA LYS A 44 13.67 -5.56 6.76
C LYS A 44 12.59 -5.60 7.86
N ASP A 45 12.96 -5.38 9.08
CA ASP A 45 11.95 -5.43 10.18
C ASP A 45 10.89 -4.35 9.93
N GLY A 46 11.30 -3.13 9.72
CA GLY A 46 10.31 -2.04 9.48
C GLY A 46 9.77 -2.14 8.05
N SER A 47 10.59 -2.56 7.12
CA SER A 47 10.12 -2.67 5.71
C SER A 47 9.27 -3.93 5.54
N ASP A 48 9.61 -4.98 6.23
CA ASP A 48 8.81 -6.24 6.10
C ASP A 48 7.51 -6.10 6.89
N SER A 49 7.47 -5.24 7.88
CA SER A 49 6.24 -5.07 8.69
C SER A 49 5.21 -4.22 7.93
N VAL A 50 5.63 -3.14 7.35
CA VAL A 50 4.68 -2.26 6.62
C VAL A 50 3.93 -3.07 5.54
N LEU A 51 4.65 -3.79 4.73
CA LEU A 51 3.97 -4.58 3.65
C LEU A 51 2.91 -5.52 4.25
N GLN A 52 3.16 -6.09 5.39
CA GLN A 52 2.15 -7.00 5.99
C GLN A 52 1.03 -6.18 6.62
N GLN A 53 1.36 -5.06 7.19
CA GLN A 53 0.31 -4.21 7.82
C GLN A 53 -0.42 -3.44 6.71
N LEU A 54 0.30 -3.08 5.68
CA LEU A 54 -0.32 -2.34 4.55
C LEU A 54 -1.13 -3.32 3.68
N SER A 55 -0.76 -4.57 3.70
CA SER A 55 -1.50 -5.57 2.87
C SER A 55 -2.88 -5.82 3.49
N ALA A 56 -3.15 -5.23 4.63
CA ALA A 56 -4.47 -5.44 5.28
C ALA A 56 -5.55 -4.59 4.58
N PHE A 57 -5.23 -3.39 4.20
CA PHE A 57 -6.25 -2.53 3.53
C PHE A 57 -6.75 -3.23 2.26
N SER A 58 -5.86 -3.80 1.51
CA SER A 58 -6.28 -4.50 0.27
C SER A 58 -7.50 -5.37 0.55
N SER A 59 -7.59 -5.90 1.75
CA SER A 59 -8.76 -6.75 2.10
C SER A 59 -9.97 -5.87 2.40
N SER A 60 -9.75 -4.63 2.74
CA SER A 60 -10.88 -3.72 3.04
C SER A 60 -12.00 -3.92 2.02
N LEU A 61 -11.67 -3.93 0.76
CA LEU A 61 -12.71 -4.11 -0.29
C LEU A 61 -13.14 -5.57 -0.38
N GLN A 62 -12.50 -6.44 0.35
CA GLN A 62 -12.86 -7.88 0.30
C GLN A 62 -14.34 -8.04 0.67
N GLY A 63 -14.86 -7.16 1.49
CA GLY A 63 -16.30 -7.26 1.89
C GLY A 63 -17.18 -6.70 0.78
N ALA A 64 -16.63 -5.85 -0.05
CA ALA A 64 -17.45 -5.28 -1.16
C ALA A 64 -17.68 -6.34 -2.23
N ILE A 65 -16.66 -7.04 -2.63
CA ILE A 65 -16.82 -8.09 -3.67
C ILE A 65 -17.69 -9.22 -3.11
N SER A 66 -17.91 -9.23 -1.82
CA SER A 66 -18.74 -10.30 -1.22
C SER A 66 -20.18 -10.16 -1.69
N ASP A 67 -20.67 -8.96 -1.80
CA ASP A 67 -22.07 -8.75 -2.27
C ASP A 67 -22.12 -7.58 -3.23
N ALA A 68 -21.35 -7.64 -4.29
CA ALA A 68 -21.35 -6.51 -5.28
C ALA A 68 -22.48 -6.73 -6.28
N ASN A 69 -22.50 -5.96 -7.34
CA ASN A 69 -23.57 -6.12 -8.36
C ASN A 69 -23.29 -7.37 -9.20
N GLY A 70 -22.05 -7.64 -9.48
CA GLY A 70 -21.72 -8.84 -10.30
C GLY A 70 -20.52 -8.53 -11.20
N LYS A 71 -20.32 -7.29 -11.53
CA LYS A 71 -19.17 -6.92 -12.40
C LYS A 71 -18.02 -6.39 -11.55
N ALA A 72 -18.26 -5.34 -10.80
CA ALA A 72 -17.18 -4.78 -9.95
C ALA A 72 -16.71 -5.84 -8.95
N LYS A 73 -17.52 -6.83 -8.70
CA LYS A 73 -17.11 -7.90 -7.75
C LYS A 73 -15.88 -8.62 -8.27
N GLU A 74 -15.78 -8.80 -9.56
CA GLU A 74 -14.59 -9.50 -10.14
C GLU A 74 -13.40 -8.53 -10.17
N ALA A 75 -13.59 -7.36 -10.72
CA ALA A 75 -12.47 -6.38 -10.78
C ALA A 75 -12.17 -5.85 -9.38
N LEU A 76 -13.04 -6.11 -8.44
CA LEU A 76 -12.79 -5.63 -7.05
C LEU A 76 -11.76 -6.53 -6.37
N GLU A 77 -11.89 -7.82 -6.55
CA GLU A 77 -10.92 -8.76 -5.90
C GLU A 77 -9.57 -8.68 -6.62
N GLN A 78 -9.56 -8.13 -7.81
CA GLN A 78 -8.28 -8.03 -8.56
C GLN A 78 -7.43 -6.89 -8.00
N ALA A 79 -8.05 -5.81 -7.64
CA ALA A 79 -7.28 -4.66 -7.08
C ALA A 79 -6.91 -4.94 -5.63
N ARG A 80 -7.54 -5.92 -5.02
CA ARG A 80 -7.23 -6.25 -3.61
C ARG A 80 -5.91 -7.02 -3.54
N GLN A 81 -5.80 -8.11 -4.25
CA GLN A 81 -4.53 -8.89 -4.22
C GLN A 81 -3.44 -8.13 -4.97
N ASN A 82 -3.82 -7.41 -6.00
CA ASN A 82 -2.80 -6.65 -6.78
C ASN A 82 -1.94 -5.81 -5.82
N VAL A 83 -2.56 -5.06 -4.96
CA VAL A 83 -1.77 -4.22 -4.00
C VAL A 83 -1.30 -5.07 -2.83
N GLU A 84 -1.95 -6.19 -2.59
CA GLU A 84 -1.53 -7.07 -1.45
C GLU A 84 -0.25 -7.81 -1.83
N LYS A 85 -0.10 -8.17 -3.07
CA LYS A 85 1.13 -8.91 -3.48
C LYS A 85 2.30 -7.93 -3.63
N THR A 86 2.09 -6.83 -4.29
CA THR A 86 3.19 -5.84 -4.47
C THR A 86 3.76 -5.45 -3.10
N ALA A 87 2.93 -5.44 -2.08
CA ALA A 87 3.44 -5.06 -0.73
C ALA A 87 4.16 -6.25 -0.11
N GLU A 88 3.52 -7.37 -0.03
CA GLU A 88 4.18 -8.58 0.57
C GLU A 88 5.22 -9.14 -0.41
N GLU A 89 5.31 -8.58 -1.57
CA GLU A 89 6.30 -9.08 -2.57
C GLU A 89 7.64 -9.36 -1.88
N LEU A 90 8.19 -8.39 -1.21
CA LEU A 90 9.50 -8.62 -0.53
C LEU A 90 9.28 -9.30 0.82
N ARG A 91 8.05 -9.37 1.27
CA ARG A 91 7.78 -10.03 2.58
C ARG A 91 8.37 -11.44 2.58
N LYS A 92 8.42 -12.07 1.46
CA LYS A 92 8.98 -13.46 1.39
C LYS A 92 10.52 -13.40 1.44
N ALA A 93 11.07 -12.22 1.43
CA ALA A 93 12.57 -12.11 1.47
C ALA A 93 13.00 -11.68 2.88
N HIS A 94 12.84 -12.54 3.85
CA HIS A 94 13.24 -12.17 5.23
C HIS A 94 14.76 -12.35 5.40
N PRO A 95 15.26 -13.51 5.00
CA PRO A 95 16.68 -13.83 5.11
C PRO A 95 17.48 -13.18 3.96
N ASP A 96 17.12 -13.47 2.74
CA ASP A 96 17.85 -12.88 1.59
C ASP A 96 18.16 -11.41 1.85
N VAL A 97 17.16 -10.64 2.19
CA VAL A 97 17.41 -9.20 2.46
C VAL A 97 18.64 -9.03 3.36
N GLU A 98 18.66 -9.72 4.47
CA GLU A 98 19.83 -9.61 5.38
C GLU A 98 20.96 -10.50 4.88
N LYS A 99 20.65 -11.48 4.07
CA LYS A 99 21.70 -12.39 3.55
C LYS A 99 22.57 -11.65 2.54
N GLU A 100 21.99 -11.17 1.48
CA GLU A 100 22.79 -10.43 0.46
C GLU A 100 22.95 -8.97 0.88
N ALA A 101 21.96 -8.41 1.52
CA ALA A 101 22.07 -6.98 1.96
C ALA A 101 22.67 -6.15 0.83
N ASN A 102 22.50 -6.57 -0.39
CA ASN A 102 23.07 -5.79 -1.53
C ASN A 102 22.19 -4.58 -1.82
N ALA A 103 21.01 -4.78 -2.33
CA ALA A 103 20.11 -3.63 -2.63
C ALA A 103 18.66 -4.06 -2.44
N PHE A 104 18.40 -4.95 -1.53
CA PHE A 104 16.99 -5.39 -1.29
C PHE A 104 16.23 -4.31 -0.55
N LYS A 105 16.90 -3.27 -0.15
CA LYS A 105 16.20 -2.16 0.58
C LYS A 105 15.22 -1.46 -0.36
N ASP A 106 15.59 -1.33 -1.61
CA ASP A 106 14.70 -0.64 -2.58
C ASP A 106 13.56 -1.59 -3.00
N LYS A 107 13.73 -2.87 -2.80
CA LYS A 107 12.66 -3.83 -3.20
C LYS A 107 11.33 -3.38 -2.58
N LEU A 108 11.35 -2.86 -1.39
CA LEU A 108 10.09 -2.41 -0.75
C LEU A 108 9.68 -1.07 -1.33
N GLN A 109 10.55 -0.09 -1.29
CA GLN A 109 10.20 1.24 -1.86
C GLN A 109 9.63 1.07 -3.26
N ALA A 110 10.16 0.14 -4.02
CA ALA A 110 9.65 -0.07 -5.39
C ALA A 110 8.33 -0.84 -5.34
N ALA A 111 8.12 -1.60 -4.29
CA ALA A 111 6.85 -2.39 -4.18
C ALA A 111 5.72 -1.45 -3.76
N VAL A 112 5.88 -0.75 -2.66
CA VAL A 112 4.81 0.17 -2.20
C VAL A 112 4.50 1.19 -3.29
N GLN A 113 5.51 1.87 -3.78
CA GLN A 113 5.28 2.89 -4.85
C GLN A 113 4.33 2.32 -5.90
N THR A 114 4.29 1.02 -6.05
CA THR A 114 3.38 0.41 -7.06
C THR A 114 1.92 0.64 -6.65
N THR A 115 1.63 0.56 -5.38
CA THR A 115 0.23 0.77 -4.93
C THR A 115 -0.30 2.08 -5.51
N VAL A 116 0.47 3.14 -5.43
CA VAL A 116 0.02 4.43 -5.98
C VAL A 116 -0.61 4.23 -7.35
N GLN A 117 -0.07 3.33 -8.13
CA GLN A 117 -0.63 3.07 -9.48
C GLN A 117 -1.90 2.22 -9.36
N GLU A 118 -1.80 1.08 -8.73
CA GLU A 118 -2.99 0.20 -8.58
C GLU A 118 -4.14 1.01 -7.97
N SER A 119 -3.84 1.89 -7.06
CA SER A 119 -4.91 2.72 -6.43
C SER A 119 -5.79 3.32 -7.54
N GLN A 120 -5.26 3.44 -8.72
CA GLN A 120 -6.07 4.03 -9.84
C GLN A 120 -7.05 2.98 -10.36
N LYS A 121 -6.70 1.73 -10.26
CA LYS A 121 -7.61 0.66 -10.76
C LYS A 121 -8.90 0.66 -9.94
N LEU A 122 -8.80 0.55 -8.64
CA LEU A 122 -10.02 0.54 -7.79
C LEU A 122 -10.70 1.92 -7.86
N ALA A 123 -9.94 2.95 -8.15
CA ALA A 123 -10.55 4.31 -8.22
C ALA A 123 -11.28 4.47 -9.56
N LYS A 124 -10.75 3.91 -10.61
CA LYS A 124 -11.43 4.03 -11.94
C LYS A 124 -12.59 3.04 -11.99
N GLU A 125 -12.54 2.00 -11.21
CA GLU A 125 -13.66 1.00 -11.23
C GLU A 125 -14.94 1.67 -10.71
N VAL A 126 -14.86 2.27 -9.55
CA VAL A 126 -16.08 2.93 -8.98
C VAL A 126 -16.31 4.26 -9.69
N ALA A 127 -15.36 4.70 -10.47
CA ALA A 127 -15.53 6.00 -11.18
C ALA A 127 -16.53 5.83 -12.33
N SER A 128 -16.93 4.61 -12.61
CA SER A 128 -17.91 4.39 -13.70
C SER A 128 -19.03 5.42 -13.60
N ASN A 129 -19.63 5.56 -12.45
CA ASN A 129 -20.73 6.55 -12.29
C ASN A 129 -21.92 6.12 -13.15
N MET A 130 -21.93 4.91 -13.63
CA MET A 130 -23.06 4.44 -14.47
C MET A 130 -23.72 3.23 -13.81
N GLU A 131 -23.01 2.54 -12.96
CA GLU A 131 -23.59 1.34 -12.29
C GLU A 131 -24.91 1.74 -11.62
N GLU A 132 -24.90 2.78 -10.83
CA GLU A 132 -26.16 3.20 -10.14
C GLU A 132 -26.67 2.06 -9.28
N THR A 133 -25.83 1.09 -9.01
CA THR A 133 -26.26 -0.06 -8.17
C THR A 133 -25.11 -0.52 -7.27
N ASN A 134 -23.88 -0.31 -7.69
CA ASN A 134 -22.73 -0.74 -6.85
C ASN A 134 -22.57 0.23 -5.67
N LYS A 135 -23.60 0.44 -4.91
CA LYS A 135 -23.50 1.38 -3.76
C LYS A 135 -22.87 0.65 -2.57
N LYS A 136 -22.68 -0.63 -2.67
CA LYS A 136 -22.06 -1.38 -1.55
C LYS A 136 -20.55 -1.15 -1.53
N LEU A 137 -20.01 -0.67 -2.61
CA LEU A 137 -18.54 -0.42 -2.66
C LEU A 137 -18.22 0.88 -1.92
N ALA A 138 -19.21 1.62 -1.54
CA ALA A 138 -18.95 2.90 -0.81
C ALA A 138 -18.40 2.60 0.58
N PRO A 139 -19.14 1.81 1.33
CA PRO A 139 -18.75 1.42 2.70
C PRO A 139 -17.67 0.33 2.67
N LYS A 140 -16.65 0.52 1.88
CA LYS A 140 -15.57 -0.49 1.81
C LYS A 140 -14.30 0.15 1.25
N ILE A 141 -14.43 0.92 0.21
CA ILE A 141 -13.22 1.58 -0.38
C ILE A 141 -12.71 2.66 0.58
N LYS A 142 -13.53 3.11 1.49
CA LYS A 142 -13.08 4.15 2.44
C LYS A 142 -12.07 3.54 3.42
N GLN A 143 -12.17 2.27 3.67
CA GLN A 143 -11.21 1.62 4.61
C GLN A 143 -9.85 1.46 3.92
N ALA A 144 -9.85 1.28 2.63
CA ALA A 144 -8.56 1.12 1.90
C ALA A 144 -7.81 2.45 1.90
N TYR A 145 -8.46 3.51 1.49
CA TYR A 145 -7.77 4.84 1.47
C TYR A 145 -7.28 5.19 2.88
N ASP A 146 -8.13 5.09 3.86
CA ASP A 146 -7.71 5.41 5.25
C ASP A 146 -6.45 4.62 5.60
N ASP A 147 -6.33 3.43 5.09
CA ASP A 147 -5.12 2.61 5.39
C ASP A 147 -3.93 3.10 4.54
N PHE A 148 -4.19 3.55 3.35
CA PHE A 148 -3.08 4.03 2.48
C PHE A 148 -2.28 5.11 3.21
N VAL A 149 -2.94 6.14 3.67
CA VAL A 149 -2.22 7.22 4.40
C VAL A 149 -1.82 6.73 5.79
N LYS A 150 -2.52 5.76 6.32
CA LYS A 150 -2.18 5.24 7.66
C LYS A 150 -0.96 4.32 7.58
N HIS A 151 -1.03 3.31 6.75
CA HIS A 151 0.12 2.37 6.61
C HIS A 151 1.21 3.03 5.76
N ALA A 152 0.90 4.11 5.10
CA ALA A 152 1.92 4.77 4.25
C ALA A 152 3.09 5.24 5.13
N GLU A 153 2.81 6.00 6.14
CA GLU A 153 3.90 6.50 7.04
C GLU A 153 4.32 5.37 7.99
N GLU A 154 3.61 4.28 7.98
CA GLU A 154 3.97 3.15 8.88
C GLU A 154 5.44 2.76 8.67
N VAL A 155 5.85 2.63 7.43
CA VAL A 155 7.27 2.27 7.15
C VAL A 155 8.18 3.42 7.53
N GLN A 156 7.82 4.63 7.17
CA GLN A 156 8.67 5.80 7.51
C GLN A 156 8.89 5.84 9.02
N LYS A 157 7.88 5.50 9.78
CA LYS A 157 8.03 5.53 11.27
C LYS A 157 9.13 4.55 11.68
N LYS A 158 9.10 3.35 11.17
CA LYS A 158 10.15 2.36 11.53
C LYS A 158 11.48 2.78 10.90
N LEU A 159 11.47 3.19 9.67
CA LEU A 159 12.73 3.61 9.00
C LEU A 159 13.54 4.48 9.95
N HIS A 160 12.91 5.41 10.61
CA HIS A 160 13.64 6.31 11.55
C HIS A 160 14.23 5.47 12.68
N GLU A 161 13.58 4.40 13.05
CA GLU A 161 14.10 3.54 14.14
C GLU A 161 15.26 2.68 13.62
N ALA A 162 15.26 2.40 12.35
CA ALA A 162 16.36 1.57 11.77
C ALA A 162 17.62 2.42 11.65
N ALA A 163 17.50 3.64 11.21
CA ALA A 163 18.69 4.52 11.08
C ALA A 163 19.47 4.54 12.39
N THR A 164 18.79 4.37 13.49
CA THR A 164 19.49 4.37 14.81
C THR A 164 18.60 3.73 15.87
N LYS A 165 18.19 2.51 15.65
CA LYS A 165 17.32 1.82 16.64
C LYS A 165 17.89 2.02 18.04
N GLN A 166 19.18 2.24 18.14
CA GLN A 166 19.79 2.43 19.48
C GLN A 166 20.23 3.90 19.63
N ASP A 1 -25.53 20.63 3.16
CA ASP A 1 -24.18 20.01 3.12
C ASP A 1 -24.04 19.14 1.86
N ALA A 2 -23.27 18.10 1.94
CA ALA A 2 -23.09 17.22 0.74
C ALA A 2 -24.46 16.68 0.31
N PRO A 3 -24.53 16.26 -0.93
CA PRO A 3 -25.76 15.70 -1.51
C PRO A 3 -25.97 14.26 -1.06
N ALA A 4 -26.81 13.52 -1.74
CA ALA A 4 -27.04 12.11 -1.34
C ALA A 4 -25.95 11.22 -1.94
N GLY A 5 -25.49 10.25 -1.19
CA GLY A 5 -24.42 9.35 -1.72
C GLY A 5 -23.08 10.07 -1.69
N GLY A 6 -22.00 9.34 -1.64
CA GLY A 6 -20.66 9.99 -1.61
C GLY A 6 -20.28 10.44 -3.02
N ASN A 7 -20.93 9.92 -4.02
CA ASN A 7 -20.60 10.32 -5.42
C ASN A 7 -19.29 9.67 -5.84
N ALA A 8 -18.97 8.53 -5.29
CA ALA A 8 -17.69 7.86 -5.66
C ALA A 8 -16.52 8.56 -4.97
N PHE A 9 -15.43 7.88 -4.80
CA PHE A 9 -14.25 8.52 -4.14
C PHE A 9 -13.00 8.29 -4.99
N GLU A 10 -13.05 8.66 -6.25
CA GLU A 10 -11.86 8.46 -7.12
C GLU A 10 -10.74 9.40 -6.69
N GLU A 11 -11.08 10.53 -6.13
CA GLU A 11 -10.03 11.49 -5.68
C GLU A 11 -9.35 10.95 -4.42
N MET A 12 -9.95 9.97 -3.78
CA MET A 12 -9.34 9.41 -2.55
C MET A 12 -7.96 8.83 -2.87
N GLU A 13 -7.79 8.31 -4.06
CA GLU A 13 -6.48 7.73 -4.44
C GLU A 13 -5.47 8.86 -4.67
N LYS A 14 -5.95 10.01 -5.08
CA LYS A 14 -5.03 11.15 -5.32
C LYS A 14 -4.46 11.65 -3.98
N HIS A 15 -5.29 11.79 -2.99
CA HIS A 15 -4.79 12.29 -1.67
C HIS A 15 -4.08 11.13 -0.94
N ALA A 16 -4.36 9.92 -1.31
CA ALA A 16 -3.71 8.76 -0.64
C ALA A 16 -2.29 8.60 -1.18
N LYS A 17 -2.14 8.53 -2.47
CA LYS A 17 -0.78 8.37 -3.06
C LYS A 17 0.13 9.52 -2.62
N GLU A 18 -0.37 10.73 -2.69
CA GLU A 18 0.47 11.89 -2.27
C GLU A 18 1.09 11.60 -0.90
N PHE A 19 0.40 10.90 -0.05
CA PHE A 19 0.96 10.58 1.28
C PHE A 19 1.97 9.44 1.15
N GLN A 20 1.88 8.67 0.09
CA GLN A 20 2.83 7.55 -0.10
C GLN A 20 4.17 8.10 -0.60
N LYS A 21 4.18 9.31 -1.09
CA LYS A 21 5.45 9.90 -1.60
C LYS A 21 6.29 10.37 -0.41
N THR A 22 5.67 10.79 0.66
CA THR A 22 6.45 11.25 1.83
C THR A 22 7.20 10.08 2.46
N PHE A 23 6.69 8.90 2.33
CA PHE A 23 7.38 7.71 2.91
C PHE A 23 8.55 7.31 2.00
N SER A 24 8.33 7.28 0.71
CA SER A 24 9.43 6.90 -0.22
C SER A 24 10.63 7.81 0.02
N GLU A 25 10.40 9.03 0.42
CA GLU A 25 11.52 9.96 0.67
C GLU A 25 12.08 9.71 2.08
N GLN A 26 11.33 9.03 2.90
CA GLN A 26 11.81 8.74 4.28
C GLN A 26 12.83 7.60 4.26
N PHE A 27 12.47 6.48 3.71
CA PHE A 27 13.42 5.33 3.66
C PHE A 27 14.76 5.80 3.09
N ASN A 28 14.74 6.85 2.30
CA ASN A 28 16.02 7.36 1.72
C ASN A 28 16.87 7.98 2.83
N SER A 29 16.24 8.46 3.87
CA SER A 29 17.02 9.06 4.99
C SER A 29 17.59 7.95 5.84
N LEU A 30 16.93 6.82 5.89
CA LEU A 30 17.43 5.68 6.69
C LEU A 30 18.72 5.14 6.07
N VAL A 31 18.71 4.92 4.78
CA VAL A 31 19.93 4.39 4.11
C VAL A 31 21.03 5.44 4.15
N ASN A 32 21.47 5.81 5.32
CA ASN A 32 22.55 6.83 5.44
C ASN A 32 22.98 6.96 6.90
N SER A 33 22.93 5.89 7.64
CA SER A 33 23.33 5.97 9.07
C SER A 33 23.66 4.57 9.59
N LYS A 34 24.01 3.66 8.69
CA LYS A 34 24.35 2.29 9.13
C LYS A 34 25.51 1.76 8.30
N ASN A 35 25.87 0.51 8.47
CA ASN A 35 27.00 -0.05 7.69
C ASN A 35 26.47 -0.77 6.45
N THR A 36 25.23 -1.18 6.48
CA THR A 36 24.64 -1.89 5.31
C THR A 36 25.16 -3.33 5.27
N GLN A 37 25.99 -3.70 6.19
CA GLN A 37 26.53 -5.09 6.21
C GLN A 37 26.24 -5.74 7.57
N ASP A 38 25.75 -4.98 8.51
CA ASP A 38 25.45 -5.55 9.85
C ASP A 38 24.16 -4.94 10.39
N PHE A 39 23.44 -4.23 9.57
CA PHE A 39 22.17 -3.61 10.04
C PHE A 39 21.07 -3.82 8.99
N ASN A 40 21.33 -4.65 8.01
CA ASN A 40 20.31 -4.89 6.96
C ASN A 40 19.20 -5.78 7.53
N LYS A 41 19.53 -6.69 8.40
CA LYS A 41 18.48 -7.58 8.99
C LYS A 41 17.33 -6.72 9.51
N ALA A 42 17.60 -5.49 9.87
CA ALA A 42 16.51 -4.62 10.38
C ALA A 42 15.54 -4.28 9.23
N LEU A 43 16.06 -4.08 8.05
CA LEU A 43 15.16 -3.76 6.91
C LEU A 43 13.99 -4.73 6.89
N LYS A 44 14.25 -6.01 6.91
CA LYS A 44 13.15 -7.00 6.89
C LYS A 44 12.23 -6.76 8.09
N ASP A 45 12.73 -6.18 9.14
CA ASP A 45 11.87 -5.93 10.33
C ASP A 45 10.97 -4.71 10.07
N GLY A 46 11.56 -3.61 9.70
CA GLY A 46 10.76 -2.38 9.43
C GLY A 46 10.08 -2.48 8.07
N SER A 47 10.83 -2.79 7.04
CA SER A 47 10.24 -2.89 5.68
C SER A 47 9.20 -4.01 5.63
N ASP A 48 9.58 -5.21 5.98
CA ASP A 48 8.60 -6.33 5.94
C ASP A 48 7.49 -6.09 6.97
N SER A 49 7.68 -5.15 7.86
CA SER A 49 6.63 -4.87 8.88
C SER A 49 5.50 -4.05 8.25
N VAL A 50 5.83 -3.07 7.45
CA VAL A 50 4.79 -2.23 6.82
C VAL A 50 3.97 -3.07 5.83
N LEU A 51 4.55 -4.09 5.27
CA LEU A 51 3.81 -4.93 4.30
C LEU A 51 2.59 -5.53 4.99
N GLN A 52 2.79 -6.22 6.08
CA GLN A 52 1.64 -6.82 6.81
C GLN A 52 0.75 -5.70 7.32
N GLN A 53 1.28 -4.51 7.40
CA GLN A 53 0.47 -3.36 7.89
C GLN A 53 -0.45 -2.88 6.77
N LEU A 54 0.09 -2.62 5.62
CA LEU A 54 -0.75 -2.15 4.48
C LEU A 54 -1.55 -3.33 3.92
N SER A 55 -1.02 -4.52 4.03
CA SER A 55 -1.74 -5.71 3.51
C SER A 55 -3.21 -5.64 3.97
N ALA A 56 -3.46 -5.02 5.09
CA ALA A 56 -4.86 -4.93 5.59
C ALA A 56 -5.74 -4.28 4.52
N PHE A 57 -5.27 -3.22 3.92
CA PHE A 57 -6.09 -2.55 2.86
C PHE A 57 -6.67 -3.61 1.92
N SER A 58 -5.84 -4.46 1.37
CA SER A 58 -6.34 -5.52 0.46
C SER A 58 -7.50 -6.27 1.14
N SER A 59 -7.48 -6.33 2.45
CA SER A 59 -8.57 -7.06 3.16
C SER A 59 -9.83 -6.18 3.21
N SER A 60 -9.69 -4.92 2.93
CA SER A 60 -10.87 -4.01 2.95
C SER A 60 -11.69 -4.20 1.68
N LEU A 61 -11.04 -4.26 0.54
CA LEU A 61 -11.80 -4.45 -0.74
C LEU A 61 -12.40 -5.86 -0.77
N GLN A 62 -11.72 -6.82 -0.20
CA GLN A 62 -12.26 -8.21 -0.21
C GLN A 62 -13.66 -8.21 0.42
N GLY A 63 -13.94 -7.27 1.28
CA GLY A 63 -15.29 -7.23 1.91
C GLY A 63 -16.35 -6.95 0.85
N ALA A 64 -16.03 -6.15 -0.14
CA ALA A 64 -17.03 -5.85 -1.20
C ALA A 64 -17.13 -7.04 -2.16
N ILE A 65 -16.02 -7.52 -2.64
CA ILE A 65 -16.06 -8.69 -3.56
C ILE A 65 -16.63 -9.90 -2.84
N SER A 66 -16.59 -9.91 -1.54
CA SER A 66 -17.14 -11.06 -0.77
C SER A 66 -18.48 -11.48 -1.37
N ASP A 67 -19.43 -10.58 -1.40
CA ASP A 67 -20.77 -10.93 -1.96
C ASP A 67 -21.35 -9.71 -2.67
N ALA A 68 -20.70 -9.22 -3.68
CA ALA A 68 -21.22 -8.03 -4.40
C ALA A 68 -22.51 -8.41 -5.14
N ASN A 69 -22.81 -7.73 -6.22
CA ASN A 69 -24.05 -8.06 -6.97
C ASN A 69 -23.84 -7.76 -8.45
N GLY A 70 -22.71 -8.13 -9.00
CA GLY A 70 -22.44 -7.87 -10.43
C GLY A 70 -20.98 -8.23 -10.76
N LYS A 71 -20.50 -7.81 -11.90
CA LYS A 71 -19.10 -8.13 -12.27
C LYS A 71 -18.15 -7.08 -11.67
N ALA A 72 -18.64 -6.27 -10.78
CA ALA A 72 -17.78 -5.23 -10.16
C ALA A 72 -16.91 -5.87 -9.07
N LYS A 73 -17.28 -7.03 -8.61
CA LYS A 73 -16.48 -7.70 -7.54
C LYS A 73 -15.25 -8.35 -8.18
N GLU A 74 -15.40 -8.91 -9.35
CA GLU A 74 -14.24 -9.56 -10.02
C GLU A 74 -13.10 -8.54 -10.17
N ALA A 75 -13.37 -7.42 -10.79
CA ALA A 75 -12.31 -6.39 -10.97
C ALA A 75 -11.84 -5.89 -9.61
N LEU A 76 -12.67 -6.02 -8.60
CA LEU A 76 -12.28 -5.55 -7.25
C LEU A 76 -11.32 -6.56 -6.61
N GLU A 77 -11.40 -7.80 -7.01
CA GLU A 77 -10.50 -8.84 -6.43
C GLU A 77 -9.11 -8.70 -7.04
N GLN A 78 -9.01 -8.12 -8.21
CA GLN A 78 -7.68 -7.97 -8.86
C GLN A 78 -6.91 -6.83 -8.19
N ALA A 79 -7.54 -5.71 -7.98
CA ALA A 79 -6.83 -4.57 -7.33
C ALA A 79 -6.64 -4.87 -5.84
N ARG A 80 -7.31 -5.87 -5.33
CA ARG A 80 -7.15 -6.22 -3.90
C ARG A 80 -5.83 -6.96 -3.68
N GLN A 81 -5.59 -7.98 -4.45
CA GLN A 81 -4.32 -8.76 -4.29
C GLN A 81 -3.17 -7.98 -4.92
N ASN A 82 -3.39 -7.37 -6.04
CA ASN A 82 -2.31 -6.60 -6.71
C ASN A 82 -1.60 -5.72 -5.69
N VAL A 83 -2.34 -5.07 -4.83
CA VAL A 83 -1.70 -4.19 -3.80
C VAL A 83 -1.20 -5.05 -2.65
N GLU A 84 -1.78 -6.20 -2.44
CA GLU A 84 -1.33 -7.08 -1.33
C GLU A 84 -0.04 -7.79 -1.72
N LYS A 85 0.07 -8.19 -2.96
CA LYS A 85 1.31 -8.90 -3.41
C LYS A 85 2.42 -7.87 -3.62
N THR A 86 2.08 -6.65 -3.91
CA THR A 86 3.13 -5.61 -4.12
C THR A 86 3.82 -5.31 -2.81
N ALA A 87 3.09 -5.27 -1.73
CA ALA A 87 3.72 -4.97 -0.40
C ALA A 87 4.37 -6.24 0.14
N GLU A 88 3.63 -7.29 0.26
CA GLU A 88 4.20 -8.56 0.78
C GLU A 88 5.10 -9.20 -0.29
N GLU A 89 5.15 -8.61 -1.45
CA GLU A 89 6.01 -9.18 -2.54
C GLU A 89 7.36 -9.59 -1.96
N LEU A 90 8.05 -8.70 -1.31
CA LEU A 90 9.38 -9.05 -0.73
C LEU A 90 9.18 -9.80 0.58
N ARG A 91 8.03 -9.67 1.18
CA ARG A 91 7.78 -10.38 2.46
C ARG A 91 7.74 -11.88 2.21
N LYS A 92 7.55 -12.28 0.99
CA LYS A 92 7.51 -13.74 0.67
C LYS A 92 8.82 -14.39 1.09
N ALA A 93 9.89 -13.63 1.13
CA ALA A 93 11.19 -14.22 1.53
C ALA A 93 12.31 -13.22 1.23
N HIS A 94 13.23 -13.06 2.15
CA HIS A 94 14.34 -12.10 1.92
C HIS A 94 15.54 -12.49 2.80
N PRO A 95 16.06 -13.67 2.55
CA PRO A 95 17.21 -14.20 3.31
C PRO A 95 18.51 -13.57 2.81
N ASP A 96 18.64 -13.38 1.53
CA ASP A 96 19.89 -12.78 0.98
C ASP A 96 19.93 -11.29 1.34
N VAL A 97 18.81 -10.62 1.27
CA VAL A 97 18.78 -9.17 1.61
C VAL A 97 19.59 -8.92 2.89
N GLU A 98 19.23 -9.59 3.96
CA GLU A 98 19.98 -9.39 5.23
C GLU A 98 21.39 -9.97 5.10
N LYS A 99 21.58 -10.92 4.23
CA LYS A 99 22.92 -11.50 4.05
C LYS A 99 23.78 -10.59 3.16
N GLU A 100 23.35 -10.36 1.95
CA GLU A 100 24.14 -9.48 1.04
C GLU A 100 23.81 -8.02 1.34
N ALA A 101 22.60 -7.73 1.72
CA ALA A 101 22.24 -6.32 2.03
C ALA A 101 22.81 -5.41 0.95
N ASN A 102 23.00 -5.91 -0.23
CA ASN A 102 23.55 -5.07 -1.33
C ASN A 102 22.60 -3.90 -1.60
N ALA A 103 21.33 -4.19 -1.76
CA ALA A 103 20.36 -3.08 -2.03
C ALA A 103 18.97 -3.69 -2.26
N PHE A 104 18.63 -4.74 -1.58
CA PHE A 104 17.30 -5.37 -1.76
C PHE A 104 16.23 -4.50 -1.10
N LYS A 105 16.64 -3.51 -0.36
CA LYS A 105 15.64 -2.62 0.32
C LYS A 105 14.70 -2.02 -0.73
N ASP A 106 15.16 -1.90 -1.95
CA ASP A 106 14.29 -1.33 -3.01
C ASP A 106 13.07 -2.21 -3.22
N LYS A 107 13.10 -3.41 -2.70
CA LYS A 107 11.94 -4.32 -2.86
C LYS A 107 10.69 -3.67 -2.27
N LEU A 108 10.78 -3.18 -1.06
CA LEU A 108 9.60 -2.52 -0.42
C LEU A 108 9.43 -1.12 -1.00
N GLN A 109 10.49 -0.36 -1.07
CA GLN A 109 10.38 1.02 -1.63
C GLN A 109 9.78 0.96 -3.03
N ALA A 110 10.04 -0.09 -3.75
CA ALA A 110 9.49 -0.21 -5.13
C ALA A 110 8.01 -0.60 -5.05
N ALA A 111 7.62 -1.25 -3.99
CA ALA A 111 6.19 -1.67 -3.85
C ALA A 111 5.34 -0.47 -3.45
N VAL A 112 5.76 0.26 -2.44
CA VAL A 112 4.97 1.45 -1.99
C VAL A 112 4.61 2.31 -3.20
N GLN A 113 5.58 2.66 -4.01
CA GLN A 113 5.28 3.50 -5.20
C GLN A 113 4.29 2.79 -6.12
N THR A 114 4.29 1.49 -6.12
CA THR A 114 3.35 0.74 -7.00
C THR A 114 1.96 0.74 -6.38
N THR A 115 1.85 1.16 -5.14
CA THR A 115 0.51 1.20 -4.49
C THR A 115 -0.24 2.44 -4.98
N VAL A 116 0.49 3.39 -5.49
CA VAL A 116 -0.16 4.63 -6.00
C VAL A 116 -0.80 4.37 -7.36
N GLN A 117 -0.25 3.48 -8.13
CA GLN A 117 -0.83 3.18 -9.47
C GLN A 117 -2.06 2.29 -9.30
N GLU A 118 -2.00 1.31 -8.44
CA GLU A 118 -3.17 0.42 -8.24
C GLU A 118 -4.34 1.22 -7.68
N SER A 119 -4.10 1.99 -6.66
CA SER A 119 -5.20 2.81 -6.06
C SER A 119 -6.02 3.46 -7.18
N GLN A 120 -5.39 3.70 -8.31
CA GLN A 120 -6.13 4.34 -9.45
C GLN A 120 -7.01 3.28 -10.13
N LYS A 121 -6.54 2.07 -10.22
CA LYS A 121 -7.34 1.01 -10.88
C LYS A 121 -8.68 0.85 -10.16
N LEU A 122 -8.65 0.61 -8.88
CA LEU A 122 -9.91 0.44 -8.12
C LEU A 122 -10.65 1.78 -8.04
N ALA A 123 -9.96 2.86 -8.28
CA ALA A 123 -10.62 4.20 -8.22
C ALA A 123 -11.57 4.35 -9.41
N LYS A 124 -11.19 3.84 -10.56
CA LYS A 124 -12.08 3.96 -11.75
C LYS A 124 -13.21 2.94 -11.65
N GLU A 125 -13.03 1.90 -10.89
CA GLU A 125 -14.09 0.87 -10.76
C GLU A 125 -15.26 1.45 -9.97
N VAL A 126 -15.00 2.04 -8.83
CA VAL A 126 -16.10 2.62 -8.02
C VAL A 126 -16.63 3.88 -8.71
N ALA A 127 -15.83 4.50 -9.53
CA ALA A 127 -16.28 5.73 -10.24
C ALA A 127 -17.54 5.43 -11.05
N SER A 128 -17.78 4.17 -11.34
CA SER A 128 -18.99 3.81 -12.13
C SER A 128 -20.24 4.36 -11.43
N ASN A 129 -20.15 4.59 -10.15
CA ASN A 129 -21.34 5.13 -9.40
C ASN A 129 -22.46 4.08 -9.42
N MET A 130 -23.06 3.85 -10.55
CA MET A 130 -24.15 2.85 -10.62
C MET A 130 -25.19 3.15 -9.54
N GLU A 131 -25.03 2.58 -8.37
CA GLU A 131 -26.00 2.83 -7.27
C GLU A 131 -27.30 2.07 -7.55
N GLU A 132 -27.21 0.95 -8.22
CA GLU A 132 -28.44 0.15 -8.52
C GLU A 132 -28.13 -1.33 -8.38
N THR A 133 -27.01 -1.67 -7.80
CA THR A 133 -26.66 -3.10 -7.63
C THR A 133 -25.34 -3.22 -6.86
N ASN A 134 -24.43 -2.31 -7.07
CA ASN A 134 -23.14 -2.36 -6.35
C ASN A 134 -23.10 -1.29 -5.25
N LYS A 135 -24.07 -1.31 -4.36
CA LYS A 135 -24.10 -0.29 -3.28
C LYS A 135 -23.19 -0.75 -2.13
N LYS A 136 -22.86 -2.01 -2.09
CA LYS A 136 -21.99 -2.51 -0.99
C LYS A 136 -20.54 -2.11 -1.27
N LEU A 137 -20.25 -1.69 -2.47
CA LEU A 137 -18.85 -1.28 -2.82
C LEU A 137 -18.59 0.13 -2.27
N ALA A 138 -19.58 0.75 -1.70
CA ALA A 138 -19.38 2.13 -1.16
C ALA A 138 -18.66 2.07 0.20
N PRO A 139 -19.19 1.30 1.11
CA PRO A 139 -18.62 1.15 2.46
C PRO A 139 -17.42 0.19 2.43
N LYS A 140 -16.52 0.39 1.51
CA LYS A 140 -15.33 -0.50 1.43
C LYS A 140 -14.11 0.32 0.97
N ILE A 141 -14.31 1.21 0.04
CA ILE A 141 -13.18 2.04 -0.45
C ILE A 141 -12.82 3.09 0.59
N LYS A 142 -13.71 3.35 1.51
CA LYS A 142 -13.42 4.38 2.56
C LYS A 142 -12.19 3.96 3.36
N GLN A 143 -12.16 2.74 3.83
CA GLN A 143 -10.98 2.27 4.62
C GLN A 143 -9.83 1.93 3.66
N ALA A 144 -10.10 1.93 2.39
CA ALA A 144 -9.02 1.61 1.40
C ALA A 144 -8.10 2.83 1.22
N TYR A 145 -8.67 4.00 1.14
CA TYR A 145 -7.82 5.21 0.96
C TYR A 145 -7.16 5.58 2.29
N ASP A 146 -7.78 5.23 3.38
CA ASP A 146 -7.19 5.56 4.71
C ASP A 146 -6.04 4.59 5.02
N ASP A 147 -6.10 3.40 4.48
CA ASP A 147 -5.02 2.41 4.74
C ASP A 147 -3.79 2.73 3.89
N PHE A 148 -3.88 3.67 2.99
CA PHE A 148 -2.70 4.00 2.13
C PHE A 148 -1.71 4.85 2.92
N VAL A 149 -2.15 5.95 3.47
CA VAL A 149 -1.22 6.83 4.24
C VAL A 149 -1.09 6.30 5.67
N LYS A 150 -2.00 5.48 6.10
CA LYS A 150 -1.93 4.93 7.48
C LYS A 150 -0.90 3.81 7.54
N HIS A 151 -1.00 2.84 6.67
CA HIS A 151 -0.03 1.71 6.68
C HIS A 151 1.27 2.16 6.00
N ALA A 152 1.17 2.81 4.87
CA ALA A 152 2.40 3.27 4.16
C ALA A 152 3.27 4.08 5.13
N GLU A 153 2.69 5.02 5.83
CA GLU A 153 3.48 5.84 6.78
C GLU A 153 4.10 4.94 7.84
N GLU A 154 3.60 3.74 7.98
CA GLU A 154 4.16 2.81 9.01
C GLU A 154 5.61 2.48 8.66
N VAL A 155 5.97 2.60 7.41
CA VAL A 155 7.38 2.29 7.01
C VAL A 155 8.29 3.44 7.42
N GLN A 156 7.79 4.65 7.39
CA GLN A 156 8.63 5.81 7.79
C GLN A 156 8.76 5.86 9.32
N LYS A 157 7.83 5.26 10.01
CA LYS A 157 7.90 5.26 11.50
C LYS A 157 9.12 4.45 11.96
N LYS A 158 9.23 3.23 11.49
CA LYS A 158 10.39 2.39 11.89
C LYS A 158 11.63 2.82 11.11
N LEU A 159 11.46 3.17 9.87
CA LEU A 159 12.64 3.60 9.04
C LEU A 159 13.43 4.66 9.82
N HIS A 160 12.78 5.71 10.24
CA HIS A 160 13.51 6.77 10.99
C HIS A 160 14.23 6.15 12.19
N GLU A 161 13.60 5.23 12.87
CA GLU A 161 14.24 4.59 14.04
C GLU A 161 15.46 3.78 13.58
N ALA A 162 15.27 2.89 12.64
CA ALA A 162 16.41 2.08 12.14
C ALA A 162 17.58 3.00 11.80
N ALA A 163 17.29 4.16 11.27
CA ALA A 163 18.39 5.10 10.91
C ALA A 163 19.26 5.38 12.13
N THR A 164 18.75 5.09 13.30
CA THR A 164 19.55 5.34 14.54
C THR A 164 19.55 4.08 15.40
N LYS A 165 19.05 2.99 14.88
CA LYS A 165 19.02 1.72 15.66
C LYS A 165 18.64 2.02 17.12
N GLN A 166 17.68 2.87 17.32
CA GLN A 166 17.25 3.20 18.71
C GLN A 166 15.74 2.96 18.86
N ASP A 1 -18.88 26.28 -0.08
CA ASP A 1 -20.09 25.80 0.64
C ASP A 1 -20.06 24.27 0.74
N ALA A 2 -20.01 23.61 -0.39
CA ALA A 2 -19.97 22.12 -0.37
C ALA A 2 -20.26 21.59 -1.78
N PRO A 3 -19.69 20.44 -2.08
CA PRO A 3 -19.86 19.79 -3.39
C PRO A 3 -21.22 19.10 -3.46
N ALA A 4 -21.56 18.56 -4.60
CA ALA A 4 -22.87 17.87 -4.74
C ALA A 4 -22.70 16.62 -5.61
N GLY A 5 -22.27 15.54 -5.01
CA GLY A 5 -22.07 14.28 -5.79
C GLY A 5 -20.80 13.58 -5.32
N GLY A 6 -19.66 14.19 -5.55
CA GLY A 6 -18.39 13.55 -5.12
C GLY A 6 -17.69 12.92 -6.33
N ASN A 7 -18.40 12.79 -7.42
CA ASN A 7 -17.77 12.18 -8.64
C ASN A 7 -17.11 10.86 -8.26
N ALA A 8 -17.88 9.83 -8.10
CA ALA A 8 -17.30 8.50 -7.74
C ALA A 8 -16.54 8.63 -6.42
N PHE A 9 -15.68 7.70 -6.12
CA PHE A 9 -14.90 7.77 -4.85
C PHE A 9 -13.41 7.82 -5.17
N GLU A 10 -13.04 7.55 -6.40
CA GLU A 10 -11.59 7.60 -6.77
C GLU A 10 -10.96 8.85 -6.18
N GLU A 11 -11.73 9.88 -5.96
CA GLU A 11 -11.15 11.13 -5.38
C GLU A 11 -10.29 10.78 -4.16
N MET A 12 -10.58 9.68 -3.52
CA MET A 12 -9.77 9.29 -2.33
C MET A 12 -8.38 8.84 -2.78
N GLU A 13 -8.31 7.88 -3.65
CA GLU A 13 -6.99 7.39 -4.13
C GLU A 13 -6.10 8.60 -4.48
N LYS A 14 -6.69 9.66 -4.94
CA LYS A 14 -5.89 10.86 -5.30
C LYS A 14 -5.18 11.40 -4.05
N HIS A 15 -5.86 11.43 -2.93
CA HIS A 15 -5.23 11.95 -1.69
C HIS A 15 -4.28 10.89 -1.12
N ALA A 16 -4.42 9.66 -1.54
CA ALA A 16 -3.54 8.59 -1.02
C ALA A 16 -2.16 8.67 -1.70
N LYS A 17 -2.15 8.88 -2.99
CA LYS A 17 -0.85 8.98 -3.71
C LYS A 17 0.08 9.94 -2.98
N GLU A 18 -0.40 11.10 -2.63
CA GLU A 18 0.47 12.09 -1.91
C GLU A 18 1.06 11.43 -0.66
N PHE A 19 0.36 10.48 -0.11
CA PHE A 19 0.88 9.79 1.12
C PHE A 19 1.96 8.79 0.72
N GLN A 20 2.01 8.41 -0.53
CA GLN A 20 3.05 7.43 -0.97
C GLN A 20 4.42 8.11 -0.98
N LYS A 21 4.45 9.39 -1.26
CA LYS A 21 5.76 10.11 -1.29
C LYS A 21 6.27 10.28 0.14
N THR A 22 5.40 10.09 1.11
CA THR A 22 5.83 10.24 2.53
C THR A 22 6.82 9.12 2.88
N PHE A 23 6.49 7.90 2.54
CA PHE A 23 7.42 6.78 2.85
C PHE A 23 8.59 6.79 1.87
N SER A 24 8.37 7.21 0.65
CA SER A 24 9.47 7.24 -0.35
C SER A 24 10.50 8.29 0.08
N GLU A 25 10.09 9.29 0.80
CA GLU A 25 11.05 10.34 1.24
C GLU A 25 11.74 9.88 2.53
N GLN A 26 11.09 9.08 3.32
CA GLN A 26 11.71 8.61 4.59
C GLN A 26 12.72 7.50 4.28
N PHE A 27 12.37 6.60 3.40
CA PHE A 27 13.32 5.50 3.06
C PHE A 27 14.73 6.06 2.88
N ASN A 28 14.84 7.27 2.39
CA ASN A 28 16.18 7.88 2.19
C ASN A 28 16.91 7.91 3.53
N SER A 29 16.20 7.95 4.62
CA SER A 29 16.86 7.97 5.95
C SER A 29 17.36 6.58 6.31
N LEU A 30 16.91 5.57 5.59
CA LEU A 30 17.36 4.19 5.90
C LEU A 30 18.88 4.09 5.74
N VAL A 31 19.41 4.64 4.68
CA VAL A 31 20.88 4.58 4.46
C VAL A 31 21.60 4.99 5.76
N ASN A 32 21.01 5.85 6.53
CA ASN A 32 21.65 6.28 7.80
C ASN A 32 21.84 5.08 8.71
N SER A 33 21.17 3.99 8.43
CA SER A 33 21.30 2.78 9.28
C SER A 33 22.74 2.25 9.19
N LYS A 34 23.13 1.38 10.09
CA LYS A 34 24.51 0.84 10.05
C LYS A 34 24.88 0.49 8.61
N ASN A 35 24.15 -0.40 8.00
CA ASN A 35 24.47 -0.78 6.59
C ASN A 35 25.93 -1.22 6.50
N THR A 36 26.19 -2.49 6.61
CA THR A 36 27.59 -2.98 6.53
C THR A 36 27.60 -4.46 6.13
N GLN A 37 26.60 -4.89 5.42
CA GLN A 37 26.54 -6.32 5.00
C GLN A 37 26.34 -7.21 6.23
N ASP A 38 25.84 -6.64 7.30
CA ASP A 38 25.62 -7.45 8.53
C ASP A 38 24.56 -6.79 9.39
N PHE A 39 23.75 -5.94 8.81
CA PHE A 39 22.69 -5.26 9.61
C PHE A 39 21.47 -5.01 8.73
N ASN A 40 21.40 -5.66 7.60
CA ASN A 40 20.23 -5.46 6.70
C ASN A 40 18.98 -6.05 7.36
N LYS A 41 19.13 -7.13 8.08
CA LYS A 41 17.95 -7.75 8.76
C LYS A 41 17.11 -6.64 9.40
N ALA A 42 17.74 -5.75 10.12
CA ALA A 42 16.97 -4.65 10.78
C ALA A 42 16.16 -3.92 9.70
N LEU A 43 16.66 -3.88 8.50
CA LEU A 43 15.93 -3.20 7.40
C LEU A 43 14.78 -4.10 6.93
N LYS A 44 14.94 -5.39 7.03
CA LYS A 44 13.86 -6.31 6.59
C LYS A 44 12.77 -6.35 7.65
N ASP A 45 13.12 -6.18 8.89
CA ASP A 45 12.11 -6.20 9.99
C ASP A 45 11.22 -4.96 9.88
N GLY A 46 11.81 -3.83 9.56
CA GLY A 46 11.00 -2.58 9.45
C GLY A 46 10.22 -2.60 8.12
N SER A 47 10.82 -3.09 7.08
CA SER A 47 10.13 -3.13 5.76
C SER A 47 9.13 -4.29 5.76
N ASP A 48 9.55 -5.44 6.21
CA ASP A 48 8.64 -6.61 6.23
C ASP A 48 7.36 -6.26 7.00
N SER A 49 7.48 -5.49 8.05
CA SER A 49 6.27 -5.09 8.83
C SER A 49 5.37 -4.21 7.97
N VAL A 50 5.96 -3.41 7.12
CA VAL A 50 5.13 -2.52 6.25
C VAL A 50 4.42 -3.36 5.19
N LEU A 51 4.84 -4.59 5.02
CA LEU A 51 4.18 -5.46 3.99
C LEU A 51 2.85 -5.97 4.55
N GLN A 52 2.88 -6.60 5.69
CA GLN A 52 1.61 -7.13 6.28
C GLN A 52 0.79 -5.96 6.83
N GLN A 53 1.41 -4.83 7.04
CA GLN A 53 0.67 -3.65 7.56
C GLN A 53 -0.14 -3.01 6.43
N LEU A 54 0.49 -2.74 5.32
CA LEU A 54 -0.24 -2.12 4.18
C LEU A 54 -1.08 -3.18 3.47
N SER A 55 -0.74 -4.43 3.66
CA SER A 55 -1.51 -5.51 3.00
C SER A 55 -2.95 -5.51 3.54
N ALA A 56 -3.19 -4.82 4.61
CA ALA A 56 -4.57 -4.77 5.18
C ALA A 56 -5.49 -4.06 4.21
N PHE A 57 -5.04 -2.96 3.63
CA PHE A 57 -5.91 -2.23 2.67
C PHE A 57 -6.59 -3.22 1.73
N SER A 58 -5.97 -4.35 1.51
CA SER A 58 -6.57 -5.37 0.60
C SER A 58 -7.71 -6.08 1.33
N SER A 59 -7.50 -6.47 2.55
CA SER A 59 -8.57 -7.18 3.31
C SER A 59 -9.72 -6.21 3.59
N SER A 60 -9.52 -4.94 3.31
CA SER A 60 -10.60 -3.95 3.56
C SER A 60 -11.67 -4.07 2.49
N LEU A 61 -11.28 -4.12 1.25
CA LEU A 61 -12.27 -4.23 0.15
C LEU A 61 -12.77 -5.67 0.06
N GLN A 62 -11.96 -6.61 0.50
CA GLN A 62 -12.39 -8.04 0.43
C GLN A 62 -13.82 -8.18 0.95
N GLY A 63 -14.24 -7.27 1.79
CA GLY A 63 -15.63 -7.34 2.33
C GLY A 63 -16.62 -6.81 1.28
N ALA A 64 -16.15 -5.97 0.40
CA ALA A 64 -17.07 -5.40 -0.63
C ALA A 64 -17.32 -6.45 -1.72
N ILE A 65 -16.27 -7.02 -2.25
CA ILE A 65 -16.44 -8.05 -3.31
C ILE A 65 -17.17 -9.27 -2.73
N SER A 66 -17.31 -9.33 -1.44
CA SER A 66 -18.00 -10.49 -0.80
C SER A 66 -19.25 -10.84 -1.63
N ASP A 67 -19.82 -9.88 -2.30
CA ASP A 67 -21.04 -10.17 -3.11
C ASP A 67 -21.25 -9.06 -4.14
N ALA A 68 -21.13 -7.83 -3.72
CA ALA A 68 -21.33 -6.70 -4.68
C ALA A 68 -22.56 -6.96 -5.54
N ASN A 69 -22.66 -6.31 -6.66
CA ASN A 69 -23.84 -6.52 -7.55
C ASN A 69 -23.61 -7.75 -8.42
N GLY A 70 -22.37 -8.12 -8.62
CA GLY A 70 -22.09 -9.32 -9.47
C GLY A 70 -21.32 -8.89 -10.72
N LYS A 71 -20.66 -7.77 -10.66
CA LYS A 71 -19.90 -7.29 -11.85
C LYS A 71 -18.62 -6.60 -11.38
N ALA A 72 -18.74 -5.48 -10.72
CA ALA A 72 -17.53 -4.77 -10.23
C ALA A 72 -16.85 -5.58 -9.12
N LYS A 73 -17.48 -6.64 -8.69
CA LYS A 73 -16.88 -7.48 -7.60
C LYS A 73 -15.60 -8.14 -8.13
N GLU A 74 -15.49 -8.32 -9.41
CA GLU A 74 -14.28 -8.97 -9.98
C GLU A 74 -13.14 -7.96 -10.02
N ALA A 75 -13.45 -6.71 -10.22
CA ALA A 75 -12.38 -5.67 -10.27
C ALA A 75 -11.90 -5.34 -8.85
N LEU A 76 -12.70 -5.65 -7.87
CA LEU A 76 -12.29 -5.36 -6.47
C LEU A 76 -11.28 -6.41 -5.99
N GLU A 77 -11.58 -7.67 -6.18
CA GLU A 77 -10.64 -8.73 -5.74
C GLU A 77 -9.30 -8.56 -6.47
N GLN A 78 -9.30 -7.89 -7.58
CA GLN A 78 -8.02 -7.68 -8.33
C GLN A 78 -7.16 -6.65 -7.61
N ALA A 79 -7.75 -5.56 -7.20
CA ALA A 79 -6.95 -4.51 -6.49
C ALA A 79 -6.65 -4.98 -5.07
N ARG A 80 -7.29 -6.03 -4.63
CA ARG A 80 -7.03 -6.53 -3.25
C ARG A 80 -5.71 -7.31 -3.22
N GLN A 81 -5.55 -8.26 -4.10
CA GLN A 81 -4.29 -9.06 -4.12
C GLN A 81 -3.17 -8.23 -4.77
N ASN A 82 -3.47 -7.57 -5.86
CA ASN A 82 -2.42 -6.75 -6.53
C ASN A 82 -1.66 -5.93 -5.49
N VAL A 83 -2.37 -5.30 -4.59
CA VAL A 83 -1.68 -4.47 -3.56
C VAL A 83 -1.17 -5.38 -2.44
N GLU A 84 -1.78 -6.51 -2.26
CA GLU A 84 -1.33 -7.44 -1.17
C GLU A 84 -0.06 -8.17 -1.62
N LYS A 85 0.04 -8.51 -2.88
CA LYS A 85 1.24 -9.23 -3.38
C LYS A 85 2.39 -8.23 -3.55
N THR A 86 2.13 -7.10 -4.13
CA THR A 86 3.21 -6.10 -4.33
C THR A 86 3.80 -5.70 -2.97
N ALA A 87 3.02 -5.74 -1.93
CA ALA A 87 3.54 -5.37 -0.59
C ALA A 87 4.30 -6.56 0.00
N GLU A 88 3.67 -7.69 0.10
CA GLU A 88 4.35 -8.88 0.67
C GLU A 88 5.30 -9.48 -0.36
N GLU A 89 5.30 -8.95 -1.55
CA GLU A 89 6.21 -9.48 -2.61
C GLU A 89 7.59 -9.75 -2.01
N LEU A 90 8.19 -8.76 -1.41
CA LEU A 90 9.55 -8.96 -0.82
C LEU A 90 9.42 -9.60 0.57
N ARG A 91 8.23 -9.63 1.10
CA ARG A 91 8.05 -10.24 2.45
C ARG A 91 8.57 -11.68 2.44
N LYS A 92 8.46 -12.35 1.32
CA LYS A 92 8.95 -13.75 1.25
C LYS A 92 10.48 -13.76 1.13
N ALA A 93 11.03 -12.74 0.52
CA ALA A 93 12.51 -12.68 0.38
C ALA A 93 13.12 -11.97 1.58
N HIS A 94 12.89 -12.47 2.76
CA HIS A 94 13.45 -11.82 3.98
C HIS A 94 14.92 -12.25 4.18
N PRO A 95 15.19 -13.52 4.04
CA PRO A 95 16.56 -14.05 4.20
C PRO A 95 17.40 -13.78 2.95
N ASP A 96 16.77 -13.35 1.88
CA ASP A 96 17.53 -13.08 0.63
C ASP A 96 18.18 -11.69 0.73
N VAL A 97 17.55 -10.77 1.38
CA VAL A 97 18.14 -9.40 1.51
C VAL A 97 19.19 -9.40 2.62
N GLU A 98 18.90 -10.02 3.72
CA GLU A 98 19.89 -10.05 4.84
C GLU A 98 21.10 -10.88 4.42
N LYS A 99 20.97 -11.69 3.41
CA LYS A 99 22.11 -12.52 2.95
C LYS A 99 23.04 -11.66 2.08
N GLU A 100 22.54 -11.15 0.99
CA GLU A 100 23.40 -10.31 0.10
C GLU A 100 23.39 -8.87 0.61
N ALA A 101 22.30 -8.43 1.16
CA ALA A 101 22.23 -7.03 1.67
C ALA A 101 22.86 -6.08 0.65
N ASN A 102 22.82 -6.43 -0.61
CA ASN A 102 23.42 -5.55 -1.64
C ASN A 102 22.63 -4.24 -1.72
N ALA A 103 21.35 -4.32 -1.91
CA ALA A 103 20.52 -3.08 -1.99
C ALA A 103 19.06 -3.45 -2.23
N PHE A 104 18.61 -4.53 -1.63
CA PHE A 104 17.20 -4.96 -1.82
C PHE A 104 16.27 -3.99 -1.07
N LYS A 105 16.83 -3.10 -0.31
CA LYS A 105 15.98 -2.12 0.44
C LYS A 105 14.99 -1.47 -0.51
N ASP A 106 15.35 -1.32 -1.75
CA ASP A 106 14.42 -0.68 -2.73
C ASP A 106 13.24 -1.62 -3.00
N LYS A 107 13.29 -2.82 -2.48
CA LYS A 107 12.18 -3.78 -2.70
C LYS A 107 10.89 -3.21 -2.11
N LEU A 108 10.98 -2.63 -0.94
CA LEU A 108 9.76 -2.05 -0.30
C LEU A 108 9.41 -0.73 -0.98
N GLN A 109 10.39 0.10 -1.26
CA GLN A 109 10.11 1.40 -1.91
C GLN A 109 9.52 1.15 -3.30
N ALA A 110 10.03 0.18 -4.01
CA ALA A 110 9.49 -0.10 -5.37
C ALA A 110 8.17 -0.87 -5.26
N ALA A 111 7.95 -1.50 -4.13
CA ALA A 111 6.68 -2.27 -3.95
C ALA A 111 5.54 -1.30 -3.65
N VAL A 112 5.72 -0.44 -2.70
CA VAL A 112 4.64 0.53 -2.35
C VAL A 112 4.39 1.46 -3.55
N GLN A 113 5.43 1.99 -4.12
CA GLN A 113 5.26 2.90 -5.29
C GLN A 113 4.27 2.28 -6.28
N THR A 114 4.14 0.99 -6.26
CA THR A 114 3.19 0.33 -7.21
C THR A 114 1.76 0.48 -6.68
N THR A 115 1.61 0.70 -5.41
CA THR A 115 0.25 0.86 -4.84
C THR A 115 -0.39 2.16 -5.36
N VAL A 116 0.37 3.22 -5.44
CA VAL A 116 -0.18 4.50 -5.93
C VAL A 116 -0.68 4.32 -7.37
N GLN A 117 -0.03 3.46 -8.12
CA GLN A 117 -0.47 3.24 -9.53
C GLN A 117 -1.71 2.35 -9.55
N GLU A 118 -1.64 1.20 -8.92
CA GLU A 118 -2.81 0.29 -8.90
C GLU A 118 -4.03 1.03 -8.34
N SER A 119 -3.81 1.97 -7.45
CA SER A 119 -4.95 2.72 -6.87
C SER A 119 -5.71 3.43 -7.98
N GLN A 120 -5.13 3.53 -9.15
CA GLN A 120 -5.82 4.21 -10.27
C GLN A 120 -6.87 3.27 -10.87
N LYS A 121 -6.48 2.07 -11.20
CA LYS A 121 -7.44 1.10 -11.79
C LYS A 121 -8.66 0.96 -10.86
N LEU A 122 -8.42 0.83 -9.59
CA LEU A 122 -9.56 0.69 -8.64
C LEU A 122 -10.36 1.99 -8.59
N ALA A 123 -9.69 3.11 -8.66
CA ALA A 123 -10.41 4.41 -8.63
C ALA A 123 -11.05 4.68 -10.00
N LYS A 124 -10.34 4.38 -11.06
CA LYS A 124 -10.91 4.61 -12.42
C LYS A 124 -12.00 3.57 -12.70
N GLU A 125 -11.91 2.42 -12.10
CA GLU A 125 -12.95 1.37 -12.33
C GLU A 125 -14.30 1.86 -11.81
N VAL A 126 -14.35 2.30 -10.59
CA VAL A 126 -15.63 2.79 -10.02
C VAL A 126 -15.98 4.15 -10.65
N ALA A 127 -15.01 4.82 -11.20
CA ALA A 127 -15.29 6.14 -11.83
C ALA A 127 -16.04 5.94 -13.14
N SER A 128 -16.20 4.72 -13.57
CA SER A 128 -16.93 4.45 -14.83
C SER A 128 -18.33 5.07 -14.76
N ASN A 129 -18.79 5.37 -13.58
CA ASN A 129 -20.14 5.98 -13.43
C ASN A 129 -21.21 4.89 -13.61
N MET A 130 -20.80 3.68 -13.85
CA MET A 130 -21.79 2.58 -14.04
C MET A 130 -22.01 1.85 -12.71
N GLU A 131 -21.55 2.43 -11.64
CA GLU A 131 -21.72 1.77 -10.30
C GLU A 131 -23.13 2.07 -9.77
N GLU A 132 -24.14 1.69 -10.50
CA GLU A 132 -25.54 1.96 -10.03
C GLU A 132 -25.85 1.05 -8.84
N THR A 133 -25.02 0.08 -8.58
CA THR A 133 -25.28 -0.84 -7.43
C THR A 133 -23.97 -1.08 -6.67
N ASN A 134 -23.24 -0.04 -6.37
CA ASN A 134 -21.96 -0.20 -5.63
C ASN A 134 -22.23 -0.07 -4.13
N LYS A 135 -23.46 -0.11 -3.72
CA LYS A 135 -23.78 0.02 -2.27
C LYS A 135 -22.80 -0.83 -1.46
N LYS A 136 -22.34 -1.92 -2.03
CA LYS A 136 -21.38 -2.79 -1.29
C LYS A 136 -19.99 -2.15 -1.29
N LEU A 137 -19.64 -1.48 -2.36
CA LEU A 137 -18.30 -0.84 -2.43
C LEU A 137 -18.30 0.45 -1.62
N ALA A 138 -19.43 0.85 -1.11
CA ALA A 138 -19.50 2.11 -0.30
C ALA A 138 -18.89 1.86 1.08
N PRO A 139 -19.40 0.87 1.77
CA PRO A 139 -18.92 0.52 3.12
C PRO A 139 -17.60 -0.26 3.04
N LYS A 140 -16.66 0.24 2.28
CA LYS A 140 -15.35 -0.47 2.18
C LYS A 140 -14.29 0.49 1.63
N ILE A 141 -14.67 1.38 0.74
CA ILE A 141 -13.68 2.34 0.18
C ILE A 141 -13.25 3.33 1.28
N LYS A 142 -14.16 3.72 2.12
CA LYS A 142 -13.82 4.68 3.20
C LYS A 142 -12.60 4.17 3.98
N GLN A 143 -12.62 2.93 4.39
CA GLN A 143 -11.47 2.37 5.15
C GLN A 143 -10.33 2.06 4.18
N ALA A 144 -10.59 2.10 2.90
CA ALA A 144 -9.53 1.81 1.91
C ALA A 144 -8.62 3.02 1.76
N TYR A 145 -9.18 4.20 1.62
CA TYR A 145 -8.34 5.41 1.47
C TYR A 145 -7.63 5.71 2.80
N ASP A 146 -8.23 5.35 3.89
CA ASP A 146 -7.59 5.61 5.21
C ASP A 146 -6.46 4.61 5.44
N ASP A 147 -6.51 3.48 4.79
CA ASP A 147 -5.44 2.45 4.97
C ASP A 147 -4.20 2.85 4.18
N PHE A 148 -4.32 3.76 3.26
CA PHE A 148 -3.15 4.18 2.45
C PHE A 148 -2.25 5.12 3.27
N VAL A 149 -2.79 6.19 3.77
CA VAL A 149 -1.98 7.15 4.57
C VAL A 149 -1.54 6.50 5.87
N LYS A 150 -2.28 5.53 6.35
CA LYS A 150 -1.90 4.87 7.63
C LYS A 150 -0.76 3.87 7.38
N HIS A 151 -0.94 2.99 6.45
CA HIS A 151 0.13 1.98 6.16
C HIS A 151 1.25 2.62 5.35
N ALA A 152 0.93 3.56 4.50
CA ALA A 152 1.99 4.21 3.67
C ALA A 152 3.13 4.69 4.58
N GLU A 153 2.83 5.49 5.56
CA GLU A 153 3.89 6.00 6.48
C GLU A 153 4.27 4.91 7.48
N GLU A 154 3.58 3.80 7.46
CA GLU A 154 3.90 2.70 8.43
C GLU A 154 5.40 2.44 8.41
N VAL A 155 6.00 2.42 7.24
CA VAL A 155 7.47 2.16 7.16
C VAL A 155 8.24 3.39 7.66
N GLN A 156 7.78 4.56 7.30
CA GLN A 156 8.49 5.79 7.75
C GLN A 156 8.56 5.82 9.28
N LYS A 157 7.59 5.24 9.93
CA LYS A 157 7.60 5.23 11.42
C LYS A 157 8.77 4.38 11.92
N LYS A 158 8.89 3.16 11.45
CA LYS A 158 10.01 2.29 11.90
C LYS A 158 11.32 2.80 11.30
N LEU A 159 11.30 3.20 10.06
CA LEU A 159 12.54 3.70 9.42
C LEU A 159 13.26 4.65 10.37
N HIS A 160 12.53 5.44 11.12
CA HIS A 160 13.17 6.39 12.06
C HIS A 160 14.12 5.62 12.99
N GLU A 161 13.73 4.44 13.41
CA GLU A 161 14.62 3.64 14.31
C GLU A 161 15.76 3.05 13.50
N ALA A 162 15.52 2.76 12.24
CA ALA A 162 16.60 2.17 11.40
C ALA A 162 17.78 3.15 11.32
N ALA A 163 17.52 4.40 11.12
CA ALA A 163 18.62 5.40 11.05
C ALA A 163 19.59 5.19 12.20
N THR A 164 19.12 4.63 13.29
CA THR A 164 20.01 4.39 14.46
C THR A 164 19.45 3.25 15.31
N LYS A 165 19.23 2.11 14.72
CA LYS A 165 18.68 0.96 15.49
C LYS A 165 19.59 0.68 16.69
N GLN A 166 20.88 0.80 16.52
CA GLN A 166 21.82 0.54 17.65
C GLN A 166 21.53 -0.84 18.23
N ASP A 1 -7.15 21.72 -6.54
CA ASP A 1 -6.19 20.67 -6.98
C ASP A 1 -6.97 19.51 -7.60
N ALA A 2 -8.05 19.79 -8.27
CA ALA A 2 -8.85 18.69 -8.89
C ALA A 2 -10.20 19.24 -9.35
N PRO A 3 -10.19 19.88 -10.50
CA PRO A 3 -11.41 20.47 -11.09
C PRO A 3 -12.26 19.38 -11.74
N ALA A 4 -13.52 19.68 -12.00
CA ALA A 4 -14.40 18.66 -12.63
C ALA A 4 -14.48 17.42 -11.74
N GLY A 5 -15.15 16.40 -12.18
CA GLY A 5 -15.26 15.16 -11.36
C GLY A 5 -16.09 15.47 -10.10
N GLY A 6 -15.58 15.10 -8.95
CA GLY A 6 -16.34 15.38 -7.70
C GLY A 6 -17.63 14.55 -7.69
N ASN A 7 -17.70 13.51 -8.49
CA ASN A 7 -18.93 12.68 -8.52
C ASN A 7 -18.69 11.39 -7.74
N ALA A 8 -17.48 10.91 -7.70
CA ALA A 8 -17.19 9.66 -6.96
C ALA A 8 -16.13 9.94 -5.89
N PHE A 9 -15.51 8.91 -5.37
CA PHE A 9 -14.47 9.12 -4.32
C PHE A 9 -13.09 9.03 -4.95
N GLU A 10 -13.01 8.93 -6.25
CA GLU A 10 -11.69 8.85 -6.93
C GLU A 10 -10.80 10.00 -6.44
N GLU A 11 -11.39 11.05 -5.94
CA GLU A 11 -10.58 12.19 -5.45
C GLU A 11 -9.73 11.75 -4.25
N MET A 12 -10.06 10.63 -3.67
CA MET A 12 -9.28 10.14 -2.50
C MET A 12 -7.96 9.54 -2.98
N GLU A 13 -8.02 8.58 -3.88
CA GLU A 13 -6.77 7.96 -4.39
C GLU A 13 -5.74 9.06 -4.69
N LYS A 14 -6.20 10.24 -4.98
CA LYS A 14 -5.25 11.35 -5.29
C LYS A 14 -4.65 11.90 -3.99
N HIS A 15 -5.43 11.97 -2.95
CA HIS A 15 -4.88 12.50 -1.66
C HIS A 15 -4.03 11.43 -0.98
N ALA A 16 -4.27 10.18 -1.27
CA ALA A 16 -3.47 9.10 -0.65
C ALA A 16 -2.11 9.00 -1.34
N LYS A 17 -2.10 9.08 -2.66
CA LYS A 17 -0.81 8.99 -3.40
C LYS A 17 0.18 10.01 -2.87
N GLU A 18 -0.25 11.22 -2.64
CA GLU A 18 0.68 12.26 -2.12
C GLU A 18 1.27 11.79 -0.79
N PHE A 19 0.59 10.94 -0.09
CA PHE A 19 1.11 10.44 1.21
C PHE A 19 2.18 9.38 0.97
N GLN A 20 2.15 8.74 -0.18
CA GLN A 20 3.17 7.70 -0.48
C GLN A 20 4.48 8.37 -0.88
N LYS A 21 4.43 9.65 -1.18
CA LYS A 21 5.67 10.36 -1.58
C LYS A 21 6.50 10.68 -0.33
N THR A 22 5.85 10.89 0.79
CA THR A 22 6.60 11.20 2.03
C THR A 22 7.27 9.93 2.55
N PHE A 23 6.62 8.81 2.43
CA PHE A 23 7.22 7.54 2.92
C PHE A 23 8.26 7.04 1.91
N SER A 24 8.04 7.30 0.65
CA SER A 24 9.03 6.85 -0.39
C SER A 24 10.36 7.56 -0.17
N GLU A 25 10.32 8.76 0.35
CA GLU A 25 11.59 9.51 0.58
C GLU A 25 12.19 9.09 1.93
N GLN A 26 11.37 8.77 2.88
CA GLN A 26 11.90 8.36 4.22
C GLN A 26 12.87 7.21 4.04
N PHE A 27 12.57 6.29 3.16
CA PHE A 27 13.49 5.13 2.94
C PHE A 27 14.93 5.63 2.82
N ASN A 28 15.11 6.85 2.39
CA ASN A 28 16.48 7.40 2.25
C ASN A 28 17.02 7.79 3.63
N SER A 29 16.15 8.03 4.57
CA SER A 29 16.61 8.42 5.93
C SER A 29 17.10 7.17 6.67
N LEU A 30 16.65 6.02 6.27
CA LEU A 30 17.10 4.77 6.96
C LEU A 30 18.52 4.42 6.52
N VAL A 31 18.82 4.60 5.26
CA VAL A 31 20.19 4.28 4.77
C VAL A 31 21.21 5.20 5.45
N ASN A 32 21.52 4.93 6.69
CA ASN A 32 22.51 5.78 7.41
C ASN A 32 22.46 5.45 8.91
N SER A 33 22.90 4.29 9.28
CA SER A 33 22.90 3.91 10.72
C SER A 33 24.19 3.16 11.06
N LYS A 34 24.19 1.86 10.95
CA LYS A 34 25.41 1.08 11.27
C LYS A 34 25.96 0.45 9.98
N ASN A 35 27.03 -0.31 10.10
CA ASN A 35 27.61 -0.94 8.89
C ASN A 35 28.51 -2.11 9.32
N THR A 36 27.92 -3.23 9.66
CA THR A 36 28.73 -4.40 10.09
C THR A 36 27.88 -5.67 10.02
N GLN A 37 27.28 -5.93 8.88
CA GLN A 37 26.44 -7.16 8.76
C GLN A 37 25.26 -7.06 9.73
N ASP A 38 24.99 -5.89 10.26
CA ASP A 38 23.86 -5.74 11.21
C ASP A 38 23.15 -4.41 10.95
N PHE A 39 23.14 -3.97 9.72
CA PHE A 39 22.46 -2.69 9.40
C PHE A 39 21.42 -2.91 8.29
N ASN A 40 21.39 -4.09 7.73
CA ASN A 40 20.41 -4.37 6.65
C ASN A 40 19.31 -5.30 7.18
N LYS A 41 19.68 -6.24 8.01
CA LYS A 41 18.66 -7.19 8.56
C LYS A 41 17.58 -6.40 9.29
N ALA A 42 17.97 -5.47 10.12
CA ALA A 42 16.96 -4.66 10.88
C ALA A 42 16.21 -3.78 9.88
N LEU A 43 16.74 -3.62 8.70
CA LEU A 43 16.06 -2.76 7.68
C LEU A 43 14.89 -3.56 7.07
N LYS A 44 15.05 -4.85 6.93
CA LYS A 44 13.95 -5.66 6.35
C LYS A 44 12.85 -5.89 7.39
N ASP A 45 13.23 -5.98 8.64
CA ASP A 45 12.21 -6.20 9.70
C ASP A 45 11.24 -5.00 9.74
N GLY A 46 11.76 -3.81 9.61
CA GLY A 46 10.88 -2.61 9.63
C GLY A 46 10.16 -2.49 8.28
N SER A 47 10.80 -2.89 7.22
CA SER A 47 10.16 -2.79 5.89
C SER A 47 9.16 -3.92 5.71
N ASP A 48 9.57 -5.14 5.96
CA ASP A 48 8.64 -6.29 5.82
C ASP A 48 7.37 -6.03 6.64
N SER A 49 7.51 -5.43 7.80
CA SER A 49 6.33 -5.14 8.64
C SER A 49 5.32 -4.29 7.85
N VAL A 50 5.80 -3.28 7.18
CA VAL A 50 4.88 -2.42 6.39
C VAL A 50 4.09 -3.29 5.40
N LEU A 51 4.62 -4.42 5.03
CA LEU A 51 3.91 -5.31 4.08
C LEU A 51 2.69 -5.93 4.78
N GLN A 52 2.91 -6.57 5.89
CA GLN A 52 1.76 -7.18 6.63
C GLN A 52 0.86 -6.07 7.15
N GLN A 53 1.38 -4.88 7.28
CA GLN A 53 0.55 -3.75 7.77
C GLN A 53 -0.35 -3.24 6.65
N LEU A 54 0.23 -2.88 5.53
CA LEU A 54 -0.59 -2.38 4.40
C LEU A 54 -1.44 -3.53 3.83
N SER A 55 -0.95 -4.75 3.95
CA SER A 55 -1.72 -5.90 3.42
C SER A 55 -3.19 -5.78 3.86
N ALA A 56 -3.43 -5.09 4.94
CA ALA A 56 -4.83 -4.93 5.42
C ALA A 56 -5.67 -4.26 4.33
N PHE A 57 -5.16 -3.23 3.72
CA PHE A 57 -5.93 -2.54 2.64
C PHE A 57 -6.54 -3.58 1.72
N SER A 58 -5.80 -4.62 1.40
CA SER A 58 -6.35 -5.67 0.51
C SER A 58 -7.49 -6.40 1.21
N SER A 59 -7.40 -6.59 2.50
CA SER A 59 -8.49 -7.29 3.22
C SER A 59 -9.65 -6.33 3.45
N SER A 60 -9.50 -5.09 3.10
CA SER A 60 -10.61 -4.12 3.31
C SER A 60 -11.66 -4.32 2.22
N LEU A 61 -11.28 -4.26 0.98
CA LEU A 61 -12.26 -4.45 -0.12
C LEU A 61 -12.58 -5.93 -0.30
N GLN A 62 -11.92 -6.79 0.43
CA GLN A 62 -12.20 -8.25 0.30
C GLN A 62 -13.58 -8.56 0.85
N GLY A 63 -14.02 -7.82 1.84
CA GLY A 63 -15.37 -8.09 2.42
C GLY A 63 -16.45 -7.64 1.43
N ALA A 64 -16.13 -6.71 0.59
CA ALA A 64 -17.15 -6.23 -0.41
C ALA A 64 -17.36 -7.30 -1.47
N ILE A 65 -16.30 -7.78 -2.07
CA ILE A 65 -16.43 -8.82 -3.12
C ILE A 65 -16.99 -10.10 -2.49
N SER A 66 -17.03 -10.16 -1.18
CA SER A 66 -17.56 -11.39 -0.52
C SER A 66 -18.88 -11.80 -1.17
N ASP A 67 -19.86 -10.94 -1.14
CA ASP A 67 -21.17 -11.27 -1.76
C ASP A 67 -21.74 -10.04 -2.47
N ALA A 68 -21.00 -9.50 -3.41
CA ALA A 68 -21.49 -8.29 -4.14
C ALA A 68 -22.33 -8.73 -5.34
N ASN A 69 -22.54 -7.84 -6.27
CA ASN A 69 -23.35 -8.21 -7.48
C ASN A 69 -22.70 -9.41 -8.18
N GLY A 70 -21.43 -9.32 -8.47
CA GLY A 70 -20.75 -10.45 -9.15
C GLY A 70 -19.72 -9.91 -10.15
N LYS A 71 -19.99 -8.75 -10.70
CA LYS A 71 -19.02 -8.16 -11.68
C LYS A 71 -18.13 -7.15 -10.98
N ALA A 72 -18.72 -6.17 -10.35
CA ALA A 72 -17.90 -5.14 -9.64
C ALA A 72 -17.05 -5.82 -8.56
N LYS A 73 -17.49 -6.95 -8.08
CA LYS A 73 -16.72 -7.66 -7.02
C LYS A 73 -15.52 -8.37 -7.64
N GLU A 74 -15.61 -8.71 -8.90
CA GLU A 74 -14.48 -9.41 -9.57
C GLU A 74 -13.38 -8.39 -9.89
N ALA A 75 -13.72 -7.36 -10.62
CA ALA A 75 -12.71 -6.33 -10.96
C ALA A 75 -12.23 -5.65 -9.67
N LEU A 76 -13.04 -5.70 -8.66
CA LEU A 76 -12.65 -5.08 -7.36
C LEU A 76 -11.67 -6.01 -6.63
N GLU A 77 -11.68 -7.27 -6.96
CA GLU A 77 -10.75 -8.22 -6.29
C GLU A 77 -9.36 -8.06 -6.89
N GLN A 78 -9.27 -7.41 -8.03
CA GLN A 78 -7.94 -7.22 -8.67
C GLN A 78 -7.10 -6.25 -7.85
N ALA A 79 -7.73 -5.27 -7.26
CA ALA A 79 -6.97 -4.29 -6.43
C ALA A 79 -6.64 -4.91 -5.07
N ARG A 80 -7.31 -5.97 -4.73
CA ARG A 80 -7.04 -6.64 -3.42
C ARG A 80 -5.76 -7.46 -3.52
N GLN A 81 -5.63 -8.25 -4.53
CA GLN A 81 -4.40 -9.08 -4.68
C GLN A 81 -3.24 -8.22 -5.18
N ASN A 82 -3.43 -7.52 -6.28
CA ASN A 82 -2.34 -6.67 -6.82
C ASN A 82 -1.66 -5.91 -5.69
N VAL A 83 -2.43 -5.37 -4.77
CA VAL A 83 -1.81 -4.62 -3.64
C VAL A 83 -1.29 -5.58 -2.57
N GLU A 84 -1.87 -6.75 -2.49
CA GLU A 84 -1.42 -7.73 -1.47
C GLU A 84 -0.11 -8.39 -1.94
N LYS A 85 -0.05 -8.77 -3.18
CA LYS A 85 1.19 -9.44 -3.69
C LYS A 85 2.28 -8.39 -3.95
N THR A 86 1.89 -7.17 -4.21
CA THR A 86 2.90 -6.11 -4.48
C THR A 86 3.58 -5.71 -3.16
N ALA A 87 2.84 -5.64 -2.09
CA ALA A 87 3.46 -5.25 -0.79
C ALA A 87 4.15 -6.46 -0.17
N GLU A 88 3.44 -7.55 0.00
CA GLU A 88 4.07 -8.75 0.61
C GLU A 88 5.04 -9.38 -0.39
N GLU A 89 5.11 -8.85 -1.58
CA GLU A 89 6.03 -9.43 -2.61
C GLU A 89 7.38 -9.75 -1.96
N LEU A 90 8.01 -8.79 -1.33
CA LEU A 90 9.32 -9.04 -0.68
C LEU A 90 9.10 -9.67 0.70
N ARG A 91 7.93 -9.50 1.26
CA ARG A 91 7.66 -10.08 2.60
C ARG A 91 8.14 -11.54 2.63
N LYS A 92 8.19 -12.17 1.50
CA LYS A 92 8.64 -13.59 1.46
C LYS A 92 10.14 -13.66 1.72
N ALA A 93 10.79 -12.52 1.81
CA ALA A 93 12.26 -12.53 2.05
C ALA A 93 12.55 -11.93 3.42
N HIS A 94 13.80 -11.82 3.78
CA HIS A 94 14.14 -11.24 5.11
C HIS A 94 15.61 -11.53 5.44
N PRO A 95 15.98 -12.79 5.37
CA PRO A 95 17.35 -13.23 5.65
C PRO A 95 18.26 -12.95 4.45
N ASP A 96 17.70 -12.51 3.36
CA ASP A 96 18.53 -12.22 2.16
C ASP A 96 19.18 -10.84 2.31
N VAL A 97 18.41 -9.84 2.64
CA VAL A 97 18.99 -8.48 2.80
C VAL A 97 20.10 -8.53 3.85
N GLU A 98 19.96 -9.35 4.86
CA GLU A 98 21.01 -9.43 5.91
C GLU A 98 22.21 -10.19 5.37
N LYS A 99 22.00 -11.07 4.43
CA LYS A 99 23.14 -11.84 3.86
C LYS A 99 23.86 -10.98 2.81
N GLU A 100 23.17 -10.59 1.78
CA GLU A 100 23.83 -9.76 0.72
C GLU A 100 23.77 -8.29 1.13
N ALA A 101 22.72 -7.87 1.79
CA ALA A 101 22.60 -6.45 2.21
C ALA A 101 23.04 -5.54 1.05
N ASN A 102 22.90 -6.00 -0.16
CA ASN A 102 23.30 -5.17 -1.33
C ASN A 102 22.28 -4.05 -1.53
N ALA A 103 21.06 -4.40 -1.86
CA ALA A 103 20.02 -3.35 -2.07
C ALA A 103 18.63 -3.99 -1.95
N PHE A 104 18.40 -4.76 -0.92
CA PHE A 104 17.07 -5.41 -0.76
C PHE A 104 16.06 -4.37 -0.27
N LYS A 105 16.51 -3.18 0.03
CA LYS A 105 15.57 -2.13 0.50
C LYS A 105 14.77 -1.59 -0.68
N ASP A 106 15.38 -1.47 -1.82
CA ASP A 106 14.66 -0.94 -3.01
C ASP A 106 13.47 -1.86 -3.33
N LYS A 107 13.45 -3.04 -2.76
CA LYS A 107 12.32 -3.96 -3.03
C LYS A 107 11.02 -3.39 -2.45
N LEU A 108 11.07 -2.95 -1.23
CA LEU A 108 9.84 -2.37 -0.60
C LEU A 108 9.61 -0.95 -1.13
N GLN A 109 10.63 -0.13 -1.09
CA GLN A 109 10.47 1.27 -1.59
C GLN A 109 9.69 1.25 -2.91
N ALA A 110 10.05 0.39 -3.82
CA ALA A 110 9.33 0.33 -5.11
C ALA A 110 8.00 -0.40 -4.93
N ALA A 111 7.95 -1.31 -3.98
CA ALA A 111 6.69 -2.06 -3.76
C ALA A 111 5.62 -1.13 -3.18
N VAL A 112 6.03 -0.18 -2.37
CA VAL A 112 5.04 0.76 -1.77
C VAL A 112 4.49 1.67 -2.87
N GLN A 113 5.35 2.32 -3.61
CA GLN A 113 4.87 3.22 -4.69
C GLN A 113 3.84 2.50 -5.55
N THR A 114 3.85 1.19 -5.54
CA THR A 114 2.87 0.43 -6.36
C THR A 114 1.50 0.48 -5.70
N THR A 115 1.44 0.28 -4.42
CA THR A 115 0.12 0.32 -3.70
C THR A 115 -0.67 1.53 -4.19
N VAL A 116 -0.03 2.65 -4.34
CA VAL A 116 -0.75 3.87 -4.81
C VAL A 116 -0.98 3.77 -6.32
N GLN A 117 -0.26 2.92 -7.00
CA GLN A 117 -0.45 2.79 -8.46
C GLN A 117 -1.77 2.06 -8.74
N GLU A 118 -2.09 1.07 -7.95
CA GLU A 118 -3.35 0.32 -8.17
C GLU A 118 -4.54 1.21 -7.81
N SER A 119 -4.33 2.16 -6.93
CA SER A 119 -5.46 3.07 -6.55
C SER A 119 -6.02 3.74 -7.80
N GLN A 120 -5.27 3.72 -8.88
CA GLN A 120 -5.75 4.36 -10.14
C GLN A 120 -6.78 3.45 -10.80
N LYS A 121 -6.50 2.18 -10.88
CA LYS A 121 -7.47 1.24 -11.52
C LYS A 121 -8.74 1.15 -10.66
N LEU A 122 -8.58 0.91 -9.39
CA LEU A 122 -9.78 0.80 -8.51
C LEU A 122 -10.47 2.16 -8.42
N ALA A 123 -9.71 3.22 -8.40
CA ALA A 123 -10.32 4.58 -8.30
C ALA A 123 -11.26 4.79 -9.50
N LYS A 124 -10.81 4.47 -10.68
CA LYS A 124 -11.67 4.66 -11.88
C LYS A 124 -12.74 3.55 -11.93
N GLU A 125 -12.45 2.42 -11.36
CA GLU A 125 -13.44 1.30 -11.37
C GLU A 125 -14.73 1.76 -10.69
N VAL A 126 -14.63 2.35 -9.53
CA VAL A 126 -15.85 2.81 -8.82
C VAL A 126 -16.34 4.12 -9.44
N ALA A 127 -15.48 4.81 -10.15
CA ALA A 127 -15.89 6.09 -10.78
C ALA A 127 -16.77 5.80 -12.00
N SER A 128 -16.78 4.58 -12.46
CA SER A 128 -17.62 4.24 -13.64
C SER A 128 -19.10 4.38 -13.28
N ASN A 129 -19.40 4.41 -12.01
CA ASN A 129 -20.83 4.54 -11.59
C ASN A 129 -21.70 3.64 -12.46
N MET A 130 -21.18 2.54 -12.92
CA MET A 130 -21.99 1.63 -13.78
C MET A 130 -22.66 0.56 -12.90
N GLU A 131 -22.29 0.48 -11.65
CA GLU A 131 -22.90 -0.52 -10.75
C GLU A 131 -23.67 0.18 -9.64
N GLU A 132 -24.58 1.04 -10.00
CA GLU A 132 -25.37 1.77 -8.96
C GLU A 132 -25.86 0.79 -7.90
N THR A 133 -25.98 -0.47 -8.25
CA THR A 133 -26.46 -1.47 -7.26
C THR A 133 -25.29 -1.91 -6.36
N ASN A 134 -24.17 -1.26 -6.48
CA ASN A 134 -23.00 -1.64 -5.64
C ASN A 134 -22.96 -0.76 -4.39
N LYS A 135 -24.10 -0.39 -3.88
CA LYS A 135 -24.13 0.47 -2.66
C LYS A 135 -23.34 -0.20 -1.55
N LYS A 136 -23.09 -1.48 -1.65
CA LYS A 136 -22.32 -2.19 -0.60
C LYS A 136 -20.84 -1.88 -0.75
N LEU A 137 -20.42 -1.57 -1.95
CA LEU A 137 -18.97 -1.26 -2.17
C LEU A 137 -18.67 0.17 -1.69
N ALA A 138 -19.67 0.88 -1.24
CA ALA A 138 -19.44 2.28 -0.77
C ALA A 138 -18.77 2.26 0.62
N PRO A 139 -19.40 1.58 1.54
CA PRO A 139 -18.88 1.47 2.92
C PRO A 139 -17.74 0.46 3.00
N LYS A 140 -16.79 0.55 2.11
CA LYS A 140 -15.64 -0.39 2.14
C LYS A 140 -14.44 0.22 1.44
N ILE A 141 -14.67 0.97 0.39
CA ILE A 141 -13.54 1.60 -0.34
C ILE A 141 -12.95 2.73 0.51
N LYS A 142 -13.74 3.30 1.37
CA LYS A 142 -13.23 4.41 2.23
C LYS A 142 -12.05 3.90 3.05
N GLN A 143 -12.22 2.83 3.77
CA GLN A 143 -11.10 2.28 4.60
C GLN A 143 -9.93 1.91 3.69
N ALA A 144 -10.17 1.83 2.40
CA ALA A 144 -9.06 1.47 1.47
C ALA A 144 -8.16 2.69 1.24
N TYR A 145 -8.71 3.76 0.73
CA TYR A 145 -7.88 4.97 0.49
C TYR A 145 -7.23 5.42 1.81
N ASP A 146 -7.85 5.11 2.91
CA ASP A 146 -7.27 5.51 4.22
C ASP A 146 -6.12 4.57 4.59
N ASP A 147 -6.15 3.36 4.08
CA ASP A 147 -5.06 2.39 4.40
C ASP A 147 -3.81 2.71 3.59
N PHE A 148 -3.90 3.64 2.68
CA PHE A 148 -2.70 3.98 1.84
C PHE A 148 -1.73 4.84 2.66
N VAL A 149 -2.21 5.94 3.20
CA VAL A 149 -1.30 6.82 3.99
C VAL A 149 -1.17 6.28 5.42
N LYS A 150 -2.11 5.47 5.85
CA LYS A 150 -2.04 4.91 7.23
C LYS A 150 -1.02 3.77 7.27
N HIS A 151 -1.12 2.84 6.37
CA HIS A 151 -0.17 1.69 6.36
C HIS A 151 1.17 2.12 5.77
N ALA A 152 1.15 2.93 4.74
CA ALA A 152 2.43 3.38 4.13
C ALA A 152 3.23 4.20 5.14
N GLU A 153 2.62 5.16 5.75
CA GLU A 153 3.35 6.01 6.74
C GLU A 153 3.94 5.12 7.84
N GLU A 154 3.50 3.90 7.95
CA GLU A 154 4.05 3.00 9.00
C GLU A 154 5.52 2.68 8.69
N VAL A 155 5.86 2.59 7.44
CA VAL A 155 7.27 2.29 7.08
C VAL A 155 8.17 3.46 7.47
N GLN A 156 7.64 4.66 7.44
CA GLN A 156 8.47 5.84 7.82
C GLN A 156 8.60 5.93 9.34
N LYS A 157 7.62 5.43 10.06
CA LYS A 157 7.68 5.47 11.54
C LYS A 157 8.90 4.68 12.02
N LYS A 158 9.04 3.46 11.61
CA LYS A 158 10.20 2.64 12.05
C LYS A 158 11.44 3.05 11.24
N LEU A 159 11.26 3.40 10.00
CA LEU A 159 12.43 3.81 9.17
C LEU A 159 13.33 4.75 9.98
N HIS A 160 12.77 5.80 10.52
CA HIS A 160 13.59 6.75 11.31
C HIS A 160 14.24 6.01 12.49
N GLU A 161 13.47 5.27 13.24
CA GLU A 161 14.04 4.53 14.39
C GLU A 161 15.14 3.59 13.89
N ALA A 162 15.00 3.07 12.71
CA ALA A 162 16.03 2.14 12.17
C ALA A 162 17.32 2.92 11.91
N ALA A 163 17.22 4.11 11.41
CA ALA A 163 18.45 4.92 11.14
C ALA A 163 19.27 5.03 12.42
N THR A 164 18.67 4.79 13.55
CA THR A 164 19.42 4.88 14.83
C THR A 164 19.18 3.61 15.66
N LYS A 165 18.41 2.69 15.16
CA LYS A 165 18.14 1.45 15.91
C LYS A 165 17.49 1.79 17.25
N GLN A 166 16.69 0.90 17.79
CA GLN A 166 16.04 1.19 19.09
C GLN A 166 16.82 0.52 20.22
#